data_2YT2
#
_entry.id   2YT2
#
_entity_poly.entity_id   1
_entity_poly.type   'polypeptide(L)'
_entity_poly.pdbx_seq_one_letter_code
;GSSGSSGLNRDSVPDNHPTKFKVTNVDDEGVELGSGVMELTQSELVLHLHRREAVRWPYLCLRRYGYDSNLFSFESGRRC
QTGQGIFAFKCSRAEEIFNLLQDLMQCNSINVMEEPVIITSGSSGSSGSSGSSGLFRLRHFPCGNVNYGYQQQ
;
_entity_poly.pdbx_strand_id   A
#
# COMPACT_ATOMS: atom_id res chain seq x y z
N GLY A 1 -22.01 -11.82 5.66
CA GLY A 1 -22.43 -11.66 4.29
C GLY A 1 -23.50 -10.60 4.12
N SER A 2 -23.13 -9.34 4.37
CA SER A 2 -24.08 -8.24 4.25
C SER A 2 -23.46 -7.09 3.46
N SER A 3 -24.30 -6.40 2.70
CA SER A 3 -23.84 -5.27 1.89
C SER A 3 -24.07 -3.95 2.61
N GLY A 4 -22.97 -3.28 2.95
CA GLY A 4 -23.06 -2.01 3.65
C GLY A 4 -23.50 -0.88 2.73
N SER A 5 -24.23 0.08 3.29
CA SER A 5 -24.70 1.22 2.51
C SER A 5 -23.86 2.46 2.78
N SER A 6 -23.74 3.33 1.78
CA SER A 6 -22.96 4.55 1.91
C SER A 6 -23.76 5.63 2.61
N GLY A 7 -23.48 5.83 3.90
CA GLY A 7 -24.18 6.84 4.67
C GLY A 7 -24.23 8.18 3.96
N LEU A 8 -23.08 8.86 3.90
CA LEU A 8 -22.99 10.15 3.26
C LEU A 8 -21.54 10.53 2.99
N ASN A 9 -21.30 11.12 1.82
CA ASN A 9 -19.95 11.53 1.43
C ASN A 9 -19.92 13.00 1.04
N ARG A 10 -19.23 13.81 1.85
CA ARG A 10 -19.12 15.24 1.60
C ARG A 10 -17.67 15.63 1.33
N ASP A 11 -17.06 15.00 0.34
CA ASP A 11 -15.68 15.29 -0.02
C ASP A 11 -15.49 15.28 -1.53
N SER A 12 -14.41 15.90 -1.99
CA SER A 12 -14.11 15.96 -3.41
C SER A 12 -13.58 14.63 -3.93
N VAL A 13 -13.12 13.80 -3.00
CA VAL A 13 -12.58 12.48 -3.35
C VAL A 13 -13.70 11.46 -3.54
N PRO A 14 -13.58 10.64 -4.59
CA PRO A 14 -14.57 9.61 -4.90
C PRO A 14 -14.56 8.47 -3.89
N ASP A 15 -15.53 7.56 -4.01
CA ASP A 15 -15.62 6.43 -3.11
C ASP A 15 -15.05 5.17 -3.76
N ASN A 16 -14.78 5.25 -5.06
CA ASN A 16 -14.22 4.12 -5.80
C ASN A 16 -12.96 4.52 -6.54
N HIS A 17 -12.24 5.49 -5.98
CA HIS A 17 -11.00 5.97 -6.60
C HIS A 17 -10.12 4.80 -7.03
N PRO A 18 -9.88 4.70 -8.35
CA PRO A 18 -9.05 3.64 -8.92
C PRO A 18 -7.58 3.78 -8.56
N THR A 19 -7.04 4.97 -8.78
CA THR A 19 -5.64 5.24 -8.47
C THR A 19 -5.42 5.42 -6.98
N LYS A 20 -5.92 6.53 -6.45
CA LYS A 20 -5.78 6.81 -5.02
C LYS A 20 -6.48 5.74 -4.18
N PHE A 21 -5.99 5.54 -2.96
CA PHE A 21 -6.56 4.55 -2.06
C PHE A 21 -6.39 4.98 -0.61
N LYS A 22 -7.52 5.14 0.09
CA LYS A 22 -7.49 5.55 1.49
C LYS A 22 -6.96 4.43 2.38
N VAL A 23 -5.82 4.67 3.01
CA VAL A 23 -5.20 3.67 3.88
C VAL A 23 -5.00 4.24 5.29
N THR A 24 -4.72 3.34 6.24
CA THR A 24 -4.52 3.75 7.63
C THR A 24 -3.38 2.96 8.26
N ASN A 25 -2.26 3.64 8.52
CA ASN A 25 -1.10 3.00 9.13
C ASN A 25 -1.43 2.50 10.53
N VAL A 26 -1.25 1.21 10.75
CA VAL A 26 -1.52 0.59 12.05
C VAL A 26 -0.28 -0.10 12.59
N ASP A 27 -0.40 -0.62 13.81
CA ASP A 27 0.71 -1.32 14.45
C ASP A 27 0.46 -2.82 14.47
N ASP A 28 1.43 -3.57 15.01
CA ASP A 28 1.32 -5.02 15.09
C ASP A 28 -0.07 -5.43 15.58
N GLU A 29 -0.66 -4.60 16.41
CA GLU A 29 -1.99 -4.87 16.97
C GLU A 29 -3.08 -4.55 15.95
N GLY A 30 -2.87 -3.47 15.19
CA GLY A 30 -3.84 -3.07 14.19
C GLY A 30 -4.49 -1.74 14.52
N VAL A 31 -4.04 -1.12 15.60
CA VAL A 31 -4.59 0.17 16.02
C VAL A 31 -4.28 1.26 15.00
N GLU A 32 -5.31 1.99 14.61
CA GLU A 32 -5.15 3.07 13.64
C GLU A 32 -4.27 4.19 14.20
N LEU A 33 -3.09 4.34 13.62
CA LEU A 33 -2.14 5.36 14.06
C LEU A 33 -2.34 6.66 13.27
N GLY A 34 -2.19 6.57 11.95
CA GLY A 34 -2.36 7.73 11.11
C GLY A 34 -2.94 7.39 9.75
N SER A 35 -3.93 8.16 9.32
CA SER A 35 -4.57 7.92 8.02
C SER A 35 -3.83 8.66 6.91
N GLY A 36 -3.89 8.10 5.71
CA GLY A 36 -3.21 8.72 4.58
C GLY A 36 -3.72 8.18 3.25
N VAL A 37 -3.36 8.86 2.17
CA VAL A 37 -3.78 8.45 0.83
C VAL A 37 -2.64 7.78 0.07
N MET A 38 -2.85 6.53 -0.31
CA MET A 38 -1.84 5.77 -1.04
C MET A 38 -2.02 5.96 -2.54
N GLU A 39 -0.89 6.15 -3.23
CA GLU A 39 -0.92 6.35 -4.67
C GLU A 39 0.05 5.39 -5.38
N LEU A 40 -0.34 4.93 -6.55
CA LEU A 40 0.48 3.99 -7.32
C LEU A 40 0.72 4.52 -8.73
N THR A 41 1.99 4.65 -9.10
CA THR A 41 2.35 5.15 -10.42
C THR A 41 3.30 4.18 -11.12
N GLN A 42 3.11 4.01 -12.43
CA GLN A 42 3.95 3.12 -13.22
C GLN A 42 5.40 3.17 -12.74
N SER A 43 5.87 4.38 -12.45
CA SER A 43 7.24 4.57 -11.98
C SER A 43 7.50 3.77 -10.71
N GLU A 44 6.98 4.27 -9.60
CA GLU A 44 7.14 3.62 -8.30
C GLU A 44 5.93 3.86 -7.41
N LEU A 45 5.98 3.31 -6.20
CA LEU A 45 4.89 3.46 -5.24
C LEU A 45 5.04 4.75 -4.45
N VAL A 46 4.00 5.57 -4.47
CA VAL A 46 4.01 6.85 -3.75
C VAL A 46 2.92 6.88 -2.69
N LEU A 47 3.24 7.45 -1.53
CA LEU A 47 2.28 7.56 -0.44
C LEU A 47 2.08 9.01 -0.03
N HIS A 48 0.85 9.49 -0.12
CA HIS A 48 0.52 10.86 0.25
C HIS A 48 0.23 10.97 1.74
N LEU A 49 1.02 11.77 2.43
CA LEU A 49 0.85 11.97 3.87
C LEU A 49 0.76 13.45 4.22
N HIS A 50 0.61 13.75 5.51
CA HIS A 50 0.51 15.12 5.96
C HIS A 50 1.68 15.96 5.44
N ARG A 51 1.70 17.24 5.79
CA ARG A 51 2.76 18.14 5.35
C ARG A 51 4.10 17.41 5.27
N ARG A 52 4.36 16.56 6.25
CA ARG A 52 5.61 15.81 6.30
C ARG A 52 5.94 15.24 4.92
N GLU A 53 7.21 15.32 4.54
CA GLU A 53 7.66 14.82 3.25
C GLU A 53 6.93 13.52 2.89
N ALA A 54 6.87 13.21 1.60
CA ALA A 54 6.20 12.01 1.13
C ALA A 54 7.18 10.84 1.06
N VAL A 55 6.64 9.62 1.02
CA VAL A 55 7.46 8.43 0.95
C VAL A 55 7.23 7.67 -0.36
N ARG A 56 8.31 7.17 -0.94
CA ARG A 56 8.23 6.43 -2.19
C ARG A 56 8.95 5.09 -2.08
N TRP A 57 8.30 4.03 -2.56
CA TRP A 57 8.88 2.70 -2.51
C TRP A 57 8.91 2.07 -3.91
N PRO A 58 10.12 1.82 -4.42
CA PRO A 58 10.31 1.22 -5.74
C PRO A 58 9.88 -0.25 -5.78
N TYR A 59 9.09 -0.59 -6.79
CA TYR A 59 8.61 -1.96 -6.94
C TYR A 59 9.77 -2.94 -7.09
N LEU A 60 10.72 -2.59 -7.96
CA LEU A 60 11.88 -3.43 -8.20
C LEU A 60 12.46 -3.95 -6.89
N CYS A 61 12.35 -3.14 -5.84
CA CYS A 61 12.86 -3.51 -4.53
C CYS A 61 11.89 -4.43 -3.80
N LEU A 62 10.59 -4.20 -4.02
CA LEU A 62 9.56 -5.01 -3.39
C LEU A 62 9.77 -6.50 -3.68
N ARG A 63 10.48 -7.18 -2.80
CA ARG A 63 10.76 -8.60 -2.97
C ARG A 63 9.49 -9.42 -2.76
N ARG A 64 8.74 -9.09 -1.71
CA ARG A 64 7.51 -9.80 -1.39
C ARG A 64 6.41 -8.82 -0.95
N TYR A 65 5.17 -9.22 -1.14
CA TYR A 65 4.03 -8.38 -0.77
C TYR A 65 2.75 -9.21 -0.65
N GLY A 66 1.93 -8.88 0.34
CA GLY A 66 0.69 -9.61 0.54
C GLY A 66 -0.48 -8.68 0.83
N TYR A 67 -1.67 -9.25 0.93
CA TYR A 67 -2.87 -8.47 1.22
C TYR A 67 -3.97 -9.35 1.78
N ASP A 68 -4.62 -8.87 2.83
CA ASP A 68 -5.71 -9.61 3.48
C ASP A 68 -7.07 -9.03 3.09
N SER A 69 -8.13 -9.66 3.58
CA SER A 69 -9.48 -9.21 3.28
C SER A 69 -9.55 -7.69 3.21
N ASN A 70 -9.10 -7.03 4.27
CA ASN A 70 -9.11 -5.57 4.33
C ASN A 70 -7.79 -5.04 4.86
N LEU A 71 -6.70 -5.71 4.50
CA LEU A 71 -5.37 -5.31 4.95
C LEU A 71 -4.38 -5.31 3.78
N PHE A 72 -3.36 -4.48 3.88
CA PHE A 72 -2.34 -4.38 2.84
C PHE A 72 -0.95 -4.20 3.45
N SER A 73 -0.14 -5.24 3.36
CA SER A 73 1.22 -5.21 3.91
C SER A 73 2.24 -5.61 2.85
N PHE A 74 3.36 -4.89 2.81
CA PHE A 74 4.42 -5.18 1.84
C PHE A 74 5.79 -5.00 2.48
N GLU A 75 6.81 -5.61 1.87
CA GLU A 75 8.18 -5.52 2.37
C GLU A 75 9.07 -4.74 1.41
N SER A 76 9.73 -3.71 1.93
CA SER A 76 10.61 -2.89 1.12
C SER A 76 12.07 -3.11 1.49
N GLY A 77 12.86 -3.56 0.53
CA GLY A 77 14.28 -3.81 0.78
C GLY A 77 14.96 -2.65 1.47
N ARG A 78 16.23 -2.82 1.81
CA ARG A 78 16.99 -1.78 2.49
C ARG A 78 17.55 -0.78 1.48
N ARG A 79 16.77 -0.48 0.46
CA ARG A 79 17.19 0.47 -0.58
C ARG A 79 16.16 1.59 -0.73
N CYS A 80 15.49 1.92 0.36
CA CYS A 80 14.48 2.97 0.34
C CYS A 80 14.63 3.89 1.55
N GLN A 81 14.20 5.13 1.40
CA GLN A 81 14.29 6.11 2.49
C GLN A 81 14.01 5.45 3.83
N THR A 82 12.75 5.07 4.05
CA THR A 82 12.36 4.44 5.30
C THR A 82 13.32 3.32 5.69
N GLY A 83 13.69 2.50 4.70
CA GLY A 83 14.60 1.40 4.96
C GLY A 83 13.89 0.07 5.09
N GLN A 84 14.64 -0.96 5.47
CA GLN A 84 14.06 -2.29 5.64
C GLN A 84 12.99 -2.29 6.73
N GLY A 85 11.93 -3.05 6.50
CA GLY A 85 10.85 -3.12 7.47
C GLY A 85 9.56 -3.63 6.86
N ILE A 86 8.52 -3.75 7.69
CA ILE A 86 7.22 -4.22 7.22
C ILE A 86 6.12 -3.22 7.56
N PHE A 87 5.61 -2.54 6.53
CA PHE A 87 4.54 -1.55 6.72
C PHE A 87 3.20 -2.12 6.29
N ALA A 88 2.23 -2.08 7.20
CA ALA A 88 0.89 -2.58 6.90
C ALA A 88 -0.17 -1.52 7.16
N PHE A 89 -1.08 -1.35 6.20
CA PHE A 89 -2.15 -0.36 6.32
C PHE A 89 -3.51 -1.00 6.14
N LYS A 90 -4.52 -0.42 6.75
CA LYS A 90 -5.88 -0.93 6.65
C LYS A 90 -6.66 -0.24 5.54
N CYS A 91 -7.13 -1.02 4.57
CA CYS A 91 -7.89 -0.48 3.44
C CYS A 91 -8.76 -1.55 2.82
N SER A 92 -10.07 -1.31 2.79
CA SER A 92 -11.02 -2.25 2.23
C SER A 92 -10.71 -2.52 0.75
N ARG A 93 -9.93 -1.62 0.15
CA ARG A 93 -9.57 -1.75 -1.25
C ARG A 93 -8.18 -2.34 -1.40
N ALA A 94 -7.72 -3.02 -0.35
CA ALA A 94 -6.40 -3.64 -0.36
C ALA A 94 -6.23 -4.57 -1.56
N GLU A 95 -7.33 -5.21 -1.97
CA GLU A 95 -7.31 -6.12 -3.10
C GLU A 95 -6.96 -5.38 -4.39
N GLU A 96 -7.50 -4.19 -4.55
CA GLU A 96 -7.25 -3.38 -5.74
C GLU A 96 -5.80 -2.90 -5.76
N ILE A 97 -5.32 -2.44 -4.61
CA ILE A 97 -3.95 -1.96 -4.50
C ILE A 97 -2.93 -3.07 -4.78
N PHE A 98 -3.16 -4.22 -4.16
CA PHE A 98 -2.27 -5.37 -4.34
C PHE A 98 -2.28 -5.84 -5.79
N ASN A 99 -3.49 -6.03 -6.34
CA ASN A 99 -3.63 -6.48 -7.72
C ASN A 99 -3.00 -5.50 -8.69
N LEU A 100 -3.26 -4.22 -8.47
CA LEU A 100 -2.72 -3.17 -9.33
C LEU A 100 -1.20 -3.10 -9.21
N LEU A 101 -0.71 -3.01 -7.96
CA LEU A 101 0.72 -2.94 -7.71
C LEU A 101 1.48 -3.98 -8.53
N GLN A 102 0.98 -5.21 -8.50
CA GLN A 102 1.62 -6.30 -9.25
C GLN A 102 1.38 -6.13 -10.75
N ASP A 103 0.35 -5.38 -11.11
CA ASP A 103 0.02 -5.14 -12.50
C ASP A 103 0.97 -4.12 -13.12
N LEU A 104 1.44 -3.18 -12.29
CA LEU A 104 2.36 -2.15 -12.75
C LEU A 104 3.80 -2.65 -12.75
N MET A 105 4.28 -3.05 -11.58
CA MET A 105 5.64 -3.55 -11.44
C MET A 105 5.94 -4.63 -12.49
N GLN A 106 4.90 -5.37 -12.85
CA GLN A 106 5.05 -6.43 -13.85
C GLN A 106 5.11 -5.85 -15.26
N CYS A 107 4.24 -4.89 -15.54
CA CYS A 107 4.21 -4.25 -16.86
C CYS A 107 5.61 -4.01 -17.38
N ASN A 108 6.57 -3.84 -16.47
CA ASN A 108 7.96 -3.61 -16.84
C ASN A 108 8.54 -4.82 -17.56
N SER A 109 9.34 -4.56 -18.59
CA SER A 109 9.96 -5.63 -19.36
C SER A 109 10.86 -6.49 -18.48
N ILE A 110 10.31 -7.61 -18.01
CA ILE A 110 11.07 -8.52 -17.15
C ILE A 110 10.69 -9.96 -17.42
N ASN A 111 11.69 -10.85 -17.42
CA ASN A 111 11.47 -12.26 -17.66
C ASN A 111 10.93 -12.96 -16.42
N VAL A 112 9.74 -13.53 -16.53
CA VAL A 112 9.12 -14.24 -15.40
C VAL A 112 8.60 -15.60 -15.83
N MET A 113 8.84 -16.60 -14.99
CA MET A 113 8.39 -17.97 -15.28
C MET A 113 7.65 -18.55 -14.08
N GLU A 114 7.19 -19.79 -14.23
CA GLU A 114 6.46 -20.47 -13.16
C GLU A 114 7.39 -21.38 -12.37
N GLU A 115 7.33 -21.28 -11.05
CA GLU A 115 8.16 -22.10 -10.17
C GLU A 115 7.39 -22.51 -8.92
N PRO A 116 7.69 -23.72 -8.42
CA PRO A 116 7.04 -24.27 -7.22
C PRO A 116 7.45 -23.54 -5.96
N VAL A 117 6.52 -23.38 -5.03
CA VAL A 117 6.79 -22.70 -3.76
C VAL A 117 7.62 -23.58 -2.84
N ILE A 118 8.52 -22.95 -2.09
CA ILE A 118 9.38 -23.67 -1.16
C ILE A 118 9.20 -23.16 0.26
N ILE A 119 9.23 -24.09 1.22
CA ILE A 119 9.07 -23.73 2.63
C ILE A 119 10.03 -22.62 3.03
N THR A 120 9.53 -21.67 3.83
CA THR A 120 10.35 -20.56 4.29
C THR A 120 10.69 -20.69 5.77
N SER A 121 11.95 -20.48 6.10
CA SER A 121 12.40 -20.58 7.49
C SER A 121 12.43 -19.20 8.14
N GLY A 122 12.13 -19.16 9.44
CA GLY A 122 12.14 -17.90 10.17
C GLY A 122 13.52 -17.54 10.70
N SER A 123 13.54 -16.83 11.82
CA SER A 123 14.79 -16.41 12.42
C SER A 123 14.97 -17.05 13.80
N SER A 124 16.14 -16.84 14.39
CA SER A 124 16.44 -17.41 15.71
C SER A 124 15.88 -16.53 16.82
N GLY A 125 16.14 -15.23 16.72
CA GLY A 125 15.66 -14.29 17.73
C GLY A 125 16.50 -13.03 17.79
N SER A 126 15.88 -11.91 17.44
CA SER A 126 16.58 -10.62 17.45
C SER A 126 15.61 -9.48 17.77
N SER A 127 15.99 -8.63 18.70
CA SER A 127 15.16 -7.50 19.10
C SER A 127 16.02 -6.27 19.42
N GLY A 128 15.38 -5.11 19.48
CA GLY A 128 16.09 -3.88 19.78
C GLY A 128 15.17 -2.77 20.24
N SER A 129 15.40 -1.56 19.73
CA SER A 129 14.59 -0.41 20.10
C SER A 129 14.61 0.65 19.01
N SER A 130 13.78 1.67 19.16
CA SER A 130 13.70 2.74 18.18
C SER A 130 15.08 3.08 17.62
N GLY A 131 15.10 3.65 16.43
CA GLY A 131 16.35 4.01 15.80
C GLY A 131 16.24 5.23 14.92
N SER A 132 15.68 5.06 13.72
CA SER A 132 15.52 6.16 12.79
C SER A 132 14.05 6.53 12.64
N SER A 133 13.80 7.69 12.05
CA SER A 133 12.43 8.18 11.85
C SER A 133 11.73 7.38 10.76
N GLY A 134 10.40 7.39 10.79
CA GLY A 134 9.63 6.67 9.80
C GLY A 134 8.38 6.04 10.38
N LEU A 135 7.74 5.15 9.62
CA LEU A 135 6.53 4.48 10.07
C LEU A 135 6.86 3.34 11.03
N PHE A 136 5.83 2.62 11.44
CA PHE A 136 6.01 1.49 12.36
C PHE A 136 6.36 0.22 11.59
N ARG A 137 7.48 -0.40 11.97
CA ARG A 137 7.93 -1.62 11.32
C ARG A 137 7.50 -2.85 12.10
N LEU A 138 6.86 -3.80 11.42
CA LEU A 138 6.40 -5.02 12.06
C LEU A 138 7.45 -6.11 11.98
N ARG A 139 7.40 -7.05 12.93
CA ARG A 139 8.35 -8.15 12.96
C ARG A 139 7.84 -9.34 12.17
N HIS A 140 6.54 -9.63 12.32
CA HIS A 140 5.92 -10.74 11.62
C HIS A 140 4.89 -10.25 10.62
N PHE A 141 4.85 -10.89 9.45
CA PHE A 141 3.90 -10.52 8.40
C PHE A 141 2.47 -10.78 8.85
N PRO A 142 1.65 -9.72 8.90
CA PRO A 142 0.25 -9.82 9.31
C PRO A 142 -0.61 -10.54 8.27
N CYS A 143 -0.11 -10.59 7.04
CA CYS A 143 -0.83 -11.25 5.96
C CYS A 143 -0.29 -12.65 5.71
N GLY A 144 -1.03 -13.44 4.94
CA GLY A 144 -0.62 -14.79 4.65
C GLY A 144 -0.25 -14.99 3.19
N ASN A 145 -1.11 -14.51 2.30
CA ASN A 145 -0.88 -14.64 0.87
C ASN A 145 0.22 -13.67 0.41
N VAL A 146 1.43 -14.18 0.25
CA VAL A 146 2.56 -13.36 -0.19
C VAL A 146 2.89 -13.62 -1.65
N ASN A 147 3.24 -12.56 -2.36
CA ASN A 147 3.58 -12.67 -3.78
C ASN A 147 5.00 -12.19 -4.03
N TYR A 148 5.71 -12.90 -4.91
CA TYR A 148 7.09 -12.55 -5.24
C TYR A 148 7.17 -11.91 -6.62
N GLY A 149 7.84 -10.76 -6.70
CA GLY A 149 7.97 -10.07 -7.97
C GLY A 149 9.39 -10.12 -8.51
N TYR A 150 10.05 -8.97 -8.51
CA TYR A 150 11.43 -8.89 -9.00
C TYR A 150 12.29 -9.99 -8.40
N GLN A 151 13.03 -10.69 -9.25
CA GLN A 151 13.90 -11.78 -8.81
C GLN A 151 15.14 -11.86 -9.68
N GLN A 152 16.26 -12.25 -9.07
CA GLN A 152 17.52 -12.37 -9.79
C GLN A 152 18.57 -13.10 -8.95
N GLN A 153 19.31 -13.99 -9.58
CA GLN A 153 20.34 -14.76 -8.89
C GLN A 153 21.39 -13.83 -8.26
N GLY A 1 -13.40 10.02 -32.43
CA GLY A 1 -14.12 8.77 -32.25
C GLY A 1 -14.75 8.68 -30.88
N SER A 2 -14.08 7.99 -29.96
CA SER A 2 -14.59 7.82 -28.61
C SER A 2 -15.13 9.13 -28.06
N SER A 3 -16.06 9.03 -27.11
CA SER A 3 -16.68 10.20 -26.51
C SER A 3 -16.03 10.52 -25.18
N GLY A 4 -16.05 9.55 -24.26
CA GLY A 4 -15.46 9.75 -22.95
C GLY A 4 -16.47 10.21 -21.92
N SER A 5 -17.50 9.38 -21.71
CA SER A 5 -18.55 9.71 -20.75
C SER A 5 -18.24 9.10 -19.38
N SER A 6 -18.16 9.95 -18.37
CA SER A 6 -17.86 9.50 -17.01
C SER A 6 -18.62 10.33 -15.99
N GLY A 7 -18.74 9.80 -14.76
CA GLY A 7 -19.44 10.52 -13.72
C GLY A 7 -19.14 9.94 -12.34
N LEU A 8 -19.49 10.70 -11.30
CA LEU A 8 -19.26 10.27 -9.93
C LEU A 8 -20.30 10.88 -8.99
N ASN A 9 -20.65 10.13 -7.94
CA ASN A 9 -21.63 10.60 -6.98
C ASN A 9 -21.28 11.99 -6.47
N ARG A 10 -22.27 12.69 -5.92
CA ARG A 10 -22.06 14.04 -5.40
C ARG A 10 -21.26 14.00 -4.11
N ASP A 11 -19.94 13.86 -4.25
CA ASP A 11 -19.05 13.81 -3.09
C ASP A 11 -17.66 14.27 -3.46
N SER A 12 -16.82 14.48 -2.45
CA SER A 12 -15.44 14.93 -2.66
C SER A 12 -14.65 13.88 -3.43
N VAL A 13 -14.27 12.81 -2.73
CA VAL A 13 -13.50 11.73 -3.35
C VAL A 13 -14.26 10.41 -3.28
N PRO A 14 -14.33 9.71 -4.41
CA PRO A 14 -15.03 8.42 -4.50
C PRO A 14 -14.29 7.31 -3.77
N ASP A 15 -15.05 6.44 -3.11
CA ASP A 15 -14.47 5.33 -2.36
C ASP A 15 -14.01 4.22 -3.30
N ASN A 16 -14.38 4.34 -4.57
CA ASN A 16 -14.02 3.35 -5.57
C ASN A 16 -12.88 3.85 -6.45
N HIS A 17 -12.27 4.97 -6.05
CA HIS A 17 -11.18 5.55 -6.80
C HIS A 17 -10.23 4.47 -7.32
N PRO A 18 -9.87 4.58 -8.61
CA PRO A 18 -8.97 3.61 -9.25
C PRO A 18 -7.54 3.71 -8.73
N THR A 19 -7.00 4.92 -8.73
CA THR A 19 -5.63 5.15 -8.26
C THR A 19 -5.61 5.45 -6.76
N LYS A 20 -6.08 6.65 -6.39
CA LYS A 20 -6.12 7.06 -5.00
C LYS A 20 -6.71 5.95 -4.12
N PHE A 21 -6.07 5.70 -2.99
CA PHE A 21 -6.53 4.67 -2.06
C PHE A 21 -6.35 5.11 -0.62
N LYS A 22 -7.47 5.36 0.06
CA LYS A 22 -7.42 5.79 1.46
C LYS A 22 -7.05 4.64 2.37
N VAL A 23 -5.91 4.77 3.05
CA VAL A 23 -5.44 3.73 3.95
C VAL A 23 -5.20 4.29 5.36
N THR A 24 -4.80 3.42 6.28
CA THR A 24 -4.55 3.84 7.65
C THR A 24 -3.43 3.01 8.27
N ASN A 25 -2.26 3.63 8.46
CA ASN A 25 -1.12 2.96 9.04
C ASN A 25 -1.45 2.42 10.43
N VAL A 26 -1.27 1.12 10.62
CA VAL A 26 -1.55 0.49 11.90
C VAL A 26 -0.31 -0.21 12.44
N ASP A 27 -0.38 -0.64 13.71
CA ASP A 27 0.74 -1.32 14.35
C ASP A 27 0.50 -2.82 14.39
N ASP A 28 1.42 -3.54 15.03
CA ASP A 28 1.32 -4.98 15.14
C ASP A 28 -0.10 -5.40 15.48
N GLU A 29 -0.70 -4.71 16.45
CA GLU A 29 -2.06 -5.01 16.88
C GLU A 29 -3.06 -4.67 15.78
N GLY A 30 -2.94 -3.48 15.22
CA GLY A 30 -3.83 -3.05 14.16
C GLY A 30 -4.56 -1.76 14.51
N VAL A 31 -4.01 -1.01 15.46
CA VAL A 31 -4.60 0.26 15.87
C VAL A 31 -4.34 1.35 14.85
N GLU A 32 -5.36 2.17 14.60
CA GLU A 32 -5.24 3.26 13.64
C GLU A 32 -4.30 4.34 14.16
N LEU A 33 -3.13 4.45 13.55
CA LEU A 33 -2.14 5.45 13.95
C LEU A 33 -2.34 6.75 13.19
N GLY A 34 -2.23 6.67 11.86
CA GLY A 34 -2.40 7.85 11.03
C GLY A 34 -2.96 7.52 9.66
N SER A 35 -3.93 8.30 9.20
CA SER A 35 -4.55 8.09 7.90
C SER A 35 -3.75 8.80 6.81
N GLY A 36 -3.75 8.21 5.61
CA GLY A 36 -3.03 8.80 4.50
C GLY A 36 -3.53 8.29 3.16
N VAL A 37 -3.04 8.90 2.08
CA VAL A 37 -3.44 8.51 0.73
C VAL A 37 -2.36 7.69 0.06
N MET A 38 -2.75 6.54 -0.49
CA MET A 38 -1.80 5.66 -1.17
C MET A 38 -1.97 5.74 -2.69
N GLU A 39 -0.88 6.02 -3.39
CA GLU A 39 -0.91 6.13 -4.84
C GLU A 39 0.18 5.26 -5.47
N LEU A 40 -0.21 4.46 -6.45
CA LEU A 40 0.72 3.58 -7.14
C LEU A 40 0.96 4.04 -8.57
N THR A 41 2.22 4.15 -8.96
CA THR A 41 2.58 4.59 -10.30
C THR A 41 3.51 3.58 -10.97
N GLN A 42 3.50 3.56 -12.30
CA GLN A 42 4.34 2.65 -13.06
C GLN A 42 5.80 2.76 -12.63
N SER A 43 6.15 3.91 -12.05
CA SER A 43 7.52 4.15 -11.61
C SER A 43 7.79 3.43 -10.29
N GLU A 44 7.18 3.92 -9.21
CA GLU A 44 7.35 3.31 -7.89
C GLU A 44 6.13 3.57 -7.02
N LEU A 45 6.18 3.08 -5.79
CA LEU A 45 5.08 3.25 -4.84
C LEU A 45 5.16 4.59 -4.14
N VAL A 46 4.06 5.32 -4.12
CA VAL A 46 4.01 6.63 -3.48
C VAL A 46 2.91 6.68 -2.42
N LEU A 47 3.23 7.27 -1.27
CA LEU A 47 2.27 7.38 -0.18
C LEU A 47 2.22 8.80 0.36
N HIS A 48 1.08 9.46 0.18
CA HIS A 48 0.91 10.83 0.65
C HIS A 48 0.33 10.85 2.06
N LEU A 49 0.94 11.64 2.93
CA LEU A 49 0.50 11.76 4.32
C LEU A 49 0.48 13.21 4.78
N HIS A 50 -0.17 13.46 5.91
CA HIS A 50 -0.26 14.81 6.46
C HIS A 50 0.89 15.08 7.43
N ARG A 51 0.79 14.49 8.62
CA ARG A 51 1.82 14.66 9.64
C ARG A 51 3.21 14.42 9.06
N ARG A 52 3.37 13.27 8.39
CA ARG A 52 4.64 12.91 7.79
C ARG A 52 4.76 13.45 6.37
N GLU A 53 5.89 13.17 5.72
CA GLU A 53 6.11 13.64 4.36
C GLU A 53 5.73 12.54 3.35
N ALA A 54 5.91 12.85 2.07
CA ALA A 54 5.59 11.90 1.02
C ALA A 54 6.73 10.90 0.81
N VAL A 55 6.48 9.64 1.17
CA VAL A 55 7.48 8.60 1.03
C VAL A 55 7.26 7.80 -0.26
N ARG A 56 8.36 7.42 -0.91
CA ARG A 56 8.28 6.66 -2.15
C ARG A 56 9.07 5.35 -2.03
N TRP A 57 8.38 4.24 -2.24
CA TRP A 57 9.02 2.93 -2.16
C TRP A 57 9.07 2.27 -3.52
N PRO A 58 10.29 1.96 -3.99
CA PRO A 58 10.50 1.32 -5.29
C PRO A 58 10.03 -0.13 -5.31
N TYR A 59 9.60 -0.59 -6.47
CA TYR A 59 9.11 -1.96 -6.61
C TYR A 59 10.27 -2.94 -6.73
N LEU A 60 11.33 -2.52 -7.42
CA LEU A 60 12.51 -3.36 -7.60
C LEU A 60 13.08 -3.78 -6.25
N CYS A 61 12.73 -3.05 -5.20
CA CYS A 61 13.20 -3.36 -3.85
C CYS A 61 12.23 -4.29 -3.14
N LEU A 62 10.94 -4.14 -3.43
CA LEU A 62 9.91 -4.96 -2.81
C LEU A 62 10.16 -6.44 -3.08
N ARG A 63 10.88 -7.10 -2.16
CA ARG A 63 11.19 -8.51 -2.29
C ARG A 63 9.91 -9.33 -2.41
N ARG A 64 8.85 -8.85 -1.78
CA ARG A 64 7.57 -9.55 -1.81
C ARG A 64 6.46 -8.68 -1.21
N TYR A 65 5.22 -8.98 -1.57
CA TYR A 65 4.08 -8.23 -1.07
C TYR A 65 2.86 -9.12 -0.93
N GLY A 66 1.89 -8.68 -0.12
CA GLY A 66 0.67 -9.45 0.08
C GLY A 66 -0.50 -8.58 0.48
N TYR A 67 -1.67 -9.20 0.62
CA TYR A 67 -2.87 -8.49 0.99
C TYR A 67 -3.90 -9.42 1.63
N ASP A 68 -4.33 -9.10 2.84
CA ASP A 68 -5.30 -9.92 3.55
C ASP A 68 -6.68 -9.26 3.52
N SER A 69 -7.65 -9.91 4.16
CA SER A 69 -9.01 -9.38 4.22
C SER A 69 -9.03 -7.95 4.74
N ASN A 70 -9.31 -7.00 3.87
CA ASN A 70 -9.36 -5.60 4.24
C ASN A 70 -8.01 -5.14 4.80
N LEU A 71 -6.95 -5.81 4.40
CA LEU A 71 -5.60 -5.48 4.86
C LEU A 71 -4.59 -5.60 3.73
N PHE A 72 -3.62 -4.70 3.71
CA PHE A 72 -2.58 -4.71 2.68
C PHE A 72 -1.24 -4.24 3.25
N SER A 73 -0.20 -5.04 3.03
CA SER A 73 1.13 -4.69 3.52
C SER A 73 2.20 -5.20 2.57
N PHE A 74 3.36 -4.55 2.59
CA PHE A 74 4.47 -4.93 1.73
C PHE A 74 5.80 -4.87 2.48
N GLU A 75 6.86 -5.37 1.86
CA GLU A 75 8.18 -5.37 2.47
C GLU A 75 9.16 -4.54 1.65
N SER A 76 9.77 -3.55 2.29
CA SER A 76 10.72 -2.68 1.62
C SER A 76 12.16 -3.01 2.03
N GLY A 77 13.06 -2.99 1.06
CA GLY A 77 14.45 -3.29 1.35
C GLY A 77 15.13 -2.21 2.16
N ARG A 78 16.45 -2.25 2.22
CA ARG A 78 17.22 -1.27 2.99
C ARG A 78 17.68 -0.13 2.08
N ARG A 79 16.98 0.06 0.97
CA ARG A 79 17.31 1.12 0.03
C ARG A 79 16.14 2.08 -0.17
N CYS A 80 15.53 2.49 0.94
CA CYS A 80 14.40 3.40 0.89
C CYS A 80 14.59 4.56 1.87
N GLN A 81 13.69 5.53 1.80
CA GLN A 81 13.76 6.71 2.67
C GLN A 81 13.37 6.34 4.10
N THR A 82 12.81 5.14 4.28
CA THR A 82 12.39 4.67 5.59
C THR A 82 13.32 3.60 6.11
N GLY A 83 13.79 2.73 5.20
CA GLY A 83 14.69 1.66 5.60
C GLY A 83 14.00 0.31 5.65
N GLN A 84 14.78 -0.75 5.57
CA GLN A 84 14.24 -2.10 5.61
C GLN A 84 13.15 -2.22 6.68
N GLY A 85 12.07 -2.94 6.34
CA GLY A 85 10.99 -3.12 7.27
C GLY A 85 9.67 -3.42 6.58
N ILE A 86 8.63 -3.66 7.36
CA ILE A 86 7.31 -3.96 6.81
C ILE A 86 6.28 -2.93 7.27
N PHE A 87 5.55 -2.38 6.31
CA PHE A 87 4.52 -1.38 6.60
C PHE A 87 3.14 -1.88 6.19
N ALA A 88 2.29 -2.13 7.18
CA ALA A 88 0.94 -2.60 6.92
C ALA A 88 -0.09 -1.50 7.15
N PHE A 89 -1.10 -1.44 6.30
CA PHE A 89 -2.15 -0.44 6.40
C PHE A 89 -3.52 -1.07 6.31
N LYS A 90 -4.54 -0.38 6.83
CA LYS A 90 -5.91 -0.88 6.81
C LYS A 90 -6.72 -0.15 5.74
N CYS A 91 -7.39 -0.93 4.89
CA CYS A 91 -8.20 -0.36 3.83
C CYS A 91 -9.00 -1.45 3.12
N SER A 92 -10.25 -1.13 2.77
CA SER A 92 -11.12 -2.09 2.09
C SER A 92 -10.72 -2.24 0.63
N ARG A 93 -9.93 -1.28 0.14
CA ARG A 93 -9.48 -1.31 -1.26
C ARG A 93 -8.15 -2.03 -1.38
N ALA A 94 -7.62 -2.49 -0.24
CA ALA A 94 -6.35 -3.20 -0.24
C ALA A 94 -6.25 -4.19 -1.39
N GLU A 95 -7.36 -4.89 -1.66
CA GLU A 95 -7.39 -5.87 -2.74
C GLU A 95 -7.05 -5.21 -4.07
N GLU A 96 -7.60 -4.03 -4.31
CA GLU A 96 -7.34 -3.30 -5.54
C GLU A 96 -5.89 -2.88 -5.64
N ILE A 97 -5.32 -2.45 -4.52
CA ILE A 97 -3.92 -2.02 -4.48
C ILE A 97 -2.99 -3.17 -4.81
N PHE A 98 -3.29 -4.35 -4.26
CA PHE A 98 -2.47 -5.53 -4.49
C PHE A 98 -2.47 -5.92 -5.97
N ASN A 99 -3.66 -6.12 -6.52
CA ASN A 99 -3.80 -6.49 -7.93
C ASN A 99 -3.15 -5.44 -8.83
N LEU A 100 -3.28 -4.18 -8.45
CA LEU A 100 -2.70 -3.08 -9.23
C LEU A 100 -1.18 -3.13 -9.18
N LEU A 101 -0.63 -3.07 -7.97
CA LEU A 101 0.81 -3.11 -7.78
C LEU A 101 1.45 -4.18 -8.66
N GLN A 102 1.01 -5.42 -8.49
CA GLN A 102 1.54 -6.53 -9.28
C GLN A 102 1.42 -6.24 -10.77
N ASP A 103 0.49 -5.38 -11.14
CA ASP A 103 0.29 -5.01 -12.53
C ASP A 103 1.39 -4.08 -13.03
N LEU A 104 1.69 -3.06 -12.24
CA LEU A 104 2.73 -2.11 -12.60
C LEU A 104 4.12 -2.74 -12.48
N MET A 105 4.19 -3.87 -11.80
CA MET A 105 5.46 -4.57 -11.62
C MET A 105 5.71 -5.55 -12.76
N GLN A 106 4.64 -6.12 -13.30
CA GLN A 106 4.75 -7.06 -14.41
C GLN A 106 4.61 -6.35 -15.74
N CYS A 107 3.88 -5.24 -15.74
CA CYS A 107 3.68 -4.47 -16.97
C CYS A 107 4.68 -3.31 -17.05
N ASN A 108 5.15 -3.03 -18.26
CA ASN A 108 6.11 -1.96 -18.48
C ASN A 108 5.62 -1.00 -19.56
N SER A 109 4.31 -0.87 -19.67
CA SER A 109 3.70 0.01 -20.66
C SER A 109 2.44 0.66 -20.12
N ILE A 110 2.03 1.77 -20.73
CA ILE A 110 0.84 2.49 -20.30
C ILE A 110 -0.41 1.94 -20.98
N ASN A 111 -1.17 1.14 -20.25
CA ASN A 111 -2.40 0.54 -20.78
C ASN A 111 -3.60 0.95 -19.95
N VAL A 112 -4.72 1.23 -20.61
CA VAL A 112 -5.94 1.62 -19.93
C VAL A 112 -6.96 0.49 -19.93
N MET A 113 -7.50 0.18 -18.75
CA MET A 113 -8.49 -0.88 -18.63
C MET A 113 -9.72 -0.40 -17.87
N GLU A 114 -10.90 -0.76 -18.36
CA GLU A 114 -12.15 -0.35 -17.73
C GLU A 114 -12.54 -1.32 -16.62
N GLU A 115 -12.94 -0.78 -15.48
CA GLU A 115 -13.34 -1.59 -14.34
C GLU A 115 -14.71 -1.19 -13.82
N PRO A 116 -15.47 -2.16 -13.30
CA PRO A 116 -16.82 -1.94 -12.77
C PRO A 116 -16.79 -1.12 -11.48
N VAL A 117 -17.97 -0.93 -10.89
CA VAL A 117 -18.09 -0.18 -9.65
C VAL A 117 -19.02 -0.88 -8.67
N ILE A 118 -18.67 -0.80 -7.39
CA ILE A 118 -19.48 -1.42 -6.35
C ILE A 118 -19.72 -0.47 -5.18
N ILE A 119 -20.99 -0.18 -4.90
CA ILE A 119 -21.35 0.72 -3.81
C ILE A 119 -20.83 0.19 -2.48
N THR A 120 -20.52 1.11 -1.56
CA THR A 120 -20.02 0.74 -0.25
C THR A 120 -20.79 1.45 0.85
N SER A 121 -20.71 0.93 2.07
CA SER A 121 -21.41 1.52 3.21
C SER A 121 -21.03 2.98 3.37
N GLY A 122 -19.73 3.24 3.50
CA GLY A 122 -19.25 4.61 3.66
C GLY A 122 -18.56 4.82 4.99
N SER A 123 -17.24 4.72 4.98
CA SER A 123 -16.45 4.89 6.21
C SER A 123 -15.79 6.26 6.23
N SER A 124 -15.30 6.67 7.40
CA SER A 124 -14.65 7.96 7.55
C SER A 124 -13.84 8.01 8.85
N GLY A 125 -12.80 8.83 8.86
CA GLY A 125 -11.97 8.96 10.04
C GLY A 125 -10.54 9.32 9.70
N SER A 126 -9.88 10.05 10.60
CA SER A 126 -8.50 10.47 10.39
C SER A 126 -7.74 10.49 11.71
N SER A 127 -6.86 9.50 11.90
CA SER A 127 -6.07 9.41 13.12
C SER A 127 -4.75 10.16 12.96
N GLY A 128 -4.02 10.29 14.07
CA GLY A 128 -2.74 10.98 14.04
C GLY A 128 -2.26 11.36 15.43
N SER A 129 -3.07 12.12 16.14
CA SER A 129 -2.71 12.56 17.49
C SER A 129 -2.00 11.44 18.25
N SER A 130 -1.03 11.82 19.08
CA SER A 130 -0.27 10.85 19.86
C SER A 130 0.59 9.97 18.95
N GLY A 131 1.24 10.60 17.99
CA GLY A 131 2.10 9.86 17.07
C GLY A 131 3.40 10.59 16.78
N SER A 132 4.43 10.28 17.55
CA SER A 132 5.73 10.90 17.37
C SER A 132 6.51 10.24 16.24
N SER A 133 6.81 8.95 16.40
CA SER A 133 7.56 8.21 15.40
C SER A 133 6.79 8.17 14.07
N GLY A 134 5.50 7.85 14.15
CA GLY A 134 4.68 7.78 12.96
C GLY A 134 4.53 6.37 12.44
N LEU A 135 5.13 6.09 11.29
CA LEU A 135 5.05 4.76 10.69
C LEU A 135 5.43 3.68 11.70
N PHE A 136 5.03 2.45 11.42
CA PHE A 136 5.33 1.32 12.30
C PHE A 136 5.99 0.19 11.52
N ARG A 137 7.07 -0.34 12.07
CA ARG A 137 7.80 -1.44 11.42
C ARG A 137 7.40 -2.78 12.03
N LEU A 138 6.68 -3.57 11.25
CA LEU A 138 6.23 -4.89 11.71
C LEU A 138 7.38 -5.91 11.65
N ARG A 139 7.44 -6.77 12.66
CA ARG A 139 8.48 -7.79 12.72
C ARG A 139 8.19 -8.93 11.74
N HIS A 140 6.92 -9.32 11.66
CA HIS A 140 6.51 -10.39 10.77
C HIS A 140 5.51 -9.90 9.74
N PHE A 141 5.25 -10.70 8.71
CA PHE A 141 4.31 -10.35 7.66
C PHE A 141 2.89 -10.72 8.05
N PRO A 142 2.01 -9.70 8.15
CA PRO A 142 0.61 -9.91 8.52
C PRO A 142 -0.18 -10.62 7.42
N CYS A 143 0.03 -10.20 6.18
CA CYS A 143 -0.66 -10.81 5.04
C CYS A 143 -0.12 -12.20 4.76
N GLY A 144 -0.99 -13.07 4.24
CA GLY A 144 -0.59 -14.42 3.93
C GLY A 144 -0.29 -14.63 2.46
N ASN A 145 -1.22 -14.23 1.61
CA ASN A 145 -1.05 -14.37 0.16
C ASN A 145 0.11 -13.50 -0.33
N VAL A 146 1.32 -14.07 -0.31
CA VAL A 146 2.50 -13.35 -0.76
C VAL A 146 2.76 -13.60 -2.24
N ASN A 147 3.22 -12.56 -2.93
CA ASN A 147 3.52 -12.66 -4.35
C ASN A 147 4.89 -12.10 -4.66
N TYR A 148 5.59 -12.75 -5.59
CA TYR A 148 6.94 -12.32 -5.98
C TYR A 148 6.89 -11.43 -7.22
N GLY A 149 7.57 -10.29 -7.15
CA GLY A 149 7.59 -9.37 -8.27
C GLY A 149 8.90 -9.40 -9.02
N TYR A 150 9.65 -8.31 -8.95
CA TYR A 150 10.95 -8.21 -9.63
C TYR A 150 11.77 -9.48 -9.42
N GLN A 151 12.34 -10.00 -10.50
CA GLN A 151 13.15 -11.20 -10.44
C GLN A 151 14.61 -10.87 -10.10
N GLN A 152 14.79 -9.88 -9.23
CA GLN A 152 16.13 -9.46 -8.83
C GLN A 152 16.38 -9.79 -7.37
N GLN A 153 16.66 -11.07 -7.10
CA GLN A 153 16.92 -11.51 -5.74
C GLN A 153 18.42 -11.60 -5.47
N GLY A 1 -4.40 10.64 -30.37
CA GLY A 1 -5.84 10.70 -30.51
C GLY A 1 -6.42 12.02 -30.03
N SER A 2 -6.51 12.18 -28.72
CA SER A 2 -7.06 13.40 -28.13
C SER A 2 -6.26 13.81 -26.90
N SER A 3 -6.41 15.07 -26.50
CA SER A 3 -5.71 15.60 -25.34
C SER A 3 -6.64 16.39 -24.45
N GLY A 4 -6.17 16.72 -23.24
CA GLY A 4 -6.99 17.47 -22.31
C GLY A 4 -7.25 18.89 -22.79
N SER A 5 -8.52 19.22 -22.99
CA SER A 5 -8.91 20.55 -23.46
C SER A 5 -9.66 21.30 -22.37
N SER A 6 -8.99 22.29 -21.77
CA SER A 6 -9.60 23.09 -20.72
C SER A 6 -10.16 22.20 -19.61
N GLY A 7 -9.51 21.05 -19.40
CA GLY A 7 -9.96 20.13 -18.37
C GLY A 7 -9.06 20.15 -17.14
N LEU A 8 -9.68 20.22 -15.97
CA LEU A 8 -8.93 20.24 -14.72
C LEU A 8 -9.70 19.52 -13.61
N ASN A 9 -9.13 19.52 -12.40
CA ASN A 9 -9.76 18.87 -11.27
C ASN A 9 -10.00 19.87 -10.13
N ARG A 10 -11.26 20.18 -9.88
CA ARG A 10 -11.62 21.13 -8.83
C ARG A 10 -11.37 20.51 -7.45
N ASP A 11 -11.51 19.19 -7.37
CA ASP A 11 -11.31 18.48 -6.11
C ASP A 11 -9.84 18.08 -5.94
N SER A 12 -9.54 17.42 -4.82
CA SER A 12 -8.18 16.99 -4.53
C SER A 12 -8.07 15.47 -4.58
N VAL A 13 -9.20 14.80 -4.37
CA VAL A 13 -9.24 13.34 -4.38
C VAL A 13 -10.66 12.83 -4.29
N PRO A 14 -11.07 12.02 -5.29
CA PRO A 14 -12.41 11.45 -5.35
C PRO A 14 -12.64 10.38 -4.28
N ASP A 15 -13.69 9.59 -4.46
CA ASP A 15 -14.01 8.54 -3.50
C ASP A 15 -13.75 7.17 -4.10
N ASN A 16 -13.55 7.12 -5.41
CA ASN A 16 -13.28 5.87 -6.10
C ASN A 16 -12.11 6.01 -7.06
N HIS A 17 -11.09 6.76 -6.64
CA HIS A 17 -9.91 6.98 -7.47
C HIS A 17 -9.40 5.67 -8.04
N PRO A 18 -8.98 5.70 -9.31
CA PRO A 18 -8.45 4.51 -10.01
C PRO A 18 -7.10 4.07 -9.46
N THR A 19 -6.17 5.03 -9.36
CA THR A 19 -4.83 4.74 -8.86
C THR A 19 -4.56 5.47 -7.56
N LYS A 20 -5.49 5.37 -6.62
CA LYS A 20 -5.36 6.03 -5.33
C LYS A 20 -6.37 5.48 -4.33
N PHE A 21 -5.89 5.08 -3.15
CA PHE A 21 -6.76 4.54 -2.11
C PHE A 21 -6.39 5.11 -0.74
N LYS A 22 -7.40 5.45 0.04
CA LYS A 22 -7.18 6.00 1.38
C LYS A 22 -6.85 4.90 2.37
N VAL A 23 -5.58 4.83 2.76
CA VAL A 23 -5.14 3.82 3.73
C VAL A 23 -4.93 4.43 5.11
N THR A 24 -4.83 3.57 6.11
CA THR A 24 -4.63 4.02 7.49
C THR A 24 -3.53 3.24 8.17
N ASN A 25 -2.37 3.87 8.33
CA ASN A 25 -1.22 3.23 8.97
C ASN A 25 -1.61 2.69 10.34
N VAL A 26 -1.56 1.36 10.48
CA VAL A 26 -1.89 0.72 11.75
C VAL A 26 -0.74 -0.15 12.25
N ASP A 27 -0.98 -0.87 13.35
CA ASP A 27 0.04 -1.74 13.92
C ASP A 27 -0.42 -3.19 13.89
N ASP A 28 0.40 -4.06 14.48
CA ASP A 28 0.08 -5.49 14.52
C ASP A 28 -1.37 -5.71 14.94
N GLU A 29 -1.79 -5.01 15.99
CA GLU A 29 -3.16 -5.14 16.49
C GLU A 29 -4.16 -4.54 15.51
N GLY A 30 -3.83 -3.36 15.00
CA GLY A 30 -4.71 -2.70 14.04
C GLY A 30 -5.15 -1.32 14.52
N VAL A 31 -4.32 -0.68 15.33
CA VAL A 31 -4.64 0.63 15.87
C VAL A 31 -4.38 1.72 14.83
N GLU A 32 -5.42 2.48 14.51
CA GLU A 32 -5.32 3.55 13.53
C GLU A 32 -4.34 4.62 13.99
N LEU A 33 -3.13 4.58 13.44
CA LEU A 33 -2.09 5.55 13.80
C LEU A 33 -2.28 6.85 13.03
N GLY A 34 -2.10 6.79 11.72
CA GLY A 34 -2.25 7.97 10.89
C GLY A 34 -2.85 7.65 9.53
N SER A 35 -3.80 8.49 9.10
CA SER A 35 -4.46 8.29 7.81
C SER A 35 -3.69 8.99 6.69
N GLY A 36 -3.73 8.39 5.50
CA GLY A 36 -3.03 8.96 4.37
C GLY A 36 -3.53 8.42 3.04
N VAL A 37 -3.09 9.04 1.95
CA VAL A 37 -3.50 8.60 0.61
C VAL A 37 -2.41 7.77 -0.05
N MET A 38 -2.76 6.53 -0.40
CA MET A 38 -1.82 5.62 -1.04
C MET A 38 -1.90 5.74 -2.57
N GLU A 39 -0.85 6.28 -3.17
CA GLU A 39 -0.81 6.45 -4.62
C GLU A 39 0.14 5.44 -5.26
N LEU A 40 -0.28 4.88 -6.39
CA LEU A 40 0.54 3.90 -7.10
C LEU A 40 0.82 4.36 -8.53
N THR A 41 2.03 4.87 -8.75
CA THR A 41 2.42 5.34 -10.08
C THR A 41 3.27 4.30 -10.80
N GLN A 42 3.16 4.29 -12.13
CA GLN A 42 3.92 3.33 -12.93
C GLN A 42 5.38 3.27 -12.48
N SER A 43 5.95 4.43 -12.19
CA SER A 43 7.34 4.51 -11.74
C SER A 43 7.55 3.68 -10.48
N GLU A 44 7.02 4.16 -9.36
CA GLU A 44 7.15 3.46 -8.09
C GLU A 44 5.95 3.74 -7.19
N LEU A 45 5.97 3.17 -5.99
CA LEU A 45 4.89 3.34 -5.03
C LEU A 45 5.04 4.66 -4.28
N VAL A 46 3.92 5.33 -4.03
CA VAL A 46 3.93 6.60 -3.31
C VAL A 46 2.81 6.66 -2.28
N LEU A 47 3.10 7.27 -1.14
CA LEU A 47 2.12 7.39 -0.06
C LEU A 47 2.07 8.83 0.46
N HIS A 48 1.06 9.57 0.02
CA HIS A 48 0.89 10.96 0.46
C HIS A 48 0.41 11.02 1.90
N LEU A 49 1.15 11.72 2.74
CA LEU A 49 0.79 11.86 4.15
C LEU A 49 0.70 13.33 4.55
N HIS A 50 -0.19 13.63 5.50
CA HIS A 50 -0.36 15.00 5.97
C HIS A 50 0.59 15.30 7.13
N ARG A 51 0.69 14.36 8.06
CA ARG A 51 1.56 14.54 9.22
C ARG A 51 3.02 14.37 8.84
N ARG A 52 3.32 13.31 8.09
CA ARG A 52 4.68 13.04 7.65
C ARG A 52 4.83 13.31 6.15
N GLU A 53 6.08 13.38 5.69
CA GLU A 53 6.35 13.62 4.29
C GLU A 53 5.93 12.42 3.43
N ALA A 54 5.79 12.66 2.13
CA ALA A 54 5.40 11.60 1.20
C ALA A 54 6.51 10.58 1.02
N VAL A 55 6.19 9.31 1.27
CA VAL A 55 7.17 8.24 1.13
C VAL A 55 7.02 7.54 -0.21
N ARG A 56 8.15 7.18 -0.82
CA ARG A 56 8.15 6.51 -2.11
C ARG A 56 8.90 5.18 -2.03
N TRP A 57 8.27 4.12 -2.51
CA TRP A 57 8.86 2.79 -2.48
C TRP A 57 8.96 2.21 -3.90
N PRO A 58 10.20 2.05 -4.38
CA PRO A 58 10.46 1.52 -5.72
C PRO A 58 10.12 0.03 -5.82
N TYR A 59 9.14 -0.30 -6.65
CA TYR A 59 8.73 -1.68 -6.84
C TYR A 59 9.93 -2.58 -7.13
N LEU A 60 10.76 -2.15 -8.07
CA LEU A 60 11.96 -2.91 -8.43
C LEU A 60 12.68 -3.42 -7.19
N CYS A 61 12.67 -2.62 -6.13
CA CYS A 61 13.32 -2.99 -4.89
C CYS A 61 12.43 -3.88 -4.04
N LEU A 62 11.13 -3.65 -4.11
CA LEU A 62 10.16 -4.43 -3.36
C LEU A 62 10.40 -5.93 -3.55
N ARG A 63 10.98 -6.58 -2.54
CA ARG A 63 11.26 -8.00 -2.60
C ARG A 63 9.96 -8.81 -2.68
N ARG A 64 9.06 -8.56 -1.73
CA ARG A 64 7.79 -9.26 -1.69
C ARG A 64 6.68 -8.36 -1.17
N TYR A 65 5.44 -8.75 -1.42
CA TYR A 65 4.28 -7.97 -0.98
C TYR A 65 3.04 -8.83 -0.89
N GLY A 66 2.22 -8.59 0.13
CA GLY A 66 1.01 -9.35 0.32
C GLY A 66 -0.19 -8.47 0.61
N TYR A 67 -1.34 -9.10 0.82
CA TYR A 67 -2.58 -8.37 1.12
C TYR A 67 -3.65 -9.30 1.67
N ASP A 68 -4.30 -8.86 2.74
CA ASP A 68 -5.35 -9.66 3.38
C ASP A 68 -6.73 -9.05 3.10
N SER A 69 -7.75 -9.65 3.69
CA SER A 69 -9.12 -9.17 3.51
C SER A 69 -9.17 -7.64 3.46
N ASN A 70 -9.00 -7.02 4.62
CA ASN A 70 -9.03 -5.57 4.72
C ASN A 70 -7.69 -5.04 5.23
N LEU A 71 -6.60 -5.65 4.79
CA LEU A 71 -5.26 -5.25 5.20
C LEU A 71 -4.32 -5.24 4.00
N PHE A 72 -3.26 -4.44 4.11
CA PHE A 72 -2.27 -4.33 3.04
C PHE A 72 -0.86 -4.19 3.61
N SER A 73 -0.08 -5.26 3.53
CA SER A 73 1.28 -5.26 4.05
C SER A 73 2.28 -5.57 2.94
N PHE A 74 3.44 -4.94 3.00
CA PHE A 74 4.49 -5.16 2.01
C PHE A 74 5.87 -4.91 2.60
N GLU A 75 6.86 -5.68 2.13
CA GLU A 75 8.22 -5.56 2.63
C GLU A 75 9.06 -4.69 1.68
N SER A 76 9.83 -3.78 2.26
CA SER A 76 10.68 -2.89 1.47
C SER A 76 12.15 -3.14 1.78
N GLY A 77 13.01 -2.88 0.79
CA GLY A 77 14.43 -3.08 0.97
C GLY A 77 14.92 -2.54 2.30
N ARG A 78 16.16 -2.88 2.65
CA ARG A 78 16.75 -2.43 3.91
C ARG A 78 17.37 -1.04 3.74
N ARG A 79 18.20 -0.89 2.71
CA ARG A 79 18.86 0.39 2.46
C ARG A 79 17.93 1.34 1.71
N CYS A 80 17.01 1.96 2.46
CA CYS A 80 16.06 2.89 1.87
C CYS A 80 15.57 3.89 2.91
N GLN A 81 14.90 4.94 2.46
CA GLN A 81 14.37 5.96 3.35
C GLN A 81 13.83 5.34 4.63
N THR A 82 12.68 4.68 4.53
CA THR A 82 12.06 4.04 5.68
C THR A 82 13.00 3.02 6.32
N GLY A 83 13.55 2.13 5.51
CA GLY A 83 14.46 1.13 6.02
C GLY A 83 13.82 -0.24 6.13
N GLN A 84 14.64 -1.26 6.40
CA GLN A 84 14.14 -2.61 6.53
C GLN A 84 12.98 -2.68 7.53
N GLY A 85 11.91 -3.36 7.14
CA GLY A 85 10.76 -3.49 8.02
C GLY A 85 9.50 -3.90 7.27
N ILE A 86 8.39 -4.01 7.99
CA ILE A 86 7.11 -4.38 7.38
C ILE A 86 6.05 -3.34 7.67
N PHE A 87 5.67 -2.58 6.63
CA PHE A 87 4.66 -1.55 6.76
C PHE A 87 3.30 -2.05 6.28
N ALA A 88 2.33 -2.10 7.20
CA ALA A 88 1.00 -2.57 6.87
C ALA A 88 -0.03 -1.45 7.05
N PHE A 89 -1.04 -1.43 6.19
CA PHE A 89 -2.08 -0.42 6.25
C PHE A 89 -3.46 -1.05 6.05
N LYS A 90 -4.42 -0.61 6.86
CA LYS A 90 -5.78 -1.12 6.77
C LYS A 90 -6.57 -0.41 5.67
N CYS A 91 -6.93 -1.15 4.63
CA CYS A 91 -7.68 -0.58 3.52
C CYS A 91 -8.60 -1.63 2.90
N SER A 92 -9.90 -1.48 3.14
CA SER A 92 -10.88 -2.42 2.61
C SER A 92 -10.61 -2.73 1.14
N ARG A 93 -10.17 -1.71 0.41
CA ARG A 93 -9.86 -1.87 -1.01
C ARG A 93 -8.43 -2.36 -1.20
N ALA A 94 -8.00 -3.28 -0.36
CA ALA A 94 -6.66 -3.83 -0.44
C ALA A 94 -6.48 -4.65 -1.72
N GLU A 95 -7.50 -5.43 -2.07
CA GLU A 95 -7.45 -6.25 -3.27
C GLU A 95 -7.06 -5.43 -4.49
N GLU A 96 -7.66 -4.24 -4.61
CA GLU A 96 -7.38 -3.36 -5.74
C GLU A 96 -5.92 -2.91 -5.72
N ILE A 97 -5.48 -2.41 -4.58
CA ILE A 97 -4.11 -1.94 -4.43
C ILE A 97 -3.12 -3.05 -4.75
N PHE A 98 -3.40 -4.25 -4.26
CA PHE A 98 -2.52 -5.39 -4.50
C PHE A 98 -2.50 -5.76 -5.97
N ASN A 99 -3.68 -6.00 -6.54
CA ASN A 99 -3.80 -6.36 -7.95
C ASN A 99 -3.12 -5.32 -8.84
N LEU A 100 -3.38 -4.05 -8.56
CA LEU A 100 -2.79 -2.96 -9.33
C LEU A 100 -1.27 -2.93 -9.17
N LEU A 101 -0.81 -3.02 -7.93
CA LEU A 101 0.62 -3.01 -7.63
C LEU A 101 1.35 -4.01 -8.50
N GLN A 102 0.95 -5.28 -8.44
CA GLN A 102 1.57 -6.34 -9.21
C GLN A 102 1.37 -6.09 -10.71
N ASP A 103 0.30 -5.40 -11.05
CA ASP A 103 -0.01 -5.10 -12.45
C ASP A 103 0.99 -4.11 -13.02
N LEU A 104 1.40 -3.14 -12.21
CA LEU A 104 2.36 -2.12 -12.63
C LEU A 104 3.73 -2.74 -12.84
N MET A 105 4.14 -3.59 -11.92
CA MET A 105 5.44 -4.24 -12.00
C MET A 105 5.59 -4.99 -13.32
N GLN A 106 4.54 -5.71 -13.71
CA GLN A 106 4.55 -6.47 -14.95
C GLN A 106 4.36 -5.56 -16.15
N CYS A 107 3.31 -4.76 -16.11
CA CYS A 107 3.00 -3.83 -17.20
C CYS A 107 4.19 -2.91 -17.47
N ASN A 108 4.52 -2.73 -18.75
CA ASN A 108 5.63 -1.89 -19.14
C ASN A 108 5.13 -0.58 -19.75
N SER A 109 4.46 -0.68 -20.90
CA SER A 109 3.93 0.49 -21.58
C SER A 109 2.52 0.81 -21.10
N ILE A 110 2.36 1.97 -20.48
CA ILE A 110 1.06 2.40 -19.98
C ILE A 110 0.62 3.70 -20.63
N ASN A 111 -0.55 3.66 -21.27
CA ASN A 111 -1.09 4.84 -21.95
C ASN A 111 -1.88 5.71 -20.97
N VAL A 112 -1.64 7.01 -21.02
CA VAL A 112 -2.31 7.96 -20.14
C VAL A 112 -3.77 7.56 -19.94
N MET A 113 -4.20 7.49 -18.68
CA MET A 113 -5.57 7.11 -18.35
C MET A 113 -6.48 8.34 -18.36
N GLU A 114 -7.76 8.12 -18.09
CA GLU A 114 -8.73 9.21 -18.09
C GLU A 114 -8.55 10.09 -16.85
N GLU A 115 -9.34 11.15 -16.76
CA GLU A 115 -9.27 12.08 -15.64
C GLU A 115 -10.13 11.59 -14.48
N PRO A 116 -9.74 11.97 -13.25
CA PRO A 116 -10.46 11.58 -12.03
C PRO A 116 -11.82 12.27 -11.92
N VAL A 117 -12.71 11.69 -11.13
CA VAL A 117 -14.04 12.25 -10.93
C VAL A 117 -14.03 13.35 -9.88
N ILE A 118 -14.81 14.40 -10.11
CA ILE A 118 -14.89 15.52 -9.18
C ILE A 118 -16.27 15.60 -8.54
N ILE A 119 -16.33 15.25 -7.26
CA ILE A 119 -17.59 15.28 -6.53
C ILE A 119 -17.44 16.04 -5.21
N THR A 120 -17.10 17.33 -5.31
CA THR A 120 -16.92 18.17 -4.12
C THR A 120 -16.24 17.38 -3.01
N SER A 121 -15.21 16.62 -3.35
CA SER A 121 -14.49 15.82 -2.37
C SER A 121 -13.87 16.72 -1.30
N GLY A 122 -13.71 16.17 -0.11
CA GLY A 122 -13.13 16.93 0.99
C GLY A 122 -12.93 16.10 2.24
N SER A 123 -12.30 16.69 3.25
CA SER A 123 -12.05 15.99 4.51
C SER A 123 -11.83 16.99 5.65
N SER A 124 -11.59 16.46 6.84
CA SER A 124 -11.37 17.30 8.01
C SER A 124 -10.44 16.60 9.01
N GLY A 125 -10.07 17.32 10.07
CA GLY A 125 -9.20 16.76 11.07
C GLY A 125 -9.78 16.87 12.47
N SER A 126 -9.58 15.83 13.28
CA SER A 126 -10.09 15.82 14.65
C SER A 126 -9.01 15.35 15.62
N SER A 127 -8.55 14.12 15.45
CA SER A 127 -7.52 13.55 16.32
C SER A 127 -6.21 14.32 16.18
N GLY A 128 -5.52 14.51 17.30
CA GLY A 128 -4.27 15.23 17.28
C GLY A 128 -3.08 14.34 17.64
N SER A 129 -2.18 14.87 18.47
CA SER A 129 -1.00 14.12 18.88
C SER A 129 -1.25 13.41 20.21
N SER A 130 -0.63 12.25 20.38
CA SER A 130 -0.78 11.47 21.60
C SER A 130 0.56 10.99 22.12
N GLY A 131 1.34 10.35 21.25
CA GLY A 131 2.64 9.85 21.64
C GLY A 131 3.15 8.76 20.72
N SER A 132 3.55 9.15 19.51
CA SER A 132 4.05 8.19 18.54
C SER A 132 5.15 8.81 17.67
N SER A 133 5.74 8.00 16.80
CA SER A 133 6.80 8.47 15.92
C SER A 133 6.35 8.48 14.47
N GLY A 134 5.82 7.33 14.02
CA GLY A 134 5.36 7.22 12.65
C GLY A 134 4.99 5.80 12.28
N LEU A 135 5.17 5.46 11.01
CA LEU A 135 4.86 4.11 10.53
C LEU A 135 5.22 3.07 11.56
N PHE A 136 4.50 1.95 11.55
CA PHE A 136 4.75 0.86 12.48
C PHE A 136 5.41 -0.32 11.79
N ARG A 137 6.59 -0.70 12.25
CA ARG A 137 7.32 -1.82 11.68
C ARG A 137 6.94 -3.13 12.36
N LEU A 138 6.51 -4.11 11.57
CA LEU A 138 6.12 -5.41 12.10
C LEU A 138 7.26 -6.42 11.95
N ARG A 139 7.56 -7.14 13.03
CA ARG A 139 8.61 -8.13 13.02
C ARG A 139 8.33 -9.21 11.97
N HIS A 140 7.11 -9.72 11.97
CA HIS A 140 6.71 -10.75 11.02
C HIS A 140 5.67 -10.22 10.04
N PHE A 141 5.37 -11.01 9.01
CA PHE A 141 4.39 -10.62 8.00
C PHE A 141 2.98 -10.98 8.44
N PRO A 142 2.11 -9.96 8.52
CA PRO A 142 0.71 -10.15 8.93
C PRO A 142 -0.11 -10.89 7.88
N CYS A 143 0.07 -10.51 6.62
CA CYS A 143 -0.65 -11.13 5.52
C CYS A 143 -0.06 -12.49 5.19
N GLY A 144 -0.76 -13.25 4.35
CA GLY A 144 -0.29 -14.57 3.97
C GLY A 144 0.11 -14.64 2.51
N ASN A 145 -0.78 -14.22 1.62
CA ASN A 145 -0.52 -14.24 0.19
C ASN A 145 0.64 -13.31 -0.16
N VAL A 146 1.85 -13.87 -0.16
CA VAL A 146 3.04 -13.09 -0.49
C VAL A 146 3.45 -13.27 -1.95
N ASN A 147 3.76 -12.16 -2.61
CA ASN A 147 4.16 -12.21 -4.01
C ASN A 147 5.64 -11.91 -4.16
N TYR A 148 6.16 -12.07 -5.38
CA TYR A 148 7.56 -11.82 -5.66
C TYR A 148 7.73 -10.86 -6.82
N GLY A 149 8.15 -9.63 -6.51
CA GLY A 149 8.34 -8.63 -7.55
C GLY A 149 9.55 -8.92 -8.43
N TYR A 150 10.56 -8.07 -8.32
CA TYR A 150 11.78 -8.23 -9.11
C TYR A 150 12.66 -9.33 -8.53
N GLN A 151 13.69 -9.72 -9.28
CA GLN A 151 14.61 -10.76 -8.84
C GLN A 151 15.94 -10.15 -8.40
N GLN A 152 16.19 -10.18 -7.10
CA GLN A 152 17.43 -9.63 -6.55
C GLN A 152 18.26 -10.74 -5.90
N GLN A 153 19.04 -11.44 -6.71
CA GLN A 153 19.89 -12.52 -6.21
C GLN A 153 20.77 -12.03 -5.06
N GLY A 1 -21.56 -7.90 13.54
CA GLY A 1 -22.39 -6.74 13.30
C GLY A 1 -22.20 -6.17 11.91
N SER A 2 -22.41 -6.99 10.89
CA SER A 2 -22.26 -6.57 9.51
C SER A 2 -23.23 -5.43 9.18
N SER A 3 -22.67 -4.28 8.81
CA SER A 3 -23.49 -3.11 8.47
C SER A 3 -22.68 -2.11 7.66
N GLY A 4 -23.36 -1.11 7.13
CA GLY A 4 -22.70 -0.09 6.33
C GLY A 4 -23.68 0.83 5.62
N SER A 5 -23.30 2.09 5.48
CA SER A 5 -24.15 3.08 4.83
C SER A 5 -23.45 3.69 3.61
N SER A 6 -24.24 4.27 2.72
CA SER A 6 -23.69 4.89 1.51
C SER A 6 -24.47 6.15 1.16
N GLY A 7 -23.85 7.31 1.38
CA GLY A 7 -24.49 8.57 1.07
C GLY A 7 -24.33 8.96 -0.38
N LEU A 8 -23.36 9.83 -0.66
CA LEU A 8 -23.10 10.29 -2.02
C LEU A 8 -22.82 9.11 -2.95
N ASN A 9 -22.86 9.37 -4.25
CA ASN A 9 -22.59 8.33 -5.25
C ASN A 9 -21.44 8.72 -6.15
N ARG A 10 -20.21 8.43 -5.70
CA ARG A 10 -19.02 8.75 -6.48
C ARG A 10 -18.99 10.22 -6.84
N ASP A 11 -19.35 11.07 -5.88
CA ASP A 11 -19.35 12.52 -6.10
C ASP A 11 -17.94 13.05 -6.25
N SER A 12 -17.22 13.15 -5.14
CA SER A 12 -15.86 13.66 -5.15
C SER A 12 -14.86 12.51 -5.29
N VAL A 13 -15.18 11.37 -4.68
CA VAL A 13 -14.31 10.21 -4.73
C VAL A 13 -15.12 8.94 -4.95
N PRO A 14 -14.65 8.08 -5.88
CA PRO A 14 -15.31 6.82 -6.21
C PRO A 14 -15.20 5.80 -5.08
N ASP A 15 -16.25 5.01 -4.90
CA ASP A 15 -16.27 3.99 -3.86
C ASP A 15 -15.25 2.90 -4.14
N ASN A 16 -14.79 2.83 -5.38
CA ASN A 16 -13.80 1.83 -5.78
C ASN A 16 -12.67 2.47 -6.59
N HIS A 17 -12.20 3.63 -6.14
CA HIS A 17 -11.13 4.35 -6.82
C HIS A 17 -10.06 3.37 -7.31
N PRO A 18 -9.81 3.38 -8.62
CA PRO A 18 -8.81 2.50 -9.25
C PRO A 18 -7.38 2.90 -8.88
N THR A 19 -7.09 4.20 -8.99
CA THR A 19 -5.77 4.70 -8.68
C THR A 19 -5.65 5.06 -7.20
N LYS A 20 -6.34 6.12 -6.79
CA LYS A 20 -6.32 6.57 -5.40
C LYS A 20 -6.78 5.44 -4.47
N PHE A 21 -6.29 5.47 -3.23
CA PHE A 21 -6.65 4.46 -2.25
C PHE A 21 -6.41 4.98 -0.83
N LYS A 22 -7.49 5.12 -0.06
CA LYS A 22 -7.39 5.59 1.31
C LYS A 22 -7.03 4.46 2.26
N VAL A 23 -5.99 4.67 3.07
CA VAL A 23 -5.54 3.66 4.02
C VAL A 23 -5.35 4.27 5.41
N THR A 24 -5.08 3.42 6.39
CA THR A 24 -4.86 3.87 7.76
C THR A 24 -3.73 3.10 8.41
N ASN A 25 -2.58 3.76 8.56
CA ASN A 25 -1.41 3.14 9.17
C ASN A 25 -1.78 2.53 10.52
N VAL A 26 -1.23 1.34 10.80
CA VAL A 26 -1.48 0.65 12.04
C VAL A 26 -0.22 0.01 12.59
N ASP A 27 -0.34 -0.67 13.72
CA ASP A 27 0.79 -1.33 14.35
C ASP A 27 0.64 -2.85 14.29
N ASP A 28 1.56 -3.56 14.92
CA ASP A 28 1.53 -5.02 14.93
C ASP A 28 0.15 -5.53 15.31
N GLU A 29 -0.47 -4.90 16.31
CA GLU A 29 -1.79 -5.29 16.76
C GLU A 29 -2.85 -4.94 15.72
N GLY A 30 -2.72 -3.76 15.13
CA GLY A 30 -3.67 -3.32 14.13
C GLY A 30 -4.44 -2.08 14.55
N VAL A 31 -3.87 -1.34 15.49
CA VAL A 31 -4.51 -0.12 15.98
C VAL A 31 -4.31 1.03 15.00
N GLU A 32 -5.38 1.77 14.73
CA GLU A 32 -5.34 2.90 13.82
C GLU A 32 -4.51 4.04 14.41
N LEU A 33 -3.39 4.34 13.76
CA LEU A 33 -2.50 5.41 14.22
C LEU A 33 -2.68 6.66 13.37
N GLY A 34 -2.20 6.59 12.12
CA GLY A 34 -2.31 7.72 11.22
C GLY A 34 -2.85 7.33 9.86
N SER A 35 -3.72 8.17 9.30
CA SER A 35 -4.31 7.91 8.00
C SER A 35 -3.65 8.75 6.92
N GLY A 36 -3.66 8.26 5.68
CA GLY A 36 -3.07 9.00 4.58
C GLY A 36 -3.58 8.53 3.24
N VAL A 37 -3.21 9.25 2.18
CA VAL A 37 -3.64 8.91 0.83
C VAL A 37 -2.56 8.13 0.09
N MET A 38 -2.89 6.90 -0.31
CA MET A 38 -1.95 6.05 -1.03
C MET A 38 -2.09 6.24 -2.53
N GLU A 39 -0.96 6.33 -3.23
CA GLU A 39 -0.97 6.50 -4.67
C GLU A 39 0.00 5.53 -5.34
N LEU A 40 -0.46 4.90 -6.42
CA LEU A 40 0.35 3.94 -7.16
C LEU A 40 0.57 4.40 -8.60
N THR A 41 1.77 4.86 -8.90
CA THR A 41 2.10 5.33 -10.24
C THR A 41 2.96 4.30 -10.98
N GLN A 42 2.76 4.22 -12.30
CA GLN A 42 3.51 3.28 -13.13
C GLN A 42 4.99 3.31 -12.76
N SER A 43 5.46 4.46 -12.29
CA SER A 43 6.87 4.61 -11.92
C SER A 43 7.17 3.82 -10.65
N GLU A 44 6.72 4.35 -9.51
CA GLU A 44 6.95 3.70 -8.22
C GLU A 44 5.77 3.94 -7.28
N LEU A 45 5.87 3.37 -6.08
CA LEU A 45 4.81 3.51 -5.08
C LEU A 45 5.01 4.78 -4.26
N VAL A 46 3.97 5.61 -4.21
CA VAL A 46 4.03 6.86 -3.45
C VAL A 46 2.96 6.89 -2.36
N LEU A 47 3.33 7.42 -1.20
CA LEU A 47 2.39 7.52 -0.08
C LEU A 47 2.30 8.95 0.42
N HIS A 48 1.11 9.53 0.32
CA HIS A 48 0.87 10.90 0.78
C HIS A 48 0.50 10.92 2.25
N LEU A 49 1.01 11.93 2.96
CA LEU A 49 0.73 12.07 4.39
C LEU A 49 0.54 13.54 4.77
N HIS A 50 0.29 13.79 6.05
CA HIS A 50 0.09 15.15 6.54
C HIS A 50 1.22 15.56 7.47
N ARG A 51 1.28 14.93 8.64
CA ARG A 51 2.31 15.23 9.63
C ARG A 51 3.57 14.41 9.36
N ARG A 52 3.77 14.04 8.10
CA ARG A 52 4.94 13.25 7.71
C ARG A 52 5.35 13.55 6.27
N GLU A 53 6.59 13.26 5.94
CA GLU A 53 7.11 13.50 4.60
C GLU A 53 6.60 12.44 3.62
N ALA A 54 6.63 12.76 2.33
CA ALA A 54 6.17 11.84 1.30
C ALA A 54 7.22 10.77 1.02
N VAL A 55 6.87 9.52 1.30
CA VAL A 55 7.78 8.41 1.08
C VAL A 55 7.56 7.79 -0.30
N ARG A 56 8.61 7.19 -0.85
CA ARG A 56 8.54 6.57 -2.17
C ARG A 56 9.19 5.19 -2.14
N TRP A 57 8.42 4.17 -2.50
CA TRP A 57 8.92 2.79 -2.53
C TRP A 57 8.90 2.23 -3.94
N PRO A 58 10.09 2.11 -4.56
CA PRO A 58 10.23 1.60 -5.92
C PRO A 58 9.94 0.10 -5.99
N TYR A 59 8.98 -0.27 -6.84
CA TYR A 59 8.60 -1.67 -7.01
C TYR A 59 9.83 -2.54 -7.23
N LEU A 60 10.67 -2.13 -8.18
CA LEU A 60 11.88 -2.88 -8.50
C LEU A 60 12.54 -3.40 -7.23
N CYS A 61 12.44 -2.64 -6.15
CA CYS A 61 13.02 -3.03 -4.87
C CYS A 61 12.10 -3.99 -4.13
N LEU A 62 10.80 -3.76 -4.23
CA LEU A 62 9.81 -4.59 -3.57
C LEU A 62 10.03 -6.07 -3.89
N ARG A 63 10.68 -6.78 -2.97
CA ARG A 63 10.96 -8.19 -3.16
C ARG A 63 9.69 -9.03 -3.00
N ARG A 64 8.90 -8.70 -1.97
CA ARG A 64 7.66 -9.41 -1.72
C ARG A 64 6.56 -8.45 -1.28
N TYR A 65 5.33 -8.95 -1.25
CA TYR A 65 4.18 -8.14 -0.86
C TYR A 65 2.93 -8.99 -0.74
N GLY A 66 2.06 -8.62 0.20
CA GLY A 66 0.82 -9.36 0.41
C GLY A 66 -0.35 -8.46 0.71
N TYR A 67 -1.53 -9.04 0.84
CA TYR A 67 -2.74 -8.28 1.12
C TYR A 67 -3.84 -9.18 1.67
N ASP A 68 -4.36 -8.82 2.84
CA ASP A 68 -5.42 -9.60 3.48
C ASP A 68 -6.79 -9.12 3.01
N SER A 69 -7.84 -9.72 3.57
CA SER A 69 -9.21 -9.37 3.21
C SER A 69 -9.42 -7.86 3.34
N ASN A 70 -8.97 -7.29 4.45
CA ASN A 70 -9.11 -5.87 4.69
C ASN A 70 -7.80 -5.26 5.20
N LEU A 71 -6.69 -5.89 4.82
CA LEU A 71 -5.37 -5.41 5.23
C LEU A 71 -4.41 -5.37 4.05
N PHE A 72 -3.43 -4.48 4.12
CA PHE A 72 -2.45 -4.33 3.05
C PHE A 72 -1.05 -4.12 3.62
N SER A 73 -0.21 -5.15 3.51
CA SER A 73 1.15 -5.09 4.02
C SER A 73 2.16 -5.52 2.96
N PHE A 74 3.22 -4.75 2.80
CA PHE A 74 4.26 -5.05 1.82
C PHE A 74 5.65 -4.95 2.44
N GLU A 75 6.63 -5.55 1.79
CA GLU A 75 8.00 -5.52 2.26
C GLU A 75 8.89 -4.71 1.33
N SER A 76 9.52 -3.67 1.88
CA SER A 76 10.40 -2.80 1.09
C SER A 76 11.85 -3.24 1.22
N GLY A 77 12.63 -3.05 0.16
CA GLY A 77 14.02 -3.44 0.17
C GLY A 77 14.77 -2.82 1.33
N ARG A 78 16.10 -2.90 1.29
CA ARG A 78 16.94 -2.34 2.34
C ARG A 78 17.53 -1.00 1.91
N ARG A 79 17.91 -0.91 0.65
CA ARG A 79 18.50 0.32 0.11
C ARG A 79 17.41 1.34 -0.21
N CYS A 80 16.52 1.58 0.75
CA CYS A 80 15.43 2.53 0.57
C CYS A 80 15.41 3.55 1.71
N GLN A 81 14.69 4.65 1.49
CA GLN A 81 14.59 5.70 2.49
C GLN A 81 14.22 5.12 3.85
N THR A 82 12.98 4.63 3.96
CA THR A 82 12.50 4.05 5.21
C THR A 82 13.43 2.94 5.69
N GLY A 83 13.97 2.17 4.75
CA GLY A 83 14.87 1.09 5.11
C GLY A 83 14.14 -0.22 5.33
N GLN A 84 14.86 -1.33 5.21
CA GLN A 84 14.28 -2.65 5.40
C GLN A 84 13.22 -2.63 6.50
N GLY A 85 12.04 -3.17 6.20
CA GLY A 85 10.97 -3.20 7.17
C GLY A 85 9.62 -3.49 6.55
N ILE A 86 8.65 -3.85 7.38
CA ILE A 86 7.31 -4.15 6.89
C ILE A 86 6.32 -3.08 7.30
N PHE A 87 5.49 -2.65 6.35
CA PHE A 87 4.49 -1.63 6.61
C PHE A 87 3.09 -2.11 6.26
N ALA A 88 2.18 -2.08 7.23
CA ALA A 88 0.81 -2.52 7.02
C ALA A 88 -0.17 -1.39 7.28
N PHE A 89 -1.13 -1.22 6.37
CA PHE A 89 -2.14 -0.17 6.50
C PHE A 89 -3.54 -0.74 6.37
N LYS A 90 -4.49 -0.11 7.03
CA LYS A 90 -5.88 -0.55 6.99
C LYS A 90 -6.60 0.00 5.76
N CYS A 91 -6.96 -0.90 4.84
CA CYS A 91 -7.66 -0.51 3.62
C CYS A 91 -8.77 -1.48 3.29
N SER A 92 -9.89 -0.95 2.79
CA SER A 92 -11.03 -1.78 2.44
C SER A 92 -10.93 -2.28 1.00
N ARG A 93 -10.07 -1.63 0.22
CA ARG A 93 -9.87 -2.01 -1.18
C ARG A 93 -8.43 -2.46 -1.41
N ALA A 94 -7.94 -3.34 -0.54
CA ALA A 94 -6.58 -3.85 -0.66
C ALA A 94 -6.42 -4.68 -1.93
N GLU A 95 -7.38 -5.55 -2.20
CA GLU A 95 -7.34 -6.39 -3.38
C GLU A 95 -6.98 -5.58 -4.62
N GLU A 96 -7.48 -4.35 -4.68
CA GLU A 96 -7.21 -3.47 -5.82
C GLU A 96 -5.75 -3.03 -5.82
N ILE A 97 -5.32 -2.43 -4.71
CA ILE A 97 -3.94 -1.96 -4.58
C ILE A 97 -2.95 -3.08 -4.87
N PHE A 98 -3.24 -4.27 -4.36
CA PHE A 98 -2.37 -5.42 -4.55
C PHE A 98 -2.31 -5.81 -6.03
N ASN A 99 -3.46 -6.16 -6.59
CA ASN A 99 -3.54 -6.56 -7.99
C ASN A 99 -2.88 -5.51 -8.89
N LEU A 100 -3.15 -4.24 -8.59
CA LEU A 100 -2.59 -3.14 -9.38
C LEU A 100 -1.06 -3.10 -9.24
N LEU A 101 -0.59 -3.02 -8.00
CA LEU A 101 0.84 -2.98 -7.72
C LEU A 101 1.59 -4.02 -8.54
N GLN A 102 1.20 -5.29 -8.37
CA GLN A 102 1.83 -6.38 -9.09
C GLN A 102 1.56 -6.27 -10.59
N ASP A 103 0.46 -5.60 -10.94
CA ASP A 103 0.09 -5.42 -12.34
C ASP A 103 0.97 -4.37 -13.01
N LEU A 104 1.62 -3.55 -12.20
CA LEU A 104 2.49 -2.49 -12.70
C LEU A 104 3.92 -3.00 -12.86
N MET A 105 4.40 -3.72 -11.85
CA MET A 105 5.75 -4.27 -11.87
C MET A 105 5.87 -5.37 -12.93
N GLN A 106 4.74 -5.99 -13.27
CA GLN A 106 4.73 -7.05 -14.26
C GLN A 106 4.46 -6.49 -15.66
N CYS A 107 3.49 -5.59 -15.74
CA CYS A 107 3.13 -4.98 -17.02
C CYS A 107 3.43 -3.48 -17.01
N ASN A 108 3.85 -2.97 -18.16
CA ASN A 108 4.18 -1.55 -18.29
C ASN A 108 3.05 -0.68 -17.76
N SER A 109 1.82 -1.03 -18.12
CA SER A 109 0.66 -0.27 -17.68
C SER A 109 -0.41 -1.21 -17.09
N ILE A 110 -1.55 -0.64 -16.75
CA ILE A 110 -2.65 -1.42 -16.18
C ILE A 110 -3.32 -2.28 -17.25
N ASN A 111 -2.90 -3.54 -17.35
CA ASN A 111 -3.47 -4.46 -18.32
C ASN A 111 -3.89 -5.77 -17.66
N VAL A 112 -4.99 -6.34 -18.12
CA VAL A 112 -5.50 -7.58 -17.58
C VAL A 112 -4.52 -8.73 -17.82
N MET A 113 -3.68 -9.01 -16.83
CA MET A 113 -2.70 -10.08 -16.94
C MET A 113 -3.10 -11.27 -16.07
N GLU A 114 -2.39 -12.38 -16.24
CA GLU A 114 -2.65 -13.59 -15.47
C GLU A 114 -1.42 -14.04 -14.70
N GLU A 115 -1.28 -13.53 -13.48
CA GLU A 115 -0.14 -13.88 -12.63
C GLU A 115 -0.39 -15.20 -11.91
N PRO A 116 0.66 -16.02 -11.81
CA PRO A 116 0.59 -17.32 -11.14
C PRO A 116 0.43 -17.20 -9.63
N VAL A 117 0.43 -18.32 -8.94
CA VAL A 117 0.28 -18.33 -7.48
C VAL A 117 1.30 -19.28 -6.83
N ILE A 118 1.80 -18.87 -5.67
CA ILE A 118 2.78 -19.67 -4.95
C ILE A 118 2.34 -19.90 -3.51
N ILE A 119 2.66 -21.08 -2.98
CA ILE A 119 2.30 -21.42 -1.60
C ILE A 119 3.36 -20.94 -0.62
N THR A 120 2.94 -20.25 0.43
CA THR A 120 3.85 -19.73 1.43
C THR A 120 3.86 -20.62 2.67
N SER A 121 5.05 -20.87 3.20
CA SER A 121 5.20 -21.71 4.39
C SER A 121 5.59 -20.88 5.60
N GLY A 122 4.60 -20.38 6.33
CA GLY A 122 4.87 -19.57 7.51
C GLY A 122 5.47 -18.23 7.16
N SER A 123 6.56 -17.87 7.84
CA SER A 123 7.23 -16.60 7.59
C SER A 123 8.73 -16.77 7.58
N SER A 124 9.41 -15.94 6.79
CA SER A 124 10.87 -16.01 6.68
C SER A 124 11.54 -15.47 7.95
N GLY A 125 12.09 -16.38 8.75
CA GLY A 125 12.74 -15.98 9.98
C GLY A 125 12.07 -14.79 10.64
N SER A 126 12.85 -14.00 11.37
CA SER A 126 12.33 -12.83 12.05
C SER A 126 13.36 -11.71 12.08
N SER A 127 12.89 -10.47 12.09
CA SER A 127 13.77 -9.31 12.11
C SER A 127 13.05 -8.08 12.67
N GLY A 128 13.78 -7.24 13.39
CA GLY A 128 13.19 -6.05 13.96
C GLY A 128 14.20 -4.92 14.13
N SER A 129 15.26 -5.18 14.89
CA SER A 129 16.29 -4.18 15.12
C SER A 129 16.49 -3.32 13.88
N SER A 130 16.65 -2.01 14.09
CA SER A 130 16.84 -1.08 13.00
C SER A 130 17.24 0.30 13.52
N GLY A 131 17.70 1.16 12.62
CA GLY A 131 18.11 2.50 13.02
C GLY A 131 17.19 3.57 12.46
N SER A 132 17.21 3.74 11.14
CA SER A 132 16.37 4.75 10.50
C SER A 132 15.00 4.80 11.14
N SER A 133 14.30 5.93 10.94
CA SER A 133 12.97 6.11 11.50
C SER A 133 11.93 6.26 10.40
N GLY A 134 10.66 6.08 10.76
CA GLY A 134 9.59 6.20 9.80
C GLY A 134 8.28 5.62 10.30
N LEU A 135 7.71 4.68 9.55
CA LEU A 135 6.45 4.05 9.93
C LEU A 135 6.70 2.85 10.85
N PHE A 136 5.67 2.45 11.58
CA PHE A 136 5.77 1.33 12.49
C PHE A 136 6.20 0.06 11.74
N ARG A 137 7.35 -0.48 12.12
CA ARG A 137 7.87 -1.69 11.49
C ARG A 137 7.33 -2.94 12.18
N LEU A 138 6.91 -3.91 11.37
CA LEU A 138 6.37 -5.15 11.90
C LEU A 138 7.44 -6.23 11.96
N ARG A 139 7.60 -6.85 13.13
CA ARG A 139 8.58 -7.91 13.32
C ARG A 139 8.37 -9.03 12.31
N HIS A 140 7.12 -9.37 12.06
CA HIS A 140 6.78 -10.43 11.12
C HIS A 140 5.75 -9.96 10.11
N PHE A 141 5.46 -10.80 9.13
CA PHE A 141 4.48 -10.47 8.09
C PHE A 141 3.09 -10.93 8.49
N PRO A 142 2.16 -9.97 8.64
CA PRO A 142 0.77 -10.25 9.03
C PRO A 142 0.00 -10.95 7.92
N CYS A 143 0.08 -10.41 6.70
CA CYS A 143 -0.61 -10.98 5.57
C CYS A 143 -0.12 -12.40 5.29
N GLY A 144 -0.88 -13.13 4.47
CA GLY A 144 -0.51 -14.49 4.13
C GLY A 144 -0.10 -14.64 2.69
N ASN A 145 -0.97 -14.25 1.78
CA ASN A 145 -0.68 -14.35 0.35
C ASN A 145 0.44 -13.40 -0.05
N VAL A 146 1.67 -13.92 -0.08
CA VAL A 146 2.83 -13.12 -0.44
C VAL A 146 3.26 -13.40 -1.87
N ASN A 147 3.50 -12.34 -2.63
CA ASN A 147 3.92 -12.46 -4.02
C ASN A 147 5.39 -12.09 -4.19
N TYR A 148 5.89 -12.19 -5.41
CA TYR A 148 7.28 -11.86 -5.71
C TYR A 148 7.39 -11.08 -7.01
N GLY A 149 7.96 -9.88 -6.91
CA GLY A 149 8.13 -9.04 -8.09
C GLY A 149 9.46 -9.23 -8.76
N TYR A 150 10.39 -8.31 -8.50
CA TYR A 150 11.72 -8.39 -9.09
C TYR A 150 12.55 -9.49 -8.43
N GLN A 151 13.78 -9.67 -8.92
CA GLN A 151 14.67 -10.69 -8.38
C GLN A 151 16.10 -10.47 -8.87
N GLN A 152 17.03 -11.25 -8.33
CA GLN A 152 18.42 -11.15 -8.71
C GLN A 152 18.67 -11.85 -10.05
N GLN A 153 18.60 -11.08 -11.13
CA GLN A 153 18.82 -11.63 -12.47
C GLN A 153 20.30 -11.84 -12.72
N GLY A 1 -17.65 -13.62 -17.27
CA GLY A 1 -18.45 -12.60 -17.90
C GLY A 1 -17.62 -11.43 -18.40
N SER A 2 -18.28 -10.35 -18.77
CA SER A 2 -17.59 -9.16 -19.27
C SER A 2 -18.29 -7.88 -18.80
N SER A 3 -17.51 -6.94 -18.29
CA SER A 3 -18.05 -5.68 -17.80
C SER A 3 -17.15 -4.52 -18.20
N GLY A 4 -17.72 -3.32 -18.23
CA GLY A 4 -16.96 -2.13 -18.60
C GLY A 4 -17.81 -0.88 -18.60
N SER A 5 -17.50 0.04 -17.67
CA SER A 5 -18.24 1.28 -17.56
C SER A 5 -17.40 2.36 -16.88
N SER A 6 -17.33 3.53 -17.50
CA SER A 6 -16.55 4.64 -16.95
C SER A 6 -16.76 4.76 -15.44
N GLY A 7 -18.03 4.76 -15.03
CA GLY A 7 -18.35 4.88 -13.62
C GLY A 7 -17.96 6.22 -13.04
N LEU A 8 -18.56 7.28 -13.57
CA LEU A 8 -18.26 8.63 -13.10
C LEU A 8 -19.34 9.12 -12.14
N ASN A 9 -18.92 9.83 -11.10
CA ASN A 9 -19.86 10.36 -10.11
C ASN A 9 -19.33 11.65 -9.49
N ARG A 10 -20.24 12.53 -9.11
CA ARG A 10 -19.87 13.81 -8.51
C ARG A 10 -19.53 13.63 -7.03
N ASP A 11 -18.25 13.70 -6.72
CA ASP A 11 -17.79 13.55 -5.34
C ASP A 11 -16.33 13.96 -5.19
N SER A 12 -15.94 14.35 -3.98
CA SER A 12 -14.57 14.77 -3.72
C SER A 12 -13.57 13.76 -4.28
N VAL A 13 -13.90 12.48 -4.15
CA VAL A 13 -13.04 11.42 -4.64
C VAL A 13 -13.80 10.10 -4.76
N PRO A 14 -13.64 9.42 -5.90
CA PRO A 14 -14.30 8.15 -6.17
C PRO A 14 -13.74 7.01 -5.30
N ASP A 15 -14.64 6.27 -4.66
CA ASP A 15 -14.25 5.15 -3.81
C ASP A 15 -13.73 3.99 -4.64
N ASN A 16 -13.81 4.13 -5.97
CA ASN A 16 -13.36 3.08 -6.87
C ASN A 16 -12.04 3.48 -7.54
N HIS A 17 -11.55 4.65 -7.20
CA HIS A 17 -10.30 5.15 -7.77
C HIS A 17 -9.31 4.01 -8.00
N PRO A 18 -8.77 3.93 -9.22
CA PRO A 18 -7.81 2.88 -9.60
C PRO A 18 -6.46 3.06 -8.91
N THR A 19 -5.96 4.28 -8.91
CA THR A 19 -4.68 4.58 -8.28
C THR A 19 -4.87 5.07 -6.86
N LYS A 20 -5.60 6.16 -6.70
CA LYS A 20 -5.85 6.73 -5.38
C LYS A 20 -6.50 5.70 -4.47
N PHE A 21 -6.07 5.68 -3.20
CA PHE A 21 -6.60 4.75 -2.22
C PHE A 21 -6.46 5.30 -0.81
N LYS A 22 -7.53 5.20 -0.04
CA LYS A 22 -7.52 5.68 1.34
C LYS A 22 -7.07 4.60 2.31
N VAL A 23 -5.79 4.60 2.66
CA VAL A 23 -5.24 3.61 3.57
C VAL A 23 -5.05 4.21 4.97
N THR A 24 -4.72 3.35 5.93
CA THR A 24 -4.51 3.78 7.31
C THR A 24 -3.44 2.94 7.98
N ASN A 25 -2.29 3.56 8.24
CA ASN A 25 -1.18 2.87 8.89
C ASN A 25 -1.56 2.43 10.30
N VAL A 26 -1.18 1.21 10.67
CA VAL A 26 -1.48 0.68 11.99
C VAL A 26 -0.25 0.04 12.62
N ASP A 27 -0.37 -0.33 13.89
CA ASP A 27 0.74 -0.95 14.60
C ASP A 27 0.67 -2.48 14.50
N ASP A 28 1.57 -3.16 15.20
CA ASP A 28 1.61 -4.61 15.19
C ASP A 28 0.25 -5.19 15.57
N GLU A 29 -0.43 -4.54 16.50
CA GLU A 29 -1.75 -5.00 16.95
C GLU A 29 -2.80 -4.74 15.88
N GLY A 30 -2.70 -3.59 15.22
CA GLY A 30 -3.66 -3.25 14.18
C GLY A 30 -4.45 -2.00 14.52
N VAL A 31 -3.93 -1.20 15.45
CA VAL A 31 -4.61 0.03 15.86
C VAL A 31 -4.34 1.16 14.88
N GLU A 32 -5.39 1.93 14.57
CA GLU A 32 -5.27 3.04 13.64
C GLU A 32 -4.36 4.13 14.22
N LEU A 33 -3.28 4.43 13.52
CA LEU A 33 -2.33 5.45 13.96
C LEU A 33 -2.52 6.74 13.17
N GLY A 34 -2.39 6.64 11.85
CA GLY A 34 -2.55 7.81 11.01
C GLY A 34 -3.03 7.46 9.61
N SER A 35 -4.01 8.21 9.12
CA SER A 35 -4.56 7.96 7.79
C SER A 35 -3.81 8.76 6.72
N GLY A 36 -3.73 8.20 5.53
CA GLY A 36 -3.03 8.87 4.44
C GLY A 36 -3.51 8.42 3.07
N VAL A 37 -3.06 9.11 2.03
CA VAL A 37 -3.44 8.78 0.67
C VAL A 37 -2.36 7.95 -0.03
N MET A 38 -2.72 6.74 -0.43
CA MET A 38 -1.78 5.86 -1.12
C MET A 38 -1.87 6.02 -2.63
N GLU A 39 -0.73 6.16 -3.28
CA GLU A 39 -0.68 6.31 -4.73
C GLU A 39 0.27 5.31 -5.37
N LEU A 40 -0.18 4.67 -6.44
CA LEU A 40 0.64 3.68 -7.13
C LEU A 40 0.82 4.06 -8.60
N THR A 41 2.01 4.52 -8.94
CA THR A 41 2.32 4.93 -10.31
C THR A 41 3.24 3.91 -10.99
N GLN A 42 3.05 3.73 -12.30
CA GLN A 42 3.86 2.79 -13.06
C GLN A 42 5.32 2.87 -12.63
N SER A 43 5.76 4.06 -12.25
CA SER A 43 7.14 4.27 -11.83
C SER A 43 7.42 3.53 -10.53
N GLU A 44 6.91 4.05 -9.41
CA GLU A 44 7.11 3.43 -8.12
C GLU A 44 5.93 3.73 -7.19
N LEU A 45 6.02 3.23 -5.96
CA LEU A 45 4.96 3.43 -4.97
C LEU A 45 5.14 4.76 -4.25
N VAL A 46 4.06 5.51 -4.11
CA VAL A 46 4.09 6.80 -3.42
C VAL A 46 3.01 6.89 -2.36
N LEU A 47 3.38 7.40 -1.20
CA LEU A 47 2.44 7.56 -0.09
C LEU A 47 2.38 8.99 0.39
N HIS A 48 1.19 9.60 0.33
CA HIS A 48 1.01 10.97 0.75
C HIS A 48 0.42 11.03 2.17
N LEU A 49 1.05 11.81 3.02
CA LEU A 49 0.60 11.96 4.41
C LEU A 49 0.47 13.42 4.79
N HIS A 50 0.15 13.68 6.06
CA HIS A 50 0.01 15.04 6.55
C HIS A 50 1.00 15.32 7.69
N ARG A 51 1.06 14.40 8.65
CA ARG A 51 1.97 14.55 9.78
C ARG A 51 3.42 14.62 9.31
N ARG A 52 3.86 13.59 8.59
CA ARG A 52 5.23 13.55 8.09
C ARG A 52 5.25 13.74 6.57
N GLU A 53 6.46 13.83 6.01
CA GLU A 53 6.61 14.02 4.57
C GLU A 53 6.14 12.78 3.81
N ALA A 54 6.14 12.88 2.49
CA ALA A 54 5.71 11.77 1.64
C ALA A 54 6.84 10.76 1.46
N VAL A 55 6.47 9.48 1.38
CA VAL A 55 7.44 8.42 1.22
C VAL A 55 7.17 7.61 -0.05
N ARG A 56 8.22 7.24 -0.75
CA ARG A 56 8.09 6.47 -1.98
C ARG A 56 8.91 5.18 -1.91
N TRP A 57 8.36 4.11 -2.46
CA TRP A 57 9.03 2.82 -2.45
C TRP A 57 8.95 2.15 -3.82
N PRO A 58 10.12 1.85 -4.41
CA PRO A 58 10.22 1.22 -5.72
C PRO A 58 9.75 -0.24 -5.69
N TYR A 59 9.07 -0.65 -6.75
CA TYR A 59 8.57 -2.02 -6.86
C TYR A 59 9.70 -3.00 -7.09
N LEU A 60 10.76 -2.53 -7.74
CA LEU A 60 11.92 -3.37 -8.03
C LEU A 60 12.62 -3.78 -6.75
N CYS A 61 12.30 -3.10 -5.65
CA CYS A 61 12.91 -3.39 -4.35
C CYS A 61 11.90 -4.11 -3.44
N LEU A 62 10.68 -4.27 -3.92
CA LEU A 62 9.64 -4.93 -3.15
C LEU A 62 9.78 -6.45 -3.23
N ARG A 63 10.77 -6.97 -2.49
CA ARG A 63 11.01 -8.40 -2.48
C ARG A 63 9.71 -9.19 -2.57
N ARG A 64 8.80 -8.91 -1.64
CA ARG A 64 7.50 -9.58 -1.63
C ARG A 64 6.41 -8.65 -1.11
N TYR A 65 5.17 -9.12 -1.15
CA TYR A 65 4.03 -8.33 -0.69
C TYR A 65 2.78 -9.19 -0.61
N GLY A 66 1.88 -8.83 0.31
CA GLY A 66 0.65 -9.57 0.48
C GLY A 66 -0.53 -8.67 0.78
N TYR A 67 -1.72 -9.25 0.80
CA TYR A 67 -2.94 -8.50 1.07
C TYR A 67 -4.04 -9.41 1.61
N ASP A 68 -4.63 -9.02 2.74
CA ASP A 68 -5.70 -9.80 3.36
C ASP A 68 -7.04 -9.09 3.20
N SER A 69 -8.08 -9.67 3.79
CA SER A 69 -9.42 -9.10 3.71
C SER A 69 -9.37 -7.58 3.74
N ASN A 70 -9.08 -7.02 4.92
CA ASN A 70 -9.00 -5.58 5.08
C ASN A 70 -7.63 -5.17 5.63
N LEU A 71 -6.58 -5.69 4.99
CA LEU A 71 -5.22 -5.38 5.41
C LEU A 71 -4.26 -5.44 4.23
N PHE A 72 -3.33 -4.49 4.17
CA PHE A 72 -2.35 -4.43 3.09
C PHE A 72 -0.95 -4.21 3.64
N SER A 73 -0.15 -5.27 3.67
CA SER A 73 1.22 -5.19 4.18
C SER A 73 2.22 -5.57 3.10
N PHE A 74 3.33 -4.84 3.03
CA PHE A 74 4.36 -5.10 2.04
C PHE A 74 5.75 -4.84 2.62
N GLU A 75 6.76 -5.53 2.09
CA GLU A 75 8.12 -5.36 2.56
C GLU A 75 8.95 -4.59 1.54
N SER A 76 9.51 -3.47 1.98
CA SER A 76 10.34 -2.63 1.11
C SER A 76 11.80 -3.02 1.20
N GLY A 77 12.53 -2.83 0.10
CA GLY A 77 13.94 -3.18 0.08
C GLY A 77 14.72 -2.49 1.19
N ARG A 78 16.05 -2.54 1.09
CA ARG A 78 16.90 -1.93 2.10
C ARG A 78 17.46 -0.60 1.61
N ARG A 79 17.66 -0.50 0.29
CA ARG A 79 18.19 0.72 -0.31
C ARG A 79 17.07 1.73 -0.56
N CYS A 80 16.33 2.07 0.49
CA CYS A 80 15.23 3.01 0.37
C CYS A 80 15.30 4.05 1.48
N GLN A 81 14.79 5.26 1.20
CA GLN A 81 14.80 6.34 2.16
C GLN A 81 14.56 5.81 3.57
N THR A 82 13.35 5.31 3.83
CA THR A 82 13.00 4.78 5.13
C THR A 82 13.94 3.65 5.53
N GLY A 83 14.12 2.69 4.62
CA GLY A 83 15.00 1.57 4.90
C GLY A 83 14.23 0.27 5.09
N GLN A 84 14.95 -0.84 5.03
CA GLN A 84 14.33 -2.16 5.19
C GLN A 84 13.32 -2.14 6.34
N GLY A 85 12.13 -2.67 6.08
CA GLY A 85 11.09 -2.71 7.09
C GLY A 85 9.77 -3.19 6.55
N ILE A 86 8.82 -3.45 7.44
CA ILE A 86 7.50 -3.92 7.05
C ILE A 86 6.41 -2.93 7.49
N PHE A 87 5.65 -2.44 6.52
CA PHE A 87 4.57 -1.49 6.79
C PHE A 87 3.23 -2.05 6.35
N ALA A 88 2.24 -1.98 7.24
CA ALA A 88 0.90 -2.48 6.94
C ALA A 88 -0.13 -1.37 7.08
N PHE A 89 -1.22 -1.48 6.32
CA PHE A 89 -2.29 -0.49 6.37
C PHE A 89 -3.66 -1.15 6.29
N LYS A 90 -4.64 -0.56 6.95
CA LYS A 90 -5.99 -1.09 6.96
C LYS A 90 -6.85 -0.42 5.90
N CYS A 91 -7.63 -1.22 5.18
CA CYS A 91 -8.50 -0.68 4.14
C CYS A 91 -9.48 -1.76 3.65
N SER A 92 -10.41 -1.36 2.78
CA SER A 92 -11.40 -2.28 2.24
C SER A 92 -11.13 -2.58 0.78
N ARG A 93 -10.35 -1.71 0.14
CA ARG A 93 -10.02 -1.87 -1.28
C ARG A 93 -8.56 -2.31 -1.44
N ALA A 94 -8.05 -3.02 -0.45
CA ALA A 94 -6.67 -3.49 -0.47
C ALA A 94 -6.42 -4.37 -1.70
N GLU A 95 -7.39 -5.22 -2.03
CA GLU A 95 -7.28 -6.11 -3.17
C GLU A 95 -6.87 -5.33 -4.42
N GLU A 96 -7.46 -4.16 -4.61
CA GLU A 96 -7.18 -3.32 -5.76
C GLU A 96 -5.71 -2.87 -5.75
N ILE A 97 -5.24 -2.44 -4.59
CA ILE A 97 -3.85 -2.00 -4.45
C ILE A 97 -2.87 -3.12 -4.75
N PHE A 98 -3.11 -4.28 -4.15
CA PHE A 98 -2.24 -5.44 -4.35
C PHE A 98 -2.26 -5.87 -5.81
N ASN A 99 -3.45 -6.06 -6.37
CA ASN A 99 -3.59 -6.48 -7.75
C ASN A 99 -2.94 -5.48 -8.69
N LEU A 100 -3.06 -4.19 -8.36
CA LEU A 100 -2.49 -3.14 -9.18
C LEU A 100 -0.96 -3.15 -9.09
N LEU A 101 -0.43 -3.03 -7.88
CA LEU A 101 1.01 -3.03 -7.66
C LEU A 101 1.67 -4.11 -8.51
N GLN A 102 1.15 -5.33 -8.42
CA GLN A 102 1.70 -6.46 -9.18
C GLN A 102 1.44 -6.28 -10.67
N ASP A 103 0.40 -5.50 -11.00
CA ASP A 103 0.06 -5.26 -12.39
C ASP A 103 0.97 -4.20 -13.02
N LEU A 104 1.40 -3.26 -12.19
CA LEU A 104 2.29 -2.19 -12.67
C LEU A 104 3.65 -2.74 -13.04
N MET A 105 4.18 -3.64 -12.22
CA MET A 105 5.48 -4.25 -12.47
C MET A 105 5.46 -5.06 -13.77
N GLN A 106 4.49 -5.98 -13.86
CA GLN A 106 4.36 -6.81 -15.05
C GLN A 106 3.98 -5.99 -16.28
N CYS A 107 3.12 -5.00 -16.06
CA CYS A 107 2.68 -4.13 -17.15
C CYS A 107 2.26 -4.95 -18.37
N ASN A 108 1.46 -5.98 -18.12
CA ASN A 108 0.98 -6.85 -19.19
C ASN A 108 -0.52 -6.68 -19.41
N SER A 109 -1.02 -7.21 -20.51
CA SER A 109 -2.44 -7.11 -20.83
C SER A 109 -3.24 -8.21 -20.13
N ILE A 110 -4.01 -7.82 -19.11
CA ILE A 110 -4.82 -8.76 -18.37
C ILE A 110 -6.19 -8.18 -18.03
N ASN A 111 -7.22 -9.01 -18.15
CA ASN A 111 -8.59 -8.57 -17.86
C ASN A 111 -9.11 -9.25 -16.61
N VAL A 112 -9.64 -8.44 -15.68
CA VAL A 112 -10.18 -8.98 -14.43
C VAL A 112 -11.40 -8.17 -13.99
N MET A 113 -12.39 -8.88 -13.46
CA MET A 113 -13.61 -8.23 -12.99
C MET A 113 -13.52 -7.89 -11.51
N GLU A 114 -14.00 -6.71 -11.15
CA GLU A 114 -13.96 -6.26 -9.76
C GLU A 114 -15.06 -6.93 -8.95
N GLU A 115 -14.72 -7.38 -7.75
CA GLU A 115 -15.68 -8.04 -6.88
C GLU A 115 -16.11 -7.12 -5.74
N PRO A 116 -17.32 -7.35 -5.21
CA PRO A 116 -17.87 -6.55 -4.12
C PRO A 116 -17.15 -6.78 -2.80
N VAL A 117 -17.29 -5.84 -1.87
CA VAL A 117 -16.64 -5.94 -0.57
C VAL A 117 -17.67 -5.95 0.55
N ILE A 118 -17.46 -6.81 1.54
CA ILE A 118 -18.37 -6.91 2.68
C ILE A 118 -17.65 -6.65 3.99
N ILE A 119 -18.29 -5.88 4.88
CA ILE A 119 -17.70 -5.56 6.17
C ILE A 119 -17.74 -6.76 7.10
N THR A 120 -16.63 -6.99 7.79
CA THR A 120 -16.53 -8.10 8.73
C THR A 120 -16.11 -7.63 10.12
N SER A 121 -16.85 -8.08 11.13
CA SER A 121 -16.56 -7.69 12.50
C SER A 121 -15.34 -8.44 13.03
N GLY A 122 -14.86 -8.02 14.21
CA GLY A 122 -13.70 -8.66 14.79
C GLY A 122 -13.57 -8.39 16.28
N SER A 123 -12.64 -9.07 16.93
CA SER A 123 -12.44 -8.90 18.37
C SER A 123 -11.75 -7.57 18.66
N SER A 124 -12.08 -6.98 19.80
CA SER A 124 -11.48 -5.71 20.20
C SER A 124 -10.53 -5.88 21.38
N GLY A 125 -9.26 -5.54 21.16
CA GLY A 125 -8.27 -5.67 22.21
C GLY A 125 -6.97 -5.00 21.86
N SER A 126 -6.63 -3.95 22.61
CA SER A 126 -5.39 -3.21 22.38
C SER A 126 -4.38 -3.47 23.48
N SER A 127 -3.41 -4.34 23.19
CA SER A 127 -2.38 -4.67 24.16
C SER A 127 -1.65 -3.42 24.66
N GLY A 128 -1.13 -2.64 23.71
CA GLY A 128 -0.43 -1.42 24.05
C GLY A 128 0.37 -0.86 22.90
N SER A 129 0.50 0.46 22.86
CA SER A 129 1.23 1.12 21.78
C SER A 129 2.53 1.74 22.31
N SER A 130 3.34 2.26 21.41
CA SER A 130 4.60 2.89 21.79
C SER A 130 4.80 4.21 21.05
N GLY A 131 5.26 5.23 21.78
CA GLY A 131 5.48 6.53 21.18
C GLY A 131 5.96 6.43 19.74
N SER A 132 5.04 6.60 18.81
CA SER A 132 5.37 6.52 17.38
C SER A 132 5.14 7.87 16.70
N SER A 133 6.10 8.27 15.88
CA SER A 133 6.00 9.54 15.16
C SER A 133 5.38 9.35 13.79
N GLY A 134 5.76 8.26 13.12
CA GLY A 134 5.22 7.98 11.80
C GLY A 134 4.96 6.50 11.59
N LEU A 135 5.05 6.05 10.34
CA LEU A 135 4.82 4.65 10.01
C LEU A 135 5.43 3.74 11.06
N PHE A 136 4.78 2.59 11.28
CA PHE A 136 5.26 1.62 12.26
C PHE A 136 5.80 0.38 11.57
N ARG A 137 7.06 0.04 11.89
CA ARG A 137 7.69 -1.14 11.29
C ARG A 137 7.27 -2.41 12.03
N LEU A 138 6.94 -3.45 11.26
CA LEU A 138 6.52 -4.72 11.83
C LEU A 138 7.66 -5.74 11.78
N ARG A 139 7.70 -6.62 12.77
CA ARG A 139 8.73 -7.65 12.84
C ARG A 139 8.30 -8.91 12.08
N HIS A 140 6.99 -9.11 11.97
CA HIS A 140 6.46 -10.27 11.28
C HIS A 140 5.40 -9.85 10.27
N PHE A 141 5.35 -10.55 9.14
CA PHE A 141 4.38 -10.25 8.09
C PHE A 141 2.97 -10.64 8.53
N PRO A 142 2.08 -9.64 8.63
CA PRO A 142 0.69 -9.85 9.05
C PRO A 142 -0.12 -10.57 7.98
N CYS A 143 0.12 -10.22 6.72
CA CYS A 143 -0.59 -10.83 5.60
C CYS A 143 -0.18 -12.30 5.44
N GLY A 144 -0.99 -13.06 4.70
CA GLY A 144 -0.69 -14.46 4.48
C GLY A 144 -0.73 -14.83 3.01
N ASN A 145 -0.74 -13.83 2.14
CA ASN A 145 -0.78 -14.06 0.70
C ASN A 145 0.47 -13.50 0.04
N VAL A 146 1.58 -13.53 0.76
CA VAL A 146 2.85 -13.04 0.24
C VAL A 146 3.00 -13.37 -1.25
N ASN A 147 3.48 -12.40 -2.02
CA ASN A 147 3.68 -12.59 -3.45
C ASN A 147 5.10 -12.25 -3.86
N TYR A 148 5.48 -12.64 -5.07
CA TYR A 148 6.82 -12.38 -5.58
C TYR A 148 6.76 -11.54 -6.87
N GLY A 149 7.44 -10.41 -6.84
CA GLY A 149 7.46 -9.54 -8.00
C GLY A 149 8.44 -10.00 -9.06
N TYR A 150 9.38 -9.13 -9.42
CA TYR A 150 10.38 -9.45 -10.43
C TYR A 150 11.16 -10.71 -10.04
N GLN A 151 11.27 -11.64 -10.98
CA GLN A 151 11.99 -12.88 -10.75
C GLN A 151 12.62 -13.40 -12.03
N GLN A 152 13.56 -14.33 -11.88
CA GLN A 152 14.25 -14.91 -13.04
C GLN A 152 13.55 -16.19 -13.50
N GLN A 153 12.52 -16.05 -14.31
CA GLN A 153 11.77 -17.19 -14.83
C GLN A 153 12.71 -18.33 -15.17
N GLY A 1 -14.11 14.60 14.51
CA GLY A 1 -15.13 13.59 14.32
C GLY A 1 -16.44 14.18 13.84
N SER A 2 -17.43 14.21 14.72
CA SER A 2 -18.74 14.75 14.37
C SER A 2 -19.29 14.08 13.11
N SER A 3 -19.11 12.77 13.02
CA SER A 3 -19.57 12.00 11.87
C SER A 3 -21.10 11.86 11.89
N GLY A 4 -21.68 11.62 10.72
CA GLY A 4 -23.12 11.47 10.63
C GLY A 4 -23.62 11.59 9.20
N SER A 5 -24.56 10.73 8.83
CA SER A 5 -25.12 10.75 7.48
C SER A 5 -25.68 12.12 7.13
N SER A 6 -26.64 12.57 7.93
CA SER A 6 -27.27 13.88 7.72
C SER A 6 -26.22 14.95 7.50
N GLY A 7 -26.00 15.33 6.25
CA GLY A 7 -25.01 16.35 5.93
C GLY A 7 -24.61 16.34 4.47
N LEU A 8 -23.70 17.23 4.11
CA LEU A 8 -23.22 17.32 2.73
C LEU A 8 -21.70 17.28 2.68
N ASN A 9 -21.17 16.83 1.55
CA ASN A 9 -19.72 16.74 1.36
C ASN A 9 -19.34 17.03 -0.09
N ARG A 10 -18.45 17.99 -0.28
CA ARG A 10 -18.00 18.37 -1.61
C ARG A 10 -16.52 18.02 -1.81
N ASP A 11 -16.27 16.87 -2.44
CA ASP A 11 -14.91 16.43 -2.69
C ASP A 11 -14.76 15.87 -4.10
N SER A 12 -13.68 16.22 -4.78
CA SER A 12 -13.42 15.76 -6.13
C SER A 12 -12.96 14.30 -6.12
N VAL A 13 -12.30 13.91 -5.04
CA VAL A 13 -11.80 12.54 -4.91
C VAL A 13 -12.93 11.53 -5.03
N PRO A 14 -12.77 10.58 -5.97
CA PRO A 14 -13.77 9.54 -6.21
C PRO A 14 -13.84 8.53 -5.07
N ASP A 15 -14.99 7.91 -4.89
CA ASP A 15 -15.19 6.92 -3.84
C ASP A 15 -14.45 5.63 -4.16
N ASN A 16 -14.22 5.39 -5.45
CA ASN A 16 -13.54 4.19 -5.90
C ASN A 16 -12.26 4.54 -6.66
N HIS A 17 -11.54 5.55 -6.16
CA HIS A 17 -10.30 5.98 -6.79
C HIS A 17 -9.45 4.78 -7.19
N PRO A 18 -9.15 4.68 -8.50
CA PRO A 18 -8.34 3.59 -9.05
C PRO A 18 -6.88 3.68 -8.63
N THR A 19 -6.30 4.85 -8.84
CA THR A 19 -4.90 5.08 -8.48
C THR A 19 -4.73 5.24 -6.98
N LYS A 20 -5.25 6.33 -6.44
CA LYS A 20 -5.16 6.61 -5.01
C LYS A 20 -6.07 5.67 -4.22
N PHE A 21 -5.80 5.54 -2.92
CA PHE A 21 -6.59 4.67 -2.06
C PHE A 21 -6.51 5.14 -0.61
N LYS A 22 -7.67 5.26 0.02
CA LYS A 22 -7.74 5.69 1.42
C LYS A 22 -7.27 4.59 2.36
N VAL A 23 -6.05 4.74 2.87
CA VAL A 23 -5.48 3.75 3.79
C VAL A 23 -5.26 4.35 5.17
N THR A 24 -5.04 3.49 6.15
CA THR A 24 -4.82 3.93 7.52
C THR A 24 -3.65 3.18 8.16
N ASN A 25 -2.55 3.88 8.39
CA ASN A 25 -1.37 3.27 9.00
C ASN A 25 -1.65 2.86 10.44
N VAL A 26 -1.21 1.67 10.82
CA VAL A 26 -1.41 1.16 12.17
C VAL A 26 -0.16 0.48 12.69
N ASP A 27 -0.23 -0.04 13.91
CA ASP A 27 0.91 -0.72 14.52
C ASP A 27 0.64 -2.22 14.63
N ASP A 28 1.57 -2.93 15.27
CA ASP A 28 1.44 -4.37 15.44
C ASP A 28 0.04 -4.74 15.91
N GLU A 29 -0.45 -4.02 16.92
CA GLU A 29 -1.78 -4.28 17.47
C GLU A 29 -2.86 -3.91 16.46
N GLY A 30 -2.73 -2.73 15.86
CA GLY A 30 -3.71 -2.28 14.87
C GLY A 30 -4.33 -0.95 15.25
N VAL A 31 -3.65 -0.20 16.09
CA VAL A 31 -4.14 1.11 16.53
C VAL A 31 -3.93 2.16 15.45
N GLU A 32 -4.99 2.88 15.10
CA GLU A 32 -4.92 3.91 14.09
C GLU A 32 -3.93 5.00 14.49
N LEU A 33 -2.83 5.11 13.74
CA LEU A 33 -1.80 6.11 14.02
C LEU A 33 -1.97 7.33 13.12
N GLY A 34 -1.80 7.13 11.82
CA GLY A 34 -1.94 8.22 10.88
C GLY A 34 -2.51 7.77 9.54
N SER A 35 -3.67 8.31 9.20
CA SER A 35 -4.33 7.96 7.94
C SER A 35 -3.79 8.80 6.78
N GLY A 36 -3.63 8.16 5.63
CA GLY A 36 -3.12 8.85 4.46
C GLY A 36 -3.59 8.23 3.15
N VAL A 37 -3.31 8.91 2.05
CA VAL A 37 -3.72 8.42 0.74
C VAL A 37 -2.56 7.75 0.01
N MET A 38 -2.72 6.48 -0.31
CA MET A 38 -1.69 5.72 -1.01
C MET A 38 -1.82 5.88 -2.52
N GLU A 39 -0.78 6.43 -3.14
CA GLU A 39 -0.78 6.63 -4.59
C GLU A 39 0.21 5.68 -5.27
N LEU A 40 -0.27 5.01 -6.32
CA LEU A 40 0.57 4.07 -7.06
C LEU A 40 0.85 4.60 -8.47
N THR A 41 2.11 4.96 -8.71
CA THR A 41 2.52 5.47 -10.01
C THR A 41 3.38 4.47 -10.76
N GLN A 42 3.16 4.35 -12.06
CA GLN A 42 3.92 3.42 -12.89
C GLN A 42 5.37 3.35 -12.43
N SER A 43 5.94 4.51 -12.12
CA SER A 43 7.33 4.59 -11.67
C SER A 43 7.54 3.75 -10.41
N GLU A 44 7.08 4.27 -9.28
CA GLU A 44 7.20 3.57 -8.01
C GLU A 44 6.00 3.83 -7.11
N LEU A 45 6.02 3.23 -5.92
CA LEU A 45 4.92 3.41 -4.97
C LEU A 45 5.08 4.70 -4.18
N VAL A 46 4.01 5.48 -4.12
CA VAL A 46 4.04 6.75 -3.39
C VAL A 46 2.93 6.80 -2.34
N LEU A 47 3.25 7.38 -1.19
CA LEU A 47 2.29 7.49 -0.10
C LEU A 47 2.15 8.94 0.37
N HIS A 48 0.92 9.44 0.37
CA HIS A 48 0.66 10.82 0.79
C HIS A 48 0.39 10.88 2.29
N LEU A 49 1.19 11.67 3.00
CA LEU A 49 1.04 11.83 4.44
C LEU A 49 1.00 13.29 4.83
N HIS A 50 0.17 13.62 5.81
CA HIS A 50 0.03 14.99 6.28
C HIS A 50 1.04 15.27 7.41
N ARG A 51 0.98 14.46 8.47
CA ARG A 51 1.87 14.64 9.60
C ARG A 51 3.33 14.51 9.17
N ARG A 52 3.66 13.40 8.54
CA ARG A 52 5.02 13.15 8.07
C ARG A 52 5.14 13.39 6.57
N GLU A 53 6.32 13.77 6.13
CA GLU A 53 6.57 14.03 4.71
C GLU A 53 6.16 12.84 3.86
N ALA A 54 6.15 13.03 2.54
CA ALA A 54 5.77 11.96 1.61
C ALA A 54 6.90 10.94 1.49
N VAL A 55 6.52 9.70 1.18
CA VAL A 55 7.49 8.62 1.03
C VAL A 55 7.34 7.93 -0.32
N ARG A 56 8.42 7.32 -0.80
CA ARG A 56 8.40 6.61 -2.08
C ARG A 56 9.14 5.28 -1.98
N TRP A 57 8.48 4.21 -2.41
CA TRP A 57 9.08 2.89 -2.37
C TRP A 57 9.05 2.23 -3.75
N PRO A 58 10.23 1.88 -4.26
CA PRO A 58 10.36 1.23 -5.58
C PRO A 58 9.82 -0.18 -5.58
N TYR A 59 9.19 -0.57 -6.69
CA TYR A 59 8.62 -1.90 -6.82
C TYR A 59 9.71 -2.95 -7.07
N LEU A 60 10.70 -2.57 -7.88
CA LEU A 60 11.81 -3.46 -8.20
C LEU A 60 12.47 -3.99 -6.93
N CYS A 61 12.55 -3.13 -5.91
CA CYS A 61 13.16 -3.51 -4.64
C CYS A 61 12.23 -4.42 -3.85
N LEU A 62 10.93 -4.13 -3.90
CA LEU A 62 9.95 -4.94 -3.19
C LEU A 62 10.19 -6.42 -3.40
N ARG A 63 10.74 -7.08 -2.38
CA ARG A 63 11.03 -8.51 -2.44
C ARG A 63 9.73 -9.31 -2.49
N ARG A 64 8.83 -9.03 -1.54
CA ARG A 64 7.55 -9.74 -1.47
C ARG A 64 6.44 -8.80 -1.04
N TYR A 65 5.20 -9.24 -1.21
CA TYR A 65 4.04 -8.43 -0.84
C TYR A 65 2.75 -9.24 -0.97
N GLY A 66 1.90 -9.14 0.05
CA GLY A 66 0.64 -9.87 0.03
C GLY A 66 -0.55 -8.97 0.29
N TYR A 67 -1.67 -9.57 0.66
CA TYR A 67 -2.89 -8.82 0.94
C TYR A 67 -3.98 -9.71 1.50
N ASP A 68 -4.46 -9.37 2.69
CA ASP A 68 -5.51 -10.15 3.35
C ASP A 68 -6.89 -9.63 2.98
N SER A 69 -7.92 -10.22 3.57
CA SER A 69 -9.30 -9.82 3.30
C SER A 69 -9.46 -8.31 3.42
N ASN A 70 -9.01 -7.77 4.55
CA ASN A 70 -9.10 -6.33 4.80
C ASN A 70 -7.78 -5.79 5.35
N LEU A 71 -6.69 -6.15 4.70
CA LEU A 71 -5.37 -5.70 5.13
C LEU A 71 -4.39 -5.71 3.96
N PHE A 72 -3.48 -4.75 3.95
CA PHE A 72 -2.48 -4.64 2.88
C PHE A 72 -1.13 -4.24 3.45
N SER A 73 -0.15 -5.14 3.30
CA SER A 73 1.20 -4.88 3.81
C SER A 73 2.24 -5.27 2.78
N PHE A 74 3.44 -4.71 2.90
CA PHE A 74 4.53 -5.00 1.98
C PHE A 74 5.88 -4.76 2.64
N GLU A 75 6.92 -5.39 2.09
CA GLU A 75 8.27 -5.24 2.63
C GLU A 75 9.12 -4.36 1.72
N SER A 76 9.83 -3.40 2.31
CA SER A 76 10.69 -2.50 1.56
C SER A 76 12.16 -2.85 1.75
N GLY A 77 12.86 -3.10 0.65
CA GLY A 77 14.26 -3.44 0.72
C GLY A 77 15.06 -2.45 1.54
N ARG A 78 15.94 -2.96 2.40
CA ARG A 78 16.77 -2.11 3.24
C ARG A 78 17.15 -0.83 2.52
N ARG A 79 17.55 -0.96 1.26
CA ARG A 79 17.94 0.19 0.45
C ARG A 79 16.74 1.07 0.14
N CYS A 80 16.26 1.80 1.15
CA CYS A 80 15.11 2.68 0.97
C CYS A 80 15.22 3.89 1.90
N GLN A 81 14.43 4.92 1.61
CA GLN A 81 14.43 6.14 2.41
C GLN A 81 14.18 5.82 3.88
N THR A 82 13.00 5.28 4.17
CA THR A 82 12.63 4.93 5.53
C THR A 82 13.63 3.96 6.15
N GLY A 83 13.88 2.85 5.45
CA GLY A 83 14.82 1.86 5.94
C GLY A 83 14.19 0.51 6.13
N GLN A 84 14.99 -0.54 6.05
CA GLN A 84 14.50 -1.90 6.22
C GLN A 84 13.38 -1.96 7.25
N GLY A 85 12.22 -2.47 6.84
CA GLY A 85 11.09 -2.56 7.74
C GLY A 85 9.81 -2.96 7.03
N ILE A 86 8.81 -3.37 7.79
CA ILE A 86 7.53 -3.79 7.22
C ILE A 86 6.45 -2.77 7.55
N PHE A 87 5.80 -2.25 6.51
CA PHE A 87 4.73 -1.27 6.70
C PHE A 87 3.38 -1.86 6.31
N ALA A 88 2.42 -1.76 7.22
CA ALA A 88 1.08 -2.28 6.99
C ALA A 88 0.03 -1.18 7.10
N PHE A 89 -1.03 -1.30 6.30
CA PHE A 89 -2.11 -0.31 6.32
C PHE A 89 -3.47 -0.99 6.22
N LYS A 90 -4.36 -0.65 7.15
CA LYS A 90 -5.70 -1.23 7.18
C LYS A 90 -6.60 -0.55 6.16
N CYS A 91 -6.90 -1.25 5.08
CA CYS A 91 -7.75 -0.72 4.02
C CYS A 91 -8.82 -1.74 3.62
N SER A 92 -9.80 -1.27 2.86
CA SER A 92 -10.89 -2.15 2.40
C SER A 92 -10.68 -2.55 0.94
N ARG A 93 -10.20 -1.60 0.14
CA ARG A 93 -9.97 -1.86 -1.28
C ARG A 93 -8.55 -2.37 -1.51
N ALA A 94 -8.10 -3.27 -0.63
CA ALA A 94 -6.77 -3.84 -0.75
C ALA A 94 -6.62 -4.63 -2.04
N GLU A 95 -7.60 -5.48 -2.34
CA GLU A 95 -7.56 -6.29 -3.55
C GLU A 95 -7.20 -5.45 -4.76
N GLU A 96 -7.68 -4.21 -4.77
CA GLU A 96 -7.40 -3.29 -5.88
C GLU A 96 -5.95 -2.88 -5.89
N ILE A 97 -5.46 -2.41 -4.74
CA ILE A 97 -4.07 -1.97 -4.63
C ILE A 97 -3.11 -3.10 -4.95
N PHE A 98 -3.39 -4.29 -4.41
CA PHE A 98 -2.55 -5.46 -4.66
C PHE A 98 -2.50 -5.80 -6.14
N ASN A 99 -3.67 -5.89 -6.76
CA ASN A 99 -3.76 -6.21 -8.18
C ASN A 99 -3.05 -5.16 -9.02
N LEU A 100 -3.24 -3.90 -8.67
CA LEU A 100 -2.61 -2.80 -9.39
C LEU A 100 -1.10 -2.82 -9.21
N LEU A 101 -0.66 -3.07 -7.99
CA LEU A 101 0.77 -3.12 -7.68
C LEU A 101 1.46 -4.21 -8.49
N GLN A 102 0.85 -5.39 -8.53
CA GLN A 102 1.40 -6.51 -9.28
C GLN A 102 1.23 -6.31 -10.77
N ASP A 103 0.25 -5.50 -11.15
CA ASP A 103 -0.02 -5.22 -12.56
C ASP A 103 1.06 -4.30 -13.14
N LEU A 104 1.41 -3.26 -12.40
CA LEU A 104 2.42 -2.30 -12.84
C LEU A 104 3.77 -2.99 -13.00
N MET A 105 4.09 -3.91 -12.09
CA MET A 105 5.34 -4.63 -12.14
C MET A 105 5.38 -5.59 -13.32
N GLN A 106 4.38 -6.46 -13.41
CA GLN A 106 4.30 -7.42 -14.51
C GLN A 106 4.22 -6.71 -15.85
N CYS A 107 3.30 -5.76 -15.96
CA CYS A 107 3.10 -5.00 -17.19
C CYS A 107 2.99 -5.94 -18.38
N ASN A 108 2.09 -6.92 -18.28
CA ASN A 108 1.88 -7.89 -19.35
C ASN A 108 0.66 -8.76 -19.06
N SER A 109 0.28 -9.56 -20.04
CA SER A 109 -0.87 -10.45 -19.91
C SER A 109 -0.46 -11.77 -19.26
N ILE A 110 -0.37 -11.77 -17.94
CA ILE A 110 0.01 -12.97 -17.20
C ILE A 110 -0.89 -13.17 -15.98
N ASN A 111 -1.66 -14.25 -16.01
CA ASN A 111 -2.57 -14.57 -14.91
C ASN A 111 -2.25 -15.93 -14.30
N VAL A 112 -1.37 -15.94 -13.30
CA VAL A 112 -0.97 -17.17 -12.64
C VAL A 112 -1.57 -17.26 -11.24
N MET A 113 -2.05 -18.44 -10.88
CA MET A 113 -2.65 -18.65 -9.57
C MET A 113 -1.88 -19.72 -8.79
N GLU A 114 -1.57 -19.41 -7.53
CA GLU A 114 -0.83 -20.35 -6.69
C GLU A 114 -1.41 -20.37 -5.28
N GLU A 115 -1.25 -21.51 -4.60
CA GLU A 115 -1.77 -21.67 -3.25
C GLU A 115 -0.82 -21.05 -2.23
N PRO A 116 -1.34 -20.10 -1.43
CA PRO A 116 -0.56 -19.40 -0.41
C PRO A 116 -0.21 -20.32 0.76
N VAL A 117 0.76 -19.88 1.57
CA VAL A 117 1.19 -20.67 2.73
C VAL A 117 0.89 -19.94 4.03
N ILE A 118 0.36 -20.67 5.00
CA ILE A 118 0.03 -20.10 6.30
C ILE A 118 0.91 -20.68 7.40
N ILE A 119 1.68 -19.81 8.05
CA ILE A 119 2.57 -20.24 9.13
C ILE A 119 1.95 -19.96 10.50
N THR A 120 2.20 -20.84 11.45
CA THR A 120 1.67 -20.69 12.79
C THR A 120 1.62 -19.22 13.21
N SER A 121 0.64 -18.87 14.04
CA SER A 121 0.49 -17.50 14.51
C SER A 121 1.80 -16.96 15.08
N GLY A 122 2.38 -17.70 16.01
CA GLY A 122 3.63 -17.29 16.63
C GLY A 122 3.70 -15.80 16.85
N SER A 123 2.69 -15.25 17.51
CA SER A 123 2.64 -13.81 17.77
C SER A 123 2.81 -13.53 19.27
N SER A 124 4.02 -13.16 19.66
CA SER A 124 4.32 -12.86 21.06
C SER A 124 3.73 -11.51 21.46
N GLY A 125 3.94 -10.52 20.62
CA GLY A 125 3.44 -9.18 20.89
C GLY A 125 4.26 -8.46 21.94
N SER A 126 3.69 -7.41 22.52
CA SER A 126 4.39 -6.62 23.53
C SER A 126 5.69 -6.04 22.98
N SER A 127 5.62 -5.52 21.76
CA SER A 127 6.80 -4.94 21.12
C SER A 127 6.84 -3.44 21.32
N GLY A 128 5.71 -2.78 21.12
CA GLY A 128 5.64 -1.34 21.30
C GLY A 128 6.74 -0.62 20.54
N SER A 129 6.88 -0.92 19.26
CA SER A 129 7.91 -0.29 18.43
C SER A 129 7.99 1.20 18.71
N SER A 130 9.22 1.72 18.76
CA SER A 130 9.45 3.14 19.03
C SER A 130 10.80 3.58 18.48
N GLY A 131 11.05 4.89 18.54
CA GLY A 131 12.31 5.42 18.06
C GLY A 131 12.58 5.03 16.61
N SER A 132 11.93 5.72 15.68
CA SER A 132 12.10 5.43 14.26
C SER A 132 11.42 6.51 13.42
N SER A 133 12.14 7.02 12.43
CA SER A 133 11.61 8.06 11.54
C SER A 133 11.04 7.44 10.27
N GLY A 134 9.79 6.98 10.35
CA GLY A 134 9.15 6.37 9.20
C GLY A 134 7.92 5.57 9.57
N LEU A 135 7.32 4.92 8.59
CA LEU A 135 6.12 4.11 8.83
C LEU A 135 6.39 3.02 9.84
N PHE A 136 5.40 2.71 10.66
CA PHE A 136 5.53 1.68 11.68
C PHE A 136 6.18 0.42 11.10
N ARG A 137 7.22 -0.06 11.78
CA ARG A 137 7.93 -1.25 11.33
C ARG A 137 7.48 -2.48 12.11
N LEU A 138 6.77 -3.38 11.43
CA LEU A 138 6.27 -4.60 12.06
C LEU A 138 7.41 -5.59 12.30
N ARG A 139 7.18 -6.55 13.18
CA ARG A 139 8.18 -7.56 13.50
C ARG A 139 8.22 -8.64 12.42
N HIS A 140 7.04 -9.02 11.92
CA HIS A 140 6.95 -10.05 10.89
C HIS A 140 5.90 -9.66 9.85
N PHE A 141 5.70 -10.54 8.87
CA PHE A 141 4.74 -10.29 7.81
C PHE A 141 3.36 -10.81 8.20
N PRO A 142 2.42 -9.87 8.43
CA PRO A 142 1.05 -10.21 8.82
C PRO A 142 0.26 -10.85 7.68
N CYS A 143 0.40 -10.30 6.48
CA CYS A 143 -0.30 -10.82 5.31
C CYS A 143 -0.09 -12.33 5.19
N GLY A 144 -0.76 -12.93 4.21
CA GLY A 144 -0.65 -14.36 4.00
C GLY A 144 -0.57 -14.73 2.54
N ASN A 145 -1.22 -13.93 1.69
CA ASN A 145 -1.22 -14.19 0.25
C ASN A 145 0.03 -13.60 -0.40
N VAL A 146 1.14 -13.62 0.33
CA VAL A 146 2.40 -13.10 -0.19
C VAL A 146 2.51 -13.30 -1.69
N ASN A 147 3.08 -12.31 -2.38
CA ASN A 147 3.24 -12.38 -3.83
C ASN A 147 4.66 -12.01 -4.23
N TYR A 148 5.22 -12.76 -5.18
CA TYR A 148 6.57 -12.51 -5.67
C TYR A 148 6.55 -11.68 -6.94
N GLY A 149 7.11 -10.48 -6.87
CA GLY A 149 7.15 -9.61 -8.03
C GLY A 149 8.43 -9.77 -8.83
N TYR A 150 9.37 -8.85 -8.64
CA TYR A 150 10.64 -8.89 -9.35
C TYR A 150 11.38 -10.20 -9.06
N GLN A 151 11.65 -10.96 -10.10
CA GLN A 151 12.36 -12.23 -9.96
C GLN A 151 13.74 -12.16 -10.58
N GLN A 152 14.77 -12.39 -9.78
CA GLN A 152 16.15 -12.34 -10.26
C GLN A 152 16.79 -13.72 -10.20
N GLN A 153 16.68 -14.47 -11.29
CA GLN A 153 17.24 -15.82 -11.36
C GLN A 153 18.54 -15.90 -10.58
N GLY A 1 -24.82 -12.30 -12.51
CA GLY A 1 -25.24 -11.13 -11.78
C GLY A 1 -24.07 -10.26 -11.35
N SER A 2 -24.31 -8.95 -11.27
CA SER A 2 -23.27 -8.01 -10.88
C SER A 2 -23.76 -7.10 -9.75
N SER A 3 -22.83 -6.32 -9.19
CA SER A 3 -23.17 -5.40 -8.10
C SER A 3 -22.40 -4.10 -8.24
N GLY A 4 -23.05 -2.99 -7.90
CA GLY A 4 -22.42 -1.70 -7.99
C GLY A 4 -23.26 -0.59 -7.38
N SER A 5 -22.61 0.32 -6.66
CA SER A 5 -23.32 1.42 -6.02
C SER A 5 -22.35 2.56 -5.69
N SER A 6 -22.89 3.76 -5.55
CA SER A 6 -22.08 4.94 -5.24
C SER A 6 -22.44 5.51 -3.88
N GLY A 7 -21.42 5.80 -3.06
CA GLY A 7 -21.65 6.34 -1.74
C GLY A 7 -21.01 7.70 -1.56
N LEU A 8 -21.57 8.71 -2.22
CA LEU A 8 -21.05 10.07 -2.14
C LEU A 8 -20.57 10.37 -0.72
N ASN A 9 -19.29 10.69 -0.58
CA ASN A 9 -18.71 11.01 0.72
C ASN A 9 -18.36 12.49 0.81
N ARG A 10 -18.31 13.00 2.04
CA ARG A 10 -17.99 14.41 2.27
C ARG A 10 -16.88 14.87 1.33
N ASP A 11 -15.74 14.21 1.39
CA ASP A 11 -14.60 14.54 0.55
C ASP A 11 -14.93 14.32 -0.92
N SER A 12 -14.15 14.94 -1.80
CA SER A 12 -14.36 14.82 -3.24
C SER A 12 -13.41 13.78 -3.83
N VAL A 13 -13.62 12.52 -3.47
CA VAL A 13 -12.79 11.43 -3.97
C VAL A 13 -13.62 10.19 -4.25
N PRO A 14 -13.45 9.64 -5.47
CA PRO A 14 -14.17 8.43 -5.90
C PRO A 14 -13.73 7.18 -5.15
N ASP A 15 -14.62 6.63 -4.34
CA ASP A 15 -14.32 5.43 -3.57
C ASP A 15 -13.86 4.29 -4.49
N ASN A 16 -14.09 4.47 -5.79
CA ASN A 16 -13.71 3.45 -6.77
C ASN A 16 -12.41 3.86 -7.48
N HIS A 17 -11.65 4.76 -6.86
CA HIS A 17 -10.40 5.21 -7.43
C HIS A 17 -9.45 4.04 -7.71
N PRO A 18 -8.98 3.94 -8.96
CA PRO A 18 -8.08 2.87 -9.37
C PRO A 18 -6.68 3.01 -8.76
N THR A 19 -6.21 4.25 -8.68
CA THR A 19 -4.89 4.53 -8.12
C THR A 19 -4.98 4.89 -6.65
N LYS A 20 -5.63 6.02 -6.38
CA LYS A 20 -5.80 6.50 -5.00
C LYS A 20 -6.51 5.45 -4.16
N PHE A 21 -6.08 5.31 -2.91
CA PHE A 21 -6.68 4.34 -1.99
C PHE A 21 -6.51 4.79 -0.54
N LYS A 22 -7.60 5.23 0.07
CA LYS A 22 -7.57 5.68 1.46
C LYS A 22 -7.14 4.55 2.39
N VAL A 23 -5.96 4.69 2.98
CA VAL A 23 -5.44 3.69 3.90
C VAL A 23 -5.08 4.30 5.25
N THR A 24 -4.85 3.44 6.24
CA THR A 24 -4.49 3.90 7.58
C THR A 24 -3.42 3.01 8.20
N ASN A 25 -2.24 3.57 8.42
CA ASN A 25 -1.14 2.81 9.01
C ASN A 25 -1.49 2.35 10.42
N VAL A 26 -1.15 1.11 10.74
CA VAL A 26 -1.43 0.55 12.05
C VAL A 26 -0.22 -0.21 12.60
N ASP A 27 -0.29 -0.59 13.87
CA ASP A 27 0.80 -1.32 14.51
C ASP A 27 0.54 -2.83 14.46
N ASP A 28 1.48 -3.59 15.01
CA ASP A 28 1.36 -5.05 15.02
C ASP A 28 0.01 -5.47 15.58
N GLU A 29 -0.56 -4.63 16.44
CA GLU A 29 -1.85 -4.92 17.05
C GLU A 29 -3.00 -4.43 16.17
N GLY A 30 -2.74 -3.38 15.40
CA GLY A 30 -3.75 -2.82 14.52
C GLY A 30 -4.34 -1.54 15.07
N VAL A 31 -3.53 -0.74 15.75
CA VAL A 31 -3.98 0.52 16.32
C VAL A 31 -3.75 1.67 15.34
N GLU A 32 -4.86 2.23 14.84
CA GLU A 32 -4.78 3.33 13.90
C GLU A 32 -3.90 4.46 14.43
N LEU A 33 -2.89 4.83 13.66
CA LEU A 33 -1.97 5.89 14.05
C LEU A 33 -2.21 7.16 13.25
N GLY A 34 -2.09 7.05 11.92
CA GLY A 34 -2.30 8.19 11.06
C GLY A 34 -2.83 7.80 9.70
N SER A 35 -3.68 8.65 9.13
CA SER A 35 -4.27 8.39 7.82
C SER A 35 -3.44 9.04 6.71
N GLY A 36 -3.50 8.45 5.53
CA GLY A 36 -2.74 8.98 4.40
C GLY A 36 -3.30 8.52 3.06
N VAL A 37 -2.80 9.10 1.98
CA VAL A 37 -3.24 8.75 0.64
C VAL A 37 -2.25 7.81 -0.04
N MET A 38 -2.72 6.62 -0.39
CA MET A 38 -1.88 5.63 -1.06
C MET A 38 -2.03 5.72 -2.57
N GLU A 39 -1.02 6.28 -3.23
CA GLU A 39 -1.04 6.43 -4.68
C GLU A 39 -0.07 5.46 -5.34
N LEU A 40 -0.48 4.88 -6.46
CA LEU A 40 0.35 3.93 -7.19
C LEU A 40 0.56 4.39 -8.63
N THR A 41 1.82 4.58 -9.01
CA THR A 41 2.16 5.02 -10.35
C THR A 41 3.14 4.05 -11.01
N GLN A 42 2.99 3.86 -12.31
CA GLN A 42 3.87 2.96 -13.06
C GLN A 42 5.31 3.10 -12.60
N SER A 43 5.69 4.32 -12.21
CA SER A 43 7.04 4.59 -11.75
C SER A 43 7.34 3.83 -10.46
N GLU A 44 6.73 4.27 -9.36
CA GLU A 44 6.94 3.64 -8.07
C GLU A 44 5.74 3.88 -7.15
N LEU A 45 5.77 3.28 -5.96
CA LEU A 45 4.70 3.43 -4.99
C LEU A 45 4.86 4.73 -4.21
N VAL A 46 3.78 5.50 -4.13
CA VAL A 46 3.79 6.77 -3.41
C VAL A 46 2.77 6.76 -2.27
N LEU A 47 3.06 7.54 -1.24
CA LEU A 47 2.17 7.63 -0.08
C LEU A 47 2.23 9.02 0.55
N HIS A 48 1.17 9.79 0.37
CA HIS A 48 1.09 11.14 0.92
C HIS A 48 0.74 11.10 2.40
N LEU A 49 1.15 12.13 3.13
CA LEU A 49 0.87 12.22 4.56
C LEU A 49 0.76 13.67 5.00
N HIS A 50 -0.12 13.92 5.97
CA HIS A 50 -0.33 15.26 6.49
C HIS A 50 0.83 15.69 7.37
N ARG A 51 1.20 16.97 7.29
CA ARG A 51 2.30 17.50 8.07
C ARG A 51 3.48 16.54 8.08
N ARG A 52 3.78 15.97 6.92
CA ARG A 52 4.89 15.03 6.79
C ARG A 52 5.22 14.79 5.33
N GLU A 53 6.53 14.74 5.03
CA GLU A 53 6.98 14.53 3.66
C GLU A 53 6.29 13.31 3.04
N ALA A 54 6.48 13.13 1.74
CA ALA A 54 5.88 12.02 1.02
C ALA A 54 6.88 10.89 0.82
N VAL A 55 6.47 9.67 1.13
CA VAL A 55 7.32 8.50 0.99
C VAL A 55 7.16 7.87 -0.39
N ARG A 56 8.21 7.21 -0.87
CA ARG A 56 8.17 6.56 -2.17
C ARG A 56 8.89 5.20 -2.12
N TRP A 57 8.15 4.14 -2.41
CA TRP A 57 8.71 2.79 -2.39
C TRP A 57 8.72 2.19 -3.79
N PRO A 58 9.93 1.98 -4.34
CA PRO A 58 10.10 1.40 -5.68
C PRO A 58 9.70 -0.07 -5.73
N TYR A 59 8.99 -0.44 -6.80
CA TYR A 59 8.56 -1.82 -6.97
C TYR A 59 9.74 -2.76 -7.18
N LEU A 60 10.63 -2.37 -8.10
CA LEU A 60 11.81 -3.17 -8.41
C LEU A 60 12.50 -3.62 -7.12
N CYS A 61 12.25 -2.91 -6.03
CA CYS A 61 12.85 -3.24 -4.74
C CYS A 61 11.90 -4.10 -3.91
N LEU A 62 10.60 -3.93 -4.13
CA LEU A 62 9.60 -4.69 -3.40
C LEU A 62 9.85 -6.19 -3.52
N ARG A 63 10.68 -6.71 -2.63
CA ARG A 63 11.01 -8.14 -2.64
C ARG A 63 9.74 -8.99 -2.64
N ARG A 64 8.90 -8.77 -1.65
CA ARG A 64 7.64 -9.51 -1.53
C ARG A 64 6.50 -8.59 -1.10
N TYR A 65 5.28 -9.11 -1.17
CA TYR A 65 4.10 -8.34 -0.79
C TYR A 65 2.86 -9.24 -0.71
N GLY A 66 1.82 -8.74 -0.05
CA GLY A 66 0.60 -9.50 0.08
C GLY A 66 -0.59 -8.64 0.46
N TYR A 67 -1.72 -9.27 0.76
CA TYR A 67 -2.92 -8.56 1.14
C TYR A 67 -3.95 -9.50 1.76
N ASP A 68 -4.38 -9.17 2.97
CA ASP A 68 -5.37 -9.99 3.68
C ASP A 68 -6.68 -9.22 3.85
N SER A 69 -7.64 -9.86 4.52
CA SER A 69 -8.94 -9.24 4.76
C SER A 69 -8.79 -7.75 5.02
N ASN A 70 -9.33 -6.94 4.11
CA ASN A 70 -9.26 -5.49 4.24
C ASN A 70 -7.93 -5.07 4.87
N LEU A 71 -6.84 -5.60 4.35
CA LEU A 71 -5.51 -5.27 4.87
C LEU A 71 -4.49 -5.22 3.74
N PHE A 72 -3.50 -4.34 3.86
CA PHE A 72 -2.47 -4.18 2.86
C PHE A 72 -1.09 -4.11 3.50
N SER A 73 -0.30 -5.17 3.32
CA SER A 73 1.04 -5.22 3.90
C SER A 73 2.07 -5.63 2.85
N PHE A 74 3.22 -4.96 2.84
CA PHE A 74 4.28 -5.25 1.89
C PHE A 74 5.65 -5.11 2.54
N GLU A 75 6.65 -5.75 1.93
CA GLU A 75 8.02 -5.69 2.46
C GLU A 75 8.92 -4.88 1.53
N SER A 76 9.49 -3.81 2.05
CA SER A 76 10.38 -2.94 1.28
C SER A 76 11.82 -3.12 1.72
N GLY A 77 12.72 -3.22 0.74
CA GLY A 77 14.13 -3.39 1.04
C GLY A 77 14.70 -2.25 1.86
N ARG A 78 16.01 -2.09 1.83
CA ARG A 78 16.67 -1.01 2.58
C ARG A 78 17.02 0.15 1.65
N ARG A 79 16.98 -0.10 0.35
CA ARG A 79 17.30 0.93 -0.63
C ARG A 79 16.13 1.89 -0.81
N CYS A 80 15.78 2.58 0.27
CA CYS A 80 14.68 3.54 0.24
C CYS A 80 14.79 4.54 1.38
N GLN A 81 13.84 5.47 1.44
CA GLN A 81 13.84 6.49 2.49
C GLN A 81 13.72 5.85 3.86
N THR A 82 12.61 5.16 4.10
CA THR A 82 12.37 4.50 5.38
C THR A 82 13.37 3.38 5.62
N GLY A 83 13.81 2.75 4.53
CA GLY A 83 14.77 1.66 4.64
C GLY A 83 14.09 0.30 4.77
N GLN A 84 14.79 -0.64 5.39
CA GLN A 84 14.26 -1.99 5.57
C GLN A 84 13.18 -2.01 6.66
N GLY A 85 12.03 -2.60 6.35
CA GLY A 85 10.96 -2.68 7.31
C GLY A 85 9.63 -3.05 6.66
N ILE A 86 8.78 -3.75 7.42
CA ILE A 86 7.48 -4.17 6.90
C ILE A 86 6.38 -3.24 7.39
N PHE A 87 5.64 -2.67 6.45
CA PHE A 87 4.54 -1.76 6.79
C PHE A 87 3.19 -2.39 6.49
N ALA A 88 2.19 -2.05 7.30
CA ALA A 88 0.85 -2.59 7.11
C ALA A 88 -0.21 -1.53 7.38
N PHE A 89 -1.12 -1.35 6.43
CA PHE A 89 -2.18 -0.35 6.56
C PHE A 89 -3.55 -1.02 6.42
N LYS A 90 -4.57 -0.33 6.93
CA LYS A 90 -5.94 -0.85 6.87
C LYS A 90 -6.69 -0.24 5.69
N CYS A 91 -7.51 -1.06 5.03
CA CYS A 91 -8.29 -0.62 3.89
C CYS A 91 -9.24 -1.70 3.42
N SER A 92 -10.32 -1.29 2.75
CA SER A 92 -11.32 -2.23 2.25
C SER A 92 -11.16 -2.44 0.75
N ARG A 93 -10.04 -1.97 0.20
CA ARG A 93 -9.77 -2.11 -1.22
C ARG A 93 -8.36 -2.65 -1.46
N ALA A 94 -7.81 -3.30 -0.43
CA ALA A 94 -6.47 -3.87 -0.52
C ALA A 94 -6.34 -4.74 -1.76
N GLU A 95 -7.45 -5.35 -2.18
CA GLU A 95 -7.45 -6.21 -3.35
C GLU A 95 -7.04 -5.44 -4.60
N GLU A 96 -7.60 -4.24 -4.77
CA GLU A 96 -7.30 -3.41 -5.92
C GLU A 96 -5.83 -3.00 -5.92
N ILE A 97 -5.31 -2.67 -4.74
CA ILE A 97 -3.93 -2.25 -4.60
C ILE A 97 -2.98 -3.41 -4.89
N PHE A 98 -3.30 -4.59 -4.35
CA PHE A 98 -2.47 -5.77 -4.55
C PHE A 98 -2.35 -6.10 -6.03
N ASN A 99 -3.49 -6.22 -6.71
CA ASN A 99 -3.51 -6.53 -8.13
C ASN A 99 -2.82 -5.43 -8.94
N LEU A 100 -3.14 -4.18 -8.63
CA LEU A 100 -2.57 -3.04 -9.33
C LEU A 100 -1.05 -3.02 -9.16
N LEU A 101 -0.59 -2.92 -7.92
CA LEU A 101 0.83 -2.90 -7.62
C LEU A 101 1.58 -3.93 -8.46
N GLN A 102 1.07 -5.16 -8.47
CA GLN A 102 1.69 -6.24 -9.24
C GLN A 102 1.48 -6.03 -10.74
N ASP A 103 0.37 -5.40 -11.10
CA ASP A 103 0.05 -5.14 -12.49
C ASP A 103 1.04 -4.13 -13.09
N LEU A 104 1.69 -3.37 -12.23
CA LEU A 104 2.65 -2.37 -12.67
C LEU A 104 4.04 -2.98 -12.85
N MET A 105 4.54 -3.61 -11.79
CA MET A 105 5.85 -4.24 -11.82
C MET A 105 5.95 -5.22 -12.98
N GLN A 106 4.80 -5.72 -13.43
CA GLN A 106 4.75 -6.67 -14.53
C GLN A 106 4.68 -5.95 -15.87
N CYS A 107 3.79 -4.98 -15.98
CA CYS A 107 3.64 -4.21 -17.20
C CYS A 107 3.86 -5.09 -18.42
N ASN A 108 3.28 -6.29 -18.41
CA ASN A 108 3.42 -7.22 -19.52
C ASN A 108 2.19 -7.20 -20.42
N SER A 109 1.02 -7.30 -19.81
CA SER A 109 -0.24 -7.29 -20.54
C SER A 109 -1.36 -6.66 -19.72
N ILE A 110 -2.46 -6.33 -20.39
CA ILE A 110 -3.60 -5.72 -19.72
C ILE A 110 -4.61 -6.78 -19.26
N ASN A 111 -4.40 -8.01 -19.71
CA ASN A 111 -5.28 -9.12 -19.35
C ASN A 111 -5.45 -9.21 -17.84
N VAL A 112 -6.66 -8.97 -17.37
CA VAL A 112 -6.96 -9.03 -15.94
C VAL A 112 -8.26 -9.80 -15.68
N MET A 113 -8.32 -10.45 -14.52
CA MET A 113 -9.51 -11.22 -14.15
C MET A 113 -10.59 -10.30 -13.62
N GLU A 114 -11.83 -10.79 -13.64
CA GLU A 114 -12.97 -10.00 -13.17
C GLU A 114 -13.36 -10.43 -11.75
N GLU A 115 -12.36 -10.58 -10.88
CA GLU A 115 -12.60 -10.98 -9.51
C GLU A 115 -13.82 -10.25 -8.94
N PRO A 116 -14.54 -10.95 -8.05
CA PRO A 116 -15.74 -10.40 -7.40
C PRO A 116 -15.41 -9.28 -6.41
N VAL A 117 -16.30 -8.29 -6.31
CA VAL A 117 -16.10 -7.17 -5.41
C VAL A 117 -16.74 -7.44 -4.05
N ILE A 118 -16.16 -6.86 -3.01
CA ILE A 118 -16.66 -7.05 -1.65
C ILE A 118 -16.72 -5.71 -0.90
N ILE A 119 -17.91 -5.13 -0.82
CA ILE A 119 -18.10 -3.87 -0.13
C ILE A 119 -19.08 -4.00 1.02
N THR A 120 -18.56 -4.04 2.24
CA THR A 120 -19.40 -4.17 3.43
C THR A 120 -19.61 -2.82 4.09
N SER A 121 -20.62 -2.74 4.96
CA SER A 121 -20.94 -1.50 5.67
C SER A 121 -20.27 -1.48 7.05
N GLY A 122 -19.14 -0.80 7.14
CA GLY A 122 -18.42 -0.70 8.40
C GLY A 122 -17.13 0.07 8.28
N SER A 123 -17.24 1.38 8.06
CA SER A 123 -16.06 2.23 7.92
C SER A 123 -15.99 3.24 9.05
N SER A 124 -14.88 3.24 9.78
CA SER A 124 -14.69 4.15 10.89
C SER A 124 -13.28 4.75 10.86
N GLY A 125 -13.21 6.07 10.87
CA GLY A 125 -11.93 6.75 10.85
C GLY A 125 -12.04 8.22 11.19
N SER A 126 -11.90 8.55 12.47
CA SER A 126 -11.99 9.94 12.91
C SER A 126 -10.63 10.47 13.35
N SER A 127 -10.50 11.78 13.38
CA SER A 127 -9.24 12.42 13.78
C SER A 127 -9.00 12.24 15.27
N GLY A 128 -7.75 11.92 15.62
CA GLY A 128 -7.40 11.74 17.02
C GLY A 128 -6.02 12.27 17.35
N SER A 129 -5.41 11.71 18.39
CA SER A 129 -4.08 12.14 18.81
C SER A 129 -3.05 11.86 17.71
N SER A 130 -2.09 12.78 17.58
CA SER A 130 -1.05 12.65 16.57
C SER A 130 0.30 12.32 17.21
N GLY A 131 0.59 11.03 17.33
CA GLY A 131 1.85 10.61 17.93
C GLY A 131 2.41 9.36 17.28
N SER A 132 2.85 9.50 16.02
CA SER A 132 3.41 8.37 15.29
C SER A 132 4.73 8.76 14.63
N SER A 133 5.83 8.39 15.28
CA SER A 133 7.17 8.70 14.77
C SER A 133 7.70 7.55 13.93
N GLY A 134 7.61 7.69 12.62
CA GLY A 134 8.10 6.65 11.73
C GLY A 134 7.12 5.49 11.59
N LEU A 135 6.74 5.18 10.36
CA LEU A 135 5.81 4.10 10.09
C LEU A 135 6.20 2.84 10.87
N PHE A 136 5.29 2.37 11.72
CA PHE A 136 5.52 1.17 12.52
C PHE A 136 6.06 0.03 11.65
N ARG A 137 7.25 -0.44 11.98
CA ARG A 137 7.87 -1.53 11.23
C ARG A 137 7.64 -2.87 11.92
N LEU A 138 7.06 -3.82 11.20
CA LEU A 138 6.78 -5.13 11.74
C LEU A 138 7.94 -6.09 11.48
N ARG A 139 8.10 -7.08 12.36
CA ARG A 139 9.17 -8.05 12.22
C ARG A 139 8.74 -9.22 11.33
N HIS A 140 7.51 -9.67 11.53
CA HIS A 140 6.97 -10.78 10.74
C HIS A 140 5.93 -10.29 9.74
N PHE A 141 5.38 -11.22 8.96
CA PHE A 141 4.37 -10.87 7.96
C PHE A 141 2.99 -11.34 8.41
N PRO A 142 2.05 -10.38 8.53
CA PRO A 142 0.67 -10.68 8.94
C PRO A 142 -0.10 -11.44 7.88
N CYS A 143 -0.08 -10.94 6.66
CA CYS A 143 -0.78 -11.57 5.55
C CYS A 143 -0.24 -12.98 5.30
N GLY A 144 -0.87 -13.68 4.36
CA GLY A 144 -0.44 -15.03 4.05
C GLY A 144 -0.09 -15.21 2.58
N ASN A 145 -0.84 -14.53 1.71
CA ASN A 145 -0.60 -14.62 0.27
C ASN A 145 0.53 -13.68 -0.14
N VAL A 146 1.74 -14.23 -0.25
CA VAL A 146 2.91 -13.44 -0.64
C VAL A 146 3.23 -13.65 -2.11
N ASN A 147 3.38 -12.54 -2.84
CA ASN A 147 3.69 -12.61 -4.26
C ASN A 147 5.07 -12.01 -4.54
N TYR A 148 5.82 -12.66 -5.43
CA TYR A 148 7.16 -12.20 -5.78
C TYR A 148 7.12 -11.31 -7.01
N GLY A 149 7.72 -10.12 -6.89
CA GLY A 149 7.74 -9.19 -8.00
C GLY A 149 9.00 -9.32 -8.84
N TYR A 150 10.05 -8.59 -8.44
CA TYR A 150 11.31 -8.62 -9.16
C TYR A 150 12.17 -9.79 -8.71
N GLN A 151 12.86 -10.42 -9.65
CA GLN A 151 13.72 -11.55 -9.34
C GLN A 151 14.91 -11.61 -10.30
N GLN A 152 16.02 -12.15 -9.81
CA GLN A 152 17.23 -12.27 -10.62
C GLN A 152 17.59 -13.73 -10.88
N GLN A 153 17.02 -14.28 -11.94
CA GLN A 153 17.27 -15.68 -12.31
C GLN A 153 18.58 -15.82 -13.07
N GLY A 1 -15.71 4.25 -21.98
CA GLY A 1 -16.76 4.88 -22.74
C GLY A 1 -16.49 6.34 -23.02
N SER A 2 -16.66 7.18 -22.00
CA SER A 2 -16.43 8.62 -22.15
C SER A 2 -15.45 9.11 -21.09
N SER A 3 -14.99 10.35 -21.25
CA SER A 3 -14.05 10.95 -20.31
C SER A 3 -14.77 11.92 -19.37
N GLY A 4 -15.50 12.86 -19.95
CA GLY A 4 -16.22 13.83 -19.14
C GLY A 4 -15.30 14.68 -18.29
N SER A 5 -15.33 15.98 -18.51
CA SER A 5 -14.48 16.90 -17.75
C SER A 5 -15.14 17.28 -16.43
N SER A 6 -14.74 16.60 -15.36
CA SER A 6 -15.30 16.86 -14.04
C SER A 6 -14.90 18.25 -13.55
N GLY A 7 -13.65 18.62 -13.77
CA GLY A 7 -13.17 19.93 -13.36
C GLY A 7 -12.06 19.83 -12.33
N LEU A 8 -10.89 20.38 -12.67
CA LEU A 8 -9.76 20.35 -11.76
C LEU A 8 -10.06 21.11 -10.47
N ASN A 9 -10.35 20.37 -9.40
CA ASN A 9 -10.66 20.97 -8.12
C ASN A 9 -9.55 20.70 -7.10
N ARG A 10 -9.27 19.43 -6.87
CA ARG A 10 -8.23 19.03 -5.93
C ARG A 10 -8.59 19.47 -4.51
N ASP A 11 -9.84 19.28 -4.14
CA ASP A 11 -10.32 19.65 -2.81
C ASP A 11 -10.89 18.45 -2.08
N SER A 12 -11.84 17.77 -2.71
CA SER A 12 -12.46 16.59 -2.11
C SER A 12 -12.11 15.33 -2.89
N VAL A 13 -11.50 14.37 -2.21
CA VAL A 13 -11.11 13.12 -2.85
C VAL A 13 -12.17 12.04 -2.62
N PRO A 14 -12.47 11.28 -3.68
CA PRO A 14 -13.47 10.20 -3.61
C PRO A 14 -12.98 9.02 -2.79
N ASP A 15 -13.85 8.02 -2.62
CA ASP A 15 -13.51 6.84 -1.85
C ASP A 15 -13.21 5.66 -2.76
N ASN A 16 -13.41 5.85 -4.06
CA ASN A 16 -13.16 4.81 -5.04
C ASN A 16 -12.10 5.25 -6.05
N HIS A 17 -11.30 6.23 -5.67
CA HIS A 17 -10.25 6.74 -6.54
C HIS A 17 -9.60 5.62 -7.33
N PRO A 18 -9.32 5.89 -8.62
CA PRO A 18 -8.69 4.91 -9.52
C PRO A 18 -7.24 4.63 -9.15
N THR A 19 -6.46 5.69 -9.00
CA THR A 19 -5.05 5.55 -8.64
C THR A 19 -4.86 5.54 -7.13
N LYS A 20 -5.03 6.70 -6.51
CA LYS A 20 -4.88 6.82 -5.06
C LYS A 20 -5.75 5.81 -4.34
N PHE A 21 -5.43 5.55 -3.07
CA PHE A 21 -6.19 4.60 -2.27
C PHE A 21 -6.08 4.95 -0.78
N LYS A 22 -7.23 5.19 -0.16
CA LYS A 22 -7.28 5.52 1.26
C LYS A 22 -6.78 4.37 2.11
N VAL A 23 -5.79 4.64 2.97
CA VAL A 23 -5.22 3.63 3.84
C VAL A 23 -5.00 4.16 5.24
N THR A 24 -4.93 3.26 6.22
CA THR A 24 -4.71 3.66 7.61
C THR A 24 -3.61 2.82 8.25
N ASN A 25 -2.43 3.42 8.39
CA ASN A 25 -1.29 2.72 8.98
C ASN A 25 -1.60 2.30 10.42
N VAL A 26 -1.50 0.99 10.68
CA VAL A 26 -1.77 0.46 12.00
C VAL A 26 -0.52 -0.18 12.60
N ASP A 27 -0.68 -0.77 13.79
CA ASP A 27 0.44 -1.42 14.47
C ASP A 27 0.32 -2.93 14.38
N ASP A 28 1.23 -3.63 15.04
CA ASP A 28 1.23 -5.10 15.04
C ASP A 28 -0.18 -5.63 15.27
N GLU A 29 -0.88 -5.06 16.24
CA GLU A 29 -2.23 -5.48 16.55
C GLU A 29 -3.21 -4.99 15.50
N GLY A 30 -3.24 -3.68 15.28
CA GLY A 30 -4.14 -3.11 14.31
C GLY A 30 -4.76 -1.81 14.78
N VAL A 31 -4.00 -1.03 15.54
CA VAL A 31 -4.49 0.24 16.06
C VAL A 31 -4.28 1.37 15.06
N GLU A 32 -5.36 2.04 14.68
CA GLU A 32 -5.30 3.14 13.73
C GLU A 32 -4.40 4.26 14.25
N LEU A 33 -3.16 4.30 13.78
CA LEU A 33 -2.21 5.31 14.18
C LEU A 33 -2.42 6.61 13.41
N GLY A 34 -2.28 6.54 12.09
CA GLY A 34 -2.46 7.72 11.26
C GLY A 34 -3.05 7.38 9.90
N SER A 35 -4.07 8.12 9.50
CA SER A 35 -4.72 7.89 8.21
C SER A 35 -4.01 8.65 7.11
N GLY A 36 -3.85 7.98 5.96
CA GLY A 36 -3.18 8.61 4.83
C GLY A 36 -3.65 8.05 3.50
N VAL A 37 -3.30 8.74 2.42
CA VAL A 37 -3.69 8.30 1.08
C VAL A 37 -2.52 7.66 0.35
N MET A 38 -2.67 6.39 -0.01
CA MET A 38 -1.62 5.67 -0.72
C MET A 38 -1.80 5.79 -2.24
N GLU A 39 -0.70 6.04 -2.94
CA GLU A 39 -0.73 6.18 -4.38
C GLU A 39 0.17 5.13 -5.05
N LEU A 40 -0.13 4.83 -6.31
CA LEU A 40 0.65 3.86 -7.07
C LEU A 40 0.90 4.35 -8.49
N THR A 41 2.15 4.72 -8.77
CA THR A 41 2.53 5.21 -10.08
C THR A 41 3.44 4.22 -10.80
N GLN A 42 3.28 4.11 -12.11
CA GLN A 42 4.08 3.20 -12.91
C GLN A 42 5.54 3.21 -12.46
N SER A 43 6.06 4.40 -12.18
CA SER A 43 7.44 4.55 -11.75
C SER A 43 7.69 3.76 -10.47
N GLU A 44 7.13 4.25 -9.36
CA GLU A 44 7.30 3.60 -8.07
C GLU A 44 6.08 3.85 -7.18
N LEU A 45 6.11 3.28 -5.98
CA LEU A 45 5.02 3.43 -5.03
C LEU A 45 5.13 4.76 -4.28
N VAL A 46 4.07 5.56 -4.33
CA VAL A 46 4.05 6.85 -3.65
C VAL A 46 3.02 6.86 -2.53
N LEU A 47 3.37 7.51 -1.42
CA LEU A 47 2.47 7.60 -0.27
C LEU A 47 2.23 9.06 0.12
N HIS A 48 0.97 9.42 0.27
CA HIS A 48 0.60 10.78 0.65
C HIS A 48 0.09 10.83 2.08
N LEU A 49 0.74 11.65 2.91
CA LEU A 49 0.34 11.78 4.31
C LEU A 49 -0.10 13.21 4.62
N HIS A 50 -1.34 13.37 5.06
CA HIS A 50 -1.87 14.68 5.39
C HIS A 50 -0.80 15.56 6.03
N ARG A 51 -0.44 16.63 5.35
CA ARG A 51 0.58 17.55 5.85
C ARG A 51 1.84 16.80 6.25
N ARG A 52 2.37 16.00 5.32
CA ARG A 52 3.57 15.23 5.58
C ARG A 52 4.29 14.91 4.27
N GLU A 53 5.62 14.76 4.35
CA GLU A 53 6.43 14.46 3.18
C GLU A 53 5.85 13.27 2.41
N ALA A 54 6.34 13.08 1.19
CA ALA A 54 5.88 11.99 0.34
C ALA A 54 6.99 10.96 0.13
N VAL A 55 6.78 9.75 0.65
CA VAL A 55 7.77 8.68 0.51
C VAL A 55 7.58 7.93 -0.80
N ARG A 56 8.67 7.44 -1.37
CA ARG A 56 8.62 6.70 -2.63
C ARG A 56 9.35 5.37 -2.50
N TRP A 57 8.62 4.28 -2.72
CA TRP A 57 9.19 2.94 -2.64
C TRP A 57 9.14 2.23 -3.98
N PRO A 58 10.32 1.96 -4.55
CA PRO A 58 10.44 1.28 -5.84
C PRO A 58 10.01 -0.18 -5.78
N TYR A 59 9.08 -0.57 -6.64
CA TYR A 59 8.59 -1.94 -6.69
C TYR A 59 9.74 -2.93 -6.88
N LEU A 60 10.66 -2.58 -7.76
CA LEU A 60 11.81 -3.43 -8.05
C LEU A 60 12.52 -3.84 -6.76
N CYS A 61 12.41 -3.00 -5.74
CA CYS A 61 13.04 -3.27 -4.45
C CYS A 61 12.07 -3.98 -3.51
N LEU A 62 10.79 -3.96 -3.87
CA LEU A 62 9.76 -4.60 -3.05
C LEU A 62 9.91 -6.12 -3.08
N ARG A 63 10.83 -6.63 -2.27
CA ARG A 63 11.08 -8.07 -2.21
C ARG A 63 9.78 -8.84 -2.44
N ARG A 64 8.77 -8.54 -1.63
CA ARG A 64 7.48 -9.22 -1.74
C ARG A 64 6.38 -8.40 -1.07
N TYR A 65 5.13 -8.78 -1.31
CA TYR A 65 3.99 -8.09 -0.73
C TYR A 65 2.80 -9.04 -0.57
N GLY A 66 1.76 -8.55 0.09
CA GLY A 66 0.58 -9.37 0.31
C GLY A 66 -0.64 -8.54 0.67
N TYR A 67 -1.79 -9.19 0.77
CA TYR A 67 -3.03 -8.50 1.09
C TYR A 67 -4.07 -9.47 1.66
N ASP A 68 -4.51 -9.21 2.88
CA ASP A 68 -5.50 -10.06 3.54
C ASP A 68 -6.78 -9.30 3.82
N SER A 69 -7.72 -9.94 4.49
CA SER A 69 -9.00 -9.32 4.82
C SER A 69 -8.82 -7.85 5.18
N ASN A 70 -9.40 -6.98 4.37
CA ASN A 70 -9.30 -5.54 4.60
C ASN A 70 -7.94 -5.17 5.18
N LEU A 71 -6.88 -5.71 4.58
CA LEU A 71 -5.52 -5.44 5.03
C LEU A 71 -4.55 -5.42 3.86
N PHE A 72 -3.55 -4.56 3.93
CA PHE A 72 -2.55 -4.44 2.88
C PHE A 72 -1.19 -4.11 3.46
N SER A 73 -0.22 -5.01 3.26
CA SER A 73 1.12 -4.82 3.77
C SER A 73 2.16 -5.29 2.76
N PHE A 74 3.38 -4.79 2.90
CA PHE A 74 4.47 -5.17 1.99
C PHE A 74 5.82 -5.04 2.68
N GLU A 75 6.88 -5.43 1.98
CA GLU A 75 8.23 -5.38 2.53
C GLU A 75 9.13 -4.52 1.65
N SER A 76 9.89 -3.63 2.29
CA SER A 76 10.80 -2.74 1.56
C SER A 76 12.26 -3.10 1.84
N GLY A 77 13.10 -2.97 0.82
CA GLY A 77 14.51 -3.29 0.98
C GLY A 77 15.14 -2.56 2.15
N ARG A 78 16.46 -2.66 2.26
CA ARG A 78 17.18 -2.01 3.34
C ARG A 78 17.82 -0.71 2.86
N ARG A 79 17.95 -0.57 1.54
CA ARG A 79 18.55 0.63 0.96
C ARG A 79 17.47 1.55 0.39
N CYS A 80 16.50 1.90 1.23
CA CYS A 80 15.41 2.77 0.80
C CYS A 80 15.41 4.06 1.62
N GLN A 81 14.51 4.98 1.27
CA GLN A 81 14.41 6.25 1.97
C GLN A 81 14.01 6.05 3.43
N THR A 82 13.43 4.89 3.72
CA THR A 82 13.01 4.56 5.07
C THR A 82 13.83 3.42 5.65
N GLY A 83 14.18 2.46 4.80
CA GLY A 83 14.96 1.32 5.24
C GLY A 83 14.13 0.06 5.36
N GLN A 84 14.74 -1.01 5.86
CA GLN A 84 14.05 -2.28 6.03
C GLN A 84 12.93 -2.16 7.06
N GLY A 85 11.75 -2.69 6.71
CA GLY A 85 10.62 -2.63 7.62
C GLY A 85 9.31 -2.94 6.93
N ILE A 86 8.44 -3.65 7.62
CA ILE A 86 7.13 -4.01 7.07
C ILE A 86 6.09 -2.98 7.42
N PHE A 87 5.44 -2.42 6.39
CA PHE A 87 4.41 -1.41 6.60
C PHE A 87 3.03 -1.96 6.25
N ALA A 88 2.21 -2.15 7.28
CA ALA A 88 0.86 -2.68 7.10
C ALA A 88 -0.18 -1.60 7.32
N PHE A 89 -1.13 -1.50 6.38
CA PHE A 89 -2.18 -0.50 6.46
C PHE A 89 -3.56 -1.16 6.40
N LYS A 90 -4.52 -0.58 7.13
CA LYS A 90 -5.87 -1.11 7.16
C LYS A 90 -6.75 -0.41 6.13
N CYS A 91 -7.30 -1.20 5.19
CA CYS A 91 -8.16 -0.66 4.16
C CYS A 91 -9.12 -1.72 3.64
N SER A 92 -10.24 -1.28 3.07
CA SER A 92 -11.25 -2.19 2.54
C SER A 92 -10.96 -2.51 1.08
N ARG A 93 -10.42 -1.55 0.36
CA ARG A 93 -10.10 -1.72 -1.05
C ARG A 93 -8.65 -2.18 -1.23
N ALA A 94 -8.23 -3.10 -0.37
CA ALA A 94 -6.87 -3.62 -0.43
C ALA A 94 -6.64 -4.39 -1.73
N GLU A 95 -7.54 -5.32 -2.02
CA GLU A 95 -7.43 -6.12 -3.24
C GLU A 95 -6.97 -5.28 -4.42
N GLU A 96 -7.67 -4.17 -4.65
CA GLU A 96 -7.34 -3.27 -5.74
C GLU A 96 -5.87 -2.87 -5.71
N ILE A 97 -5.46 -2.26 -4.59
CA ILE A 97 -4.07 -1.84 -4.43
C ILE A 97 -3.11 -2.94 -4.84
N PHE A 98 -3.28 -4.11 -4.26
CA PHE A 98 -2.42 -5.25 -4.55
C PHE A 98 -2.40 -5.54 -6.06
N ASN A 99 -3.56 -5.89 -6.60
CA ASN A 99 -3.68 -6.19 -8.03
C ASN A 99 -2.91 -5.17 -8.86
N LEU A 100 -3.11 -3.89 -8.56
CA LEU A 100 -2.44 -2.82 -9.27
C LEU A 100 -0.92 -2.92 -9.12
N LEU A 101 -0.47 -3.02 -7.88
CA LEU A 101 0.96 -3.13 -7.60
C LEU A 101 1.61 -4.18 -8.48
N GLN A 102 1.10 -5.41 -8.42
CA GLN A 102 1.62 -6.50 -9.23
C GLN A 102 1.37 -6.26 -10.71
N ASP A 103 0.36 -5.46 -11.01
CA ASP A 103 0.02 -5.14 -12.39
C ASP A 103 1.06 -4.20 -13.01
N LEU A 104 1.51 -3.24 -12.22
CA LEU A 104 2.50 -2.27 -12.68
C LEU A 104 3.83 -2.95 -12.98
N MET A 105 4.30 -3.76 -12.03
CA MET A 105 5.55 -4.47 -12.19
C MET A 105 5.55 -5.31 -13.46
N GLN A 106 4.58 -6.21 -13.57
CA GLN A 106 4.47 -7.08 -14.73
C GLN A 106 4.38 -6.26 -16.01
N CYS A 107 3.72 -5.12 -15.93
CA CYS A 107 3.56 -4.24 -17.08
C CYS A 107 4.29 -2.92 -16.86
N ASN A 108 5.56 -2.88 -17.24
CA ASN A 108 6.37 -1.68 -17.08
C ASN A 108 6.46 -0.90 -18.40
N SER A 109 6.15 0.39 -18.33
CA SER A 109 6.18 1.24 -19.52
C SER A 109 6.79 2.61 -19.20
N ILE A 110 7.68 3.07 -20.06
CA ILE A 110 8.33 4.36 -19.87
C ILE A 110 7.96 5.34 -20.97
N ASN A 111 7.05 6.25 -20.66
CA ASN A 111 6.60 7.25 -21.62
C ASN A 111 5.75 8.33 -20.94
N VAL A 112 6.06 9.59 -21.24
CA VAL A 112 5.33 10.70 -20.67
C VAL A 112 3.99 10.91 -21.36
N MET A 113 2.93 10.33 -20.80
CA MET A 113 1.59 10.45 -21.37
C MET A 113 0.60 10.95 -20.32
N GLU A 114 -0.20 11.94 -20.71
CA GLU A 114 -1.20 12.50 -19.80
C GLU A 114 -2.54 11.80 -19.94
N GLU A 115 -3.26 11.68 -18.83
CA GLU A 115 -4.57 11.03 -18.84
C GLU A 115 -5.60 11.85 -18.08
N PRO A 116 -6.86 11.75 -18.50
CA PRO A 116 -7.97 12.47 -17.87
C PRO A 116 -8.29 11.96 -16.47
N VAL A 117 -8.92 12.80 -15.66
CA VAL A 117 -9.28 12.42 -14.31
C VAL A 117 -10.73 12.78 -14.00
N ILE A 118 -11.43 11.86 -13.33
CA ILE A 118 -12.83 12.09 -12.99
C ILE A 118 -13.04 11.99 -11.48
N ILE A 119 -13.12 13.14 -10.82
CA ILE A 119 -13.32 13.18 -9.37
C ILE A 119 -14.79 12.96 -9.03
N THR A 120 -15.10 11.78 -8.50
CA THR A 120 -16.46 11.45 -8.12
C THR A 120 -16.66 11.62 -6.62
N SER A 121 -16.62 12.87 -6.16
CA SER A 121 -16.81 13.17 -4.74
C SER A 121 -18.27 13.03 -4.34
N GLY A 122 -19.15 13.60 -5.16
CA GLY A 122 -20.58 13.53 -4.87
C GLY A 122 -20.94 14.23 -3.58
N SER A 123 -21.07 13.46 -2.51
CA SER A 123 -21.42 14.01 -1.21
C SER A 123 -20.35 13.69 -0.16
N SER A 124 -19.63 14.70 0.27
CA SER A 124 -18.57 14.53 1.26
C SER A 124 -18.74 15.49 2.43
N GLY A 125 -17.84 15.41 3.40
CA GLY A 125 -17.92 16.28 4.56
C GLY A 125 -16.62 17.01 4.82
N SER A 126 -15.89 16.59 5.84
CA SER A 126 -14.62 17.22 6.19
C SER A 126 -13.71 16.23 6.92
N SER A 127 -12.40 16.39 6.71
CA SER A 127 -11.43 15.51 7.35
C SER A 127 -10.47 16.31 8.24
N GLY A 128 -9.62 15.59 8.96
CA GLY A 128 -8.67 16.25 9.85
C GLY A 128 -7.65 15.29 10.42
N SER A 129 -6.43 15.77 10.62
CA SER A 129 -5.36 14.95 11.16
C SER A 129 -4.22 15.81 11.70
N SER A 130 -3.86 15.60 12.95
CA SER A 130 -2.79 16.36 13.58
C SER A 130 -1.83 15.43 14.33
N GLY A 131 -0.54 15.79 14.30
CA GLY A 131 0.46 14.97 14.97
C GLY A 131 0.85 13.74 14.17
N SER A 132 1.99 13.82 13.49
CA SER A 132 2.47 12.71 12.68
C SER A 132 2.71 11.47 13.54
N SER A 133 1.86 10.46 13.35
CA SER A 133 1.98 9.22 14.10
C SER A 133 3.36 8.59 13.92
N GLY A 134 3.79 8.52 12.66
CA GLY A 134 5.09 7.94 12.37
C GLY A 134 5.00 6.48 11.95
N LEU A 135 5.24 6.22 10.67
CA LEU A 135 5.17 4.86 10.15
C LEU A 135 5.70 3.86 11.17
N PHE A 136 4.98 2.75 11.32
CA PHE A 136 5.37 1.70 12.26
C PHE A 136 5.97 0.50 11.53
N ARG A 137 7.14 0.07 11.99
CA ARG A 137 7.82 -1.08 11.37
C ARG A 137 7.49 -2.37 12.12
N LEU A 138 6.93 -3.33 11.41
CA LEU A 138 6.57 -4.61 12.00
C LEU A 138 7.74 -5.59 11.94
N ARG A 139 7.91 -6.38 12.99
CA ARG A 139 8.98 -7.36 13.05
C ARG A 139 8.77 -8.47 12.04
N HIS A 140 7.53 -8.93 11.93
CA HIS A 140 7.19 -10.00 11.00
C HIS A 140 6.08 -9.55 10.04
N PHE A 141 5.81 -10.38 9.04
CA PHE A 141 4.77 -10.06 8.06
C PHE A 141 3.40 -10.50 8.56
N PRO A 142 2.48 -9.53 8.69
CA PRO A 142 1.11 -9.78 9.16
C PRO A 142 0.29 -10.57 8.15
N CYS A 143 0.43 -10.21 6.88
CA CYS A 143 -0.31 -10.88 5.81
C CYS A 143 0.20 -12.31 5.61
N GLY A 144 -0.66 -13.16 5.06
CA GLY A 144 -0.28 -14.54 4.83
C GLY A 144 0.02 -14.83 3.37
N ASN A 145 -0.69 -14.15 2.47
CA ASN A 145 -0.49 -14.34 1.04
C ASN A 145 0.60 -13.41 0.52
N VAL A 146 1.79 -13.97 0.31
CA VAL A 146 2.92 -13.20 -0.19
C VAL A 146 3.20 -13.51 -1.67
N ASN A 147 3.45 -12.46 -2.44
CA ASN A 147 3.72 -12.62 -3.86
C ASN A 147 5.14 -12.15 -4.20
N TYR A 148 5.71 -12.73 -5.25
CA TYR A 148 7.06 -12.38 -5.68
C TYR A 148 7.03 -11.60 -6.99
N GLY A 149 7.52 -10.38 -6.97
CA GLY A 149 7.55 -9.56 -8.17
C GLY A 149 8.57 -10.03 -9.17
N TYR A 150 9.62 -9.24 -9.38
CA TYR A 150 10.67 -9.59 -10.33
C TYR A 150 11.31 -10.92 -9.96
N GLN A 151 11.90 -11.58 -10.95
CA GLN A 151 12.56 -12.86 -10.74
C GLN A 151 13.98 -12.67 -10.22
N GLN A 152 14.12 -12.53 -8.90
CA GLN A 152 15.42 -12.33 -8.28
C GLN A 152 15.61 -13.30 -7.11
N GLN A 153 15.40 -14.58 -7.37
CA GLN A 153 15.56 -15.60 -6.34
C GLN A 153 16.96 -15.56 -5.74
N GLY A 1 -11.59 -5.25 -18.25
CA GLY A 1 -11.49 -3.90 -18.78
C GLY A 1 -11.61 -2.85 -17.69
N SER A 2 -10.54 -2.12 -17.46
CA SER A 2 -10.53 -1.07 -16.44
C SER A 2 -11.80 -0.25 -16.50
N SER A 3 -12.32 0.12 -15.32
CA SER A 3 -13.54 0.91 -15.23
C SER A 3 -13.23 2.36 -14.86
N GLY A 4 -14.13 3.26 -15.24
CA GLY A 4 -13.93 4.67 -14.94
C GLY A 4 -15.24 5.41 -14.80
N SER A 5 -15.24 6.48 -14.01
CA SER A 5 -16.44 7.28 -13.79
C SER A 5 -16.16 8.76 -14.03
N SER A 6 -16.76 9.29 -15.09
CA SER A 6 -16.57 10.70 -15.45
C SER A 6 -17.91 11.44 -15.42
N GLY A 7 -17.84 12.76 -15.20
CA GLY A 7 -19.03 13.57 -15.15
C GLY A 7 -19.04 14.51 -13.96
N LEU A 8 -19.97 14.27 -13.03
CA LEU A 8 -20.07 15.11 -11.84
C LEU A 8 -20.78 14.36 -10.72
N ASN A 9 -20.29 14.54 -9.49
CA ASN A 9 -20.88 13.88 -8.33
C ASN A 9 -20.53 14.63 -7.04
N ARG A 10 -21.53 14.81 -6.19
CA ARG A 10 -21.33 15.51 -4.93
C ARG A 10 -20.12 14.96 -4.19
N ASP A 11 -19.82 13.69 -4.41
CA ASP A 11 -18.68 13.05 -3.76
C ASP A 11 -17.38 13.76 -4.13
N SER A 12 -16.43 13.75 -3.21
CA SER A 12 -15.14 14.39 -3.42
C SER A 12 -14.14 13.40 -4.02
N VAL A 13 -14.15 12.18 -3.51
CA VAL A 13 -13.25 11.14 -3.98
C VAL A 13 -13.98 9.82 -4.18
N PRO A 14 -13.71 9.15 -5.32
CA PRO A 14 -14.34 7.87 -5.65
C PRO A 14 -13.84 6.73 -4.75
N ASP A 15 -14.73 6.27 -3.87
CA ASP A 15 -14.39 5.19 -2.96
C ASP A 15 -13.72 4.03 -3.70
N ASN A 16 -13.99 3.94 -5.00
CA ASN A 16 -13.41 2.88 -5.83
C ASN A 16 -12.24 3.42 -6.65
N HIS A 17 -11.55 4.42 -6.12
CA HIS A 17 -10.42 5.02 -6.81
C HIS A 17 -9.44 3.95 -7.28
N PRO A 18 -9.11 3.98 -8.58
CA PRO A 18 -8.20 3.01 -9.19
C PRO A 18 -6.76 3.21 -8.72
N THR A 19 -6.30 4.45 -8.77
CA THR A 19 -4.94 4.78 -8.35
C THR A 19 -4.87 5.07 -6.85
N LYS A 20 -5.56 6.13 -6.43
CA LYS A 20 -5.60 6.50 -5.02
C LYS A 20 -6.29 5.44 -4.18
N PHE A 21 -6.07 5.49 -2.87
CA PHE A 21 -6.68 4.52 -1.96
C PHE A 21 -6.62 5.03 -0.52
N LYS A 22 -7.78 5.11 0.13
CA LYS A 22 -7.87 5.57 1.50
C LYS A 22 -7.41 4.49 2.47
N VAL A 23 -6.18 4.64 2.98
CA VAL A 23 -5.63 3.68 3.92
C VAL A 23 -5.34 4.33 5.27
N THR A 24 -5.08 3.50 6.27
CA THR A 24 -4.80 4.00 7.61
C THR A 24 -3.66 3.21 8.27
N ASN A 25 -2.50 3.84 8.39
CA ASN A 25 -1.34 3.20 8.98
C ASN A 25 -1.65 2.70 10.38
N VAL A 26 -1.21 1.48 10.69
CA VAL A 26 -1.45 0.89 12.00
C VAL A 26 -0.17 0.26 12.56
N ASP A 27 -0.26 -0.25 13.78
CA ASP A 27 0.89 -0.87 14.43
C ASP A 27 0.71 -2.39 14.49
N ASP A 28 1.69 -3.07 15.09
CA ASP A 28 1.64 -4.51 15.21
C ASP A 28 0.30 -4.97 15.79
N GLU A 29 -0.23 -4.19 16.72
CA GLU A 29 -1.51 -4.51 17.35
C GLU A 29 -2.67 -4.20 16.41
N GLY A 30 -2.63 -3.01 15.82
CA GLY A 30 -3.69 -2.60 14.90
C GLY A 30 -4.31 -1.27 15.31
N VAL A 31 -3.55 -0.44 16.01
CA VAL A 31 -4.03 0.85 16.45
C VAL A 31 -3.76 1.92 15.40
N GLU A 32 -4.79 2.72 15.09
CA GLU A 32 -4.66 3.78 14.10
C GLU A 32 -3.52 4.72 14.47
N LEU A 33 -2.55 4.84 13.56
CA LEU A 33 -1.39 5.70 13.77
C LEU A 33 -1.48 6.95 12.92
N GLY A 34 -1.38 6.77 11.60
CA GLY A 34 -1.46 7.89 10.69
C GLY A 34 -2.16 7.54 9.39
N SER A 35 -3.23 8.26 9.09
CA SER A 35 -4.00 8.01 7.87
C SER A 35 -3.43 8.81 6.70
N GLY A 36 -3.50 8.22 5.51
CA GLY A 36 -2.98 8.89 4.32
C GLY A 36 -3.51 8.28 3.04
N VAL A 37 -3.22 8.94 1.91
CA VAL A 37 -3.66 8.45 0.62
C VAL A 37 -2.55 7.68 -0.10
N MET A 38 -2.81 6.42 -0.39
CA MET A 38 -1.82 5.57 -1.06
C MET A 38 -2.01 5.65 -2.58
N GLU A 39 -0.99 6.16 -3.26
CA GLU A 39 -1.03 6.29 -4.71
C GLU A 39 -0.07 5.31 -5.38
N LEU A 40 -0.53 4.69 -6.47
CA LEU A 40 0.28 3.73 -7.20
C LEU A 40 0.45 4.14 -8.66
N THR A 41 1.68 4.40 -9.06
CA THR A 41 1.98 4.80 -10.43
C THR A 41 2.86 3.77 -11.12
N GLN A 42 3.26 4.09 -12.35
CA GLN A 42 4.11 3.19 -13.13
C GLN A 42 5.57 3.30 -12.69
N SER A 43 5.95 4.46 -12.18
CA SER A 43 7.31 4.69 -11.71
C SER A 43 7.59 3.90 -10.45
N GLU A 44 7.02 4.35 -9.33
CA GLU A 44 7.21 3.69 -8.05
C GLU A 44 6.01 3.90 -7.14
N LEU A 45 6.06 3.31 -5.95
CA LEU A 45 4.97 3.43 -4.98
C LEU A 45 5.09 4.73 -4.19
N VAL A 46 3.99 5.44 -4.05
CA VAL A 46 3.97 6.70 -3.31
C VAL A 46 2.84 6.71 -2.29
N LEU A 47 3.10 7.36 -1.16
CA LEU A 47 2.10 7.45 -0.10
C LEU A 47 1.94 8.90 0.38
N HIS A 48 0.87 9.54 -0.08
CA HIS A 48 0.60 10.92 0.29
C HIS A 48 0.16 11.02 1.75
N LEU A 49 0.76 11.95 2.49
CA LEU A 49 0.43 12.13 3.90
C LEU A 49 0.09 13.59 4.18
N HIS A 50 -1.08 13.81 4.79
CA HIS A 50 -1.52 15.16 5.12
C HIS A 50 -0.51 15.86 6.03
N ARG A 51 -0.18 17.10 5.69
CA ARG A 51 0.78 17.87 6.46
C ARG A 51 1.94 17.00 6.91
N ARG A 52 2.37 16.09 6.04
CA ARG A 52 3.49 15.20 6.35
C ARG A 52 4.28 14.86 5.10
N GLU A 53 5.58 14.66 5.25
CA GLU A 53 6.45 14.33 4.14
C GLU A 53 5.83 13.22 3.28
N ALA A 54 6.44 12.98 2.12
CA ALA A 54 5.94 11.96 1.21
C ALA A 54 6.96 10.82 1.07
N VAL A 55 6.53 9.61 1.36
CA VAL A 55 7.40 8.44 1.25
C VAL A 55 7.24 7.75 -0.09
N ARG A 56 8.31 7.13 -0.56
CA ARG A 56 8.30 6.42 -1.84
C ARG A 56 8.96 5.06 -1.72
N TRP A 57 8.35 4.05 -2.33
CA TRP A 57 8.88 2.69 -2.29
C TRP A 57 8.95 2.10 -3.70
N PRO A 58 10.18 2.00 -4.24
CA PRO A 58 10.41 1.46 -5.58
C PRO A 58 10.16 -0.06 -5.63
N TYR A 59 9.25 -0.47 -6.50
CA TYR A 59 8.91 -1.87 -6.66
C TYR A 59 10.17 -2.71 -6.84
N LEU A 60 11.05 -2.27 -7.75
CA LEU A 60 12.29 -2.99 -8.01
C LEU A 60 12.97 -3.41 -6.72
N CYS A 61 12.80 -2.60 -5.67
CA CYS A 61 13.40 -2.91 -4.37
C CYS A 61 12.45 -3.77 -3.53
N LEU A 62 11.16 -3.70 -3.84
CA LEU A 62 10.16 -4.48 -3.12
C LEU A 62 10.37 -5.97 -3.33
N ARG A 63 11.01 -6.63 -2.37
CA ARG A 63 11.27 -8.06 -2.46
C ARG A 63 9.97 -8.83 -2.60
N ARG A 64 9.06 -8.64 -1.64
CA ARG A 64 7.78 -9.33 -1.66
C ARG A 64 6.67 -8.42 -1.13
N TYR A 65 5.44 -8.91 -1.18
CA TYR A 65 4.28 -8.13 -0.72
C TYR A 65 3.03 -8.99 -0.70
N GLY A 66 2.09 -8.63 0.17
CA GLY A 66 0.85 -9.37 0.26
C GLY A 66 -0.34 -8.49 0.58
N TYR A 67 -1.53 -9.08 0.62
CA TYR A 67 -2.75 -8.33 0.91
C TYR A 67 -3.84 -9.26 1.44
N ASP A 68 -4.29 -8.98 2.66
CA ASP A 68 -5.33 -9.79 3.29
C ASP A 68 -6.71 -9.20 3.01
N SER A 69 -7.74 -9.86 3.52
CA SER A 69 -9.11 -9.41 3.33
C SER A 69 -9.19 -7.89 3.32
N ASN A 70 -9.02 -7.29 4.49
CA ASN A 70 -9.06 -5.85 4.63
C ASN A 70 -7.78 -5.31 5.27
N LEU A 71 -6.65 -5.75 4.74
CA LEU A 71 -5.35 -5.32 5.26
C LEU A 71 -4.28 -5.40 4.17
N PHE A 72 -3.56 -4.30 3.97
CA PHE A 72 -2.50 -4.25 2.97
C PHE A 72 -1.14 -4.13 3.62
N SER A 73 -0.27 -5.11 3.37
CA SER A 73 1.07 -5.11 3.94
C SER A 73 2.09 -5.57 2.91
N PHE A 74 3.25 -4.91 2.91
CA PHE A 74 4.32 -5.24 1.97
C PHE A 74 5.68 -5.12 2.64
N GLU A 75 6.66 -5.88 2.13
CA GLU A 75 8.00 -5.86 2.68
C GLU A 75 8.91 -4.95 1.84
N SER A 76 9.62 -4.06 2.52
CA SER A 76 10.53 -3.13 1.84
C SER A 76 11.98 -3.45 2.17
N GLY A 77 12.81 -3.52 1.14
CA GLY A 77 14.22 -3.83 1.33
C GLY A 77 14.89 -2.87 2.30
N ARG A 78 16.22 -2.96 2.40
CA ARG A 78 16.96 -2.10 3.30
C ARG A 78 17.48 -0.86 2.56
N ARG A 79 17.70 -1.00 1.27
CA ARG A 79 18.19 0.10 0.45
C ARG A 79 17.05 1.04 0.06
N CYS A 80 16.56 1.81 1.02
CA CYS A 80 15.47 2.74 0.78
C CYS A 80 15.38 3.77 1.90
N GLN A 81 14.70 4.88 1.63
CA GLN A 81 14.53 5.94 2.61
C GLN A 81 14.21 5.37 3.99
N THR A 82 12.99 4.89 4.15
CA THR A 82 12.54 4.32 5.42
C THR A 82 13.54 3.29 5.92
N GLY A 83 13.86 2.31 5.08
CA GLY A 83 14.80 1.27 5.46
C GLY A 83 14.14 -0.09 5.61
N GLN A 84 14.94 -1.11 5.89
CA GLN A 84 14.43 -2.47 6.04
C GLN A 84 13.32 -2.50 7.09
N GLY A 85 12.14 -2.96 6.69
CA GLY A 85 11.01 -3.03 7.60
C GLY A 85 9.70 -3.24 6.88
N ILE A 86 8.76 -3.93 7.53
CA ILE A 86 7.46 -4.20 6.95
C ILE A 86 6.41 -3.22 7.47
N PHE A 87 5.58 -2.70 6.57
CA PHE A 87 4.54 -1.75 6.94
C PHE A 87 3.17 -2.28 6.55
N ALA A 88 2.17 -2.02 7.39
CA ALA A 88 0.81 -2.47 7.13
C ALA A 88 -0.19 -1.33 7.31
N PHE A 89 -1.12 -1.21 6.38
CA PHE A 89 -2.13 -0.17 6.43
C PHE A 89 -3.53 -0.76 6.33
N LYS A 90 -4.42 -0.31 7.21
CA LYS A 90 -5.80 -0.79 7.22
C LYS A 90 -6.61 -0.14 6.11
N CYS A 91 -7.17 -0.97 5.23
CA CYS A 91 -7.98 -0.48 4.12
C CYS A 91 -9.06 -1.48 3.74
N SER A 92 -9.99 -1.06 2.88
CA SER A 92 -11.08 -1.92 2.44
C SER A 92 -10.83 -2.42 1.03
N ARG A 93 -10.08 -1.64 0.25
CA ARG A 93 -9.78 -2.01 -1.13
C ARG A 93 -8.35 -2.51 -1.26
N ALA A 94 -7.92 -3.33 -0.31
CA ALA A 94 -6.57 -3.87 -0.31
C ALA A 94 -6.34 -4.76 -1.53
N GLU A 95 -7.42 -5.33 -2.06
CA GLU A 95 -7.34 -6.20 -3.22
C GLU A 95 -6.89 -5.42 -4.45
N GLU A 96 -7.56 -4.29 -4.71
CA GLU A 96 -7.23 -3.45 -5.86
C GLU A 96 -5.77 -3.03 -5.82
N ILE A 97 -5.39 -2.34 -4.74
CA ILE A 97 -4.02 -1.87 -4.59
C ILE A 97 -3.02 -2.96 -4.98
N PHE A 98 -3.16 -4.13 -4.36
CA PHE A 98 -2.27 -5.24 -4.64
C PHE A 98 -2.26 -5.58 -6.14
N ASN A 99 -3.44 -5.76 -6.71
CA ASN A 99 -3.57 -6.08 -8.12
C ASN A 99 -2.90 -5.02 -8.98
N LEU A 100 -3.02 -3.76 -8.56
CA LEU A 100 -2.43 -2.65 -9.29
C LEU A 100 -0.91 -2.65 -9.15
N LEU A 101 -0.43 -3.01 -7.97
CA LEU A 101 1.00 -3.07 -7.71
C LEU A 101 1.67 -4.12 -8.57
N GLN A 102 1.12 -5.33 -8.57
CA GLN A 102 1.66 -6.43 -9.36
C GLN A 102 1.40 -6.22 -10.84
N ASP A 103 0.37 -5.42 -11.15
CA ASP A 103 0.01 -5.14 -12.53
C ASP A 103 0.98 -4.14 -13.15
N LEU A 104 1.43 -3.18 -12.34
CA LEU A 104 2.37 -2.16 -12.81
C LEU A 104 3.75 -2.75 -13.05
N MET A 105 4.17 -3.65 -12.16
CA MET A 105 5.47 -4.29 -12.29
C MET A 105 5.54 -5.16 -13.54
N GLN A 106 4.52 -6.01 -13.72
CA GLN A 106 4.46 -6.90 -14.88
C GLN A 106 4.30 -6.09 -16.17
N CYS A 107 3.40 -5.11 -16.14
CA CYS A 107 3.15 -4.28 -17.31
C CYS A 107 2.79 -5.13 -18.52
N ASN A 108 1.90 -6.10 -18.31
CA ASN A 108 1.47 -6.99 -19.39
C ASN A 108 -0.04 -6.90 -19.59
N SER A 109 -0.47 -7.09 -20.84
CA SER A 109 -1.89 -7.04 -21.16
C SER A 109 -2.56 -8.39 -20.90
N ILE A 110 -2.29 -8.96 -19.74
CA ILE A 110 -2.88 -10.24 -19.36
C ILE A 110 -3.90 -10.07 -18.24
N ASN A 111 -5.18 -10.21 -18.59
CA ASN A 111 -6.25 -10.07 -17.63
C ASN A 111 -6.39 -11.34 -16.78
N VAL A 112 -6.64 -11.16 -15.49
CA VAL A 112 -6.79 -12.30 -14.58
C VAL A 112 -8.26 -12.63 -14.36
N MET A 113 -8.52 -13.74 -13.69
CA MET A 113 -9.89 -14.17 -13.41
C MET A 113 -10.63 -13.13 -12.58
N GLU A 114 -11.57 -12.44 -13.22
CA GLU A 114 -12.35 -11.41 -12.54
C GLU A 114 -13.33 -12.03 -11.55
N GLU A 115 -12.90 -12.17 -10.30
CA GLU A 115 -13.74 -12.76 -9.27
C GLU A 115 -14.42 -11.67 -8.43
N PRO A 116 -15.69 -11.89 -8.10
CA PRO A 116 -16.48 -10.94 -7.32
C PRO A 116 -16.03 -10.87 -5.86
N VAL A 117 -16.10 -9.68 -5.27
CA VAL A 117 -15.69 -9.48 -3.89
C VAL A 117 -16.77 -9.97 -2.92
N ILE A 118 -16.34 -10.62 -1.85
CA ILE A 118 -17.26 -11.14 -0.85
C ILE A 118 -16.93 -10.61 0.54
N ILE A 119 -17.35 -9.38 0.81
CA ILE A 119 -17.10 -8.76 2.11
C ILE A 119 -18.14 -9.18 3.14
N THR A 120 -17.68 -9.81 4.21
CA THR A 120 -18.57 -10.26 5.27
C THR A 120 -18.13 -9.73 6.63
N SER A 121 -18.63 -8.54 6.97
CA SER A 121 -18.29 -7.91 8.25
C SER A 121 -19.48 -7.16 8.82
N GLY A 122 -19.28 -6.50 9.95
CA GLY A 122 -20.35 -5.76 10.59
C GLY A 122 -20.11 -4.26 10.55
N SER A 123 -20.00 -3.65 11.72
CA SER A 123 -19.77 -2.21 11.82
C SER A 123 -19.20 -1.84 13.19
N SER A 124 -18.46 -0.75 13.24
CA SER A 124 -17.85 -0.28 14.48
C SER A 124 -18.34 1.12 14.84
N GLY A 125 -18.04 1.55 16.05
CA GLY A 125 -18.46 2.87 16.50
C GLY A 125 -17.42 3.93 16.22
N SER A 126 -17.84 5.20 16.29
CA SER A 126 -16.94 6.31 16.04
C SER A 126 -15.63 6.14 16.80
N SER A 127 -14.56 5.86 16.07
CA SER A 127 -13.25 5.66 16.68
C SER A 127 -12.21 6.55 16.01
N GLY A 128 -11.33 7.15 16.82
CA GLY A 128 -10.30 8.02 16.30
C GLY A 128 -9.11 8.13 17.23
N SER A 129 -7.91 8.10 16.66
CA SER A 129 -6.69 8.18 17.45
C SER A 129 -5.70 9.17 16.82
N SER A 130 -5.84 10.44 17.16
CA SER A 130 -4.97 11.47 16.62
C SER A 130 -3.52 11.21 16.99
N GLY A 131 -2.60 11.85 16.25
CA GLY A 131 -1.18 11.66 16.51
C GLY A 131 -0.39 11.43 15.25
N SER A 132 0.81 12.00 15.20
CA SER A 132 1.67 11.86 14.03
C SER A 132 2.74 10.80 14.26
N SER A 133 2.35 9.71 14.92
CA SER A 133 3.27 8.62 15.21
C SER A 133 4.20 8.36 14.02
N GLY A 134 3.61 8.03 12.88
CA GLY A 134 4.40 7.76 11.69
C GLY A 134 4.40 6.29 11.32
N LEU A 135 5.10 5.96 10.24
CA LEU A 135 5.18 4.58 9.78
C LEU A 135 5.61 3.65 10.91
N PHE A 136 5.04 2.45 10.94
CA PHE A 136 5.36 1.48 11.98
C PHE A 136 6.09 0.28 11.38
N ARG A 137 7.27 -0.01 11.91
CA ARG A 137 8.08 -1.13 11.43
C ARG A 137 7.65 -2.43 12.11
N LEU A 138 7.10 -3.35 11.31
CA LEU A 138 6.66 -4.63 11.83
C LEU A 138 7.82 -5.62 11.94
N ARG A 139 7.86 -6.35 13.04
CA ARG A 139 8.92 -7.33 13.27
C ARG A 139 8.79 -8.51 12.30
N HIS A 140 7.56 -8.75 11.85
CA HIS A 140 7.29 -9.86 10.93
C HIS A 140 6.25 -9.46 9.89
N PHE A 141 5.91 -10.39 9.01
CA PHE A 141 4.92 -10.13 7.97
C PHE A 141 3.54 -10.58 8.41
N PRO A 142 2.61 -9.62 8.57
CA PRO A 142 1.24 -9.89 8.99
C PRO A 142 0.44 -10.61 7.92
N CYS A 143 0.45 -10.07 6.71
CA CYS A 143 -0.27 -10.66 5.59
C CYS A 143 0.11 -12.12 5.40
N GLY A 144 -0.72 -12.86 4.67
CA GLY A 144 -0.45 -14.26 4.43
C GLY A 144 -0.12 -14.55 2.97
N ASN A 145 -0.95 -14.01 2.07
CA ASN A 145 -0.74 -14.23 0.64
C ASN A 145 0.40 -13.36 0.13
N VAL A 146 1.61 -13.89 0.18
CA VAL A 146 2.80 -13.18 -0.29
C VAL A 146 3.04 -13.42 -1.77
N ASN A 147 3.58 -12.41 -2.44
CA ASN A 147 3.87 -12.51 -3.87
C ASN A 147 5.29 -12.07 -4.17
N TYR A 148 5.93 -12.76 -5.11
CA TYR A 148 7.30 -12.45 -5.50
C TYR A 148 7.34 -11.65 -6.81
N GLY A 149 7.93 -10.46 -6.75
CA GLY A 149 8.02 -9.62 -7.93
C GLY A 149 9.39 -9.66 -8.57
N TYR A 150 10.08 -8.53 -8.55
CA TYR A 150 11.41 -8.43 -9.14
C TYR A 150 12.29 -9.60 -8.69
N GLN A 151 13.15 -10.07 -9.60
CA GLN A 151 14.04 -11.17 -9.30
C GLN A 151 15.39 -11.01 -10.01
N GLN A 152 16.39 -11.71 -9.53
CA GLN A 152 17.73 -11.64 -10.12
C GLN A 152 18.16 -13.00 -10.66
N GLN A 153 17.21 -13.72 -11.27
CA GLN A 153 17.50 -15.04 -11.83
C GLN A 153 18.68 -14.97 -12.79
N GLY A 1 5.61 16.64 -15.54
CA GLY A 1 4.48 15.81 -15.94
C GLY A 1 3.60 16.51 -16.94
N SER A 2 2.84 15.73 -17.72
CA SER A 2 1.94 16.28 -18.72
C SER A 2 0.57 15.62 -18.64
N SER A 3 0.09 15.41 -17.42
CA SER A 3 -1.21 14.79 -17.21
C SER A 3 -2.23 15.81 -16.71
N GLY A 4 -1.86 16.54 -15.66
CA GLY A 4 -2.74 17.54 -15.10
C GLY A 4 -3.27 17.15 -13.73
N SER A 5 -3.85 18.12 -13.03
CA SER A 5 -4.39 17.87 -11.69
C SER A 5 -5.71 18.62 -11.49
N SER A 6 -6.80 17.87 -11.43
CA SER A 6 -8.12 18.45 -11.24
C SER A 6 -9.08 17.44 -10.63
N GLY A 7 -10.00 17.92 -9.80
CA GLY A 7 -10.97 17.05 -9.17
C GLY A 7 -12.36 17.66 -9.11
N LEU A 8 -13.12 17.50 -10.19
CA LEU A 8 -14.48 18.04 -10.26
C LEU A 8 -15.48 17.08 -9.63
N ASN A 9 -15.80 17.33 -8.36
CA ASN A 9 -16.75 16.49 -7.64
C ASN A 9 -17.12 17.11 -6.30
N ARG A 10 -18.33 16.80 -5.82
CA ARG A 10 -18.80 17.32 -4.54
C ARG A 10 -17.70 17.27 -3.49
N ASP A 11 -17.25 16.06 -3.18
CA ASP A 11 -16.21 15.86 -2.18
C ASP A 11 -14.83 15.97 -2.81
N SER A 12 -13.93 16.67 -2.12
CA SER A 12 -12.57 16.86 -2.63
C SER A 12 -12.01 15.55 -3.18
N VAL A 13 -12.35 14.45 -2.53
CA VAL A 13 -11.89 13.13 -2.96
C VAL A 13 -12.98 12.08 -2.82
N PRO A 14 -13.22 11.32 -3.89
CA PRO A 14 -14.24 10.26 -3.90
C PRO A 14 -13.87 9.08 -3.02
N ASP A 15 -14.80 8.66 -2.17
CA ASP A 15 -14.56 7.54 -1.28
C ASP A 15 -14.37 6.24 -2.07
N ASN A 16 -14.56 6.32 -3.38
CA ASN A 16 -14.40 5.16 -4.25
C ASN A 16 -13.20 5.33 -5.17
N HIS A 17 -12.34 6.30 -4.84
CA HIS A 17 -11.16 6.56 -5.64
C HIS A 17 -10.55 5.26 -6.16
N PRO A 18 -10.31 5.20 -7.49
CA PRO A 18 -9.73 4.02 -8.14
C PRO A 18 -8.27 3.81 -7.76
N THR A 19 -7.48 4.89 -7.78
CA THR A 19 -6.08 4.81 -7.45
C THR A 19 -5.83 5.23 -6.00
N LYS A 20 -5.98 6.52 -5.74
CA LYS A 20 -5.78 7.06 -4.39
C LYS A 20 -6.54 6.23 -3.36
N PHE A 21 -5.89 5.19 -2.85
CA PHE A 21 -6.49 4.33 -1.85
C PHE A 21 -6.26 4.86 -0.44
N LYS A 22 -7.34 5.23 0.24
CA LYS A 22 -7.26 5.76 1.59
C LYS A 22 -6.86 4.66 2.57
N VAL A 23 -5.61 4.70 3.02
CA VAL A 23 -5.11 3.70 3.96
C VAL A 23 -4.99 4.30 5.37
N THR A 24 -4.77 3.43 6.36
CA THR A 24 -4.64 3.87 7.74
C THR A 24 -3.52 3.12 8.45
N ASN A 25 -2.40 3.80 8.66
CA ASN A 25 -1.26 3.21 9.33
C ASN A 25 -1.63 2.71 10.72
N VAL A 26 -1.37 1.44 10.98
CA VAL A 26 -1.68 0.84 12.27
C VAL A 26 -0.45 0.18 12.89
N ASP A 27 -0.63 -0.41 14.07
CA ASP A 27 0.47 -1.07 14.76
C ASP A 27 0.36 -2.59 14.64
N ASP A 28 1.32 -3.30 15.22
CA ASP A 28 1.33 -4.75 15.16
C ASP A 28 -0.05 -5.32 15.49
N GLU A 29 -0.70 -4.76 16.49
CA GLU A 29 -2.03 -5.20 16.89
C GLU A 29 -3.07 -4.81 15.85
N GLY A 30 -3.12 -3.52 15.53
CA GLY A 30 -4.07 -3.03 14.55
C GLY A 30 -4.76 -1.76 14.99
N VAL A 31 -4.05 -0.94 15.75
CA VAL A 31 -4.60 0.32 16.25
C VAL A 31 -4.34 1.45 15.26
N GLU A 32 -5.41 2.09 14.80
CA GLU A 32 -5.30 3.19 13.85
C GLU A 32 -4.43 4.31 14.42
N LEU A 33 -3.26 4.50 13.83
CA LEU A 33 -2.34 5.53 14.28
C LEU A 33 -2.53 6.82 13.48
N GLY A 34 -2.26 6.74 12.18
CA GLY A 34 -2.42 7.90 11.31
C GLY A 34 -3.09 7.56 10.00
N SER A 35 -3.78 8.55 9.43
CA SER A 35 -4.49 8.35 8.16
C SER A 35 -3.73 9.00 7.01
N GLY A 36 -3.72 8.33 5.86
CA GLY A 36 -3.03 8.86 4.69
C GLY A 36 -3.56 8.29 3.39
N VAL A 37 -3.21 8.92 2.28
CA VAL A 37 -3.65 8.47 0.97
C VAL A 37 -2.54 7.72 0.24
N MET A 38 -2.83 6.48 -0.14
CA MET A 38 -1.85 5.66 -0.85
C MET A 38 -2.09 5.69 -2.35
N GLU A 39 -1.07 6.09 -3.10
CA GLU A 39 -1.18 6.16 -4.56
C GLU A 39 -0.18 5.22 -5.22
N LEU A 40 -0.56 4.71 -6.40
CA LEU A 40 0.30 3.79 -7.14
C LEU A 40 0.49 4.28 -8.57
N THR A 41 1.70 4.73 -8.88
CA THR A 41 2.03 5.22 -10.22
C THR A 41 2.93 4.24 -10.95
N GLN A 42 2.70 4.09 -12.26
CA GLN A 42 3.50 3.18 -13.07
C GLN A 42 4.98 3.25 -12.67
N SER A 43 5.45 4.45 -12.36
CA SER A 43 6.83 4.65 -11.97
C SER A 43 7.16 3.86 -10.70
N GLU A 44 6.67 4.35 -9.56
CA GLU A 44 6.91 3.69 -8.28
C GLU A 44 5.73 3.90 -7.34
N LEU A 45 5.83 3.35 -6.14
CA LEU A 45 4.76 3.46 -5.15
C LEU A 45 4.92 4.75 -4.34
N VAL A 46 3.83 5.52 -4.25
CA VAL A 46 3.84 6.77 -3.50
C VAL A 46 2.81 6.75 -2.38
N LEU A 47 3.15 7.39 -1.27
CA LEU A 47 2.25 7.45 -0.12
C LEU A 47 2.14 8.88 0.41
N HIS A 48 0.94 9.45 0.28
CA HIS A 48 0.70 10.82 0.75
C HIS A 48 0.12 10.81 2.17
N LEU A 49 0.71 11.61 3.05
CA LEU A 49 0.25 11.70 4.43
C LEU A 49 -0.01 13.15 4.82
N HIS A 50 -1.09 13.37 5.56
CA HIS A 50 -1.46 14.71 6.00
C HIS A 50 -0.29 15.36 6.76
N ARG A 51 -0.08 16.64 6.52
CA ARG A 51 1.00 17.37 7.17
C ARG A 51 2.20 16.47 7.43
N ARG A 52 2.69 15.84 6.36
CA ARG A 52 3.84 14.94 6.47
C ARG A 52 4.60 14.87 5.16
N GLU A 53 5.70 14.13 5.15
CA GLU A 53 6.52 13.98 3.95
C GLU A 53 5.94 12.92 3.02
N ALA A 54 6.39 12.92 1.77
CA ALA A 54 5.93 11.95 0.79
C ALA A 54 6.97 10.87 0.54
N VAL A 55 6.66 9.65 0.96
CA VAL A 55 7.57 8.53 0.77
C VAL A 55 7.36 7.86 -0.58
N ARG A 56 8.41 7.22 -1.09
CA ARG A 56 8.34 6.54 -2.38
C ARG A 56 9.03 5.19 -2.32
N TRP A 57 8.29 4.14 -2.66
CA TRP A 57 8.83 2.79 -2.64
C TRP A 57 8.74 2.15 -4.02
N PRO A 58 9.91 1.96 -4.67
CA PRO A 58 9.98 1.35 -6.00
C PRO A 58 9.64 -0.13 -5.98
N TYR A 59 8.82 -0.55 -6.94
CA TYR A 59 8.41 -1.95 -7.04
C TYR A 59 9.61 -2.85 -7.30
N LEU A 60 10.50 -2.41 -8.18
CA LEU A 60 11.69 -3.17 -8.52
C LEU A 60 12.45 -3.60 -7.27
N CYS A 61 12.28 -2.82 -6.20
CA CYS A 61 12.94 -3.12 -4.93
C CYS A 61 12.04 -3.96 -4.03
N LEU A 62 10.76 -3.98 -4.35
CA LEU A 62 9.80 -4.74 -3.56
C LEU A 62 10.04 -6.24 -3.70
N ARG A 63 10.56 -6.85 -2.64
CA ARG A 63 10.83 -8.28 -2.65
C ARG A 63 9.55 -9.09 -2.50
N ARG A 64 8.78 -8.78 -1.46
CA ARG A 64 7.52 -9.47 -1.21
C ARG A 64 6.42 -8.48 -0.83
N TYR A 65 5.17 -8.89 -1.07
CA TYR A 65 4.03 -8.03 -0.77
C TYR A 65 2.73 -8.82 -0.83
N GLY A 66 1.93 -8.72 0.23
CA GLY A 66 0.67 -9.44 0.28
C GLY A 66 -0.51 -8.52 0.51
N TYR A 67 -1.67 -9.10 0.79
CA TYR A 67 -2.88 -8.32 1.02
C TYR A 67 -4.01 -9.20 1.55
N ASP A 68 -4.74 -8.70 2.52
CA ASP A 68 -5.85 -9.44 3.12
C ASP A 68 -7.19 -8.86 2.66
N SER A 69 -8.28 -9.42 3.18
CA SER A 69 -9.62 -8.98 2.83
C SER A 69 -9.73 -7.46 2.96
N ASN A 70 -9.41 -6.95 4.14
CA ASN A 70 -9.48 -5.52 4.40
C ASN A 70 -8.19 -5.02 5.04
N LEU A 71 -7.06 -5.50 4.54
CA LEU A 71 -5.75 -5.10 5.06
C LEU A 71 -4.69 -5.16 3.96
N PHE A 72 -3.66 -4.34 4.12
CA PHE A 72 -2.56 -4.30 3.14
C PHE A 72 -1.21 -4.20 3.84
N SER A 73 -0.28 -5.07 3.46
CA SER A 73 1.05 -5.08 4.04
C SER A 73 2.09 -5.54 3.03
N PHE A 74 3.27 -4.93 3.08
CA PHE A 74 4.35 -5.26 2.16
C PHE A 74 5.71 -5.04 2.82
N GLU A 75 6.74 -5.67 2.26
CA GLU A 75 8.09 -5.54 2.79
C GLU A 75 8.95 -4.66 1.89
N SER A 76 9.64 -3.71 2.50
CA SER A 76 10.50 -2.78 1.75
C SER A 76 11.91 -3.34 1.64
N GLY A 77 12.57 -3.03 0.53
CA GLY A 77 13.93 -3.51 0.32
C GLY A 77 14.93 -2.84 1.25
N ARG A 78 16.21 -2.89 0.88
CA ARG A 78 17.26 -2.28 1.69
C ARG A 78 17.67 -0.92 1.12
N ARG A 79 17.74 -0.84 -0.21
CA ARG A 79 18.12 0.39 -0.87
C ARG A 79 16.92 1.32 -1.05
N CYS A 80 16.51 1.95 0.05
CA CYS A 80 15.37 2.87 0.02
C CYS A 80 15.37 3.77 1.25
N GLN A 81 14.93 5.01 1.07
CA GLN A 81 14.88 5.97 2.16
C GLN A 81 14.54 5.27 3.48
N THR A 82 13.29 4.84 3.61
CA THR A 82 12.84 4.16 4.82
C THR A 82 13.77 3.01 5.18
N GLY A 83 14.16 2.23 4.17
CA GLY A 83 15.04 1.11 4.41
C GLY A 83 14.30 -0.14 4.84
N GLN A 84 15.02 -1.26 4.96
CA GLN A 84 14.40 -2.51 5.37
C GLN A 84 13.31 -2.29 6.41
N GLY A 85 12.26 -3.10 6.34
CA GLY A 85 11.16 -2.95 7.28
C GLY A 85 9.82 -3.33 6.67
N ILE A 86 8.84 -3.60 7.52
CA ILE A 86 7.51 -3.96 7.05
C ILE A 86 6.50 -2.86 7.35
N PHE A 87 5.59 -2.63 6.40
CA PHE A 87 4.57 -1.60 6.55
C PHE A 87 3.18 -2.17 6.25
N ALA A 88 2.26 -1.96 7.18
CA ALA A 88 0.89 -2.45 7.01
C ALA A 88 -0.12 -1.34 7.28
N PHE A 89 -1.09 -1.19 6.38
CA PHE A 89 -2.12 -0.17 6.52
C PHE A 89 -3.51 -0.75 6.29
N LYS A 90 -4.48 -0.29 7.06
CA LYS A 90 -5.85 -0.76 6.95
C LYS A 90 -6.57 -0.07 5.80
N CYS A 91 -6.84 -0.82 4.72
CA CYS A 91 -7.52 -0.28 3.56
C CYS A 91 -8.61 -1.22 3.08
N SER A 92 -9.62 -0.67 2.42
CA SER A 92 -10.73 -1.46 1.92
C SER A 92 -10.47 -1.93 0.50
N ARG A 93 -9.95 -1.03 -0.34
CA ARG A 93 -9.65 -1.35 -1.72
C ARG A 93 -8.27 -1.99 -1.84
N ALA A 94 -7.82 -2.63 -0.76
CA ALA A 94 -6.52 -3.29 -0.74
C ALA A 94 -6.35 -4.20 -1.96
N GLU A 95 -7.34 -5.04 -2.19
CA GLU A 95 -7.30 -5.97 -3.33
C GLU A 95 -6.74 -5.28 -4.57
N GLU A 96 -7.24 -4.08 -4.85
CA GLU A 96 -6.80 -3.31 -6.01
C GLU A 96 -5.30 -3.01 -5.92
N ILE A 97 -4.87 -2.51 -4.77
CA ILE A 97 -3.46 -2.18 -4.56
C ILE A 97 -2.57 -3.39 -4.83
N PHE A 98 -3.10 -4.58 -4.58
CA PHE A 98 -2.36 -5.82 -4.79
C PHE A 98 -2.30 -6.16 -6.29
N ASN A 99 -3.46 -6.32 -6.90
CA ASN A 99 -3.55 -6.66 -8.31
C ASN A 99 -2.90 -5.57 -9.16
N LEU A 100 -2.93 -4.34 -8.67
CA LEU A 100 -2.34 -3.21 -9.38
C LEU A 100 -0.82 -3.21 -9.25
N LEU A 101 -0.34 -3.29 -8.02
CA LEU A 101 1.10 -3.30 -7.76
C LEU A 101 1.80 -4.35 -8.62
N GLN A 102 1.27 -5.56 -8.62
CA GLN A 102 1.85 -6.65 -9.40
C GLN A 102 1.64 -6.41 -10.90
N ASP A 103 0.52 -5.77 -11.24
CA ASP A 103 0.21 -5.48 -12.64
C ASP A 103 1.18 -4.45 -13.21
N LEU A 104 1.54 -3.46 -12.40
CA LEU A 104 2.47 -2.41 -12.83
C LEU A 104 3.84 -3.00 -13.13
N MET A 105 4.34 -3.83 -12.22
CA MET A 105 5.64 -4.46 -12.39
C MET A 105 5.71 -5.23 -13.71
N GLN A 106 4.67 -6.00 -13.99
CA GLN A 106 4.62 -6.78 -15.23
C GLN A 106 4.42 -5.88 -16.44
N CYS A 107 3.71 -4.78 -16.23
CA CYS A 107 3.45 -3.82 -17.32
C CYS A 107 4.76 -3.28 -17.88
N ASN A 108 5.25 -3.91 -18.95
CA ASN A 108 6.49 -3.49 -19.58
C ASN A 108 6.22 -2.84 -20.93
N SER A 109 5.58 -1.68 -20.91
CA SER A 109 5.25 -0.96 -22.14
C SER A 109 4.23 -1.72 -22.96
N ILE A 110 3.10 -2.05 -22.33
CA ILE A 110 2.04 -2.78 -23.01
C ILE A 110 0.71 -2.04 -22.91
N ASN A 111 0.40 -1.26 -23.93
CA ASN A 111 -0.84 -0.48 -23.96
C ASN A 111 -2.05 -1.39 -23.71
N VAL A 112 -2.88 -1.02 -22.75
CA VAL A 112 -4.06 -1.79 -22.41
C VAL A 112 -5.15 -0.91 -21.79
N MET A 113 -6.36 -1.01 -22.32
CA MET A 113 -7.47 -0.22 -21.82
C MET A 113 -7.61 -0.36 -20.31
N GLU A 114 -7.84 0.76 -19.64
CA GLU A 114 -7.99 0.77 -18.18
C GLU A 114 -9.14 -0.14 -17.75
N GLU A 115 -9.22 -0.39 -16.44
CA GLU A 115 -10.27 -1.24 -15.90
C GLU A 115 -11.42 -0.39 -15.35
N PRO A 116 -12.65 -0.91 -15.49
CA PRO A 116 -13.85 -0.22 -15.02
C PRO A 116 -13.93 -0.18 -13.50
N VAL A 117 -14.86 0.63 -12.97
CA VAL A 117 -15.04 0.75 -11.53
C VAL A 117 -16.46 0.40 -11.12
N ILE A 118 -16.59 -0.37 -10.05
CA ILE A 118 -17.90 -0.78 -9.55
C ILE A 118 -18.23 -0.10 -8.23
N ILE A 119 -19.22 0.78 -8.25
CA ILE A 119 -19.62 1.49 -7.04
C ILE A 119 -19.47 0.62 -5.80
N THR A 120 -18.47 0.92 -4.98
CA THR A 120 -18.21 0.17 -3.77
C THR A 120 -17.88 1.09 -2.60
N SER A 121 -18.35 0.73 -1.41
CA SER A 121 -18.10 1.52 -0.22
C SER A 121 -16.65 1.39 0.24
N GLY A 122 -16.26 2.21 1.21
CA GLY A 122 -14.90 2.17 1.72
C GLY A 122 -14.85 2.23 3.23
N SER A 123 -13.67 2.01 3.80
CA SER A 123 -13.48 2.04 5.24
C SER A 123 -13.69 3.45 5.77
N SER A 124 -13.59 3.61 7.09
CA SER A 124 -13.76 4.90 7.73
C SER A 124 -12.49 5.33 8.46
N GLY A 125 -11.67 6.13 7.80
CA GLY A 125 -10.43 6.59 8.40
C GLY A 125 -10.67 7.58 9.54
N SER A 126 -9.69 7.68 10.42
CA SER A 126 -9.80 8.58 11.57
C SER A 126 -8.43 8.95 12.12
N SER A 127 -8.12 10.24 12.12
CA SER A 127 -6.83 10.71 12.62
C SER A 127 -6.50 10.08 13.96
N GLY A 128 -5.21 10.13 14.33
CA GLY A 128 -4.79 9.55 15.60
C GLY A 128 -3.62 10.30 16.20
N SER A 129 -2.56 9.57 16.55
CA SER A 129 -1.38 10.16 17.15
C SER A 129 -0.31 10.42 16.08
N SER A 130 0.34 11.58 16.17
CA SER A 130 1.37 11.96 15.22
C SER A 130 2.26 13.06 15.78
N GLY A 131 3.52 13.08 15.36
CA GLY A 131 4.45 14.09 15.82
C GLY A 131 5.89 13.70 15.60
N SER A 132 6.51 13.10 16.61
CA SER A 132 7.91 12.68 16.52
C SER A 132 8.04 11.40 15.69
N SER A 133 7.28 10.38 16.08
CA SER A 133 7.30 9.09 15.39
C SER A 133 6.33 9.09 14.22
N GLY A 134 6.45 8.09 13.35
CA GLY A 134 5.58 7.99 12.20
C GLY A 134 5.16 6.56 11.91
N LEU A 135 5.31 6.14 10.65
CA LEU A 135 4.96 4.79 10.25
C LEU A 135 5.50 3.76 11.22
N PHE A 136 4.61 3.02 11.87
CA PHE A 136 5.01 2.00 12.83
C PHE A 136 5.65 0.81 12.12
N ARG A 137 6.91 0.55 12.44
CA ARG A 137 7.63 -0.57 11.83
C ARG A 137 7.25 -1.89 12.48
N LEU A 138 6.71 -2.80 11.67
CA LEU A 138 6.29 -4.11 12.17
C LEU A 138 7.47 -5.08 12.23
N ARG A 139 7.37 -6.07 13.10
CA ARG A 139 8.43 -7.07 13.27
C ARG A 139 8.16 -8.29 12.39
N HIS A 140 6.90 -8.71 12.34
CA HIS A 140 6.51 -9.87 11.54
C HIS A 140 5.45 -9.49 10.51
N PHE A 141 5.17 -10.42 9.60
CA PHE A 141 4.18 -10.18 8.56
C PHE A 141 2.78 -10.58 9.02
N PRO A 142 1.86 -9.61 9.05
CA PRO A 142 0.48 -9.84 9.49
C PRO A 142 -0.31 -10.69 8.48
N CYS A 143 -0.26 -10.28 7.21
CA CYS A 143 -0.97 -11.01 6.16
C CYS A 143 -0.41 -12.42 6.00
N GLY A 144 -1.16 -13.27 5.30
CA GLY A 144 -0.71 -14.64 5.08
C GLY A 144 -0.38 -14.91 3.63
N ASN A 145 -1.07 -14.23 2.72
CA ASN A 145 -0.85 -14.42 1.30
C ASN A 145 0.20 -13.44 0.78
N VAL A 146 1.45 -13.91 0.70
CA VAL A 146 2.55 -13.09 0.23
C VAL A 146 2.83 -13.35 -1.25
N ASN A 147 3.36 -12.34 -1.93
CA ASN A 147 3.68 -12.46 -3.35
C ASN A 147 5.09 -11.94 -3.63
N TYR A 148 5.82 -12.66 -4.48
CA TYR A 148 7.18 -12.28 -4.84
C TYR A 148 7.25 -11.80 -6.28
N GLY A 149 7.84 -10.63 -6.48
CA GLY A 149 7.97 -10.08 -7.82
C GLY A 149 9.29 -10.45 -8.48
N TYR A 150 10.01 -9.44 -8.94
CA TYR A 150 11.29 -9.65 -9.60
C TYR A 150 12.17 -10.58 -8.78
N GLN A 151 12.18 -11.86 -9.14
CA GLN A 151 12.98 -12.86 -8.44
C GLN A 151 13.45 -13.95 -9.40
N GLN A 152 14.69 -14.40 -9.21
CA GLN A 152 15.26 -15.43 -10.06
C GLN A 152 14.62 -16.78 -9.76
N GLN A 153 13.53 -17.09 -10.46
CA GLN A 153 12.83 -18.35 -10.28
C GLN A 153 13.82 -19.51 -10.13
N GLY A 1 -16.97 15.28 20.32
CA GLY A 1 -17.79 14.21 19.78
C GLY A 1 -19.13 14.71 19.28
N SER A 2 -19.53 14.23 18.10
CA SER A 2 -20.79 14.63 17.52
C SER A 2 -21.24 13.63 16.45
N SER A 3 -22.45 13.11 16.61
CA SER A 3 -23.00 12.14 15.66
C SER A 3 -24.25 12.68 14.98
N GLY A 4 -24.37 12.42 13.70
CA GLY A 4 -25.53 12.89 12.95
C GLY A 4 -25.29 14.23 12.27
N SER A 5 -24.49 14.22 11.21
CA SER A 5 -24.18 15.44 10.48
C SER A 5 -23.70 15.11 9.07
N SER A 6 -23.59 16.15 8.23
CA SER A 6 -23.14 15.97 6.86
C SER A 6 -22.59 17.29 6.30
N GLY A 7 -21.30 17.29 5.99
CA GLY A 7 -20.67 18.47 5.45
C GLY A 7 -20.20 18.29 4.02
N LEU A 8 -19.02 18.81 3.71
CA LEU A 8 -18.47 18.70 2.36
C LEU A 8 -16.96 18.95 2.37
N ASN A 9 -16.26 18.24 1.51
CA ASN A 9 -14.80 18.39 1.42
C ASN A 9 -14.40 19.04 0.09
N ARG A 10 -13.51 20.02 0.16
CA ARG A 10 -13.05 20.72 -1.03
C ARG A 10 -12.50 19.74 -2.06
N ASP A 11 -11.64 18.84 -1.61
CA ASP A 11 -11.05 17.83 -2.50
C ASP A 11 -11.96 16.62 -2.64
N SER A 12 -12.85 16.67 -3.62
CA SER A 12 -13.79 15.58 -3.87
C SER A 12 -13.05 14.26 -4.09
N VAL A 13 -13.60 13.18 -3.56
CA VAL A 13 -12.99 11.86 -3.70
C VAL A 13 -14.03 10.81 -4.08
N PRO A 14 -13.69 9.99 -5.09
CA PRO A 14 -14.59 8.93 -5.57
C PRO A 14 -14.75 7.80 -4.56
N ASP A 15 -15.95 7.25 -4.49
CA ASP A 15 -16.23 6.16 -3.56
C ASP A 15 -15.38 4.93 -3.90
N ASN A 16 -14.90 4.87 -5.14
CA ASN A 16 -14.09 3.75 -5.59
C ASN A 16 -12.87 4.24 -6.35
N HIS A 17 -12.10 5.12 -5.72
CA HIS A 17 -10.90 5.67 -6.34
C HIS A 17 -9.97 4.55 -6.82
N PRO A 18 -9.77 4.48 -8.14
CA PRO A 18 -8.92 3.46 -8.77
C PRO A 18 -7.44 3.69 -8.46
N THR A 19 -6.97 4.91 -8.66
CA THR A 19 -5.58 5.25 -8.41
C THR A 19 -5.33 5.44 -6.92
N LYS A 20 -5.84 6.54 -6.37
CA LYS A 20 -5.67 6.84 -4.95
C LYS A 20 -6.40 5.81 -4.08
N PHE A 21 -5.96 5.67 -2.84
CA PHE A 21 -6.59 4.73 -1.92
C PHE A 21 -6.34 5.15 -0.47
N LYS A 22 -7.40 5.58 0.20
CA LYS A 22 -7.32 6.01 1.59
C LYS A 22 -6.92 4.85 2.49
N VAL A 23 -5.68 4.88 2.98
CA VAL A 23 -5.18 3.83 3.86
C VAL A 23 -4.97 4.35 5.27
N THR A 24 -4.73 3.44 6.21
CA THR A 24 -4.51 3.81 7.60
C THR A 24 -3.40 2.98 8.22
N ASN A 25 -2.26 3.63 8.48
CA ASN A 25 -1.11 2.95 9.07
C ASN A 25 -1.48 2.34 10.42
N VAL A 26 -1.10 1.08 10.61
CA VAL A 26 -1.39 0.38 11.86
C VAL A 26 -0.17 -0.41 12.34
N ASP A 27 -0.21 -0.83 13.60
CA ASP A 27 0.89 -1.59 14.18
C ASP A 27 0.68 -3.10 13.98
N ASP A 28 1.62 -3.89 14.48
CA ASP A 28 1.53 -5.33 14.35
C ASP A 28 0.15 -5.85 14.75
N GLU A 29 -0.45 -5.18 15.73
CA GLU A 29 -1.78 -5.56 16.20
C GLU A 29 -2.86 -5.05 15.27
N GLY A 30 -2.63 -3.88 14.69
CA GLY A 30 -3.59 -3.30 13.77
C GLY A 30 -4.24 -2.03 14.32
N VAL A 31 -3.56 -1.41 15.28
CA VAL A 31 -4.06 -0.18 15.89
C VAL A 31 -3.86 1.01 14.97
N GLU A 32 -4.94 1.74 14.71
CA GLU A 32 -4.88 2.91 13.85
C GLU A 32 -3.91 3.96 14.41
N LEU A 33 -3.10 4.52 13.54
CA LEU A 33 -2.12 5.53 13.94
C LEU A 33 -2.32 6.83 13.16
N GLY A 34 -2.19 6.76 11.84
CA GLY A 34 -2.36 7.93 11.00
C GLY A 34 -2.96 7.60 9.66
N SER A 35 -3.94 8.40 9.24
CA SER A 35 -4.61 8.18 7.97
C SER A 35 -3.89 8.91 6.84
N GLY A 36 -3.86 8.29 5.67
CA GLY A 36 -3.19 8.89 4.53
C GLY A 36 -3.66 8.31 3.21
N VAL A 37 -3.33 8.98 2.11
CA VAL A 37 -3.73 8.53 0.78
C VAL A 37 -2.58 7.79 0.10
N MET A 38 -2.83 6.53 -0.25
CA MET A 38 -1.82 5.71 -0.92
C MET A 38 -2.00 5.75 -2.44
N GLU A 39 -0.94 6.11 -3.15
CA GLU A 39 -0.99 6.19 -4.60
C GLU A 39 0.02 5.22 -5.23
N LEU A 40 -0.26 4.83 -6.47
CA LEU A 40 0.61 3.91 -7.18
C LEU A 40 0.87 4.39 -8.60
N THR A 41 2.14 4.37 -9.01
CA THR A 41 2.52 4.80 -10.34
C THR A 41 3.42 3.78 -11.02
N GLN A 42 3.27 3.63 -12.34
CA GLN A 42 4.08 2.69 -13.10
C GLN A 42 5.55 2.79 -12.70
N SER A 43 5.96 3.97 -12.23
CA SER A 43 7.34 4.20 -11.83
C SER A 43 7.63 3.50 -10.50
N GLU A 44 7.13 4.08 -9.41
CA GLU A 44 7.35 3.53 -8.09
C GLU A 44 6.13 3.74 -7.20
N LEU A 45 6.20 3.24 -5.97
CA LEU A 45 5.10 3.38 -5.03
C LEU A 45 5.20 4.70 -4.26
N VAL A 46 4.06 5.34 -4.04
CA VAL A 46 4.03 6.61 -3.31
C VAL A 46 2.93 6.60 -2.24
N LEU A 47 3.14 7.39 -1.19
CA LEU A 47 2.17 7.46 -0.10
C LEU A 47 2.07 8.89 0.43
N HIS A 48 0.89 9.49 0.28
CA HIS A 48 0.68 10.85 0.76
C HIS A 48 0.03 10.86 2.14
N LEU A 49 0.56 11.68 3.04
CA LEU A 49 0.04 11.78 4.39
C LEU A 49 -0.24 13.23 4.78
N HIS A 50 0.83 14.01 4.91
CA HIS A 50 0.71 15.41 5.28
C HIS A 50 1.89 16.22 4.74
N ARG A 51 1.94 17.49 5.10
CA ARG A 51 3.02 18.36 4.65
C ARG A 51 4.34 17.60 4.55
N ARG A 52 4.56 16.70 5.50
CA ARG A 52 5.78 15.89 5.51
C ARG A 52 6.02 15.26 4.16
N GLU A 53 7.26 15.38 3.66
CA GLU A 53 7.62 14.81 2.36
C GLU A 53 6.91 13.47 2.14
N ALA A 54 6.73 13.11 0.87
CA ALA A 54 6.07 11.85 0.53
C ALA A 54 7.08 10.72 0.46
N VAL A 55 6.69 9.57 1.02
CA VAL A 55 7.56 8.39 1.03
C VAL A 55 7.37 7.56 -0.24
N ARG A 56 8.41 7.48 -1.06
CA ARG A 56 8.36 6.72 -2.29
C ARG A 56 9.13 5.41 -2.16
N TRP A 57 8.45 4.30 -2.41
CA TRP A 57 9.07 2.98 -2.32
C TRP A 57 9.17 2.33 -3.69
N PRO A 58 10.41 2.02 -4.11
CA PRO A 58 10.67 1.39 -5.41
C PRO A 58 10.19 -0.06 -5.46
N TYR A 59 9.58 -0.43 -6.58
CA TYR A 59 9.08 -1.79 -6.75
C TYR A 59 10.23 -2.79 -6.83
N LEU A 60 11.25 -2.45 -7.61
CA LEU A 60 12.41 -3.31 -7.78
C LEU A 60 12.91 -3.82 -6.43
N CYS A 61 12.85 -2.95 -5.42
CA CYS A 61 13.30 -3.30 -4.08
C CYS A 61 12.30 -4.24 -3.40
N LEU A 62 11.02 -4.04 -3.68
CA LEU A 62 9.98 -4.87 -3.09
C LEU A 62 10.25 -6.36 -3.34
N ARG A 63 10.82 -7.02 -2.33
CA ARG A 63 11.14 -8.44 -2.44
C ARG A 63 9.86 -9.28 -2.43
N ARG A 64 8.88 -8.86 -1.64
CA ARG A 64 7.62 -9.57 -1.55
C ARG A 64 6.50 -8.65 -1.06
N TYR A 65 5.27 -8.98 -1.42
CA TYR A 65 4.12 -8.17 -1.02
C TYR A 65 2.85 -9.01 -1.01
N GLY A 66 2.02 -8.80 0.00
CA GLY A 66 0.78 -9.55 0.12
C GLY A 66 -0.39 -8.67 0.51
N TYR A 67 -1.57 -9.27 0.61
CA TYR A 67 -2.77 -8.54 0.98
C TYR A 67 -3.83 -9.47 1.56
N ASP A 68 -4.70 -8.92 2.41
CA ASP A 68 -5.75 -9.71 3.03
C ASP A 68 -7.13 -9.08 2.77
N SER A 69 -8.17 -9.73 3.26
CA SER A 69 -9.54 -9.24 3.08
C SER A 69 -9.58 -7.72 3.22
N ASN A 70 -9.26 -7.22 4.40
CA ASN A 70 -9.25 -5.79 4.67
C ASN A 70 -7.93 -5.35 5.27
N LEU A 71 -6.83 -5.72 4.62
CA LEU A 71 -5.50 -5.36 5.08
C LEU A 71 -4.50 -5.35 3.94
N PHE A 72 -3.49 -4.49 4.04
CA PHE A 72 -2.47 -4.39 3.00
C PHE A 72 -1.09 -4.21 3.62
N SER A 73 -0.23 -5.20 3.42
CA SER A 73 1.13 -5.15 3.96
C SER A 73 2.15 -5.52 2.89
N PHE A 74 3.33 -4.92 2.97
CA PHE A 74 4.40 -5.18 2.01
C PHE A 74 5.77 -5.03 2.67
N GLU A 75 6.80 -5.48 1.97
CA GLU A 75 8.16 -5.39 2.49
C GLU A 75 9.05 -4.58 1.55
N SER A 76 9.67 -3.53 2.10
CA SER A 76 10.54 -2.67 1.30
C SER A 76 12.01 -3.01 1.56
N GLY A 77 12.76 -3.19 0.48
CA GLY A 77 14.17 -3.52 0.60
C GLY A 77 14.94 -2.47 1.39
N ARG A 78 16.26 -2.49 1.25
CA ARG A 78 17.11 -1.54 1.96
C ARG A 78 17.42 -0.33 1.08
N ARG A 79 16.76 -0.25 -0.07
CA ARG A 79 16.96 0.85 -1.00
C ARG A 79 15.77 1.80 -0.99
N CYS A 80 15.40 2.26 0.19
CA CYS A 80 14.27 3.17 0.34
C CYS A 80 14.65 4.37 1.21
N GLN A 81 13.68 5.25 1.45
CA GLN A 81 13.92 6.44 2.26
C GLN A 81 13.70 6.14 3.74
N THR A 82 12.95 5.08 4.01
CA THR A 82 12.67 4.68 5.40
C THR A 82 13.67 3.64 5.88
N GLY A 83 13.97 2.67 5.03
CA GLY A 83 14.91 1.62 5.39
C GLY A 83 14.26 0.25 5.45
N GLN A 84 15.08 -0.79 5.41
CA GLN A 84 14.59 -2.16 5.45
C GLN A 84 13.58 -2.34 6.59
N GLY A 85 12.36 -2.70 6.23
CA GLY A 85 11.32 -2.90 7.23
C GLY A 85 10.00 -3.29 6.62
N ILE A 86 9.00 -3.55 7.48
CA ILE A 86 7.67 -3.93 7.00
C ILE A 86 6.62 -2.91 7.46
N PHE A 87 5.61 -2.70 6.62
CA PHE A 87 4.55 -1.76 6.93
C PHE A 87 3.19 -2.33 6.54
N ALA A 88 2.22 -2.19 7.44
CA ALA A 88 0.87 -2.68 7.18
C ALA A 88 -0.17 -1.59 7.40
N PHE A 89 -1.14 -1.51 6.49
CA PHE A 89 -2.19 -0.51 6.57
C PHE A 89 -3.57 -1.15 6.50
N LYS A 90 -4.57 -0.46 7.02
CA LYS A 90 -5.94 -0.98 7.03
C LYS A 90 -6.78 -0.27 5.95
N CYS A 91 -7.34 -1.07 5.04
CA CYS A 91 -8.16 -0.52 3.96
C CYS A 91 -9.23 -1.52 3.54
N SER A 92 -10.07 -1.12 2.60
CA SER A 92 -11.14 -1.98 2.11
C SER A 92 -10.95 -2.29 0.62
N ARG A 93 -10.20 -1.44 -0.06
CA ARG A 93 -9.94 -1.61 -1.47
C ARG A 93 -8.56 -2.23 -1.71
N ALA A 94 -8.04 -2.91 -0.70
CA ALA A 94 -6.74 -3.55 -0.79
C ALA A 94 -6.63 -4.41 -2.04
N GLU A 95 -7.65 -5.24 -2.28
CA GLU A 95 -7.66 -6.12 -3.44
C GLU A 95 -7.24 -5.36 -4.70
N GLU A 96 -7.60 -4.08 -4.76
CA GLU A 96 -7.26 -3.25 -5.90
C GLU A 96 -5.79 -2.86 -5.88
N ILE A 97 -5.36 -2.24 -4.78
CA ILE A 97 -3.98 -1.82 -4.63
C ILE A 97 -3.02 -2.98 -4.89
N PHE A 98 -3.30 -4.13 -4.29
CA PHE A 98 -2.47 -5.31 -4.46
C PHE A 98 -2.43 -5.74 -5.92
N ASN A 99 -3.60 -5.94 -6.51
CA ASN A 99 -3.70 -6.35 -7.91
C ASN A 99 -3.04 -5.33 -8.82
N LEU A 100 -3.13 -4.06 -8.45
CA LEU A 100 -2.55 -2.98 -9.23
C LEU A 100 -1.02 -2.98 -9.11
N LEU A 101 -0.54 -3.20 -7.89
CA LEU A 101 0.90 -3.23 -7.64
C LEU A 101 1.58 -4.33 -8.45
N GLN A 102 1.05 -5.54 -8.35
CA GLN A 102 1.60 -6.68 -9.08
C GLN A 102 1.53 -6.45 -10.59
N ASP A 103 0.56 -5.64 -11.02
CA ASP A 103 0.40 -5.34 -12.43
C ASP A 103 1.42 -4.30 -12.89
N LEU A 104 1.47 -3.17 -12.19
CA LEU A 104 2.41 -2.10 -12.53
C LEU A 104 3.83 -2.65 -12.66
N MET A 105 4.09 -3.77 -12.00
CA MET A 105 5.41 -4.39 -12.05
C MET A 105 5.54 -5.27 -13.29
N GLN A 106 4.75 -6.34 -13.34
CA GLN A 106 4.78 -7.25 -14.47
C GLN A 106 4.75 -6.49 -15.80
N CYS A 107 3.87 -5.51 -15.87
CA CYS A 107 3.73 -4.71 -17.09
C CYS A 107 4.53 -3.41 -16.99
N ASN A 108 5.75 -3.43 -17.53
CA ASN A 108 6.61 -2.26 -17.48
C ASN A 108 7.00 -1.82 -18.90
N SER A 109 5.99 -1.48 -19.70
CA SER A 109 6.23 -1.04 -21.07
C SER A 109 6.78 -2.19 -21.91
N ILE A 110 6.30 -3.40 -21.64
CA ILE A 110 6.75 -4.57 -22.38
C ILE A 110 5.58 -5.47 -22.75
N ASN A 111 5.58 -5.98 -23.98
CA ASN A 111 4.51 -6.85 -24.45
C ASN A 111 4.60 -8.23 -23.78
N VAL A 112 5.67 -8.96 -24.09
CA VAL A 112 5.89 -10.28 -23.53
C VAL A 112 6.71 -10.21 -22.25
N MET A 113 6.24 -10.88 -21.21
CA MET A 113 6.94 -10.90 -19.93
C MET A 113 7.96 -12.03 -19.88
N GLU A 114 8.48 -12.41 -21.05
CA GLU A 114 9.47 -13.48 -21.14
C GLU A 114 10.54 -13.32 -20.06
N GLU A 115 10.44 -14.15 -19.02
CA GLU A 115 11.40 -14.11 -17.92
C GLU A 115 11.67 -15.51 -17.38
N PRO A 116 12.92 -15.76 -16.97
CA PRO A 116 13.33 -17.05 -16.41
C PRO A 116 12.73 -17.31 -15.04
N VAL A 117 12.48 -18.59 -14.74
CA VAL A 117 11.90 -18.97 -13.46
C VAL A 117 12.86 -19.83 -12.66
N ILE A 118 13.01 -19.52 -11.38
CA ILE A 118 13.90 -20.27 -10.49
C ILE A 118 13.28 -20.47 -9.12
N ILE A 119 13.27 -21.72 -8.65
CA ILE A 119 12.71 -22.03 -7.35
C ILE A 119 13.80 -22.13 -6.29
N THR A 120 14.04 -21.02 -5.59
CA THR A 120 15.06 -20.98 -4.55
C THR A 120 14.52 -20.31 -3.28
N SER A 121 14.49 -21.06 -2.20
CA SER A 121 14.01 -20.55 -0.92
C SER A 121 15.08 -20.63 0.16
N GLY A 122 15.78 -19.52 0.36
CA GLY A 122 16.84 -19.48 1.36
C GLY A 122 17.45 -18.11 1.50
N SER A 123 16.67 -17.16 2.02
CA SER A 123 17.15 -15.80 2.21
C SER A 123 16.95 -15.34 3.65
N SER A 124 18.03 -14.92 4.28
CA SER A 124 17.97 -14.46 5.67
C SER A 124 19.09 -13.45 5.95
N GLY A 125 18.97 -12.76 7.07
CA GLY A 125 19.98 -11.77 7.44
C GLY A 125 19.53 -10.35 7.14
N SER A 126 18.99 -9.67 8.15
CA SER A 126 18.52 -8.31 7.98
C SER A 126 19.12 -7.39 9.04
N SER A 127 19.56 -6.22 8.62
CA SER A 127 20.16 -5.25 9.54
C SER A 127 19.61 -3.85 9.29
N GLY A 128 19.71 -2.99 10.31
CA GLY A 128 19.22 -1.63 10.18
C GLY A 128 20.30 -0.67 9.71
N SER A 129 20.10 -0.07 8.54
CA SER A 129 21.06 0.87 7.99
C SER A 129 20.75 2.29 8.43
N SER A 130 19.50 2.69 8.26
CA SER A 130 19.07 4.03 8.64
C SER A 130 17.56 4.08 8.89
N GLY A 131 17.15 4.85 9.89
CA GLY A 131 15.74 4.97 10.21
C GLY A 131 15.32 6.40 10.48
N SER A 132 14.08 6.72 10.12
CA SER A 132 13.55 8.07 10.32
C SER A 132 12.12 8.02 10.83
N SER A 133 11.73 9.05 11.58
CA SER A 133 10.39 9.13 12.14
C SER A 133 9.33 9.06 11.03
N GLY A 134 8.52 8.01 11.05
CA GLY A 134 7.49 7.85 10.06
C GLY A 134 6.52 6.74 10.40
N LEU A 135 6.43 5.73 9.53
CA LEU A 135 5.54 4.61 9.75
C LEU A 135 6.18 3.56 10.65
N PHE A 136 5.54 3.27 11.77
CA PHE A 136 6.05 2.29 12.72
C PHE A 136 6.51 1.03 12.00
N ARG A 137 7.79 0.71 12.14
CA ARG A 137 8.36 -0.48 11.50
C ARG A 137 7.72 -1.75 12.04
N LEU A 138 7.44 -2.69 11.15
CA LEU A 138 6.82 -3.96 11.54
C LEU A 138 7.86 -5.07 11.62
N ARG A 139 7.53 -6.13 12.35
CA ARG A 139 8.43 -7.26 12.50
C ARG A 139 7.87 -8.51 11.82
N HIS A 140 6.59 -8.76 12.05
CA HIS A 140 5.92 -9.92 11.46
C HIS A 140 4.99 -9.50 10.33
N PHE A 141 4.66 -10.46 9.46
CA PHE A 141 3.77 -10.19 8.33
C PHE A 141 2.34 -10.62 8.64
N PRO A 142 1.44 -9.64 8.71
CA PRO A 142 0.02 -9.89 9.01
C PRO A 142 -0.69 -10.59 7.85
N CYS A 143 -0.46 -10.10 6.63
CA CYS A 143 -1.07 -10.68 5.45
C CYS A 143 -0.72 -12.15 5.31
N GLY A 144 -1.47 -12.87 4.48
CA GLY A 144 -1.22 -14.29 4.28
C GLY A 144 -0.66 -14.59 2.91
N ASN A 145 -1.41 -14.20 1.87
CA ASN A 145 -0.98 -14.44 0.50
C ASN A 145 0.16 -13.50 0.12
N VAL A 146 1.37 -14.03 0.05
CA VAL A 146 2.54 -13.24 -0.30
C VAL A 146 2.97 -13.51 -1.75
N ASN A 147 3.24 -12.44 -2.49
CA ASN A 147 3.67 -12.57 -3.87
C ASN A 147 5.16 -12.28 -4.02
N TYR A 148 5.72 -12.65 -5.17
CA TYR A 148 7.13 -12.43 -5.43
C TYR A 148 7.34 -11.54 -6.65
N GLY A 149 7.71 -10.29 -6.40
CA GLY A 149 7.93 -9.35 -7.49
C GLY A 149 9.28 -9.53 -8.15
N TYR A 150 10.15 -8.53 -7.99
CA TYR A 150 11.48 -8.58 -8.58
C TYR A 150 12.35 -9.63 -7.89
N GLN A 151 13.40 -10.06 -8.57
CA GLN A 151 14.30 -11.06 -8.01
C GLN A 151 15.66 -11.01 -8.70
N GLN A 152 16.71 -11.39 -7.97
CA GLN A 152 18.05 -11.39 -8.51
C GLN A 152 18.85 -12.59 -8.01
N GLN A 153 19.32 -13.41 -8.95
CA GLN A 153 20.09 -14.60 -8.60
C GLN A 153 20.96 -14.34 -7.38
N GLY A 1 -0.34 -4.82 -24.57
CA GLY A 1 -1.68 -4.40 -24.93
C GLY A 1 -2.07 -3.07 -24.30
N SER A 2 -3.16 -2.49 -24.77
CA SER A 2 -3.62 -1.21 -24.25
C SER A 2 -5.07 -0.95 -24.68
N SER A 3 -5.65 0.13 -24.16
CA SER A 3 -7.02 0.50 -24.48
C SER A 3 -7.15 2.00 -24.70
N GLY A 4 -8.35 2.45 -25.05
CA GLY A 4 -8.58 3.85 -25.29
C GLY A 4 -9.18 4.55 -24.08
N SER A 5 -8.51 5.61 -23.62
CA SER A 5 -8.98 6.36 -22.46
C SER A 5 -8.15 7.63 -22.27
N SER A 6 -8.81 8.73 -21.94
CA SER A 6 -8.14 10.00 -21.73
C SER A 6 -9.00 10.94 -20.89
N GLY A 7 -8.34 11.86 -20.18
CA GLY A 7 -9.06 12.80 -19.35
C GLY A 7 -8.19 13.43 -18.29
N LEU A 8 -8.39 14.71 -18.03
CA LEU A 8 -7.61 15.44 -17.02
C LEU A 8 -8.44 16.53 -16.36
N ASN A 9 -8.36 16.59 -15.03
CA ASN A 9 -9.10 17.59 -14.27
C ASN A 9 -8.71 17.56 -12.80
N ARG A 10 -8.53 18.74 -12.22
CA ARG A 10 -8.15 18.85 -10.82
C ARG A 10 -9.38 19.07 -9.94
N ASP A 11 -9.46 18.33 -8.84
CA ASP A 11 -10.57 18.44 -7.91
C ASP A 11 -10.35 17.57 -6.68
N SER A 12 -11.26 17.67 -5.72
CA SER A 12 -11.17 16.90 -4.48
C SER A 12 -10.89 15.43 -4.78
N VAL A 13 -10.73 14.64 -3.73
CA VAL A 13 -10.47 13.21 -3.89
C VAL A 13 -11.75 12.40 -3.79
N PRO A 14 -12.00 11.56 -4.82
CA PRO A 14 -13.19 10.72 -4.88
C PRO A 14 -13.16 9.59 -3.84
N ASP A 15 -14.31 8.97 -3.62
CA ASP A 15 -14.42 7.89 -2.65
C ASP A 15 -14.07 6.55 -3.29
N ASN A 16 -14.13 6.51 -4.62
CA ASN A 16 -13.82 5.29 -5.36
C ASN A 16 -12.58 5.48 -6.24
N HIS A 17 -11.66 6.31 -5.78
CA HIS A 17 -10.43 6.59 -6.52
C HIS A 17 -9.86 5.30 -7.11
N PRO A 18 -9.66 5.30 -8.43
CA PRO A 18 -9.11 4.14 -9.14
C PRO A 18 -7.64 3.88 -8.81
N THR A 19 -6.83 4.94 -8.92
CA THR A 19 -5.41 4.83 -8.63
C THR A 19 -5.14 4.92 -7.14
N LYS A 20 -5.37 6.11 -6.57
CA LYS A 20 -5.15 6.34 -5.15
C LYS A 20 -6.05 5.42 -4.31
N PHE A 21 -5.65 5.19 -3.07
CA PHE A 21 -6.42 4.33 -2.17
C PHE A 21 -6.22 4.77 -0.72
N LYS A 22 -7.34 5.04 -0.04
CA LYS A 22 -7.30 5.47 1.36
C LYS A 22 -6.83 4.33 2.26
N VAL A 23 -5.94 4.65 3.19
CA VAL A 23 -5.41 3.65 4.12
C VAL A 23 -5.15 4.27 5.50
N THR A 24 -4.83 3.42 6.47
CA THR A 24 -4.57 3.88 7.82
C THR A 24 -3.40 3.10 8.44
N ASN A 25 -2.26 3.77 8.57
CA ASN A 25 -1.07 3.14 9.14
C ASN A 25 -1.37 2.60 10.53
N VAL A 26 -1.06 1.32 10.75
CA VAL A 26 -1.29 0.69 12.03
C VAL A 26 -0.02 0.01 12.54
N ASP A 27 -0.13 -0.66 13.69
CA ASP A 27 1.00 -1.35 14.28
C ASP A 27 0.72 -2.86 14.39
N ASP A 28 1.65 -3.58 15.00
CA ASP A 28 1.50 -5.01 15.18
C ASP A 28 0.19 -5.35 15.88
N GLU A 29 -0.38 -4.36 16.56
CA GLU A 29 -1.63 -4.55 17.28
C GLU A 29 -2.82 -4.11 16.43
N GLY A 30 -2.57 -3.16 15.54
CA GLY A 30 -3.63 -2.66 14.67
C GLY A 30 -4.20 -1.35 15.17
N VAL A 31 -3.36 -0.52 15.78
CA VAL A 31 -3.80 0.77 16.30
C VAL A 31 -3.57 1.88 15.29
N GLU A 32 -4.67 2.47 14.82
CA GLU A 32 -4.60 3.54 13.84
C GLU A 32 -3.72 4.69 14.35
N LEU A 33 -2.57 4.87 13.70
CA LEU A 33 -1.64 5.93 14.10
C LEU A 33 -1.81 7.16 13.21
N GLY A 34 -1.46 7.02 11.94
CA GLY A 34 -1.59 8.12 11.01
C GLY A 34 -2.18 7.70 9.68
N SER A 35 -3.35 8.24 9.35
CA SER A 35 -4.03 7.91 8.10
C SER A 35 -3.47 8.74 6.95
N GLY A 36 -3.49 8.16 5.75
CA GLY A 36 -2.99 8.87 4.59
C GLY A 36 -3.50 8.27 3.29
N VAL A 37 -3.22 8.95 2.18
CA VAL A 37 -3.66 8.48 0.87
C VAL A 37 -2.54 7.76 0.14
N MET A 38 -2.77 6.49 -0.21
CA MET A 38 -1.79 5.69 -0.91
C MET A 38 -1.93 5.84 -2.42
N GLU A 39 -0.80 6.01 -3.11
CA GLU A 39 -0.81 6.17 -4.55
C GLU A 39 0.16 5.20 -5.21
N LEU A 40 -0.22 4.67 -6.37
CA LEU A 40 0.61 3.71 -7.10
C LEU A 40 0.82 4.17 -8.54
N THR A 41 2.08 4.30 -8.94
CA THR A 41 2.42 4.73 -10.29
C THR A 41 3.34 3.72 -10.97
N GLN A 42 3.05 3.44 -12.24
CA GLN A 42 3.85 2.49 -13.01
C GLN A 42 5.33 2.65 -12.68
N SER A 43 5.74 3.86 -12.33
CA SER A 43 7.13 4.14 -12.00
C SER A 43 7.51 3.53 -10.65
N GLU A 44 6.88 4.02 -9.59
CA GLU A 44 7.15 3.52 -8.24
C GLU A 44 5.95 3.76 -7.33
N LEU A 45 6.05 3.26 -6.10
CA LEU A 45 4.98 3.42 -5.13
C LEU A 45 5.10 4.76 -4.40
N VAL A 46 3.99 5.49 -4.36
CA VAL A 46 3.96 6.79 -3.70
C VAL A 46 2.94 6.82 -2.58
N LEU A 47 3.27 7.53 -1.50
CA LEU A 47 2.37 7.64 -0.35
C LEU A 47 2.18 9.09 0.06
N HIS A 48 0.94 9.56 0.05
CA HIS A 48 0.64 10.93 0.42
C HIS A 48 0.13 11.00 1.86
N LEU A 49 0.77 11.84 2.66
CA LEU A 49 0.38 11.99 4.07
C LEU A 49 0.40 13.46 4.47
N HIS A 50 0.07 13.73 5.73
CA HIS A 50 0.05 15.09 6.24
C HIS A 50 1.13 15.29 7.30
N ARG A 51 1.12 14.44 8.32
CA ARG A 51 2.09 14.53 9.40
C ARG A 51 3.50 14.19 8.89
N ARG A 52 3.59 13.14 8.08
CA ARG A 52 4.87 12.72 7.53
C ARG A 52 4.98 13.10 6.06
N GLU A 53 6.20 13.41 5.62
CA GLU A 53 6.43 13.80 4.23
C GLU A 53 6.04 12.68 3.28
N ALA A 54 6.08 12.97 1.98
CA ALA A 54 5.73 11.99 0.97
C ALA A 54 6.83 10.94 0.81
N VAL A 55 6.46 9.68 1.01
CA VAL A 55 7.42 8.59 0.89
C VAL A 55 7.21 7.82 -0.41
N ARG A 56 8.30 7.33 -0.99
CA ARG A 56 8.24 6.58 -2.23
C ARG A 56 8.96 5.24 -2.10
N TRP A 57 8.33 4.18 -2.56
CA TRP A 57 8.91 2.84 -2.50
C TRP A 57 8.94 2.19 -3.87
N PRO A 58 10.16 1.97 -4.39
CA PRO A 58 10.35 1.34 -5.70
C PRO A 58 9.98 -0.14 -5.71
N TYR A 59 9.23 -0.54 -6.73
CA TYR A 59 8.80 -1.93 -6.86
C TYR A 59 10.00 -2.86 -7.05
N LEU A 60 11.00 -2.39 -7.78
CA LEU A 60 12.20 -3.17 -8.04
C LEU A 60 12.90 -3.53 -6.73
N CYS A 61 12.51 -2.87 -5.64
CA CYS A 61 13.10 -3.12 -4.33
C CYS A 61 12.06 -3.70 -3.38
N LEU A 62 11.17 -4.53 -3.90
CA LEU A 62 10.13 -5.15 -3.10
C LEU A 62 10.41 -6.64 -2.89
N ARG A 63 10.89 -6.99 -1.71
CA ARG A 63 11.21 -8.37 -1.39
C ARG A 63 9.96 -9.25 -1.51
N ARG A 64 8.85 -8.77 -0.97
CA ARG A 64 7.60 -9.51 -1.01
C ARG A 64 6.44 -8.65 -0.49
N TYR A 65 5.23 -8.95 -0.96
CA TYR A 65 4.04 -8.22 -0.55
C TYR A 65 2.81 -9.11 -0.56
N GLY A 66 1.79 -8.70 0.19
CA GLY A 66 0.56 -9.47 0.25
C GLY A 66 -0.65 -8.62 0.52
N TYR A 67 -1.83 -9.24 0.53
CA TYR A 67 -3.07 -8.52 0.78
C TYR A 67 -4.15 -9.47 1.30
N ASP A 68 -4.80 -9.08 2.38
CA ASP A 68 -5.86 -9.88 2.98
C ASP A 68 -7.23 -9.27 2.73
N SER A 69 -8.27 -9.92 3.23
CA SER A 69 -9.64 -9.43 3.06
C SER A 69 -9.68 -7.91 3.12
N ASN A 70 -9.32 -7.36 4.28
CA ASN A 70 -9.32 -5.92 4.48
C ASN A 70 -8.00 -5.45 5.09
N LEU A 71 -6.90 -5.83 4.47
CA LEU A 71 -5.58 -5.44 4.95
C LEU A 71 -4.58 -5.31 3.80
N PHE A 72 -3.59 -4.44 3.98
CA PHE A 72 -2.58 -4.23 2.94
C PHE A 72 -1.21 -4.02 3.57
N SER A 73 -0.35 -5.03 3.43
CA SER A 73 0.99 -4.96 3.99
C SER A 73 2.03 -5.37 2.94
N PHE A 74 3.22 -4.76 3.03
CA PHE A 74 4.30 -5.07 2.09
C PHE A 74 5.66 -4.81 2.73
N GLU A 75 6.69 -5.45 2.20
CA GLU A 75 8.04 -5.31 2.71
C GLU A 75 8.86 -4.38 1.84
N SER A 76 9.76 -3.62 2.45
CA SER A 76 10.62 -2.68 1.73
C SER A 76 12.09 -3.01 1.92
N GLY A 77 12.90 -2.72 0.91
CA GLY A 77 14.32 -2.98 1.00
C GLY A 77 14.98 -2.27 2.16
N ARG A 78 16.31 -2.15 2.11
CA ARG A 78 17.05 -1.49 3.17
C ARG A 78 17.57 -0.13 2.71
N ARG A 79 17.83 -0.03 1.40
CA ARG A 79 18.33 1.22 0.83
C ARG A 79 17.17 2.12 0.39
N CYS A 80 16.24 2.36 1.30
CA CYS A 80 15.09 3.21 1.02
C CYS A 80 14.98 4.36 2.01
N GLN A 81 13.96 5.19 1.85
CA GLN A 81 13.76 6.33 2.73
C GLN A 81 13.43 5.87 4.15
N THR A 82 12.42 5.02 4.28
CA THR A 82 12.01 4.52 5.58
C THR A 82 13.03 3.53 6.12
N GLY A 83 13.56 2.68 5.25
CA GLY A 83 14.53 1.70 5.66
C GLY A 83 13.94 0.32 5.83
N GLN A 84 14.80 -0.68 6.00
CA GLN A 84 14.35 -2.06 6.17
C GLN A 84 13.25 -2.14 7.21
N GLY A 85 12.12 -2.75 6.82
CA GLY A 85 11.00 -2.89 7.73
C GLY A 85 9.69 -3.15 7.00
N ILE A 86 8.72 -3.69 7.72
CA ILE A 86 7.42 -4.00 7.14
C ILE A 86 6.33 -3.06 7.68
N PHE A 87 5.52 -2.53 6.77
CA PHE A 87 4.45 -1.62 7.14
C PHE A 87 3.10 -2.15 6.67
N ALA A 88 2.13 -2.18 7.58
CA ALA A 88 0.79 -2.65 7.25
C ALA A 88 -0.24 -1.56 7.45
N PHE A 89 -1.22 -1.50 6.53
CA PHE A 89 -2.27 -0.49 6.62
C PHE A 89 -3.65 -1.14 6.59
N LYS A 90 -4.56 -0.62 7.38
CA LYS A 90 -5.92 -1.14 7.45
C LYS A 90 -6.80 -0.52 6.37
N CYS A 91 -7.35 -1.35 5.50
CA CYS A 91 -8.21 -0.87 4.43
C CYS A 91 -9.13 -1.99 3.93
N SER A 92 -9.99 -1.66 2.98
CA SER A 92 -10.92 -2.63 2.42
C SER A 92 -10.62 -2.88 0.95
N ARG A 93 -10.15 -1.85 0.26
CA ARG A 93 -9.82 -1.97 -1.16
C ARG A 93 -8.37 -2.43 -1.34
N ALA A 94 -7.88 -3.22 -0.40
CA ALA A 94 -6.52 -3.74 -0.45
C ALA A 94 -6.29 -4.52 -1.75
N GLU A 95 -7.18 -5.47 -2.03
CA GLU A 95 -7.07 -6.28 -3.23
C GLU A 95 -6.71 -5.43 -4.44
N GLU A 96 -7.49 -4.38 -4.67
CA GLU A 96 -7.25 -3.48 -5.80
C GLU A 96 -5.81 -3.00 -5.81
N ILE A 97 -5.38 -2.41 -4.70
CA ILE A 97 -4.02 -1.90 -4.59
C ILE A 97 -3.00 -2.98 -4.95
N PHE A 98 -3.22 -4.19 -4.46
CA PHE A 98 -2.33 -5.31 -4.73
C PHE A 98 -2.30 -5.64 -6.22
N ASN A 99 -3.46 -6.04 -6.75
CA ASN A 99 -3.57 -6.38 -8.16
C ASN A 99 -2.96 -5.29 -9.04
N LEU A 100 -3.15 -4.04 -8.63
CA LEU A 100 -2.62 -2.91 -9.39
C LEU A 100 -1.10 -2.85 -9.29
N LEU A 101 -0.58 -3.12 -8.09
CA LEU A 101 0.86 -3.10 -7.86
C LEU A 101 1.56 -4.17 -8.69
N GLN A 102 1.04 -5.39 -8.64
CA GLN A 102 1.61 -6.51 -9.40
C GLN A 102 1.41 -6.31 -10.89
N ASP A 103 0.41 -5.50 -11.24
CA ASP A 103 0.11 -5.23 -12.65
C ASP A 103 1.08 -4.21 -13.22
N LEU A 104 1.32 -3.14 -12.48
CA LEU A 104 2.24 -2.10 -12.92
C LEU A 104 3.64 -2.65 -13.12
N MET A 105 4.03 -3.59 -12.28
CA MET A 105 5.35 -4.22 -12.37
C MET A 105 5.51 -4.95 -13.70
N GLN A 106 4.60 -5.86 -13.99
CA GLN A 106 4.64 -6.63 -15.23
C GLN A 106 4.44 -5.73 -16.43
N CYS A 107 3.39 -4.91 -16.39
CA CYS A 107 3.08 -3.99 -17.48
C CYS A 107 3.58 -2.59 -17.17
N ASN A 108 4.82 -2.30 -17.57
CA ASN A 108 5.41 -0.98 -17.33
C ASN A 108 5.45 -0.17 -18.62
N SER A 109 4.29 0.33 -19.03
CA SER A 109 4.19 1.14 -20.25
C SER A 109 4.84 2.50 -20.05
N ILE A 110 6.17 2.53 -20.04
CA ILE A 110 6.90 3.78 -19.85
C ILE A 110 6.73 4.70 -21.05
N ASN A 111 6.11 4.18 -22.11
CA ASN A 111 5.88 4.95 -23.32
C ASN A 111 5.28 6.32 -22.99
N VAL A 112 4.26 6.32 -22.14
CA VAL A 112 3.61 7.56 -21.74
C VAL A 112 2.75 7.35 -20.50
N MET A 113 2.63 8.40 -19.69
CA MET A 113 1.84 8.34 -18.46
C MET A 113 0.47 8.97 -18.66
N GLU A 114 -0.47 8.65 -17.78
CA GLU A 114 -1.82 9.19 -17.86
C GLU A 114 -2.41 9.40 -16.47
N GLU A 115 -3.46 10.21 -16.40
CA GLU A 115 -4.11 10.50 -15.12
C GLU A 115 -5.59 10.12 -15.17
N PRO A 116 -6.15 9.75 -14.01
CA PRO A 116 -7.55 9.37 -13.90
C PRO A 116 -8.50 10.56 -14.09
N VAL A 117 -9.77 10.26 -14.31
CA VAL A 117 -10.77 11.30 -14.50
C VAL A 117 -11.53 11.59 -13.21
N ILE A 118 -11.82 12.86 -12.97
CA ILE A 118 -12.54 13.27 -11.77
C ILE A 118 -13.73 14.15 -12.11
N ILE A 119 -14.91 13.77 -11.62
CA ILE A 119 -16.13 14.53 -11.87
C ILE A 119 -16.77 14.99 -10.57
N THR A 120 -16.52 16.24 -10.18
CA THR A 120 -17.07 16.79 -8.95
C THR A 120 -17.16 15.73 -7.86
N SER A 121 -16.10 14.93 -7.74
CA SER A 121 -16.05 13.88 -6.73
C SER A 121 -15.15 14.28 -5.57
N GLY A 122 -15.75 14.40 -4.38
CA GLY A 122 -14.98 14.78 -3.21
C GLY A 122 -15.55 14.20 -1.93
N SER A 123 -14.74 14.15 -0.89
CA SER A 123 -15.17 13.60 0.40
C SER A 123 -14.11 13.83 1.47
N SER A 124 -14.50 14.49 2.55
CA SER A 124 -13.58 14.78 3.65
C SER A 124 -14.11 14.21 4.96
N GLY A 125 -13.26 14.20 5.98
CA GLY A 125 -13.65 13.68 7.28
C GLY A 125 -12.52 12.94 7.98
N SER A 126 -11.69 13.69 8.69
CA SER A 126 -10.56 13.11 9.41
C SER A 126 -10.29 13.86 10.71
N SER A 127 -9.32 13.39 11.48
CA SER A 127 -8.96 14.01 12.75
C SER A 127 -7.46 14.26 12.83
N GLY A 128 -7.07 15.19 13.70
CA GLY A 128 -5.65 15.51 13.86
C GLY A 128 -4.97 14.62 14.87
N SER A 129 -3.67 14.43 14.70
CA SER A 129 -2.89 13.59 15.61
C SER A 129 -1.41 13.66 15.27
N SER A 130 -0.64 14.31 16.12
CA SER A 130 0.80 14.45 15.92
C SER A 130 1.52 13.13 16.17
N GLY A 131 2.56 12.87 15.39
CA GLY A 131 3.31 11.63 15.54
C GLY A 131 4.75 11.88 15.93
N SER A 132 5.49 10.81 16.21
CA SER A 132 6.89 10.92 16.60
C SER A 132 7.78 10.13 15.64
N SER A 133 7.41 8.87 15.40
CA SER A 133 8.18 8.01 14.51
C SER A 133 7.44 7.81 13.18
N GLY A 134 8.10 7.12 12.26
CA GLY A 134 7.49 6.87 10.96
C GLY A 134 6.49 5.74 10.99
N LEU A 135 6.33 5.04 9.87
CA LEU A 135 5.40 3.93 9.78
C LEU A 135 5.87 2.75 10.61
N PHE A 136 5.26 2.56 11.77
CA PHE A 136 5.63 1.46 12.67
C PHE A 136 6.02 0.23 11.87
N ARG A 137 7.24 -0.24 12.08
CA ARG A 137 7.74 -1.42 11.38
C ARG A 137 7.20 -2.70 12.01
N LEU A 138 7.11 -3.76 11.21
CA LEU A 138 6.61 -5.04 11.68
C LEU A 138 7.67 -6.13 11.55
N ARG A 139 7.81 -6.94 12.58
CA ARG A 139 8.80 -8.03 12.58
C ARG A 139 8.31 -9.19 11.72
N HIS A 140 7.00 -9.44 11.74
CA HIS A 140 6.42 -10.52 10.95
C HIS A 140 5.46 -9.98 9.90
N PHE A 141 4.95 -10.86 9.05
CA PHE A 141 4.03 -10.46 7.99
C PHE A 141 2.59 -10.80 8.38
N PRO A 142 1.73 -9.77 8.39
CA PRO A 142 0.31 -9.92 8.74
C PRO A 142 -0.46 -10.69 7.68
N CYS A 143 -0.33 -10.26 6.43
CA CYS A 143 -1.02 -10.92 5.32
C CYS A 143 -0.43 -12.30 5.05
N GLY A 144 -1.25 -13.18 4.48
CA GLY A 144 -0.79 -14.52 4.17
C GLY A 144 -0.35 -14.67 2.73
N ASN A 145 -1.21 -14.26 1.81
CA ASN A 145 -0.90 -14.35 0.38
C ASN A 145 0.31 -13.50 0.03
N VAL A 146 1.48 -14.12 -0.04
CA VAL A 146 2.71 -13.41 -0.37
C VAL A 146 3.09 -13.62 -1.83
N ASN A 147 3.31 -12.52 -2.55
CA ASN A 147 3.68 -12.59 -3.95
C ASN A 147 5.10 -12.07 -4.17
N TYR A 148 5.86 -12.75 -5.02
CA TYR A 148 7.23 -12.35 -5.31
C TYR A 148 7.31 -11.62 -6.65
N GLY A 149 7.67 -10.34 -6.59
CA GLY A 149 7.79 -9.55 -7.79
C GLY A 149 9.15 -9.66 -8.44
N TYR A 150 9.83 -8.53 -8.59
CA TYR A 150 11.16 -8.51 -9.19
C TYR A 150 12.00 -9.68 -8.71
N GLN A 151 13.05 -10.00 -9.46
CA GLN A 151 13.94 -11.10 -9.11
C GLN A 151 15.32 -10.92 -9.74
N GLN A 152 16.20 -11.88 -9.51
CA GLN A 152 17.55 -11.83 -10.07
C GLN A 152 17.62 -12.56 -11.40
N GLN A 153 17.02 -11.98 -12.43
CA GLN A 153 17.02 -12.59 -13.76
C GLN A 153 18.44 -12.78 -14.26
N GLY A 1 -18.50 -5.90 -5.70
CA GLY A 1 -18.25 -4.92 -6.73
C GLY A 1 -19.45 -4.69 -7.62
N SER A 2 -19.33 -5.05 -8.89
CA SER A 2 -20.42 -4.87 -9.84
C SER A 2 -20.97 -3.45 -9.79
N SER A 3 -20.07 -2.48 -9.70
CA SER A 3 -20.47 -1.07 -9.63
C SER A 3 -19.63 -0.22 -10.59
N GLY A 4 -20.14 0.95 -10.93
CA GLY A 4 -19.43 1.84 -11.84
C GLY A 4 -19.63 3.30 -11.49
N SER A 5 -18.83 4.16 -12.10
CA SER A 5 -18.92 5.60 -11.85
C SER A 5 -18.30 6.39 -13.00
N SER A 6 -18.75 7.63 -13.16
CA SER A 6 -18.23 8.49 -14.22
C SER A 6 -17.60 9.75 -13.64
N GLY A 7 -16.69 10.36 -14.40
CA GLY A 7 -16.03 11.56 -13.94
C GLY A 7 -16.89 12.79 -14.10
N LEU A 8 -16.84 13.69 -13.12
CA LEU A 8 -17.62 14.92 -13.15
C LEU A 8 -16.81 16.10 -12.63
N ASN A 9 -17.38 17.29 -12.75
CA ASN A 9 -16.71 18.50 -12.28
C ASN A 9 -16.95 18.70 -10.78
N ARG A 10 -15.87 18.64 -10.00
CA ARG A 10 -15.97 18.81 -8.55
C ARG A 10 -14.58 18.84 -7.92
N ASP A 11 -14.45 19.60 -6.84
CA ASP A 11 -13.18 19.72 -6.14
C ASP A 11 -13.13 18.79 -4.93
N SER A 12 -13.43 17.51 -5.16
CA SER A 12 -13.43 16.52 -4.09
C SER A 12 -12.91 15.18 -4.58
N VAL A 13 -12.56 14.31 -3.65
CA VAL A 13 -12.04 12.98 -3.99
C VAL A 13 -13.15 11.95 -3.97
N PRO A 14 -13.15 11.06 -4.98
CA PRO A 14 -14.14 9.99 -5.10
C PRO A 14 -13.99 8.92 -4.03
N ASP A 15 -14.63 7.78 -4.24
CA ASP A 15 -14.55 6.67 -3.29
C ASP A 15 -13.87 5.46 -3.92
N ASN A 16 -13.83 5.43 -5.24
CA ASN A 16 -13.21 4.32 -5.96
C ASN A 16 -12.03 4.82 -6.81
N HIS A 17 -11.44 5.93 -6.38
CA HIS A 17 -10.30 6.50 -7.11
C HIS A 17 -9.40 5.41 -7.66
N PRO A 18 -9.05 5.53 -8.95
CA PRO A 18 -8.18 4.57 -9.63
C PRO A 18 -6.74 4.61 -9.13
N THR A 19 -6.15 5.81 -9.15
CA THR A 19 -4.79 6.00 -8.69
C THR A 19 -4.74 6.64 -7.31
N LYS A 20 -5.63 6.18 -6.42
CA LYS A 20 -5.69 6.71 -5.07
C LYS A 20 -6.48 5.78 -4.16
N PHE A 21 -5.88 5.41 -3.03
CA PHE A 21 -6.53 4.52 -2.07
C PHE A 21 -6.29 5.00 -0.64
N LYS A 22 -7.38 5.12 0.12
CA LYS A 22 -7.29 5.58 1.51
C LYS A 22 -6.71 4.47 2.39
N VAL A 23 -5.60 4.77 3.05
CA VAL A 23 -4.96 3.81 3.93
C VAL A 23 -4.80 4.36 5.34
N THR A 24 -4.64 3.48 6.31
CA THR A 24 -4.48 3.88 7.70
C THR A 24 -3.39 3.06 8.40
N ASN A 25 -2.25 3.69 8.64
CA ASN A 25 -1.13 3.03 9.29
C ASN A 25 -1.55 2.46 10.65
N VAL A 26 -1.46 1.15 10.80
CA VAL A 26 -1.83 0.47 12.04
C VAL A 26 -0.68 -0.35 12.58
N ASP A 27 -0.82 -0.80 13.83
CA ASP A 27 0.22 -1.62 14.46
C ASP A 27 -0.16 -3.09 14.44
N ASP A 28 0.77 -3.95 14.86
CA ASP A 28 0.53 -5.38 14.89
C ASP A 28 -0.89 -5.69 15.35
N GLU A 29 -1.42 -4.85 16.23
CA GLU A 29 -2.77 -5.04 16.74
C GLU A 29 -3.81 -4.54 15.74
N GLY A 30 -3.63 -3.30 15.27
CA GLY A 30 -4.55 -2.73 14.32
C GLY A 30 -5.06 -1.36 14.75
N VAL A 31 -4.34 -0.73 15.67
CA VAL A 31 -4.72 0.59 16.17
C VAL A 31 -4.48 1.67 15.11
N GLU A 32 -5.55 2.32 14.70
CA GLU A 32 -5.46 3.38 13.69
C GLU A 32 -4.63 4.56 14.22
N LEU A 33 -3.42 4.69 13.71
CA LEU A 33 -2.53 5.77 14.12
C LEU A 33 -2.81 7.05 13.32
N GLY A 34 -2.67 6.96 12.00
CA GLY A 34 -2.91 8.10 11.16
C GLY A 34 -3.38 7.71 9.77
N SER A 35 -4.31 8.49 9.22
CA SER A 35 -4.85 8.22 7.90
C SER A 35 -3.98 8.86 6.81
N GLY A 36 -3.87 8.16 5.67
CA GLY A 36 -3.07 8.67 4.57
C GLY A 36 -3.54 8.16 3.23
N VAL A 37 -2.99 8.72 2.16
CA VAL A 37 -3.36 8.32 0.81
C VAL A 37 -2.24 7.50 0.16
N MET A 38 -2.62 6.38 -0.45
CA MET A 38 -1.66 5.50 -1.12
C MET A 38 -1.85 5.54 -2.63
N GLU A 39 -0.85 6.07 -3.33
CA GLU A 39 -0.92 6.15 -4.78
C GLU A 39 0.13 5.24 -5.43
N LEU A 40 -0.23 4.67 -6.57
CA LEU A 40 0.68 3.79 -7.30
C LEU A 40 0.92 4.28 -8.71
N THR A 41 2.17 4.59 -9.03
CA THR A 41 2.54 5.08 -10.35
C THR A 41 3.52 4.13 -11.04
N GLN A 42 3.31 3.89 -12.32
CA GLN A 42 4.18 3.01 -13.09
C GLN A 42 5.63 3.14 -12.64
N SER A 43 5.98 4.33 -12.17
CA SER A 43 7.35 4.58 -11.71
C SER A 43 7.64 3.83 -10.42
N GLU A 44 7.08 4.31 -9.31
CA GLU A 44 7.29 3.68 -8.02
C GLU A 44 6.05 3.87 -7.12
N LEU A 45 6.10 3.26 -5.94
CA LEU A 45 4.99 3.36 -4.99
C LEU A 45 5.09 4.64 -4.18
N VAL A 46 4.02 5.43 -4.20
CA VAL A 46 3.98 6.68 -3.45
C VAL A 46 2.94 6.63 -2.33
N LEU A 47 3.29 7.20 -1.19
CA LEU A 47 2.39 7.21 -0.04
C LEU A 47 2.39 8.57 0.64
N HIS A 48 1.29 9.29 0.53
CA HIS A 48 1.17 10.62 1.14
C HIS A 48 0.70 10.51 2.58
N LEU A 49 1.44 11.13 3.49
CA LEU A 49 1.09 11.11 4.90
C LEU A 49 0.95 12.52 5.46
N HIS A 50 0.53 12.62 6.73
CA HIS A 50 0.36 13.91 7.37
C HIS A 50 1.59 14.27 8.21
N ARG A 51 1.85 13.47 9.24
CA ARG A 51 2.99 13.70 10.12
C ARG A 51 4.26 13.92 9.31
N ARG A 52 4.59 12.95 8.46
CA ARG A 52 5.79 13.05 7.63
C ARG A 52 5.42 13.32 6.18
N GLU A 53 6.43 13.53 5.35
CA GLU A 53 6.22 13.80 3.93
C GLU A 53 5.84 12.53 3.19
N ALA A 54 5.60 12.66 1.88
CA ALA A 54 5.23 11.52 1.06
C ALA A 54 6.44 10.64 0.75
N VAL A 55 6.38 9.38 1.19
CA VAL A 55 7.48 8.45 0.97
C VAL A 55 7.29 7.70 -0.35
N ARG A 56 8.41 7.40 -1.01
CA ARG A 56 8.38 6.69 -2.29
C ARG A 56 9.19 5.41 -2.21
N TRP A 57 8.52 4.28 -2.45
CA TRP A 57 9.19 2.98 -2.41
C TRP A 57 9.18 2.33 -3.78
N PRO A 58 10.39 2.07 -4.32
CA PRO A 58 10.55 1.44 -5.63
C PRO A 58 10.13 -0.02 -5.64
N TYR A 59 9.56 -0.46 -6.75
CA TYR A 59 9.11 -1.84 -6.88
C TYR A 59 10.29 -2.79 -7.06
N LEU A 60 11.37 -2.27 -7.64
CA LEU A 60 12.57 -3.07 -7.86
C LEU A 60 13.21 -3.48 -6.55
N CYS A 61 12.85 -2.79 -5.47
CA CYS A 61 13.39 -3.09 -4.15
C CYS A 61 12.39 -3.90 -3.33
N LEU A 62 11.16 -3.98 -3.81
CA LEU A 62 10.11 -4.73 -3.12
C LEU A 62 10.36 -6.23 -3.22
N ARG A 63 10.89 -6.81 -2.15
CA ARG A 63 11.18 -8.24 -2.12
C ARG A 63 9.89 -9.05 -2.20
N ARG A 64 8.84 -8.55 -1.58
CA ARG A 64 7.55 -9.22 -1.58
C ARG A 64 6.42 -8.26 -1.23
N TYR A 65 5.19 -8.75 -1.30
CA TYR A 65 4.02 -7.92 -0.99
C TYR A 65 2.76 -8.76 -0.95
N GLY A 66 2.00 -8.66 0.14
CA GLY A 66 0.77 -9.42 0.28
C GLY A 66 -0.41 -8.55 0.65
N TYR A 67 -1.57 -9.16 0.80
CA TYR A 67 -2.78 -8.43 1.16
C TYR A 67 -3.83 -9.37 1.75
N ASP A 68 -4.26 -9.06 2.97
CA ASP A 68 -5.26 -9.87 3.66
C ASP A 68 -6.66 -9.47 3.22
N SER A 69 -7.66 -10.11 3.82
CA SER A 69 -9.06 -9.84 3.49
C SER A 69 -9.32 -8.33 3.44
N ASN A 70 -9.14 -7.68 4.58
CA ASN A 70 -9.36 -6.24 4.68
C ASN A 70 -8.10 -5.52 5.15
N LEU A 71 -6.94 -6.00 4.67
CA LEU A 71 -5.66 -5.40 5.05
C LEU A 71 -4.64 -5.61 3.95
N PHE A 72 -3.72 -4.64 3.82
CA PHE A 72 -2.68 -4.72 2.81
C PHE A 72 -1.33 -4.27 3.38
N SER A 73 -0.29 -5.05 3.10
CA SER A 73 1.05 -4.74 3.59
C SER A 73 2.11 -5.18 2.59
N PHE A 74 3.33 -4.68 2.77
CA PHE A 74 4.44 -5.03 1.89
C PHE A 74 5.77 -4.63 2.51
N GLU A 75 6.84 -5.27 2.04
CA GLU A 75 8.18 -4.99 2.56
C GLU A 75 9.00 -4.20 1.54
N SER A 76 9.75 -3.21 2.03
CA SER A 76 10.57 -2.38 1.17
C SER A 76 12.05 -2.72 1.32
N GLY A 77 12.71 -2.94 0.19
CA GLY A 77 14.12 -3.29 0.21
C GLY A 77 14.89 -2.49 1.24
N ARG A 78 15.62 -3.19 2.10
CA ARG A 78 16.41 -2.54 3.14
C ARG A 78 17.15 -1.33 2.59
N ARG A 79 17.41 -1.33 1.28
CA ARG A 79 18.11 -0.24 0.63
C ARG A 79 17.13 0.85 0.20
N CYS A 80 16.39 1.39 1.18
CA CYS A 80 15.42 2.44 0.90
C CYS A 80 15.63 3.62 1.85
N GLN A 81 14.82 4.67 1.66
CA GLN A 81 14.92 5.86 2.49
C GLN A 81 14.58 5.54 3.94
N THR A 82 13.30 5.24 4.19
CA THR A 82 12.84 4.93 5.53
C THR A 82 13.76 3.91 6.21
N GLY A 83 13.92 2.76 5.56
CA GLY A 83 14.78 1.71 6.11
C GLY A 83 14.06 0.38 6.25
N GLN A 84 14.80 -0.70 6.08
CA GLN A 84 14.22 -2.04 6.19
C GLN A 84 13.13 -2.07 7.25
N GLY A 85 11.93 -2.51 6.84
CA GLY A 85 10.82 -2.58 7.77
C GLY A 85 9.50 -2.90 7.08
N ILE A 86 8.58 -3.49 7.82
CA ILE A 86 7.28 -3.85 7.27
C ILE A 86 6.25 -2.76 7.53
N PHE A 87 5.54 -2.35 6.48
CA PHE A 87 4.53 -1.30 6.60
C PHE A 87 3.15 -1.84 6.23
N ALA A 88 2.29 -1.97 7.23
CA ALA A 88 0.94 -2.48 7.01
C ALA A 88 -0.10 -1.38 7.25
N PHE A 89 -1.08 -1.30 6.37
CA PHE A 89 -2.13 -0.30 6.47
C PHE A 89 -3.51 -0.93 6.27
N LYS A 90 -4.51 -0.37 6.93
CA LYS A 90 -5.88 -0.87 6.83
C LYS A 90 -6.62 -0.19 5.68
N CYS A 91 -6.82 -0.93 4.59
CA CYS A 91 -7.52 -0.40 3.42
C CYS A 91 -8.51 -1.42 2.86
N SER A 92 -9.80 -1.12 2.97
CA SER A 92 -10.83 -2.02 2.48
C SER A 92 -10.59 -2.39 1.03
N ARG A 93 -10.08 -1.45 0.25
CA ARG A 93 -9.79 -1.67 -1.16
C ARG A 93 -8.39 -2.25 -1.34
N ALA A 94 -7.83 -2.79 -0.26
CA ALA A 94 -6.49 -3.37 -0.30
C ALA A 94 -6.37 -4.38 -1.45
N GLU A 95 -7.51 -4.84 -1.96
CA GLU A 95 -7.53 -5.80 -3.05
C GLU A 95 -7.12 -5.14 -4.36
N GLU A 96 -7.70 -3.97 -4.62
CA GLU A 96 -7.41 -3.23 -5.84
C GLU A 96 -5.94 -2.83 -5.89
N ILE A 97 -5.39 -2.41 -4.76
CA ILE A 97 -4.00 -2.01 -4.68
C ILE A 97 -3.06 -3.18 -4.97
N PHE A 98 -3.30 -4.29 -4.27
CA PHE A 98 -2.47 -5.49 -4.45
C PHE A 98 -2.56 -6.00 -5.88
N ASN A 99 -3.68 -5.72 -6.54
CA ASN A 99 -3.90 -6.15 -7.92
C ASN A 99 -3.29 -5.15 -8.90
N LEU A 100 -3.15 -3.90 -8.45
CA LEU A 100 -2.59 -2.85 -9.29
C LEU A 100 -1.06 -2.89 -9.27
N LEU A 101 -0.51 -3.03 -8.07
CA LEU A 101 0.94 -3.08 -7.90
C LEU A 101 1.55 -4.17 -8.79
N GLN A 102 0.93 -5.35 -8.78
CA GLN A 102 1.41 -6.47 -9.58
C GLN A 102 1.32 -6.15 -11.07
N ASP A 103 0.26 -5.45 -11.46
CA ASP A 103 0.06 -5.09 -12.85
C ASP A 103 1.24 -4.29 -13.38
N LEU A 104 1.66 -3.29 -12.62
CA LEU A 104 2.79 -2.45 -13.01
C LEU A 104 4.09 -3.24 -13.01
N MET A 105 4.17 -4.23 -12.12
CA MET A 105 5.36 -5.07 -12.01
C MET A 105 5.56 -5.88 -13.29
N GLN A 106 4.52 -6.53 -13.75
CA GLN A 106 4.58 -7.35 -14.96
C GLN A 106 4.64 -6.46 -16.20
N CYS A 107 3.73 -5.50 -16.28
CA CYS A 107 3.67 -4.59 -17.42
C CYS A 107 4.06 -5.31 -18.71
N ASN A 108 3.45 -6.47 -18.93
CA ASN A 108 3.73 -7.26 -20.13
C ASN A 108 2.44 -7.55 -20.90
N SER A 109 1.48 -8.15 -20.22
CA SER A 109 0.19 -8.49 -20.83
C SER A 109 0.40 -9.42 -22.03
N ILE A 110 1.34 -10.34 -21.90
CA ILE A 110 1.64 -11.29 -22.96
C ILE A 110 1.73 -12.71 -22.43
N ASN A 111 0.71 -13.52 -22.70
CA ASN A 111 0.68 -14.91 -22.25
C ASN A 111 1.39 -15.06 -20.91
N VAL A 112 1.01 -14.21 -19.95
CA VAL A 112 1.61 -14.25 -18.62
C VAL A 112 1.33 -15.57 -17.93
N MET A 113 2.38 -16.25 -17.49
CA MET A 113 2.24 -17.53 -16.81
C MET A 113 2.68 -17.43 -15.35
N GLU A 114 2.13 -18.31 -14.51
CA GLU A 114 2.46 -18.30 -13.09
C GLU A 114 3.31 -19.52 -12.73
N GLU A 115 4.14 -19.38 -11.71
CA GLU A 115 5.00 -20.47 -11.26
C GLU A 115 5.32 -20.33 -9.77
N PRO A 116 5.46 -21.48 -9.10
CA PRO A 116 5.75 -21.52 -7.66
C PRO A 116 7.18 -21.06 -7.35
N VAL A 117 7.39 -20.62 -6.12
CA VAL A 117 8.70 -20.14 -5.70
C VAL A 117 9.12 -20.77 -4.38
N ILE A 118 10.40 -21.05 -4.23
CA ILE A 118 10.93 -21.65 -3.00
C ILE A 118 12.13 -20.88 -2.50
N ILE A 119 11.89 -19.84 -1.72
CA ILE A 119 12.95 -19.03 -1.15
C ILE A 119 13.09 -19.26 0.35
N THR A 120 14.33 -19.41 0.81
CA THR A 120 14.60 -19.63 2.22
C THR A 120 14.31 -18.38 3.04
N SER A 121 13.56 -18.55 4.13
CA SER A 121 13.21 -17.42 5.00
C SER A 121 14.46 -16.71 5.49
N GLY A 122 15.31 -17.44 6.21
CA GLY A 122 16.53 -16.87 6.74
C GLY A 122 16.93 -17.46 8.07
N SER A 123 17.47 -16.62 8.95
CA SER A 123 17.90 -17.09 10.27
C SER A 123 17.11 -16.38 11.37
N SER A 124 16.96 -17.06 12.51
CA SER A 124 16.22 -16.51 13.64
C SER A 124 17.04 -15.45 14.35
N GLY A 125 16.47 -14.25 14.48
CA GLY A 125 17.17 -13.16 15.14
C GLY A 125 16.24 -12.02 15.50
N SER A 126 16.58 -11.29 16.56
CA SER A 126 15.77 -10.16 17.01
C SER A 126 16.27 -8.85 16.39
N SER A 127 15.38 -8.13 15.74
CA SER A 127 15.72 -6.86 15.11
C SER A 127 15.24 -5.69 15.95
N GLY A 128 16.17 -4.80 16.29
CA GLY A 128 15.83 -3.64 17.10
C GLY A 128 15.60 -2.40 16.26
N SER A 129 14.60 -1.61 16.63
CA SER A 129 14.28 -0.39 15.90
C SER A 129 13.47 0.58 16.77
N SER A 130 13.43 1.84 16.36
CA SER A 130 12.71 2.86 17.11
C SER A 130 12.20 3.95 16.18
N GLY A 131 11.18 4.67 16.63
CA GLY A 131 10.62 5.75 15.83
C GLY A 131 9.74 6.68 16.64
N SER A 132 10.15 7.94 16.71
CA SER A 132 9.40 8.95 17.47
C SER A 132 8.10 9.31 16.75
N SER A 133 8.20 9.58 15.46
CA SER A 133 7.04 9.94 14.66
C SER A 133 7.20 9.48 13.21
N GLY A 134 6.09 9.08 12.60
CA GLY A 134 6.13 8.62 11.23
C GLY A 134 5.36 7.33 11.02
N LEU A 135 6.02 6.33 10.44
CA LEU A 135 5.39 5.04 10.19
C LEU A 135 5.92 3.97 11.14
N PHE A 136 5.06 3.02 11.51
CA PHE A 136 5.44 1.95 12.42
C PHE A 136 5.84 0.70 11.63
N ARG A 137 7.02 0.16 11.95
CA ARG A 137 7.51 -1.03 11.28
C ARG A 137 7.13 -2.29 12.05
N LEU A 138 6.31 -3.14 11.43
CA LEU A 138 5.87 -4.38 12.06
C LEU A 138 7.01 -5.38 12.15
N ARG A 139 7.01 -6.16 13.23
CA ARG A 139 8.05 -7.17 13.43
C ARG A 139 7.78 -8.41 12.59
N HIS A 140 6.51 -8.79 12.48
CA HIS A 140 6.13 -9.96 11.71
C HIS A 140 5.08 -9.59 10.66
N PHE A 141 5.13 -10.27 9.51
CA PHE A 141 4.19 -10.01 8.43
C PHE A 141 2.77 -10.40 8.83
N PRO A 142 1.87 -9.42 8.88
CA PRO A 142 0.47 -9.64 9.25
C PRO A 142 -0.30 -10.42 8.19
N CYS A 143 -0.15 -10.02 6.94
CA CYS A 143 -0.83 -10.67 5.83
C CYS A 143 -0.37 -12.13 5.71
N GLY A 144 -1.11 -12.91 4.91
CA GLY A 144 -0.76 -14.30 4.73
C GLY A 144 -0.33 -14.61 3.31
N ASN A 145 -1.16 -14.21 2.35
CA ASN A 145 -0.85 -14.44 0.94
C ASN A 145 0.17 -13.43 0.42
N VAL A 146 1.43 -13.87 0.36
CA VAL A 146 2.51 -13.00 -0.11
C VAL A 146 2.90 -13.35 -1.55
N ASN A 147 3.03 -12.33 -2.38
CA ASN A 147 3.40 -12.53 -3.78
C ASN A 147 4.85 -12.14 -4.01
N TYR A 148 5.54 -12.92 -4.82
CA TYR A 148 6.95 -12.66 -5.13
C TYR A 148 7.08 -11.93 -6.46
N GLY A 149 7.79 -10.81 -6.45
CA GLY A 149 7.97 -10.03 -7.67
C GLY A 149 9.33 -10.28 -8.30
N TYR A 150 10.09 -9.21 -8.49
CA TYR A 150 11.41 -9.31 -9.09
C TYR A 150 12.26 -10.37 -8.38
N GLN A 151 12.93 -11.21 -9.18
CA GLN A 151 13.77 -12.25 -8.63
C GLN A 151 14.98 -12.51 -9.52
N GLN A 152 15.82 -13.47 -9.12
CA GLN A 152 17.02 -13.81 -9.88
C GLN A 152 16.77 -15.03 -10.76
N GLN A 153 16.38 -14.79 -12.01
CA GLN A 153 16.11 -15.88 -12.95
C GLN A 153 17.41 -16.36 -13.59
N GLY A 1 -25.53 7.71 -11.90
CA GLY A 1 -24.55 8.04 -10.86
C GLY A 1 -24.71 9.45 -10.34
N SER A 2 -24.10 9.72 -9.19
CA SER A 2 -24.18 11.04 -8.58
C SER A 2 -22.88 11.38 -7.84
N SER A 3 -22.10 12.28 -8.44
CA SER A 3 -20.83 12.69 -7.85
C SER A 3 -20.99 12.96 -6.36
N GLY A 4 -20.07 12.39 -5.56
CA GLY A 4 -20.13 12.59 -4.13
C GLY A 4 -19.45 13.87 -3.68
N SER A 5 -20.25 14.84 -3.25
CA SER A 5 -19.73 16.12 -2.80
C SER A 5 -19.61 16.16 -1.28
N SER A 6 -18.54 15.59 -0.76
CA SER A 6 -18.31 15.56 0.68
C SER A 6 -17.00 16.27 1.04
N GLY A 7 -17.10 17.25 1.93
CA GLY A 7 -15.92 17.99 2.35
C GLY A 7 -15.64 19.18 1.45
N LEU A 8 -14.97 20.19 2.00
CA LEU A 8 -14.64 21.39 1.25
C LEU A 8 -13.14 21.51 1.04
N ASN A 9 -12.67 20.96 -0.08
CA ASN A 9 -11.24 21.01 -0.41
C ASN A 9 -11.02 20.95 -1.92
N ARG A 10 -9.80 21.24 -2.34
CA ARG A 10 -9.47 21.23 -3.76
C ARG A 10 -9.18 19.80 -4.24
N ASP A 11 -8.37 19.08 -3.47
CA ASP A 11 -8.03 17.71 -3.82
C ASP A 11 -9.22 16.98 -4.42
N SER A 12 -10.39 17.17 -3.83
CA SER A 12 -11.61 16.53 -4.30
C SER A 12 -11.35 15.06 -4.64
N VAL A 13 -10.58 14.40 -3.78
CA VAL A 13 -10.27 12.99 -3.98
C VAL A 13 -11.30 12.09 -3.33
N PRO A 14 -11.92 11.20 -4.12
CA PRO A 14 -12.94 10.27 -3.63
C PRO A 14 -12.35 9.19 -2.73
N ASP A 15 -13.15 8.18 -2.42
CA ASP A 15 -12.71 7.08 -1.56
C ASP A 15 -12.67 5.77 -2.35
N ASN A 16 -12.91 5.86 -3.65
CA ASN A 16 -12.90 4.68 -4.51
C ASN A 16 -12.02 4.90 -5.73
N HIS A 17 -11.24 5.99 -5.71
CA HIS A 17 -10.35 6.31 -6.82
C HIS A 17 -9.58 5.07 -7.28
N PRO A 18 -9.37 4.97 -8.60
CA PRO A 18 -8.65 3.84 -9.19
C PRO A 18 -7.16 3.85 -8.85
N THR A 19 -6.53 5.01 -9.03
CA THR A 19 -5.11 5.15 -8.74
C THR A 19 -4.85 5.24 -7.25
N LYS A 20 -5.31 6.34 -6.64
CA LYS A 20 -5.14 6.55 -5.21
C LYS A 20 -6.06 5.64 -4.41
N PHE A 21 -5.63 5.27 -3.21
CA PHE A 21 -6.43 4.40 -2.34
C PHE A 21 -6.29 4.82 -0.88
N LYS A 22 -7.40 5.23 -0.28
CA LYS A 22 -7.41 5.66 1.10
C LYS A 22 -6.98 4.53 2.02
N VAL A 23 -5.99 4.80 2.87
CA VAL A 23 -5.49 3.80 3.81
C VAL A 23 -5.27 4.40 5.19
N THR A 24 -4.90 3.55 6.15
CA THR A 24 -4.67 3.99 7.51
C THR A 24 -3.55 3.19 8.17
N ASN A 25 -2.51 3.88 8.62
CA ASN A 25 -1.38 3.23 9.28
C ASN A 25 -1.81 2.55 10.57
N VAL A 26 -1.38 1.30 10.76
CA VAL A 26 -1.72 0.55 11.96
C VAL A 26 -0.49 -0.15 12.53
N ASP A 27 -0.65 -0.75 13.71
CA ASP A 27 0.45 -1.45 14.37
C ASP A 27 0.26 -2.96 14.24
N ASP A 28 1.15 -3.71 14.89
CA ASP A 28 1.10 -5.17 14.85
C ASP A 28 -0.31 -5.66 15.16
N GLU A 29 -0.95 -5.06 16.17
CA GLU A 29 -2.29 -5.43 16.56
C GLU A 29 -3.31 -5.01 15.51
N GLY A 30 -3.20 -3.77 15.04
CA GLY A 30 -4.12 -3.28 14.04
C GLY A 30 -4.87 -2.04 14.50
N VAL A 31 -4.26 -1.27 15.38
CA VAL A 31 -4.88 -0.05 15.90
C VAL A 31 -4.60 1.14 14.99
N GLU A 32 -5.67 1.79 14.56
CA GLU A 32 -5.55 2.95 13.67
C GLU A 32 -4.66 4.02 14.30
N LEU A 33 -3.57 4.35 13.61
CA LEU A 33 -2.64 5.37 14.11
C LEU A 33 -2.83 6.69 13.37
N GLY A 34 -2.65 6.66 12.06
CA GLY A 34 -2.80 7.86 11.25
C GLY A 34 -3.39 7.58 9.88
N SER A 35 -4.27 8.44 9.42
CA SER A 35 -4.90 8.28 8.12
C SER A 35 -4.04 8.89 7.02
N GLY A 36 -3.99 8.23 5.87
CA GLY A 36 -3.20 8.73 4.75
C GLY A 36 -3.70 8.21 3.42
N VAL A 37 -3.22 8.82 2.34
CA VAL A 37 -3.63 8.42 1.00
C VAL A 37 -2.49 7.72 0.26
N MET A 38 -2.75 6.48 -0.16
CA MET A 38 -1.74 5.70 -0.88
C MET A 38 -1.88 5.89 -2.39
N GLU A 39 -0.75 6.13 -3.05
CA GLU A 39 -0.76 6.32 -4.49
C GLU A 39 0.19 5.34 -5.18
N LEU A 40 -0.24 4.81 -6.32
CA LEU A 40 0.56 3.86 -7.07
C LEU A 40 0.81 4.34 -8.49
N THR A 41 2.07 4.71 -8.78
CA THR A 41 2.43 5.20 -10.11
C THR A 41 3.44 4.27 -10.77
N GLN A 42 3.25 4.03 -12.06
CA GLN A 42 4.14 3.16 -12.82
C GLN A 42 5.58 3.30 -12.32
N SER A 43 6.03 4.54 -12.13
CA SER A 43 7.38 4.80 -11.66
C SER A 43 7.65 4.06 -10.36
N GLU A 44 7.06 4.54 -9.27
CA GLU A 44 7.24 3.92 -7.96
C GLU A 44 6.01 4.13 -7.08
N LEU A 45 6.03 3.56 -5.89
CA LEU A 45 4.92 3.67 -4.96
C LEU A 45 5.02 4.95 -4.14
N VAL A 46 4.00 5.79 -4.22
CA VAL A 46 3.98 7.05 -3.47
C VAL A 46 2.95 7.01 -2.35
N LEU A 47 3.29 7.61 -1.22
CA LEU A 47 2.40 7.64 -0.07
C LEU A 47 2.34 9.05 0.54
N HIS A 48 1.12 9.56 0.69
CA HIS A 48 0.93 10.89 1.26
C HIS A 48 0.69 10.81 2.76
N LEU A 49 1.64 11.30 3.54
CA LEU A 49 1.53 11.28 4.99
C LEU A 49 1.33 12.69 5.54
N HIS A 50 0.93 12.77 6.81
CA HIS A 50 0.71 14.06 7.46
C HIS A 50 1.92 14.47 8.29
N ARG A 51 2.31 13.60 9.22
CA ARG A 51 3.46 13.87 10.09
C ARG A 51 4.75 13.90 9.28
N ARG A 52 4.97 12.85 8.49
CA ARG A 52 6.17 12.74 7.68
C ARG A 52 5.89 13.16 6.24
N GLU A 53 6.94 13.56 5.52
CA GLU A 53 6.80 13.98 4.14
C GLU A 53 6.47 12.80 3.23
N ALA A 54 6.14 13.09 1.97
CA ALA A 54 5.80 12.06 1.01
C ALA A 54 6.95 11.08 0.82
N VAL A 55 6.65 9.79 0.90
CA VAL A 55 7.66 8.75 0.74
C VAL A 55 7.48 8.00 -0.57
N ARG A 56 8.59 7.61 -1.18
CA ARG A 56 8.54 6.88 -2.44
C ARG A 56 9.26 5.54 -2.33
N TRP A 57 8.55 4.46 -2.65
CA TRP A 57 9.12 3.12 -2.59
C TRP A 57 9.11 2.45 -3.95
N PRO A 58 10.31 2.22 -4.52
CA PRO A 58 10.46 1.58 -5.82
C PRO A 58 10.07 0.11 -5.79
N TYR A 59 9.08 -0.26 -6.61
CA TYR A 59 8.62 -1.64 -6.67
C TYR A 59 9.78 -2.59 -6.96
N LEU A 60 10.60 -2.23 -7.94
CA LEU A 60 11.75 -3.04 -8.31
C LEU A 60 12.54 -3.47 -7.07
N CYS A 61 12.45 -2.67 -6.01
CA CYS A 61 13.16 -2.96 -4.78
C CYS A 61 12.32 -3.86 -3.87
N LEU A 62 11.00 -3.78 -4.03
CA LEU A 62 10.08 -4.59 -3.22
C LEU A 62 10.42 -6.06 -3.33
N ARG A 63 10.70 -6.69 -2.19
CA ARG A 63 11.04 -8.11 -2.16
C ARG A 63 9.79 -8.97 -2.26
N ARG A 64 8.74 -8.56 -1.56
CA ARG A 64 7.48 -9.29 -1.57
C ARG A 64 6.37 -8.47 -0.91
N TYR A 65 5.13 -8.77 -1.28
CA TYR A 65 3.98 -8.07 -0.73
C TYR A 65 2.81 -9.01 -0.51
N GLY A 66 1.79 -8.53 0.21
CA GLY A 66 0.62 -9.36 0.47
C GLY A 66 -0.62 -8.52 0.71
N TYR A 67 -1.75 -9.20 0.91
CA TYR A 67 -3.02 -8.52 1.14
C TYR A 67 -4.06 -9.48 1.70
N ASP A 68 -4.54 -9.17 2.90
CA ASP A 68 -5.54 -10.01 3.56
C ASP A 68 -6.95 -9.56 3.19
N SER A 69 -7.95 -10.26 3.72
CA SER A 69 -9.34 -9.94 3.45
C SER A 69 -9.55 -8.42 3.37
N ASN A 70 -9.33 -7.76 4.51
CA ASN A 70 -9.50 -6.31 4.57
C ASN A 70 -8.22 -5.64 5.08
N LEU A 71 -7.08 -6.10 4.59
CA LEU A 71 -5.79 -5.55 5.00
C LEU A 71 -4.75 -5.71 3.88
N PHE A 72 -3.79 -4.80 3.85
CA PHE A 72 -2.74 -4.84 2.84
C PHE A 72 -1.40 -4.40 3.43
N SER A 73 -0.33 -5.09 3.04
CA SER A 73 1.00 -4.78 3.53
C SER A 73 2.07 -5.13 2.49
N PHE A 74 3.26 -4.59 2.67
CA PHE A 74 4.37 -4.84 1.74
C PHE A 74 5.71 -4.64 2.43
N GLU A 75 6.76 -5.15 1.81
CA GLU A 75 8.11 -5.02 2.36
C GLU A 75 9.03 -4.27 1.40
N SER A 76 9.80 -3.34 1.95
CA SER A 76 10.71 -2.54 1.15
C SER A 76 12.16 -2.94 1.41
N GLY A 77 12.87 -3.31 0.35
CA GLY A 77 14.26 -3.72 0.48
C GLY A 77 15.09 -2.71 1.25
N ARG A 78 15.96 -3.20 2.12
CA ARG A 78 16.81 -2.33 2.93
C ARG A 78 17.22 -1.09 2.14
N ARG A 79 17.45 -1.29 0.84
CA ARG A 79 17.85 -0.18 -0.04
C ARG A 79 16.70 0.79 -0.26
N CYS A 80 16.31 1.50 0.80
CA CYS A 80 15.22 2.46 0.73
C CYS A 80 15.43 3.60 1.72
N GLN A 81 14.60 4.63 1.61
CA GLN A 81 14.70 5.78 2.50
C GLN A 81 14.31 5.40 3.92
N THR A 82 13.07 4.94 4.08
CA THR A 82 12.56 4.55 5.40
C THR A 82 13.47 3.50 6.04
N GLY A 83 13.83 2.48 5.27
CA GLY A 83 14.69 1.43 5.79
C GLY A 83 14.00 0.09 5.85
N GLN A 84 14.78 -0.98 5.75
CA GLN A 84 14.23 -2.33 5.78
C GLN A 84 13.11 -2.44 6.82
N GLY A 85 11.98 -3.00 6.40
CA GLY A 85 10.85 -3.15 7.31
C GLY A 85 9.56 -3.42 6.57
N ILE A 86 8.54 -3.87 7.31
CA ILE A 86 7.24 -4.16 6.72
C ILE A 86 6.23 -3.09 7.08
N PHE A 87 5.55 -2.56 6.06
CA PHE A 87 4.54 -1.53 6.27
C PHE A 87 3.15 -2.05 5.94
N ALA A 88 2.24 -1.96 6.91
CA ALA A 88 0.87 -2.42 6.71
C ALA A 88 -0.13 -1.32 7.00
N PHE A 89 -1.16 -1.21 6.16
CA PHE A 89 -2.18 -0.19 6.33
C PHE A 89 -3.58 -0.81 6.29
N LYS A 90 -4.44 -0.38 7.21
CA LYS A 90 -5.80 -0.89 7.29
C LYS A 90 -6.70 -0.18 6.27
N CYS A 91 -6.95 -0.83 5.15
CA CYS A 91 -7.80 -0.26 4.10
C CYS A 91 -8.80 -1.29 3.59
N SER A 92 -9.88 -0.80 2.99
CA SER A 92 -10.91 -1.68 2.46
C SER A 92 -10.60 -2.09 1.02
N ARG A 93 -10.11 -1.13 0.23
CA ARG A 93 -9.77 -1.39 -1.16
C ARG A 93 -8.34 -1.91 -1.28
N ALA A 94 -7.94 -2.76 -0.34
CA ALA A 94 -6.60 -3.33 -0.35
C ALA A 94 -6.39 -4.23 -1.57
N GLU A 95 -7.28 -5.19 -1.75
CA GLU A 95 -7.19 -6.11 -2.88
C GLU A 95 -6.76 -5.38 -4.15
N GLU A 96 -7.56 -4.40 -4.56
CA GLU A 96 -7.26 -3.63 -5.75
C GLU A 96 -5.80 -3.18 -5.77
N ILE A 97 -5.36 -2.58 -4.66
CA ILE A 97 -3.98 -2.11 -4.55
C ILE A 97 -2.99 -3.23 -4.85
N PHE A 98 -3.18 -4.37 -4.18
CA PHE A 98 -2.30 -5.52 -4.38
C PHE A 98 -2.28 -5.95 -5.84
N ASN A 99 -3.47 -6.03 -6.44
CA ASN A 99 -3.59 -6.43 -7.84
C ASN A 99 -2.91 -5.43 -8.75
N LEU A 100 -3.10 -4.14 -8.47
CA LEU A 100 -2.49 -3.08 -9.27
C LEU A 100 -0.98 -3.11 -9.17
N LEU A 101 -0.48 -3.26 -7.94
CA LEU A 101 0.96 -3.31 -7.70
C LEU A 101 1.62 -4.38 -8.58
N GLN A 102 1.16 -5.62 -8.45
CA GLN A 102 1.71 -6.71 -9.23
C GLN A 102 1.53 -6.46 -10.72
N ASP A 103 0.45 -5.78 -11.08
CA ASP A 103 0.17 -5.47 -12.48
C ASP A 103 1.22 -4.52 -13.05
N LEU A 104 1.51 -3.47 -12.30
CA LEU A 104 2.49 -2.47 -12.73
C LEU A 104 3.84 -3.12 -12.98
N MET A 105 4.22 -4.04 -12.11
CA MET A 105 5.50 -4.74 -12.25
C MET A 105 5.55 -5.51 -13.56
N GLN A 106 4.58 -6.39 -13.79
CA GLN A 106 4.53 -7.17 -15.01
C GLN A 106 4.32 -6.28 -16.22
N CYS A 107 3.58 -5.20 -16.04
CA CYS A 107 3.30 -4.26 -17.12
C CYS A 107 3.07 -5.01 -18.43
N ASN A 108 2.30 -6.09 -18.37
CA ASN A 108 2.00 -6.89 -19.55
C ASN A 108 1.24 -6.07 -20.59
N SER A 109 0.16 -5.43 -20.16
CA SER A 109 -0.66 -4.62 -21.05
C SER A 109 -1.38 -3.51 -20.27
N ILE A 110 -2.14 -2.69 -20.99
CA ILE A 110 -2.88 -1.60 -20.37
C ILE A 110 -4.31 -2.03 -20.05
N ASN A 111 -4.54 -2.40 -18.80
CA ASN A 111 -5.87 -2.83 -18.35
C ASN A 111 -6.61 -1.68 -17.68
N VAL A 112 -7.48 -1.02 -18.43
CA VAL A 112 -8.26 0.10 -17.89
C VAL A 112 -9.74 -0.27 -17.76
N MET A 113 -10.00 -1.43 -17.16
CA MET A 113 -11.37 -1.89 -16.96
C MET A 113 -11.69 -2.03 -15.48
N GLU A 114 -12.50 -1.10 -14.97
CA GLU A 114 -12.88 -1.13 -13.56
C GLU A 114 -13.68 -2.39 -13.24
N GLU A 115 -13.41 -2.95 -12.06
CA GLU A 115 -14.11 -4.16 -11.63
C GLU A 115 -14.86 -3.92 -10.32
N PRO A 116 -16.01 -4.59 -10.17
CA PRO A 116 -16.85 -4.46 -8.97
C PRO A 116 -16.21 -5.09 -7.75
N VAL A 117 -16.60 -4.62 -6.57
CA VAL A 117 -16.07 -5.13 -5.32
C VAL A 117 -17.14 -5.17 -4.23
N ILE A 118 -17.17 -6.27 -3.49
CA ILE A 118 -18.15 -6.44 -2.42
C ILE A 118 -17.49 -6.93 -1.14
N ILE A 119 -17.12 -6.00 -0.26
CA ILE A 119 -16.48 -6.35 1.01
C ILE A 119 -17.36 -5.98 2.19
N THR A 120 -18.23 -6.90 2.58
CA THR A 120 -19.14 -6.67 3.70
C THR A 120 -18.38 -6.65 5.02
N SER A 121 -17.91 -5.47 5.42
CA SER A 121 -17.17 -5.32 6.66
C SER A 121 -17.39 -3.92 7.25
N GLY A 122 -18.00 -3.88 8.42
CA GLY A 122 -18.26 -2.60 9.08
C GLY A 122 -17.07 -2.11 9.86
N SER A 123 -17.23 -1.98 11.17
CA SER A 123 -16.16 -1.50 12.05
C SER A 123 -16.36 -1.99 13.48
N SER A 124 -15.38 -1.71 14.33
CA SER A 124 -15.45 -2.12 15.73
C SER A 124 -14.74 -1.11 16.63
N GLY A 125 -15.26 -0.95 17.84
CA GLY A 125 -14.65 -0.02 18.78
C GLY A 125 -13.98 -0.71 19.94
N SER A 126 -13.21 -1.76 19.63
CA SER A 126 -12.51 -2.51 20.66
C SER A 126 -11.71 -1.59 21.56
N SER A 127 -11.68 -1.92 22.86
CA SER A 127 -10.96 -1.11 23.83
C SER A 127 -9.44 -1.23 23.63
N GLY A 128 -8.89 -0.33 22.82
CA GLY A 128 -7.47 -0.37 22.56
C GLY A 128 -6.89 1.02 22.35
N SER A 129 -5.84 1.34 23.09
CA SER A 129 -5.19 2.65 22.99
C SER A 129 -3.83 2.53 22.32
N SER A 130 -3.36 3.64 21.76
CA SER A 130 -2.07 3.67 21.08
C SER A 130 -1.54 5.09 20.97
N GLY A 131 -0.22 5.24 21.09
CA GLY A 131 0.39 6.55 21.00
C GLY A 131 1.77 6.51 20.36
N SER A 132 1.81 6.61 19.05
CA SER A 132 3.08 6.57 18.31
C SER A 132 2.89 7.11 16.90
N SER A 133 3.55 8.24 16.61
CA SER A 133 3.45 8.85 15.29
C SER A 133 4.53 8.29 14.36
N GLY A 134 4.20 8.21 13.07
CA GLY A 134 5.13 7.70 12.10
C GLY A 134 4.80 6.28 11.66
N LEU A 135 5.38 5.86 10.53
CA LEU A 135 5.14 4.52 10.02
C LEU A 135 5.65 3.46 10.98
N PHE A 136 4.83 2.45 11.24
CA PHE A 136 5.20 1.37 12.15
C PHE A 136 5.75 0.18 11.37
N ARG A 137 6.92 -0.29 11.79
CA ARG A 137 7.56 -1.42 11.14
C ARG A 137 7.14 -2.74 11.78
N LEU A 138 6.68 -3.67 10.96
CA LEU A 138 6.23 -4.97 11.44
C LEU A 138 7.34 -6.02 11.30
N ARG A 139 7.47 -6.87 12.30
CA ARG A 139 8.48 -7.93 12.29
C ARG A 139 8.05 -9.10 11.41
N HIS A 140 6.80 -9.51 11.57
CA HIS A 140 6.25 -10.62 10.79
C HIS A 140 5.17 -10.13 9.84
N PHE A 141 5.15 -10.69 8.63
CA PHE A 141 4.16 -10.30 7.62
C PHE A 141 2.75 -10.48 8.16
N PRO A 142 2.01 -9.36 8.26
CA PRO A 142 0.63 -9.37 8.76
C PRO A 142 -0.33 -10.04 7.78
N CYS A 143 0.22 -10.70 6.78
CA CYS A 143 -0.60 -11.39 5.77
C CYS A 143 0.05 -12.70 5.35
N GLY A 144 -0.78 -13.72 5.13
CA GLY A 144 -0.26 -15.01 4.72
C GLY A 144 0.00 -15.09 3.22
N ASN A 145 -0.86 -14.45 2.44
CA ASN A 145 -0.72 -14.46 0.99
C ASN A 145 0.36 -13.47 0.54
N VAL A 146 1.54 -13.99 0.25
CA VAL A 146 2.66 -13.16 -0.19
C VAL A 146 3.03 -13.46 -1.64
N ASN A 147 3.36 -12.41 -2.39
CA ASN A 147 3.73 -12.56 -3.79
C ASN A 147 5.12 -11.98 -4.05
N TYR A 148 5.79 -12.51 -5.06
CA TYR A 148 7.13 -12.04 -5.41
C TYR A 148 7.12 -11.29 -6.75
N GLY A 149 7.87 -10.19 -6.80
CA GLY A 149 7.93 -9.40 -8.02
C GLY A 149 9.04 -9.85 -8.95
N TYR A 150 10.15 -9.12 -8.93
CA TYR A 150 11.29 -9.45 -9.79
C TYR A 150 12.11 -10.58 -9.18
N GLN A 151 12.84 -11.28 -10.03
CA GLN A 151 13.67 -12.40 -9.59
C GLN A 151 15.03 -12.37 -10.28
N GLN A 152 16.09 -12.20 -9.49
CA GLN A 152 17.44 -12.15 -10.02
C GLN A 152 18.46 -12.53 -8.96
N GLN A 153 19.05 -13.72 -9.10
CA GLN A 153 20.05 -14.19 -8.14
C GLN A 153 21.18 -13.19 -7.99
N GLY A 1 -36.17 22.77 -5.56
CA GLY A 1 -36.92 22.01 -4.58
C GLY A 1 -36.02 21.30 -3.58
N SER A 2 -36.45 21.26 -2.32
CA SER A 2 -35.66 20.61 -1.27
C SER A 2 -35.14 19.26 -1.74
N SER A 3 -36.03 18.44 -2.27
CA SER A 3 -35.66 17.11 -2.76
C SER A 3 -34.53 17.21 -3.79
N GLY A 4 -33.93 16.07 -4.11
CA GLY A 4 -32.85 16.04 -5.08
C GLY A 4 -31.53 15.68 -4.45
N SER A 5 -31.13 14.42 -4.59
CA SER A 5 -29.86 13.95 -4.03
C SER A 5 -28.68 14.49 -4.82
N SER A 6 -27.55 14.66 -4.13
CA SER A 6 -26.34 15.18 -4.77
C SER A 6 -26.62 16.50 -5.48
N GLY A 7 -27.38 17.36 -4.81
CA GLY A 7 -27.70 18.65 -5.38
C GLY A 7 -26.58 19.23 -6.21
N LEU A 8 -25.70 20.00 -5.56
CA LEU A 8 -24.57 20.61 -6.24
C LEU A 8 -23.43 20.88 -5.27
N ASN A 9 -22.31 20.19 -5.47
CA ASN A 9 -21.14 20.36 -4.60
C ASN A 9 -19.88 19.88 -5.31
N ARG A 10 -18.76 19.91 -4.59
CA ARG A 10 -17.48 19.49 -5.14
C ARG A 10 -17.02 18.19 -4.49
N ASP A 11 -16.27 17.39 -5.24
CA ASP A 11 -15.76 16.11 -4.73
C ASP A 11 -14.24 16.12 -4.69
N SER A 12 -13.69 16.36 -3.50
CA SER A 12 -12.24 16.40 -3.33
C SER A 12 -11.63 15.01 -3.51
N VAL A 13 -12.45 13.99 -3.29
CA VAL A 13 -11.99 12.61 -3.42
C VAL A 13 -13.15 11.68 -3.78
N PRO A 14 -12.92 10.81 -4.77
CA PRO A 14 -13.94 9.85 -5.23
C PRO A 14 -14.22 8.76 -4.20
N ASP A 15 -15.43 8.23 -4.23
CA ASP A 15 -15.83 7.17 -3.30
C ASP A 15 -15.10 5.87 -3.62
N ASN A 16 -14.64 5.75 -4.87
CA ASN A 16 -13.93 4.54 -5.30
C ASN A 16 -12.68 4.91 -6.09
N HIS A 17 -11.90 5.84 -5.57
CA HIS A 17 -10.67 6.28 -6.23
C HIS A 17 -9.95 5.10 -6.86
N PRO A 18 -9.70 5.19 -8.18
CA PRO A 18 -9.01 4.15 -8.93
C PRO A 18 -7.53 4.04 -8.56
N THR A 19 -6.84 5.17 -8.58
CA THR A 19 -5.42 5.21 -8.25
C THR A 19 -5.21 5.26 -6.74
N LYS A 20 -5.62 6.37 -6.13
CA LYS A 20 -5.48 6.55 -4.69
C LYS A 20 -6.32 5.52 -3.93
N PHE A 21 -5.92 5.24 -2.70
CA PHE A 21 -6.64 4.27 -1.87
C PHE A 21 -6.54 4.65 -0.39
N LYS A 22 -7.67 5.05 0.19
CA LYS A 22 -7.71 5.45 1.59
C LYS A 22 -7.13 4.35 2.48
N VAL A 23 -5.92 4.58 2.97
CA VAL A 23 -5.25 3.62 3.84
C VAL A 23 -4.98 4.21 5.22
N THR A 24 -4.80 3.34 6.20
CA THR A 24 -4.54 3.77 7.57
C THR A 24 -3.47 2.91 8.22
N ASN A 25 -2.30 3.49 8.42
CA ASN A 25 -1.19 2.78 9.03
C ASN A 25 -1.53 2.34 10.45
N VAL A 26 -1.01 1.19 10.86
CA VAL A 26 -1.28 0.65 12.19
C VAL A 26 0.00 0.10 12.82
N ASP A 27 -0.12 -0.39 14.05
CA ASP A 27 1.02 -0.95 14.76
C ASP A 27 0.92 -2.48 14.82
N ASP A 28 1.92 -3.10 15.43
CA ASP A 28 1.96 -4.56 15.55
C ASP A 28 0.58 -5.10 15.95
N GLU A 29 -0.08 -4.39 16.85
CA GLU A 29 -1.40 -4.80 17.32
C GLU A 29 -2.47 -4.54 16.25
N GLY A 30 -2.46 -3.33 15.70
CA GLY A 30 -3.42 -2.98 14.67
C GLY A 30 -4.25 -1.77 15.05
N VAL A 31 -3.65 -0.85 15.81
CA VAL A 31 -4.34 0.36 16.23
C VAL A 31 -4.15 1.49 15.23
N GLU A 32 -5.27 2.01 14.72
CA GLU A 32 -5.22 3.09 13.75
C GLU A 32 -4.50 4.31 14.33
N LEU A 33 -3.29 4.56 13.84
CA LEU A 33 -2.51 5.70 14.30
C LEU A 33 -2.82 6.95 13.49
N GLY A 34 -2.55 6.88 12.19
CA GLY A 34 -2.81 8.02 11.31
C GLY A 34 -3.33 7.59 9.96
N SER A 35 -4.29 8.34 9.44
CA SER A 35 -4.89 8.04 8.15
C SER A 35 -4.10 8.70 7.02
N GLY A 36 -3.93 7.97 5.92
CA GLY A 36 -3.20 8.50 4.79
C GLY A 36 -3.66 7.92 3.47
N VAL A 37 -3.39 8.62 2.38
CA VAL A 37 -3.79 8.18 1.05
C VAL A 37 -2.64 7.50 0.32
N MET A 38 -2.85 6.26 -0.08
CA MET A 38 -1.83 5.50 -0.79
C MET A 38 -1.98 5.67 -2.30
N GLU A 39 -0.84 5.81 -2.99
CA GLU A 39 -0.85 5.98 -4.43
C GLU A 39 0.13 5.01 -5.10
N LEU A 40 -0.23 4.55 -6.29
CA LEU A 40 0.61 3.62 -7.04
C LEU A 40 0.79 4.08 -8.48
N THR A 41 2.02 4.45 -8.83
CA THR A 41 2.33 4.91 -10.18
C THR A 41 3.17 3.88 -10.94
N GLN A 42 3.41 4.15 -12.21
CA GLN A 42 4.20 3.25 -13.04
C GLN A 42 5.66 3.25 -12.61
N SER A 43 6.14 4.42 -12.17
CA SER A 43 7.53 4.55 -11.73
C SER A 43 7.78 3.74 -10.46
N GLU A 44 7.17 4.17 -9.36
CA GLU A 44 7.33 3.47 -8.08
C GLU A 44 6.13 3.74 -7.17
N LEU A 45 6.17 3.18 -5.97
CA LEU A 45 5.10 3.34 -5.00
C LEU A 45 5.24 4.68 -4.26
N VAL A 46 4.14 5.42 -4.19
CA VAL A 46 4.14 6.72 -3.51
C VAL A 46 3.06 6.78 -2.44
N LEU A 47 3.39 7.37 -1.30
CA LEU A 47 2.44 7.49 -0.20
C LEU A 47 2.13 8.96 0.10
N HIS A 48 0.86 9.27 0.29
CA HIS A 48 0.44 10.63 0.59
C HIS A 48 -0.19 10.72 1.97
N LEU A 49 0.48 11.43 2.87
CA LEU A 49 0.00 11.60 4.24
C LEU A 49 -0.49 13.03 4.48
N HIS A 50 0.45 13.97 4.46
CA HIS A 50 0.12 15.37 4.67
C HIS A 50 1.20 16.28 4.06
N ARG A 51 1.06 17.58 4.29
CA ARG A 51 2.00 18.55 3.76
C ARG A 51 3.43 18.01 3.83
N ARG A 52 3.67 17.13 4.79
CA ARG A 52 4.99 16.53 4.97
C ARG A 52 5.49 15.92 3.66
N GLU A 53 6.70 15.35 3.70
CA GLU A 53 7.28 14.73 2.53
C GLU A 53 6.58 13.40 2.19
N ALA A 54 6.80 12.91 0.98
CA ALA A 54 6.19 11.66 0.55
C ALA A 54 7.24 10.56 0.38
N VAL A 55 6.97 9.40 0.96
CA VAL A 55 7.90 8.27 0.88
C VAL A 55 7.67 7.48 -0.40
N ARG A 56 8.73 7.31 -1.17
CA ARG A 56 8.66 6.56 -2.43
C ARG A 56 9.34 5.20 -2.30
N TRP A 57 8.60 4.14 -2.58
CA TRP A 57 9.12 2.79 -2.50
C TRP A 57 9.15 2.12 -3.87
N PRO A 58 10.37 1.81 -4.36
CA PRO A 58 10.55 1.16 -5.66
C PRO A 58 10.07 -0.28 -5.67
N TYR A 59 9.39 -0.67 -6.74
CA TYR A 59 8.85 -2.02 -6.87
C TYR A 59 9.99 -3.03 -7.04
N LEU A 60 10.93 -2.70 -7.92
CA LEU A 60 12.07 -3.59 -8.18
C LEU A 60 12.75 -3.99 -6.87
N CYS A 61 12.59 -3.16 -5.84
CA CYS A 61 13.18 -3.43 -4.54
C CYS A 61 12.14 -3.94 -3.56
N LEU A 62 11.23 -4.77 -4.05
CA LEU A 62 10.17 -5.33 -3.21
C LEU A 62 10.39 -6.82 -2.98
N ARG A 63 10.85 -7.16 -1.77
CA ARG A 63 11.09 -8.54 -1.42
C ARG A 63 9.81 -9.37 -1.52
N ARG A 64 8.71 -8.81 -1.03
CA ARG A 64 7.42 -9.48 -1.07
C ARG A 64 6.31 -8.56 -0.60
N TYR A 65 5.08 -8.86 -1.02
CA TYR A 65 3.93 -8.05 -0.66
C TYR A 65 2.65 -8.89 -0.64
N GLY A 66 1.77 -8.59 0.31
CA GLY A 66 0.52 -9.33 0.43
C GLY A 66 -0.67 -8.43 0.64
N TYR A 67 -1.86 -9.01 0.61
CA TYR A 67 -3.10 -8.25 0.79
C TYR A 67 -4.16 -9.08 1.50
N ASP A 68 -4.76 -8.51 2.53
CA ASP A 68 -5.80 -9.20 3.30
C ASP A 68 -7.17 -8.60 3.00
N SER A 69 -8.18 -9.07 3.73
CA SER A 69 -9.55 -8.59 3.55
C SER A 69 -9.60 -7.07 3.67
N ASN A 70 -9.24 -6.57 4.84
CA ASN A 70 -9.26 -5.13 5.10
C ASN A 70 -7.89 -4.66 5.60
N LEU A 71 -6.83 -5.13 4.96
CA LEU A 71 -5.48 -4.75 5.34
C LEU A 71 -4.51 -4.91 4.17
N PHE A 72 -3.49 -4.06 4.12
CA PHE A 72 -2.50 -4.11 3.05
C PHE A 72 -1.10 -3.85 3.60
N SER A 73 -0.24 -4.86 3.54
CA SER A 73 1.12 -4.74 4.03
C SER A 73 2.12 -5.17 2.96
N PHE A 74 3.37 -4.74 3.12
CA PHE A 74 4.42 -5.08 2.17
C PHE A 74 5.80 -4.88 2.79
N GLU A 75 6.81 -5.51 2.19
CA GLU A 75 8.17 -5.40 2.68
C GLU A 75 9.06 -4.65 1.68
N SER A 76 9.93 -3.79 2.20
CA SER A 76 10.83 -3.02 1.36
C SER A 76 12.29 -3.36 1.65
N GLY A 77 13.12 -3.31 0.62
CA GLY A 77 14.54 -3.62 0.79
C GLY A 77 15.16 -2.85 1.94
N ARG A 78 16.46 -3.04 2.12
CA ARG A 78 17.18 -2.36 3.20
C ARG A 78 17.87 -1.10 2.67
N ARG A 79 18.23 -1.11 1.40
CA ARG A 79 18.89 0.03 0.78
C ARG A 79 17.87 1.06 0.31
N CYS A 80 17.26 1.76 1.26
CA CYS A 80 16.26 2.78 0.93
C CYS A 80 16.12 3.78 2.06
N GLN A 81 15.34 4.83 1.83
CA GLN A 81 15.13 5.87 2.82
C GLN A 81 14.66 5.27 4.15
N THR A 82 13.48 4.66 4.13
CA THR A 82 12.93 4.05 5.34
C THR A 82 13.82 2.91 5.83
N GLY A 83 14.50 2.26 4.90
CA GLY A 83 15.37 1.15 5.27
C GLY A 83 14.61 -0.12 5.55
N GLN A 84 15.34 -1.22 5.72
CA GLN A 84 14.72 -2.51 6.00
C GLN A 84 13.60 -2.37 7.03
N GLY A 85 12.43 -2.89 6.69
CA GLY A 85 11.30 -2.81 7.59
C GLY A 85 9.98 -3.11 6.91
N ILE A 86 8.99 -3.52 7.68
CA ILE A 86 7.67 -3.84 7.14
C ILE A 86 6.66 -2.75 7.48
N PHE A 87 5.75 -2.48 6.54
CA PHE A 87 4.73 -1.46 6.75
C PHE A 87 3.35 -1.99 6.37
N ALA A 88 2.41 -1.91 7.31
CA ALA A 88 1.05 -2.38 7.07
C ALA A 88 0.04 -1.24 7.19
N PHE A 89 -1.01 -1.29 6.38
CA PHE A 89 -2.04 -0.26 6.39
C PHE A 89 -3.43 -0.87 6.22
N LYS A 90 -4.34 -0.52 7.11
CA LYS A 90 -5.71 -1.03 7.05
C LYS A 90 -6.52 -0.32 5.97
N CYS A 91 -6.75 -1.02 4.85
CA CYS A 91 -7.52 -0.45 3.75
C CYS A 91 -8.61 -1.41 3.29
N SER A 92 -9.74 -0.85 2.87
CA SER A 92 -10.87 -1.65 2.41
C SER A 92 -10.64 -2.14 0.98
N ARG A 93 -10.21 -1.25 0.11
CA ARG A 93 -9.95 -1.59 -1.28
C ARG A 93 -8.52 -2.08 -1.46
N ALA A 94 -8.05 -2.89 -0.52
CA ALA A 94 -6.70 -3.43 -0.58
C ALA A 94 -6.49 -4.27 -1.83
N GLU A 95 -7.38 -5.23 -2.04
CA GLU A 95 -7.29 -6.11 -3.21
C GLU A 95 -6.88 -5.33 -4.44
N GLU A 96 -7.60 -4.24 -4.73
CA GLU A 96 -7.31 -3.41 -5.89
C GLU A 96 -5.83 -3.03 -5.91
N ILE A 97 -5.34 -2.46 -4.82
CA ILE A 97 -3.94 -2.06 -4.72
C ILE A 97 -3.00 -3.21 -5.06
N PHE A 98 -3.33 -4.40 -4.56
CA PHE A 98 -2.52 -5.58 -4.81
C PHE A 98 -2.42 -5.86 -6.31
N ASN A 99 -3.57 -5.86 -6.98
CA ASN A 99 -3.61 -6.12 -8.41
C ASN A 99 -2.82 -5.07 -9.18
N LEU A 100 -3.07 -3.81 -8.86
CA LEU A 100 -2.38 -2.70 -9.51
C LEU A 100 -0.87 -2.79 -9.30
N LEU A 101 -0.47 -3.05 -8.06
CA LEU A 101 0.94 -3.17 -7.72
C LEU A 101 1.64 -4.17 -8.63
N GLN A 102 1.12 -5.38 -8.69
CA GLN A 102 1.69 -6.43 -9.53
C GLN A 102 1.51 -6.10 -11.01
N ASP A 103 0.39 -5.48 -11.34
CA ASP A 103 0.10 -5.11 -12.72
C ASP A 103 1.16 -4.16 -13.25
N LEU A 104 1.44 -3.10 -12.50
CA LEU A 104 2.43 -2.11 -12.91
C LEU A 104 3.80 -2.77 -13.11
N MET A 105 4.15 -3.67 -12.20
CA MET A 105 5.43 -4.38 -12.27
C MET A 105 5.54 -5.16 -13.57
N GLN A 106 4.57 -6.04 -13.81
CA GLN A 106 4.57 -6.85 -15.02
C GLN A 106 4.44 -6.00 -16.26
N CYS A 107 3.73 -4.88 -16.13
CA CYS A 107 3.53 -3.96 -17.25
C CYS A 107 4.87 -3.61 -17.90
N ASN A 108 4.99 -3.94 -19.18
CA ASN A 108 6.21 -3.65 -19.93
C ASN A 108 7.35 -4.57 -19.48
N SER A 109 7.04 -5.86 -19.33
CA SER A 109 8.02 -6.84 -18.90
C SER A 109 7.69 -8.22 -19.45
N ILE A 110 8.73 -8.97 -19.80
CA ILE A 110 8.55 -10.32 -20.34
C ILE A 110 9.26 -11.36 -19.47
N ASN A 111 8.48 -12.10 -18.69
CA ASN A 111 9.03 -13.14 -17.82
C ASN A 111 8.38 -14.49 -18.11
N VAL A 112 9.21 -15.50 -18.31
CA VAL A 112 8.72 -16.85 -18.59
C VAL A 112 8.35 -17.57 -17.29
N MET A 113 7.75 -16.84 -16.36
CA MET A 113 7.35 -17.42 -15.08
C MET A 113 5.89 -17.84 -15.11
N GLU A 114 5.64 -19.07 -15.57
CA GLU A 114 4.29 -19.60 -15.65
C GLU A 114 4.08 -20.74 -14.63
N GLU A 115 4.60 -20.54 -13.43
CA GLU A 115 4.46 -21.54 -12.38
C GLU A 115 4.28 -20.88 -11.01
N PRO A 116 3.22 -21.29 -10.31
CA PRO A 116 2.91 -20.75 -8.97
C PRO A 116 3.91 -21.19 -7.91
N VAL A 117 4.26 -20.27 -7.02
CA VAL A 117 5.22 -20.56 -5.97
C VAL A 117 4.68 -20.08 -4.61
N ILE A 118 4.91 -20.90 -3.58
CA ILE A 118 4.46 -20.56 -2.24
C ILE A 118 5.55 -20.83 -1.21
N ILE A 119 6.39 -19.84 -0.97
CA ILE A 119 7.48 -19.98 -0.01
C ILE A 119 7.10 -19.36 1.34
N THR A 120 6.60 -20.19 2.25
CA THR A 120 6.21 -19.73 3.57
C THR A 120 7.31 -19.99 4.60
N SER A 121 8.54 -19.72 4.20
CA SER A 121 9.69 -19.92 5.08
C SER A 121 9.89 -18.72 6.00
N GLY A 122 9.62 -17.53 5.47
CA GLY A 122 9.78 -16.31 6.25
C GLY A 122 11.22 -15.86 6.34
N SER A 123 11.54 -15.09 7.38
CA SER A 123 12.88 -14.59 7.57
C SER A 123 13.07 -14.06 8.99
N SER A 124 14.31 -14.06 9.46
CA SER A 124 14.63 -13.58 10.80
C SER A 124 15.72 -12.51 10.76
N GLY A 125 15.39 -11.33 11.28
CA GLY A 125 16.35 -10.24 11.30
C GLY A 125 15.85 -9.04 12.08
N SER A 126 16.58 -8.67 13.13
CA SER A 126 16.20 -7.53 13.96
C SER A 126 17.41 -6.64 14.23
N SER A 127 17.35 -5.42 13.71
CA SER A 127 18.43 -4.46 13.89
C SER A 127 17.93 -3.03 13.69
N GLY A 128 18.57 -2.09 14.39
CA GLY A 128 18.17 -0.69 14.27
C GLY A 128 18.44 0.09 15.55
N SER A 129 17.69 1.17 15.74
CA SER A 129 17.86 2.00 16.93
C SER A 129 16.60 1.97 17.80
N SER A 130 16.73 2.47 19.02
CA SER A 130 15.61 2.49 19.96
C SER A 130 14.54 3.48 19.50
N GLY A 131 13.33 2.97 19.28
CA GLY A 131 12.24 3.82 18.84
C GLY A 131 12.29 4.11 17.35
N SER A 132 11.12 4.22 16.73
CA SER A 132 11.04 4.49 15.30
C SER A 132 11.05 6.00 15.04
N SER A 133 11.26 6.37 13.78
CA SER A 133 11.29 7.77 13.39
C SER A 133 9.90 8.27 13.01
N GLY A 134 9.23 7.52 12.13
CA GLY A 134 7.90 7.90 11.70
C GLY A 134 6.97 6.71 11.57
N LEU A 135 7.19 5.91 10.55
CA LEU A 135 6.37 4.72 10.31
C LEU A 135 6.78 3.57 11.22
N PHE A 136 5.79 2.92 11.82
CA PHE A 136 6.05 1.80 12.73
C PHE A 136 6.34 0.52 11.94
N ARG A 137 7.59 0.08 11.98
CA ARG A 137 8.00 -1.13 11.28
C ARG A 137 7.50 -2.38 12.00
N LEU A 138 7.16 -3.41 11.24
CA LEU A 138 6.66 -4.66 11.80
C LEU A 138 7.71 -5.76 11.68
N ARG A 139 7.83 -6.57 12.73
CA ARG A 139 8.79 -7.67 12.73
C ARG A 139 8.34 -8.80 11.80
N HIS A 140 7.09 -9.24 11.98
CA HIS A 140 6.54 -10.30 11.16
C HIS A 140 5.55 -9.75 10.14
N PHE A 141 5.07 -10.62 9.26
CA PHE A 141 4.11 -10.22 8.24
C PHE A 141 2.68 -10.47 8.70
N PRO A 142 1.90 -9.38 8.82
CA PRO A 142 0.50 -9.45 9.26
C PRO A 142 -0.40 -10.10 8.22
N CYS A 143 -0.01 -9.98 6.95
CA CYS A 143 -0.79 -10.55 5.86
C CYS A 143 -0.41 -12.01 5.63
N GLY A 144 -1.27 -12.74 4.92
CA GLY A 144 -1.01 -14.13 4.65
C GLY A 144 -0.67 -14.38 3.20
N ASN A 145 -1.55 -13.94 2.31
CA ASN A 145 -1.34 -14.12 0.87
C ASN A 145 -0.20 -13.25 0.38
N VAL A 146 1.02 -13.80 0.36
CA VAL A 146 2.19 -13.07 -0.10
C VAL A 146 2.54 -13.42 -1.54
N ASN A 147 2.83 -12.41 -2.34
CA ASN A 147 3.18 -12.60 -3.74
C ASN A 147 4.62 -12.18 -4.01
N TYR A 148 5.30 -12.93 -4.87
CA TYR A 148 6.68 -12.64 -5.20
C TYR A 148 6.77 -11.92 -6.54
N GLY A 149 7.42 -10.76 -6.54
CA GLY A 149 7.57 -9.99 -7.76
C GLY A 149 8.95 -10.09 -8.35
N TYR A 150 9.69 -8.97 -8.35
CA TYR A 150 11.04 -8.95 -8.89
C TYR A 150 11.92 -9.98 -8.21
N GLN A 151 12.90 -10.50 -8.94
CA GLN A 151 13.82 -11.49 -8.41
C GLN A 151 15.19 -11.37 -9.06
N GLN A 152 16.23 -11.80 -8.34
CA GLN A 152 17.59 -11.75 -8.84
C GLN A 152 18.09 -13.13 -9.23
N GLN A 153 18.06 -13.44 -10.52
CA GLN A 153 18.52 -14.73 -11.01
C GLN A 153 20.03 -14.73 -11.23
N GLY A 1 -17.66 -8.81 7.35
CA GLY A 1 -18.38 -7.77 6.63
C GLY A 1 -17.64 -7.34 5.37
N SER A 2 -18.39 -6.89 4.38
CA SER A 2 -17.81 -6.44 3.12
C SER A 2 -18.13 -4.97 2.87
N SER A 3 -17.55 -4.42 1.80
CA SER A 3 -17.76 -3.03 1.45
C SER A 3 -18.27 -2.90 0.01
N GLY A 4 -18.78 -1.72 -0.32
CA GLY A 4 -19.30 -1.48 -1.66
C GLY A 4 -18.99 -0.09 -2.16
N SER A 5 -20.03 0.71 -2.38
CA SER A 5 -19.85 2.07 -2.88
C SER A 5 -20.62 3.06 -2.01
N SER A 6 -21.93 2.87 -1.91
CA SER A 6 -22.77 3.76 -1.11
C SER A 6 -22.33 5.21 -1.26
N GLY A 7 -22.05 5.61 -2.50
CA GLY A 7 -21.62 6.98 -2.76
C GLY A 7 -22.74 7.84 -3.32
N LEU A 8 -23.92 7.74 -2.70
CA LEU A 8 -25.07 8.51 -3.15
C LEU A 8 -24.69 9.97 -3.38
N ASN A 9 -23.93 10.54 -2.45
CA ASN A 9 -23.50 11.93 -2.55
C ASN A 9 -22.50 12.10 -3.69
N ARG A 10 -22.47 13.29 -4.28
CA ARG A 10 -21.56 13.58 -5.38
C ARG A 10 -20.32 14.30 -4.88
N ASP A 11 -19.26 13.54 -4.61
CA ASP A 11 -18.01 14.10 -4.13
C ASP A 11 -16.97 14.16 -5.25
N SER A 12 -15.84 14.80 -4.97
CA SER A 12 -14.77 14.94 -5.94
C SER A 12 -14.05 13.61 -6.15
N VAL A 13 -13.87 12.86 -5.07
CA VAL A 13 -13.19 11.58 -5.12
C VAL A 13 -14.19 10.44 -5.30
N PRO A 14 -13.88 9.52 -6.22
CA PRO A 14 -14.72 8.36 -6.50
C PRO A 14 -14.74 7.35 -5.36
N ASP A 15 -15.50 6.27 -5.53
CA ASP A 15 -15.60 5.23 -4.50
C ASP A 15 -14.75 4.02 -4.89
N ASN A 16 -14.45 3.89 -6.17
CA ASN A 16 -13.65 2.77 -6.66
C ASN A 16 -12.36 3.26 -7.28
N HIS A 17 -11.88 4.42 -6.81
CA HIS A 17 -10.64 4.99 -7.33
C HIS A 17 -9.58 3.92 -7.55
N PRO A 18 -9.23 3.68 -8.82
CA PRO A 18 -8.23 2.68 -9.19
C PRO A 18 -6.82 3.08 -8.77
N THR A 19 -6.50 4.36 -8.93
CA THR A 19 -5.18 4.87 -8.56
C THR A 19 -5.14 5.26 -7.09
N LYS A 20 -5.84 6.34 -6.75
CA LYS A 20 -5.87 6.82 -5.38
C LYS A 20 -6.51 5.79 -4.45
N PHE A 21 -6.00 5.71 -3.23
CA PHE A 21 -6.52 4.75 -2.26
C PHE A 21 -6.33 5.28 -0.83
N LYS A 22 -7.42 5.31 -0.06
CA LYS A 22 -7.37 5.78 1.31
C LYS A 22 -6.95 4.66 2.26
N VAL A 23 -5.72 4.76 2.75
CA VAL A 23 -5.19 3.75 3.67
C VAL A 23 -5.07 4.31 5.08
N THR A 24 -5.01 3.42 6.06
CA THR A 24 -4.91 3.82 7.46
C THR A 24 -3.77 3.09 8.16
N ASN A 25 -2.63 3.76 8.28
CA ASN A 25 -1.46 3.16 8.92
C ASN A 25 -1.82 2.60 10.30
N VAL A 26 -1.52 1.33 10.51
CA VAL A 26 -1.81 0.68 11.78
C VAL A 26 -0.61 -0.13 12.28
N ASP A 27 -0.80 -0.84 13.38
CA ASP A 27 0.26 -1.66 13.96
C ASP A 27 -0.06 -3.14 13.81
N ASP A 28 0.82 -3.99 14.33
CA ASP A 28 0.64 -5.43 14.25
C ASP A 28 -0.76 -5.83 14.71
N GLU A 29 -1.27 -5.13 15.72
CA GLU A 29 -2.60 -5.41 16.25
C GLU A 29 -3.68 -4.91 15.28
N GLY A 30 -3.41 -3.78 14.63
CA GLY A 30 -4.36 -3.21 13.70
C GLY A 30 -4.93 -1.89 14.18
N VAL A 31 -4.41 -1.40 15.29
CA VAL A 31 -4.87 -0.13 15.85
C VAL A 31 -4.63 1.02 14.88
N GLU A 32 -5.63 1.88 14.74
CA GLU A 32 -5.53 3.03 13.84
C GLU A 32 -4.69 4.14 14.46
N LEU A 33 -3.65 4.56 13.75
CA LEU A 33 -2.77 5.61 14.23
C LEU A 33 -2.89 6.87 13.35
N GLY A 34 -2.41 6.76 12.12
CA GLY A 34 -2.48 7.89 11.21
C GLY A 34 -2.92 7.49 9.81
N SER A 35 -3.95 8.14 9.31
CA SER A 35 -4.47 7.85 7.98
C SER A 35 -3.82 8.73 6.92
N GLY A 36 -3.84 8.27 5.68
CA GLY A 36 -3.25 9.04 4.60
C GLY A 36 -3.72 8.57 3.24
N VAL A 37 -3.34 9.32 2.19
CA VAL A 37 -3.73 8.98 0.83
C VAL A 37 -2.61 8.26 0.11
N MET A 38 -2.86 7.02 -0.32
CA MET A 38 -1.87 6.24 -1.02
C MET A 38 -2.02 6.39 -2.53
N GLU A 39 -0.90 6.40 -3.24
CA GLU A 39 -0.91 6.54 -4.69
C GLU A 39 0.10 5.60 -5.34
N LEU A 40 -0.34 4.89 -6.36
CA LEU A 40 0.52 3.95 -7.07
C LEU A 40 0.78 4.42 -8.50
N THR A 41 2.06 4.55 -8.86
CA THR A 41 2.44 4.99 -10.19
C THR A 41 3.36 3.98 -10.85
N GLN A 42 3.28 3.89 -12.19
CA GLN A 42 4.11 2.96 -12.94
C GLN A 42 5.56 3.02 -12.48
N SER A 43 5.95 4.16 -11.90
CA SER A 43 7.31 4.35 -11.41
C SER A 43 7.52 3.58 -10.11
N GLU A 44 6.97 4.10 -9.02
CA GLU A 44 7.11 3.47 -7.72
C GLU A 44 5.88 3.73 -6.85
N LEU A 45 5.90 3.21 -5.63
CA LEU A 45 4.79 3.38 -4.71
C LEU A 45 4.91 4.71 -3.96
N VAL A 46 3.89 5.56 -4.11
CA VAL A 46 3.88 6.87 -3.46
C VAL A 46 2.82 6.91 -2.35
N LEU A 47 3.15 7.59 -1.26
CA LEU A 47 2.23 7.71 -0.14
C LEU A 47 2.23 9.13 0.41
N HIS A 48 1.06 9.77 0.42
CA HIS A 48 0.92 11.13 0.92
C HIS A 48 0.58 11.13 2.41
N LEU A 49 1.18 12.05 3.16
CA LEU A 49 0.94 12.15 4.59
C LEU A 49 0.76 13.61 5.01
N HIS A 50 -0.42 13.92 5.55
CA HIS A 50 -0.71 15.28 6.00
C HIS A 50 0.34 15.78 6.97
N ARG A 51 0.66 17.07 6.89
CA ARG A 51 1.65 17.67 7.76
C ARG A 51 2.92 16.83 7.81
N ARG A 52 3.32 16.30 6.65
CA ARG A 52 4.51 15.47 6.55
C ARG A 52 4.95 15.32 5.10
N GLU A 53 6.19 14.87 4.90
CA GLU A 53 6.73 14.67 3.57
C GLU A 53 6.15 13.44 2.91
N ALA A 54 6.38 13.28 1.61
CA ALA A 54 5.87 12.13 0.87
C ALA A 54 6.92 11.04 0.77
N VAL A 55 6.53 9.83 1.18
CA VAL A 55 7.44 8.68 1.13
C VAL A 55 7.23 7.86 -0.13
N ARG A 56 8.33 7.42 -0.73
CA ARG A 56 8.26 6.62 -1.95
C ARG A 56 8.96 5.28 -1.75
N TRP A 57 8.33 4.21 -2.21
CA TRP A 57 8.89 2.87 -2.09
C TRP A 57 8.89 2.15 -3.43
N PRO A 58 10.09 1.91 -3.97
CA PRO A 58 10.25 1.23 -5.26
C PRO A 58 9.88 -0.25 -5.19
N TYR A 59 9.13 -0.71 -6.18
CA TYR A 59 8.71 -2.11 -6.23
C TYR A 59 9.92 -3.04 -6.35
N LEU A 60 10.81 -2.72 -7.28
CA LEU A 60 12.00 -3.52 -7.49
C LEU A 60 12.67 -3.89 -6.17
N CYS A 61 12.48 -3.03 -5.17
CA CYS A 61 13.06 -3.27 -3.85
C CYS A 61 12.12 -4.11 -2.98
N LEU A 62 10.83 -4.03 -3.27
CA LEU A 62 9.83 -4.78 -2.52
C LEU A 62 10.08 -6.28 -2.62
N ARG A 63 11.08 -6.75 -1.88
CA ARG A 63 11.43 -8.17 -1.89
C ARG A 63 10.19 -9.03 -2.01
N ARG A 64 9.13 -8.66 -1.28
CA ARG A 64 7.88 -9.40 -1.31
C ARG A 64 6.71 -8.52 -0.91
N TYR A 65 5.57 -8.70 -1.58
CA TYR A 65 4.39 -7.90 -1.30
C TYR A 65 3.13 -8.77 -1.35
N GLY A 66 2.26 -8.60 -0.36
CA GLY A 66 1.03 -9.37 -0.30
C GLY A 66 -0.15 -8.55 0.16
N TYR A 67 -1.33 -9.17 0.20
CA TYR A 67 -2.55 -8.49 0.62
C TYR A 67 -3.55 -9.48 1.18
N ASP A 68 -4.02 -9.21 2.40
CA ASP A 68 -5.00 -10.08 3.05
C ASP A 68 -6.41 -9.71 2.62
N SER A 69 -7.40 -10.38 3.22
CA SER A 69 -8.80 -10.13 2.90
C SER A 69 -9.14 -8.65 3.06
N ASN A 70 -8.79 -8.10 4.22
CA ASN A 70 -9.06 -6.69 4.50
C ASN A 70 -7.79 -5.98 4.98
N LEU A 71 -6.64 -6.59 4.73
CA LEU A 71 -5.37 -6.02 5.14
C LEU A 71 -4.37 -6.00 3.98
N PHE A 72 -3.41 -5.08 4.04
CA PHE A 72 -2.41 -4.96 3.00
C PHE A 72 -1.05 -4.60 3.60
N SER A 73 -0.07 -5.48 3.41
CA SER A 73 1.27 -5.25 3.94
C SER A 73 2.33 -5.62 2.91
N PHE A 74 3.49 -4.98 3.00
CA PHE A 74 4.58 -5.25 2.07
C PHE A 74 5.94 -5.03 2.75
N GLU A 75 6.98 -5.61 2.15
CA GLU A 75 8.33 -5.48 2.70
C GLU A 75 9.20 -4.61 1.81
N SER A 76 9.83 -3.60 2.40
CA SER A 76 10.69 -2.70 1.65
C SER A 76 12.17 -3.04 1.88
N GLY A 77 12.94 -3.05 0.79
CA GLY A 77 14.35 -3.37 0.89
C GLY A 77 15.06 -2.50 1.91
N ARG A 78 16.39 -2.63 1.96
CA ARG A 78 17.19 -1.85 2.90
C ARG A 78 17.74 -0.59 2.24
N ARG A 79 17.73 -0.58 0.91
CA ARG A 79 18.23 0.57 0.15
C ARG A 79 17.11 1.55 -0.15
N CYS A 80 16.62 2.22 0.90
CA CYS A 80 15.54 3.18 0.75
C CYS A 80 15.44 4.10 1.97
N GLN A 81 14.84 5.26 1.79
CA GLN A 81 14.68 6.21 2.88
C GLN A 81 14.31 5.51 4.18
N THR A 82 13.06 5.07 4.26
CA THR A 82 12.57 4.38 5.45
C THR A 82 13.56 3.32 5.91
N GLY A 83 13.98 2.47 4.98
CA GLY A 83 14.93 1.41 5.32
C GLY A 83 14.28 0.05 5.38
N GLN A 84 15.05 -0.96 5.75
CA GLN A 84 14.54 -2.33 5.85
C GLN A 84 13.44 -2.41 6.90
N GLY A 85 12.25 -2.84 6.47
CA GLY A 85 11.13 -2.96 7.38
C GLY A 85 9.83 -3.30 6.67
N ILE A 86 8.90 -3.90 7.39
CA ILE A 86 7.61 -4.28 6.82
C ILE A 86 6.48 -3.43 7.39
N PHE A 87 5.91 -2.57 6.57
CA PHE A 87 4.82 -1.70 7.00
C PHE A 87 3.47 -2.28 6.56
N ALA A 88 2.43 -1.95 7.32
CA ALA A 88 1.08 -2.42 7.02
C ALA A 88 0.06 -1.29 7.11
N PHE A 89 -0.97 -1.36 6.28
CA PHE A 89 -2.01 -0.34 6.26
C PHE A 89 -3.39 -0.98 6.11
N LYS A 90 -4.34 -0.53 6.92
CA LYS A 90 -5.70 -1.05 6.88
C LYS A 90 -6.53 -0.32 5.81
N CYS A 91 -6.91 -1.06 4.77
CA CYS A 91 -7.71 -0.48 3.70
C CYS A 91 -8.66 -1.52 3.11
N SER A 92 -9.95 -1.23 3.12
CA SER A 92 -10.95 -2.13 2.59
C SER A 92 -10.70 -2.43 1.11
N ARG A 93 -10.09 -1.47 0.42
CA ARG A 93 -9.79 -1.63 -0.99
C ARG A 93 -8.37 -2.17 -1.19
N ALA A 94 -7.98 -3.11 -0.33
CA ALA A 94 -6.66 -3.70 -0.41
C ALA A 94 -6.48 -4.49 -1.71
N GLU A 95 -7.54 -5.17 -2.13
CA GLU A 95 -7.50 -5.97 -3.35
C GLU A 95 -7.20 -5.08 -4.56
N GLU A 96 -7.80 -3.89 -4.58
CA GLU A 96 -7.60 -2.96 -5.68
C GLU A 96 -6.14 -2.51 -5.76
N ILE A 97 -5.57 -2.19 -4.60
CA ILE A 97 -4.18 -1.74 -4.53
C ILE A 97 -3.22 -2.85 -4.96
N PHE A 98 -3.47 -4.06 -4.45
CA PHE A 98 -2.63 -5.21 -4.77
C PHE A 98 -2.70 -5.53 -6.26
N ASN A 99 -3.91 -5.68 -6.77
CA ASN A 99 -4.13 -5.99 -8.19
C ASN A 99 -3.33 -5.03 -9.07
N LEU A 100 -3.39 -3.75 -8.75
CA LEU A 100 -2.68 -2.74 -9.51
C LEU A 100 -1.18 -2.89 -9.34
N LEU A 101 -0.73 -3.00 -8.09
CA LEU A 101 0.69 -3.16 -7.79
C LEU A 101 1.29 -4.32 -8.56
N GLN A 102 0.59 -5.45 -8.56
CA GLN A 102 1.05 -6.64 -9.27
C GLN A 102 0.95 -6.45 -10.78
N ASP A 103 0.06 -5.56 -11.20
CA ASP A 103 -0.13 -5.29 -12.62
C ASP A 103 1.04 -4.50 -13.18
N LEU A 104 1.59 -3.60 -12.37
CA LEU A 104 2.72 -2.78 -12.79
C LEU A 104 4.03 -3.57 -12.73
N MET A 105 4.17 -4.38 -11.69
CA MET A 105 5.38 -5.20 -11.53
C MET A 105 5.48 -6.25 -12.62
N GLN A 106 4.41 -7.02 -12.80
CA GLN A 106 4.38 -8.05 -13.82
C GLN A 106 4.58 -7.47 -15.21
N CYS A 107 4.25 -6.20 -15.37
CA CYS A 107 4.40 -5.51 -16.64
C CYS A 107 5.14 -4.19 -16.47
N ASN A 108 6.48 -4.27 -16.50
CA ASN A 108 7.31 -3.07 -16.35
C ASN A 108 6.84 -1.95 -17.27
N SER A 109 7.26 -0.74 -16.97
CA SER A 109 6.88 0.43 -17.76
C SER A 109 7.95 1.51 -17.69
N ILE A 110 8.04 2.32 -18.74
CA ILE A 110 9.01 3.41 -18.78
C ILE A 110 8.42 4.65 -19.42
N ASN A 111 8.16 5.67 -18.60
CA ASN A 111 7.60 6.92 -19.08
C ASN A 111 8.64 8.03 -19.08
N VAL A 112 9.33 8.19 -17.96
CA VAL A 112 10.36 9.21 -17.83
C VAL A 112 11.75 8.63 -18.04
N MET A 113 12.75 9.50 -18.15
CA MET A 113 14.12 9.06 -18.36
C MET A 113 14.91 9.15 -17.06
N GLU A 114 15.16 8.00 -16.44
CA GLU A 114 15.91 7.95 -15.19
C GLU A 114 17.32 7.45 -15.42
N GLU A 115 18.18 7.64 -14.43
CA GLU A 115 19.58 7.21 -14.53
C GLU A 115 19.68 5.69 -14.53
N PRO A 116 20.60 5.15 -15.34
CA PRO A 116 20.82 3.70 -15.44
C PRO A 116 21.45 3.13 -14.18
N VAL A 117 21.04 1.91 -13.83
CA VAL A 117 21.57 1.24 -12.65
C VAL A 117 22.63 0.21 -13.03
N ILE A 118 23.72 0.19 -12.28
CA ILE A 118 24.81 -0.75 -12.53
C ILE A 118 24.93 -1.76 -11.40
N ILE A 119 24.54 -3.00 -11.67
CA ILE A 119 24.61 -4.06 -10.68
C ILE A 119 25.72 -5.05 -11.01
N THR A 120 26.80 -5.01 -10.23
CA THR A 120 27.93 -5.90 -10.44
C THR A 120 27.93 -7.05 -9.43
N SER A 121 27.44 -8.21 -9.86
CA SER A 121 27.38 -9.37 -8.98
C SER A 121 28.77 -9.74 -8.47
N GLY A 122 29.02 -9.42 -7.20
CA GLY A 122 30.31 -9.72 -6.60
C GLY A 122 30.54 -8.96 -5.31
N SER A 123 29.56 -9.01 -4.41
CA SER A 123 29.66 -8.31 -3.13
C SER A 123 29.04 -9.15 -2.01
N SER A 124 29.40 -8.83 -0.77
CA SER A 124 28.88 -9.54 0.39
C SER A 124 28.12 -8.61 1.31
N GLY A 125 26.80 -8.69 1.29
CA GLY A 125 25.98 -7.84 2.13
C GLY A 125 25.67 -8.48 3.47
N SER A 126 25.26 -7.66 4.44
CA SER A 126 24.95 -8.16 5.77
C SER A 126 23.70 -7.46 6.33
N SER A 127 23.22 -7.94 7.47
CA SER A 127 22.05 -7.37 8.10
C SER A 127 22.27 -5.90 8.45
N GLY A 128 21.23 -5.27 8.98
CA GLY A 128 21.33 -3.87 9.35
C GLY A 128 20.09 -3.36 10.07
N SER A 129 20.26 -2.29 10.84
CA SER A 129 19.14 -1.71 11.58
C SER A 129 18.89 -0.26 11.16
N SER A 130 17.83 0.32 11.69
CA SER A 130 17.48 1.70 11.37
C SER A 130 16.63 2.32 12.48
N GLY A 131 16.60 3.66 12.51
CA GLY A 131 15.83 4.34 13.53
C GLY A 131 14.92 5.41 12.94
N SER A 132 13.63 5.30 13.22
CA SER A 132 12.65 6.26 12.71
C SER A 132 11.29 6.05 13.38
N SER A 133 10.79 7.10 14.02
CA SER A 133 9.50 7.04 14.69
C SER A 133 8.35 7.18 13.71
N GLY A 134 7.13 7.16 14.23
CA GLY A 134 5.96 7.31 13.37
C GLY A 134 5.48 5.97 12.82
N LEU A 135 5.53 5.83 11.50
CA LEU A 135 5.10 4.60 10.86
C LEU A 135 5.58 3.38 11.62
N PHE A 136 4.66 2.46 11.92
CA PHE A 136 4.99 1.25 12.65
C PHE A 136 5.82 0.31 11.79
N ARG A 137 6.68 -0.47 12.44
CA ARG A 137 7.54 -1.41 11.74
C ARG A 137 7.24 -2.84 12.16
N LEU A 138 6.67 -3.62 11.25
CA LEU A 138 6.32 -5.01 11.52
C LEU A 138 7.57 -5.89 11.55
N ARG A 139 7.69 -6.70 12.60
CA ARG A 139 8.83 -7.60 12.74
C ARG A 139 8.85 -8.65 11.65
N HIS A 140 7.67 -9.21 11.36
CA HIS A 140 7.54 -10.23 10.33
C HIS A 140 6.42 -9.88 9.35
N PHE A 141 6.19 -10.77 8.39
CA PHE A 141 5.16 -10.55 7.37
C PHE A 141 3.82 -11.10 7.85
N PRO A 142 2.86 -10.19 8.11
CA PRO A 142 1.52 -10.56 8.57
C PRO A 142 0.70 -11.25 7.49
N CYS A 143 0.74 -10.70 6.28
CA CYS A 143 0.00 -11.27 5.16
C CYS A 143 0.51 -12.67 4.83
N GLY A 144 -0.41 -13.53 4.40
CA GLY A 144 -0.04 -14.90 4.06
C GLY A 144 0.00 -15.13 2.57
N ASN A 145 -0.43 -14.13 1.80
CA ASN A 145 -0.45 -14.25 0.34
C ASN A 145 0.48 -13.21 -0.28
N VAL A 146 1.63 -13.67 -0.76
CA VAL A 146 2.61 -12.79 -1.39
C VAL A 146 3.00 -13.28 -2.77
N ASN A 147 3.24 -12.36 -3.70
CA ASN A 147 3.61 -12.71 -5.06
C ASN A 147 5.12 -12.61 -5.24
N TYR A 148 5.83 -12.36 -4.15
CA TYR A 148 7.29 -12.24 -4.19
C TYR A 148 7.75 -11.68 -5.52
N GLY A 149 6.98 -10.74 -6.06
CA GLY A 149 7.33 -10.14 -7.34
C GLY A 149 8.84 -10.07 -7.56
N TYR A 150 9.44 -8.97 -7.14
CA TYR A 150 10.87 -8.79 -7.30
C TYR A 150 11.64 -9.45 -6.16
N GLN A 151 12.85 -9.92 -6.46
CA GLN A 151 13.67 -10.58 -5.46
C GLN A 151 15.12 -10.70 -5.95
N GLN A 152 16.07 -10.49 -5.05
CA GLN A 152 17.48 -10.58 -5.38
C GLN A 152 17.80 -11.92 -6.02
N GLN A 153 17.74 -11.97 -7.35
CA GLN A 153 18.04 -13.19 -8.09
C GLN A 153 19.35 -13.81 -7.62
N GLY A 1 -29.07 -6.70 0.71
CA GLY A 1 -29.03 -6.64 -0.75
C GLY A 1 -27.67 -6.26 -1.28
N SER A 2 -27.21 -5.07 -0.93
CA SER A 2 -25.91 -4.58 -1.39
C SER A 2 -25.11 -3.99 -0.23
N SER A 3 -23.79 -4.04 -0.35
CA SER A 3 -22.91 -3.51 0.69
C SER A 3 -22.22 -2.23 0.21
N GLY A 4 -22.49 -1.13 0.91
CA GLY A 4 -21.90 0.14 0.55
C GLY A 4 -22.94 1.19 0.22
N SER A 5 -22.48 2.41 -0.07
CA SER A 5 -23.37 3.51 -0.40
C SER A 5 -22.65 4.57 -1.23
N SER A 6 -23.43 5.47 -1.83
CA SER A 6 -22.86 6.53 -2.65
C SER A 6 -21.92 7.41 -1.85
N GLY A 7 -22.38 7.82 -0.66
CA GLY A 7 -21.58 8.66 0.19
C GLY A 7 -21.86 10.14 -0.01
N LEU A 8 -22.18 10.84 1.08
CA LEU A 8 -22.48 12.27 1.00
C LEU A 8 -21.51 13.07 1.86
N ASN A 9 -20.44 13.54 1.24
CA ASN A 9 -19.43 14.32 1.95
C ASN A 9 -18.54 15.08 0.96
N ARG A 10 -18.18 16.31 1.33
CA ARG A 10 -17.33 17.14 0.48
C ARG A 10 -16.06 16.39 0.08
N ASP A 11 -16.00 15.96 -1.17
CA ASP A 11 -14.85 15.22 -1.68
C ASP A 11 -14.96 15.00 -3.18
N SER A 12 -13.82 14.84 -3.84
CA SER A 12 -13.78 14.62 -5.28
C SER A 12 -13.21 13.25 -5.61
N VAL A 13 -12.45 12.68 -4.67
CA VAL A 13 -11.85 11.37 -4.86
C VAL A 13 -12.90 10.28 -4.92
N PRO A 14 -12.85 9.48 -5.99
CA PRO A 14 -13.80 8.37 -6.19
C PRO A 14 -13.59 7.23 -5.21
N ASP A 15 -14.55 6.32 -5.16
CA ASP A 15 -14.46 5.17 -4.25
C ASP A 15 -13.81 3.98 -4.95
N ASN A 16 -13.70 4.05 -6.27
CA ASN A 16 -13.10 2.97 -7.05
C ASN A 16 -11.91 3.50 -7.87
N HIS A 17 -11.22 4.48 -7.32
CA HIS A 17 -10.06 5.06 -7.99
C HIS A 17 -9.15 3.98 -8.55
N PRO A 18 -8.59 4.22 -9.75
CA PRO A 18 -7.69 3.26 -10.40
C PRO A 18 -6.35 3.15 -9.69
N THR A 19 -5.74 4.29 -9.37
CA THR A 19 -4.46 4.31 -8.70
C THR A 19 -4.47 5.31 -7.53
N LYS A 20 -5.30 5.03 -6.53
CA LYS A 20 -5.41 5.89 -5.36
C LYS A 20 -6.33 5.28 -4.32
N PHE A 21 -5.77 5.01 -3.13
CA PHE A 21 -6.55 4.43 -2.05
C PHE A 21 -6.09 4.96 -0.70
N LYS A 22 -7.05 5.30 0.16
CA LYS A 22 -6.74 5.82 1.48
C LYS A 22 -6.33 4.70 2.44
N VAL A 23 -5.07 4.70 2.85
CA VAL A 23 -4.56 3.68 3.76
C VAL A 23 -4.34 4.25 5.16
N THR A 24 -4.59 3.44 6.18
CA THR A 24 -4.41 3.87 7.56
C THR A 24 -3.38 3.00 8.27
N ASN A 25 -2.15 3.51 8.37
CA ASN A 25 -1.08 2.78 9.04
C ASN A 25 -1.52 2.26 10.39
N VAL A 26 -1.17 1.02 10.70
CA VAL A 26 -1.53 0.41 11.97
C VAL A 26 -0.43 -0.51 12.47
N ASP A 27 -0.28 -0.57 13.79
CA ASP A 27 0.74 -1.42 14.41
C ASP A 27 0.39 -2.90 14.24
N ASP A 28 1.20 -3.75 14.87
CA ASP A 28 0.98 -5.19 14.80
C ASP A 28 -0.43 -5.55 15.27
N GLU A 29 -0.94 -4.79 16.23
CA GLU A 29 -2.27 -5.02 16.78
C GLU A 29 -3.34 -4.63 15.77
N GLY A 30 -3.26 -3.40 15.27
CA GLY A 30 -4.23 -2.93 14.31
C GLY A 30 -4.80 -1.57 14.67
N VAL A 31 -4.08 -0.83 15.51
CA VAL A 31 -4.52 0.48 15.95
C VAL A 31 -4.34 1.52 14.84
N GLU A 32 -5.28 2.47 14.77
CA GLU A 32 -5.23 3.52 13.75
C GLU A 32 -4.21 4.59 14.13
N LEU A 33 -3.09 4.61 13.42
CA LEU A 33 -2.04 5.59 13.69
C LEU A 33 -2.33 6.90 12.95
N GLY A 34 -2.39 6.82 11.63
CA GLY A 34 -2.66 8.00 10.83
C GLY A 34 -3.15 7.67 9.44
N SER A 35 -4.21 8.35 9.00
CA SER A 35 -4.79 8.12 7.68
C SER A 35 -4.04 8.91 6.61
N GLY A 36 -3.93 8.31 5.42
CA GLY A 36 -3.24 8.97 4.33
C GLY A 36 -3.67 8.46 2.97
N VAL A 37 -3.23 9.13 1.92
CA VAL A 37 -3.58 8.74 0.56
C VAL A 37 -2.44 7.95 -0.09
N MET A 38 -2.73 6.70 -0.45
CA MET A 38 -1.74 5.85 -1.09
C MET A 38 -1.79 5.99 -2.61
N GLU A 39 -0.64 6.27 -3.22
CA GLU A 39 -0.55 6.43 -4.66
C GLU A 39 0.36 5.37 -5.28
N LEU A 40 -0.09 4.78 -6.37
CA LEU A 40 0.69 3.75 -7.06
C LEU A 40 1.06 4.19 -8.47
N THR A 41 2.34 4.52 -8.67
CA THR A 41 2.82 4.95 -9.98
C THR A 41 3.77 3.92 -10.59
N GLN A 42 3.59 3.66 -11.87
CA GLN A 42 4.43 2.69 -12.57
C GLN A 42 5.88 2.78 -12.09
N SER A 43 6.35 4.01 -11.90
CA SER A 43 7.72 4.23 -11.44
C SER A 43 7.96 3.58 -10.09
N GLU A 44 7.28 4.10 -9.07
CA GLU A 44 7.42 3.56 -7.72
C GLU A 44 6.16 3.83 -6.90
N LEU A 45 6.18 3.39 -5.64
CA LEU A 45 5.04 3.58 -4.76
C LEU A 45 5.18 4.86 -3.95
N VAL A 46 4.19 5.74 -4.05
CA VAL A 46 4.21 7.00 -3.32
C VAL A 46 3.07 7.07 -2.32
N LEU A 47 3.39 7.50 -1.10
CA LEU A 47 2.40 7.61 -0.04
C LEU A 47 2.33 9.03 0.49
N HIS A 48 1.13 9.61 0.47
CA HIS A 48 0.92 10.97 0.95
C HIS A 48 0.41 10.97 2.38
N LEU A 49 0.75 12.01 3.14
CA LEU A 49 0.31 12.13 4.53
C LEU A 49 0.17 13.59 4.93
N HIS A 50 -0.95 13.90 5.58
CA HIS A 50 -1.21 15.27 6.03
C HIS A 50 -0.04 15.81 6.85
N ARG A 51 0.30 17.07 6.62
CA ARG A 51 1.41 17.70 7.33
C ARG A 51 2.51 16.69 7.62
N ARG A 52 3.00 16.04 6.58
CA ARG A 52 4.06 15.05 6.71
C ARG A 52 4.71 14.74 5.36
N GLU A 53 6.03 14.74 5.34
CA GLU A 53 6.78 14.47 4.11
C GLU A 53 6.17 13.28 3.38
N ALA A 54 6.58 13.11 2.12
CA ALA A 54 6.08 12.01 1.29
C ALA A 54 7.16 10.96 1.07
N VAL A 55 6.85 9.72 1.44
CA VAL A 55 7.80 8.62 1.28
C VAL A 55 7.62 7.93 -0.06
N ARG A 56 8.72 7.44 -0.63
CA ARG A 56 8.70 6.76 -1.91
C ARG A 56 9.35 5.39 -1.83
N TRP A 57 8.59 4.36 -2.15
CA TRP A 57 9.11 2.99 -2.10
C TRP A 57 9.06 2.34 -3.48
N PRO A 58 10.24 2.22 -4.12
CA PRO A 58 10.34 1.62 -5.45
C PRO A 58 10.09 0.12 -5.44
N TYR A 59 9.30 -0.35 -6.40
CA TYR A 59 8.97 -1.78 -6.49
C TYR A 59 10.23 -2.61 -6.68
N LEU A 60 11.20 -2.06 -7.42
CA LEU A 60 12.45 -2.75 -7.68
C LEU A 60 13.12 -3.19 -6.39
N CYS A 61 12.82 -2.48 -5.31
CA CYS A 61 13.39 -2.81 -4.00
C CYS A 61 12.40 -3.62 -3.16
N LEU A 62 11.18 -3.76 -3.68
CA LEU A 62 10.14 -4.51 -2.98
C LEU A 62 10.39 -6.01 -3.10
N ARG A 63 11.02 -6.58 -2.08
CA ARG A 63 11.33 -8.01 -2.07
C ARG A 63 10.07 -8.83 -2.34
N ARG A 64 8.95 -8.38 -1.79
CA ARG A 64 7.68 -9.08 -1.97
C ARG A 64 6.52 -8.27 -1.38
N TYR A 65 5.30 -8.69 -1.69
CA TYR A 65 4.11 -8.00 -1.19
C TYR A 65 2.93 -8.97 -1.10
N GLY A 66 1.97 -8.62 -0.25
CA GLY A 66 0.80 -9.46 -0.08
C GLY A 66 -0.43 -8.67 0.33
N TYR A 67 -1.57 -9.35 0.40
CA TYR A 67 -2.82 -8.70 0.78
C TYR A 67 -3.77 -9.70 1.45
N ASP A 68 -4.22 -9.35 2.65
CA ASP A 68 -5.14 -10.21 3.40
C ASP A 68 -6.52 -9.58 3.48
N SER A 69 -7.44 -10.27 4.15
CA SER A 69 -8.82 -9.78 4.30
C SER A 69 -8.83 -8.33 4.77
N ASN A 70 -9.27 -7.44 3.88
CA ASN A 70 -9.34 -6.01 4.19
C ASN A 70 -8.01 -5.53 4.77
N LEU A 71 -6.93 -6.15 4.34
CA LEU A 71 -5.60 -5.78 4.81
C LEU A 71 -4.58 -5.82 3.66
N PHE A 72 -3.66 -4.86 3.66
CA PHE A 72 -2.64 -4.79 2.63
C PHE A 72 -1.33 -4.25 3.20
N SER A 73 -0.24 -4.98 2.94
CA SER A 73 1.08 -4.58 3.43
C SER A 73 2.17 -5.00 2.45
N PHE A 74 3.35 -4.42 2.62
CA PHE A 74 4.48 -4.73 1.75
C PHE A 74 5.80 -4.61 2.51
N GLU A 75 6.89 -5.02 1.86
CA GLU A 75 8.21 -4.96 2.47
C GLU A 75 9.17 -4.11 1.64
N SER A 76 9.80 -3.13 2.29
CA SER A 76 10.74 -2.25 1.61
C SER A 76 12.17 -2.60 1.96
N GLY A 77 13.03 -2.60 0.94
CA GLY A 77 14.43 -2.92 1.16
C GLY A 77 15.06 -2.10 2.26
N ARG A 78 16.36 -2.26 2.46
CA ARG A 78 17.08 -1.52 3.50
C ARG A 78 17.53 -0.15 2.97
N ARG A 79 17.79 -0.08 1.68
CA ARG A 79 18.24 1.17 1.06
C ARG A 79 17.05 2.08 0.78
N CYS A 80 16.47 2.64 1.84
CA CYS A 80 15.33 3.54 1.71
C CYS A 80 15.33 4.59 2.80
N GLN A 81 14.48 5.60 2.66
CA GLN A 81 14.39 6.68 3.64
C GLN A 81 14.00 6.12 5.01
N THR A 82 12.83 5.51 5.07
CA THR A 82 12.33 4.94 6.32
C THR A 82 13.29 3.89 6.86
N GLY A 83 13.63 2.92 6.02
CA GLY A 83 14.53 1.85 6.43
C GLY A 83 13.87 0.50 6.43
N GLN A 84 14.67 -0.55 6.24
CA GLN A 84 14.15 -1.92 6.21
C GLN A 84 13.01 -2.08 7.21
N GLY A 85 11.93 -2.72 6.77
CA GLY A 85 10.79 -2.93 7.62
C GLY A 85 9.49 -3.10 6.85
N ILE A 86 8.53 -3.77 7.46
CA ILE A 86 7.24 -4.00 6.82
C ILE A 86 6.20 -3.00 7.29
N PHE A 87 5.43 -2.46 6.35
CA PHE A 87 4.40 -1.49 6.66
C PHE A 87 3.03 -1.98 6.23
N ALA A 88 2.18 -2.30 7.21
CA ALA A 88 0.84 -2.79 6.93
C ALA A 88 -0.20 -1.70 7.16
N PHE A 89 -1.26 -1.70 6.34
CA PHE A 89 -2.31 -0.72 6.45
C PHE A 89 -3.67 -1.40 6.64
N LYS A 90 -4.63 -0.64 7.18
CA LYS A 90 -5.97 -1.17 7.43
C LYS A 90 -6.97 -0.56 6.45
N CYS A 91 -7.17 -1.23 5.32
CA CYS A 91 -8.10 -0.76 4.30
C CYS A 91 -9.04 -1.87 3.85
N SER A 92 -10.24 -1.50 3.44
CA SER A 92 -11.24 -2.47 3.00
C SER A 92 -11.01 -2.84 1.54
N ARG A 93 -10.50 -1.89 0.77
CA ARG A 93 -10.23 -2.12 -0.65
C ARG A 93 -8.75 -2.38 -0.90
N ALA A 94 -8.17 -3.29 -0.12
CA ALA A 94 -6.76 -3.62 -0.25
C ALA A 94 -6.52 -4.50 -1.47
N GLU A 95 -7.50 -5.32 -1.81
CA GLU A 95 -7.39 -6.21 -2.96
C GLU A 95 -7.16 -5.41 -4.25
N GLU A 96 -7.82 -4.27 -4.35
CA GLU A 96 -7.69 -3.42 -5.53
C GLU A 96 -6.28 -2.85 -5.64
N ILE A 97 -5.72 -2.43 -4.50
CA ILE A 97 -4.37 -1.88 -4.48
C ILE A 97 -3.33 -2.93 -4.86
N PHE A 98 -3.44 -4.10 -4.22
CA PHE A 98 -2.51 -5.19 -4.50
C PHE A 98 -2.55 -5.61 -5.96
N ASN A 99 -3.76 -5.67 -6.52
CA ASN A 99 -3.95 -6.05 -7.91
C ASN A 99 -3.23 -5.07 -8.84
N LEU A 100 -3.39 -3.78 -8.56
CA LEU A 100 -2.75 -2.74 -9.36
C LEU A 100 -1.23 -2.86 -9.31
N LEU A 101 -0.68 -2.92 -8.10
CA LEU A 101 0.75 -3.03 -7.91
C LEU A 101 1.32 -4.18 -8.75
N GLN A 102 0.77 -5.37 -8.56
CA GLN A 102 1.22 -6.54 -9.30
C GLN A 102 1.07 -6.33 -10.81
N ASP A 103 0.15 -5.44 -11.18
CA ASP A 103 -0.09 -5.15 -12.59
C ASP A 103 1.07 -4.36 -13.19
N LEU A 104 1.45 -3.28 -12.52
CA LEU A 104 2.55 -2.44 -12.98
C LEU A 104 3.86 -3.21 -12.99
N MET A 105 3.99 -4.14 -12.06
CA MET A 105 5.20 -4.95 -11.96
C MET A 105 5.24 -6.02 -13.05
N GLN A 106 4.28 -6.93 -13.01
CA GLN A 106 4.20 -8.01 -13.99
C GLN A 106 4.42 -7.46 -15.40
N CYS A 107 3.89 -6.28 -15.67
CA CYS A 107 4.03 -5.65 -16.98
C CYS A 107 5.43 -5.85 -17.53
N ASN A 108 5.52 -6.47 -18.71
CA ASN A 108 6.81 -6.73 -19.35
C ASN A 108 7.84 -7.20 -18.32
N SER A 109 7.38 -8.03 -17.37
CA SER A 109 8.26 -8.56 -16.35
C SER A 109 8.12 -10.07 -16.23
N ILE A 110 8.12 -10.75 -17.37
CA ILE A 110 7.99 -12.20 -17.40
C ILE A 110 9.08 -12.82 -18.26
N ASN A 111 10.05 -13.46 -17.61
CA ASN A 111 11.15 -14.11 -18.31
C ASN A 111 11.21 -15.59 -17.97
N VAL A 112 11.19 -15.90 -16.68
CA VAL A 112 11.24 -17.29 -16.22
C VAL A 112 10.07 -17.61 -15.29
N MET A 113 9.63 -18.86 -15.32
CA MET A 113 8.52 -19.29 -14.48
C MET A 113 8.63 -18.67 -13.09
N GLU A 114 7.47 -18.37 -12.50
CA GLU A 114 7.43 -17.77 -11.17
C GLU A 114 7.59 -18.84 -10.09
N GLU A 115 7.86 -18.40 -8.86
CA GLU A 115 8.04 -19.32 -7.74
C GLU A 115 6.75 -19.43 -6.93
N PRO A 116 6.50 -20.63 -6.37
CA PRO A 116 5.31 -20.90 -5.57
C PRO A 116 5.34 -20.17 -4.23
N VAL A 117 4.26 -20.30 -3.46
CA VAL A 117 4.17 -19.66 -2.15
C VAL A 117 4.76 -20.56 -1.06
N ILE A 118 5.41 -19.93 -0.09
CA ILE A 118 6.01 -20.67 1.02
C ILE A 118 5.60 -20.08 2.37
N ILE A 119 5.35 -20.95 3.34
CA ILE A 119 4.96 -20.51 4.67
C ILE A 119 6.16 -20.43 5.60
N THR A 120 6.20 -19.38 6.41
CA THR A 120 7.30 -19.18 7.36
C THR A 120 6.78 -18.99 8.77
N SER A 121 7.40 -19.67 9.73
CA SER A 121 7.00 -19.57 11.13
C SER A 121 7.87 -18.56 11.88
N GLY A 122 9.18 -18.79 11.85
CA GLY A 122 10.10 -17.89 12.54
C GLY A 122 9.83 -17.81 14.03
N SER A 123 10.45 -18.71 14.79
CA SER A 123 10.28 -18.74 16.24
C SER A 123 11.23 -17.76 16.92
N SER A 124 11.02 -17.55 18.21
CA SER A 124 11.84 -16.63 18.98
C SER A 124 11.62 -15.19 18.53
N GLY A 125 10.36 -14.82 18.33
CA GLY A 125 10.04 -13.47 17.90
C GLY A 125 9.39 -12.66 18.99
N SER A 126 10.09 -12.49 20.11
CA SER A 126 9.58 -11.73 21.24
C SER A 126 9.50 -10.24 20.89
N SER A 127 8.34 -9.82 20.39
CA SER A 127 8.13 -8.42 20.03
C SER A 127 7.37 -7.68 21.12
N GLY A 128 8.10 -7.16 22.09
CA GLY A 128 7.49 -6.43 23.19
C GLY A 128 6.80 -5.16 22.72
N SER A 129 7.58 -4.09 22.57
CA SER A 129 7.05 -2.81 22.14
C SER A 129 8.09 -2.03 21.35
N SER A 130 7.64 -1.34 20.30
CA SER A 130 8.53 -0.56 19.46
C SER A 130 8.37 0.94 19.75
N GLY A 131 7.12 1.38 19.84
CA GLY A 131 6.86 2.78 20.12
C GLY A 131 6.06 3.44 19.01
N SER A 132 5.76 4.73 19.18
CA SER A 132 5.01 5.47 18.18
C SER A 132 5.94 6.25 17.26
N SER A 133 6.48 5.57 16.26
CA SER A 133 7.39 6.20 15.32
C SER A 133 6.81 6.19 13.91
N GLY A 134 5.98 7.19 13.62
CA GLY A 134 5.36 7.27 12.30
C GLY A 134 4.71 5.97 11.87
N LEU A 135 5.33 5.29 10.93
CA LEU A 135 4.81 4.02 10.43
C LEU A 135 5.30 2.86 11.28
N PHE A 136 4.37 2.23 12.00
CA PHE A 136 4.71 1.10 12.87
C PHE A 136 5.19 -0.09 12.04
N ARG A 137 6.49 -0.38 12.13
CA ARG A 137 7.07 -1.48 11.39
C ARG A 137 6.64 -2.82 11.98
N LEU A 138 6.49 -3.83 11.11
CA LEU A 138 6.08 -5.15 11.55
C LEU A 138 7.25 -6.12 11.51
N ARG A 139 7.41 -6.91 12.57
CA ARG A 139 8.49 -7.88 12.66
C ARG A 139 8.42 -8.87 11.51
N HIS A 140 7.25 -9.51 11.36
CA HIS A 140 7.05 -10.49 10.30
C HIS A 140 5.93 -10.05 9.35
N PHE A 141 5.76 -10.78 8.26
CA PHE A 141 4.73 -10.46 7.27
C PHE A 141 3.36 -10.93 7.76
N PRO A 142 2.43 -9.98 7.92
CA PRO A 142 1.07 -10.27 8.38
C PRO A 142 0.25 -11.01 7.33
N CYS A 143 0.32 -10.53 6.09
CA CYS A 143 -0.42 -11.15 4.99
C CYS A 143 0.12 -12.55 4.71
N GLY A 144 -0.65 -13.33 3.93
CA GLY A 144 -0.23 -14.68 3.59
C GLY A 144 0.13 -14.83 2.13
N ASN A 145 -0.80 -14.47 1.25
CA ASN A 145 -0.56 -14.57 -0.19
C ASN A 145 0.52 -13.59 -0.63
N VAL A 146 1.77 -14.05 -0.62
CA VAL A 146 2.89 -13.21 -1.02
C VAL A 146 3.16 -13.34 -2.51
N ASN A 147 3.54 -12.23 -3.14
CA ASN A 147 3.83 -12.21 -4.57
C ASN A 147 5.27 -11.79 -4.82
N TYR A 148 5.95 -12.51 -5.71
CA TYR A 148 7.33 -12.21 -6.04
C TYR A 148 7.41 -11.18 -7.17
N GLY A 149 7.87 -9.98 -6.85
CA GLY A 149 7.98 -8.93 -7.85
C GLY A 149 8.96 -9.29 -8.94
N TYR A 150 9.99 -8.45 -9.11
CA TYR A 150 10.99 -8.67 -10.14
C TYR A 150 11.80 -9.93 -9.84
N GLN A 151 12.80 -10.19 -10.67
CA GLN A 151 13.66 -11.37 -10.50
C GLN A 151 14.81 -11.07 -9.55
N GLN A 152 14.52 -10.25 -8.53
CA GLN A 152 15.53 -9.89 -7.54
C GLN A 152 16.87 -9.59 -8.21
N GLN A 153 16.81 -8.89 -9.34
CA GLN A 153 18.02 -8.55 -10.08
C GLN A 153 19.00 -7.79 -9.19
N GLY A 1 -9.56 4.90 -15.24
CA GLY A 1 -10.55 4.18 -16.02
C GLY A 1 -11.70 5.07 -16.44
N SER A 2 -12.91 4.49 -16.47
CA SER A 2 -14.10 5.24 -16.85
C SER A 2 -15.20 5.11 -15.79
N SER A 3 -16.11 6.07 -15.77
CA SER A 3 -17.20 6.07 -14.81
C SER A 3 -18.19 7.19 -15.11
N GLY A 4 -19.30 7.20 -14.38
CA GLY A 4 -20.32 8.22 -14.58
C GLY A 4 -20.31 9.26 -13.47
N SER A 5 -20.16 10.53 -13.86
CA SER A 5 -20.14 11.61 -12.89
C SER A 5 -21.50 11.79 -12.23
N SER A 6 -21.62 11.31 -10.99
CA SER A 6 -22.87 11.41 -10.25
C SER A 6 -22.62 11.42 -8.75
N GLY A 7 -23.58 11.94 -7.99
CA GLY A 7 -23.44 12.00 -6.55
C GLY A 7 -22.71 13.25 -6.09
N LEU A 8 -21.67 13.62 -6.81
CA LEU A 8 -20.89 14.82 -6.48
C LEU A 8 -20.42 14.77 -5.02
N ASN A 9 -19.89 13.62 -4.62
CA ASN A 9 -19.41 13.43 -3.26
C ASN A 9 -17.91 13.14 -3.26
N ARG A 10 -17.23 13.54 -2.18
CA ARG A 10 -15.80 13.31 -2.06
C ARG A 10 -15.04 13.99 -3.20
N ASP A 11 -15.40 15.23 -3.49
CA ASP A 11 -14.76 15.99 -4.56
C ASP A 11 -13.25 16.02 -4.37
N SER A 12 -12.82 16.19 -3.12
CA SER A 12 -11.39 16.24 -2.80
C SER A 12 -10.66 15.03 -3.38
N VAL A 13 -11.38 13.93 -3.54
CA VAL A 13 -10.81 12.71 -4.09
C VAL A 13 -11.90 11.80 -4.65
N PRO A 14 -11.82 11.51 -5.95
CA PRO A 14 -12.78 10.65 -6.63
C PRO A 14 -12.65 9.18 -6.22
N ASP A 15 -13.78 8.51 -6.05
CA ASP A 15 -13.79 7.11 -5.66
C ASP A 15 -13.44 6.21 -6.83
N ASN A 16 -13.65 6.72 -8.05
CA ASN A 16 -13.36 5.96 -9.26
C ASN A 16 -11.87 6.00 -9.58
N HIS A 17 -11.11 6.71 -8.75
CA HIS A 17 -9.67 6.83 -8.94
C HIS A 17 -9.00 5.46 -8.90
N PRO A 18 -8.27 5.11 -9.98
CA PRO A 18 -7.58 3.83 -10.09
C PRO A 18 -6.39 3.74 -9.14
N THR A 19 -5.52 4.74 -9.18
CA THR A 19 -4.35 4.77 -8.31
C THR A 19 -4.70 5.28 -6.91
N LYS A 20 -5.20 6.50 -6.85
CA LYS A 20 -5.58 7.11 -5.58
C LYS A 20 -6.41 6.15 -4.75
N PHE A 21 -5.95 5.87 -3.53
CA PHE A 21 -6.67 4.97 -2.63
C PHE A 21 -6.66 5.51 -1.21
N LYS A 22 -7.45 4.87 -0.34
CA LYS A 22 -7.54 5.28 1.05
C LYS A 22 -7.04 4.18 1.98
N VAL A 23 -6.05 4.50 2.80
CA VAL A 23 -5.49 3.54 3.74
C VAL A 23 -5.20 4.18 5.09
N THR A 24 -4.93 3.35 6.09
CA THR A 24 -4.64 3.84 7.44
C THR A 24 -3.44 3.11 8.03
N ASN A 25 -2.44 3.88 8.44
CA ASN A 25 -1.23 3.31 9.03
C ASN A 25 -1.55 2.62 10.35
N VAL A 26 -1.34 1.30 10.39
CA VAL A 26 -1.60 0.52 11.59
C VAL A 26 -0.45 -0.43 11.90
N ASP A 27 -0.55 -1.13 13.02
CA ASP A 27 0.49 -2.08 13.43
C ASP A 27 0.06 -3.51 13.11
N ASP A 28 0.93 -4.47 13.46
CA ASP A 28 0.64 -5.88 13.21
C ASP A 28 -0.74 -6.25 13.74
N GLU A 29 -1.19 -5.55 14.78
CA GLU A 29 -2.49 -5.81 15.38
C GLU A 29 -3.60 -5.12 14.58
N GLY A 30 -3.36 -3.87 14.20
CA GLY A 30 -4.35 -3.13 13.43
C GLY A 30 -4.78 -1.86 14.14
N VAL A 31 -3.90 -1.32 14.97
CA VAL A 31 -4.19 -0.09 15.71
C VAL A 31 -4.01 1.14 14.82
N GLU A 32 -5.12 1.82 14.54
CA GLU A 32 -5.09 3.01 13.70
C GLU A 32 -4.15 4.05 14.28
N LEU A 33 -3.08 4.35 13.55
CA LEU A 33 -2.10 5.34 13.99
C LEU A 33 -2.26 6.64 13.23
N GLY A 34 -2.10 6.58 11.91
CA GLY A 34 -2.23 7.77 11.09
C GLY A 34 -2.86 7.48 9.74
N SER A 35 -3.86 8.26 9.38
CA SER A 35 -4.55 8.07 8.10
C SER A 35 -3.83 8.81 6.98
N GLY A 36 -3.83 8.22 5.79
CA GLY A 36 -3.16 8.83 4.66
C GLY A 36 -3.69 8.32 3.33
N VAL A 37 -3.34 9.01 2.25
CA VAL A 37 -3.79 8.62 0.91
C VAL A 37 -2.71 7.83 0.19
N MET A 38 -3.02 6.59 -0.19
CA MET A 38 -2.08 5.75 -0.89
C MET A 38 -2.11 6.03 -2.39
N GLU A 39 -0.94 6.00 -3.03
CA GLU A 39 -0.84 6.24 -4.46
C GLU A 39 0.18 5.32 -5.10
N LEU A 40 -0.22 4.67 -6.21
CA LEU A 40 0.66 3.75 -6.92
C LEU A 40 0.91 4.23 -8.34
N THR A 41 2.11 4.74 -8.59
CA THR A 41 2.47 5.23 -9.91
C THR A 41 3.42 4.27 -10.62
N GLN A 42 3.26 4.14 -11.93
CA GLN A 42 4.11 3.25 -12.72
C GLN A 42 5.56 3.33 -12.26
N SER A 43 5.98 4.53 -11.85
CA SER A 43 7.35 4.74 -11.39
C SER A 43 7.63 3.94 -10.12
N GLU A 44 7.02 4.35 -9.01
CA GLU A 44 7.21 3.67 -7.74
C GLU A 44 5.99 3.85 -6.85
N LEU A 45 6.02 3.23 -5.68
CA LEU A 45 4.93 3.33 -4.73
C LEU A 45 5.04 4.60 -3.89
N VAL A 46 4.02 5.45 -3.98
CA VAL A 46 4.01 6.71 -3.24
C VAL A 46 2.97 6.67 -2.11
N LEU A 47 3.27 7.36 -1.02
CA LEU A 47 2.36 7.41 0.12
C LEU A 47 2.25 8.82 0.67
N HIS A 48 1.07 9.42 0.51
CA HIS A 48 0.83 10.78 0.99
C HIS A 48 0.48 10.77 2.48
N LEU A 49 1.30 11.44 3.28
CA LEU A 49 1.08 11.51 4.71
C LEU A 49 0.66 12.91 5.14
N HIS A 50 -0.43 13.01 5.88
CA HIS A 50 -0.94 14.29 6.34
C HIS A 50 0.11 15.00 7.19
N ARG A 51 0.32 16.29 6.91
CA ARG A 51 1.29 17.08 7.65
C ARG A 51 2.63 16.37 7.72
N ARG A 52 2.99 15.68 6.64
CA ARG A 52 4.25 14.95 6.58
C ARG A 52 4.79 14.93 5.15
N GLU A 53 5.97 14.33 4.98
CA GLU A 53 6.60 14.25 3.67
C GLU A 53 6.08 13.04 2.89
N ALA A 54 6.28 13.06 1.58
CA ALA A 54 5.82 11.97 0.72
C ALA A 54 6.93 10.93 0.53
N VAL A 55 6.66 9.71 0.99
CA VAL A 55 7.63 8.63 0.87
C VAL A 55 7.42 7.84 -0.42
N ARG A 56 8.52 7.48 -1.07
CA ARG A 56 8.47 6.72 -2.31
C ARG A 56 9.28 5.43 -2.21
N TRP A 57 8.67 4.33 -2.64
CA TRP A 57 9.33 3.03 -2.59
C TRP A 57 9.32 2.36 -3.96
N PRO A 58 10.52 2.06 -4.49
CA PRO A 58 10.67 1.42 -5.79
C PRO A 58 10.20 -0.03 -5.78
N TYR A 59 9.37 -0.39 -6.76
CA TYR A 59 8.85 -1.75 -6.86
C TYR A 59 9.98 -2.76 -7.04
N LEU A 60 10.90 -2.44 -7.96
CA LEU A 60 12.02 -3.33 -8.23
C LEU A 60 12.68 -3.80 -6.93
N CYS A 61 12.54 -2.99 -5.88
CA CYS A 61 13.12 -3.32 -4.59
C CYS A 61 12.16 -4.19 -3.77
N LEU A 62 10.86 -3.93 -3.93
CA LEU A 62 9.85 -4.69 -3.20
C LEU A 62 10.07 -6.19 -3.35
N ARG A 63 10.64 -6.80 -2.31
CA ARG A 63 10.91 -8.24 -2.33
C ARG A 63 9.61 -9.04 -2.44
N ARG A 64 8.64 -8.70 -1.60
CA ARG A 64 7.35 -9.39 -1.61
C ARG A 64 6.22 -8.43 -1.26
N TYR A 65 4.99 -8.93 -1.31
CA TYR A 65 3.83 -8.11 -1.00
C TYR A 65 2.56 -8.97 -0.94
N GLY A 66 1.83 -8.86 0.16
CA GLY A 66 0.61 -9.63 0.33
C GLY A 66 -0.60 -8.75 0.61
N TYR A 67 -1.73 -9.38 0.86
CA TYR A 67 -2.97 -8.65 1.15
C TYR A 67 -4.04 -9.58 1.71
N ASP A 68 -4.56 -9.24 2.88
CA ASP A 68 -5.60 -10.03 3.52
C ASP A 68 -6.99 -9.52 3.17
N SER A 69 -8.01 -10.13 3.76
CA SER A 69 -9.39 -9.73 3.51
C SER A 69 -9.53 -8.22 3.49
N ASN A 70 -9.38 -7.61 4.67
CA ASN A 70 -9.49 -6.16 4.79
C ASN A 70 -8.18 -5.55 5.31
N LEU A 71 -7.07 -6.08 4.83
CA LEU A 71 -5.75 -5.61 5.23
C LEU A 71 -4.74 -5.76 4.11
N PHE A 72 -3.79 -4.82 4.03
CA PHE A 72 -2.77 -4.84 3.00
C PHE A 72 -1.42 -4.41 3.56
N SER A 73 -0.37 -5.15 3.22
CA SER A 73 0.97 -4.83 3.68
C SER A 73 2.01 -5.26 2.66
N PHE A 74 3.23 -4.73 2.81
CA PHE A 74 4.32 -5.05 1.89
C PHE A 74 5.67 -4.87 2.57
N GLU A 75 6.72 -5.37 1.94
CA GLU A 75 8.07 -5.27 2.49
C GLU A 75 8.96 -4.43 1.58
N SER A 76 9.62 -3.44 2.17
CA SER A 76 10.50 -2.55 1.41
C SER A 76 11.95 -3.03 1.49
N GLY A 77 12.64 -2.98 0.36
CA GLY A 77 14.03 -3.41 0.32
C GLY A 77 14.85 -2.80 1.43
N ARG A 78 16.15 -3.14 1.47
CA ARG A 78 17.05 -2.61 2.48
C ARG A 78 17.79 -1.38 1.97
N ARG A 79 18.01 -1.34 0.65
CA ARG A 79 18.71 -0.22 0.04
C ARG A 79 17.72 0.79 -0.53
N CYS A 80 16.64 1.03 0.21
CA CYS A 80 15.62 1.97 -0.23
C CYS A 80 15.68 3.25 0.61
N GLN A 81 14.73 4.15 0.37
CA GLN A 81 14.68 5.41 1.10
C GLN A 81 14.60 5.17 2.61
N THR A 82 13.48 4.61 3.05
CA THR A 82 13.27 4.32 4.46
C THR A 82 14.01 3.05 4.89
N GLY A 83 14.73 2.46 3.95
CA GLY A 83 15.48 1.25 4.24
C GLY A 83 14.57 0.09 4.59
N GLN A 84 15.17 -1.07 4.88
CA GLN A 84 14.41 -2.26 5.23
C GLN A 84 13.30 -1.93 6.21
N GLY A 85 12.24 -2.73 6.20
CA GLY A 85 11.12 -2.51 7.10
C GLY A 85 9.79 -2.80 6.44
N ILE A 86 8.94 -3.55 7.15
CA ILE A 86 7.62 -3.90 6.62
C ILE A 86 6.55 -2.98 7.18
N PHE A 87 5.78 -2.37 6.28
CA PHE A 87 4.71 -1.45 6.68
C PHE A 87 3.35 -2.01 6.28
N ALA A 88 2.38 -1.91 7.19
CA ALA A 88 1.04 -2.40 6.94
C ALA A 88 0.01 -1.29 7.12
N PHE A 89 -1.10 -1.38 6.39
CA PHE A 89 -2.15 -0.39 6.47
C PHE A 89 -3.54 -1.05 6.42
N LYS A 90 -4.53 -0.36 6.96
CA LYS A 90 -5.90 -0.88 6.98
C LYS A 90 -6.76 -0.18 5.93
N CYS A 91 -7.41 -0.96 5.09
CA CYS A 91 -8.27 -0.42 4.04
C CYS A 91 -9.24 -1.47 3.52
N SER A 92 -10.28 -1.03 2.83
CA SER A 92 -11.28 -1.94 2.28
C SER A 92 -11.03 -2.19 0.80
N ARG A 93 -10.08 -1.45 0.23
CA ARG A 93 -9.75 -1.58 -1.18
C ARG A 93 -8.33 -2.13 -1.36
N ALA A 94 -7.84 -2.82 -0.33
CA ALA A 94 -6.51 -3.40 -0.37
C ALA A 94 -6.33 -4.31 -1.59
N GLU A 95 -7.37 -5.07 -1.91
CA GLU A 95 -7.33 -5.98 -3.04
C GLU A 95 -6.91 -5.25 -4.32
N GLU A 96 -7.59 -4.14 -4.61
CA GLU A 96 -7.30 -3.35 -5.80
C GLU A 96 -5.83 -2.92 -5.80
N ILE A 97 -5.31 -2.58 -4.63
CA ILE A 97 -3.92 -2.15 -4.50
C ILE A 97 -2.96 -3.30 -4.77
N PHE A 98 -3.31 -4.48 -4.27
CA PHE A 98 -2.48 -5.66 -4.46
C PHE A 98 -2.37 -6.01 -5.94
N ASN A 99 -3.50 -5.98 -6.63
CA ASN A 99 -3.52 -6.30 -8.06
C ASN A 99 -2.82 -5.22 -8.87
N LEU A 100 -3.02 -3.96 -8.49
CA LEU A 100 -2.40 -2.83 -9.18
C LEU A 100 -0.89 -2.89 -9.05
N LEU A 101 -0.41 -3.15 -7.82
CA LEU A 101 1.02 -3.22 -7.57
C LEU A 101 1.68 -4.29 -8.44
N GLN A 102 1.16 -5.50 -8.39
CA GLN A 102 1.69 -6.60 -9.17
C GLN A 102 1.48 -6.35 -10.67
N ASP A 103 0.47 -5.56 -10.99
CA ASP A 103 0.16 -5.24 -12.38
C ASP A 103 1.18 -4.25 -12.95
N LEU A 104 1.53 -3.24 -12.16
CA LEU A 104 2.49 -2.23 -12.59
C LEU A 104 3.87 -2.83 -12.76
N MET A 105 4.18 -3.85 -11.95
CA MET A 105 5.47 -4.52 -12.03
C MET A 105 5.58 -5.36 -13.30
N GLN A 106 4.58 -6.21 -13.53
CA GLN A 106 4.57 -7.07 -14.71
C GLN A 106 4.50 -6.24 -15.98
N CYS A 107 3.72 -5.16 -15.95
CA CYS A 107 3.57 -4.30 -17.10
C CYS A 107 3.51 -5.11 -18.39
N ASN A 108 2.72 -6.17 -18.38
CA ASN A 108 2.57 -7.04 -19.54
C ASN A 108 1.10 -7.22 -19.91
N SER A 109 0.81 -7.10 -21.21
CA SER A 109 -0.56 -7.24 -21.69
C SER A 109 -1.53 -6.44 -20.82
N ILE A 110 -1.22 -5.16 -20.62
CA ILE A 110 -2.06 -4.29 -19.81
C ILE A 110 -3.53 -4.67 -19.95
N ASN A 111 -4.07 -5.31 -18.93
CA ASN A 111 -5.48 -5.71 -18.93
C ASN A 111 -6.31 -4.82 -18.02
N VAL A 112 -6.71 -3.66 -18.54
CA VAL A 112 -7.51 -2.72 -17.77
C VAL A 112 -8.98 -2.84 -18.14
N MET A 113 -9.46 -4.06 -18.28
CA MET A 113 -10.86 -4.31 -18.63
C MET A 113 -11.77 -3.97 -17.47
N GLU A 114 -12.93 -3.38 -17.78
CA GLU A 114 -13.89 -3.00 -16.75
C GLU A 114 -14.03 -4.09 -15.70
N GLU A 115 -13.71 -3.75 -14.45
CA GLU A 115 -13.80 -4.71 -13.36
C GLU A 115 -14.88 -4.29 -12.36
N PRO A 116 -15.59 -5.30 -11.80
CA PRO A 116 -16.66 -5.07 -10.83
C PRO A 116 -16.12 -4.57 -9.49
N VAL A 117 -17.02 -4.03 -8.67
CA VAL A 117 -16.63 -3.51 -7.36
C VAL A 117 -17.76 -3.71 -6.34
N ILE A 118 -17.38 -4.09 -5.12
CA ILE A 118 -18.35 -4.31 -4.06
C ILE A 118 -18.15 -3.32 -2.92
N ILE A 119 -19.05 -2.36 -2.81
CA ILE A 119 -18.99 -1.35 -1.76
C ILE A 119 -19.44 -1.92 -0.43
N THR A 120 -18.65 -1.67 0.61
CA THR A 120 -18.98 -2.15 1.96
C THR A 120 -18.58 -1.14 3.02
N SER A 121 -19.37 -1.08 4.09
CA SER A 121 -19.11 -0.15 5.18
C SER A 121 -18.79 -0.89 6.47
N GLY A 122 -18.16 -0.20 7.41
CA GLY A 122 -17.80 -0.81 8.68
C GLY A 122 -17.94 0.14 9.85
N SER A 123 -17.33 -0.21 10.98
CA SER A 123 -17.39 0.63 12.17
C SER A 123 -16.17 1.54 12.25
N SER A 124 -16.38 2.76 12.72
CA SER A 124 -15.30 3.74 12.86
C SER A 124 -15.10 4.13 14.32
N GLY A 125 -14.08 3.54 14.94
CA GLY A 125 -13.80 3.84 16.34
C GLY A 125 -13.03 5.13 16.50
N SER A 126 -13.20 5.77 17.66
CA SER A 126 -12.52 7.04 17.95
C SER A 126 -11.02 6.82 18.13
N SER A 127 -10.27 7.04 17.07
CA SER A 127 -8.82 6.86 17.12
C SER A 127 -8.25 7.37 18.45
N GLY A 128 -7.57 6.48 19.16
CA GLY A 128 -7.00 6.84 20.44
C GLY A 128 -5.49 6.62 20.48
N SER A 129 -5.06 5.41 20.14
CA SER A 129 -3.65 5.07 20.15
C SER A 129 -2.82 6.21 19.57
N SER A 130 -2.16 6.96 20.45
CA SER A 130 -1.33 8.08 20.01
C SER A 130 0.03 8.05 20.70
N GLY A 131 1.07 8.47 19.99
CA GLY A 131 2.40 8.48 20.55
C GLY A 131 3.37 9.31 19.72
N SER A 132 4.46 8.69 19.30
CA SER A 132 5.48 9.37 18.50
C SER A 132 5.18 9.25 17.01
N SER A 133 4.76 10.35 16.40
CA SER A 133 4.44 10.36 14.99
C SER A 133 5.49 9.61 14.17
N GLY A 134 5.08 8.49 13.57
CA GLY A 134 6.01 7.70 12.78
C GLY A 134 5.37 6.42 12.26
N LEU A 135 6.00 5.82 11.26
CA LEU A 135 5.50 4.59 10.67
C LEU A 135 5.89 3.38 11.50
N PHE A 136 5.00 2.41 11.59
CA PHE A 136 5.25 1.19 12.35
C PHE A 136 6.05 0.19 11.53
N ARG A 137 6.80 -0.67 12.22
CA ARG A 137 7.62 -1.68 11.56
C ARG A 137 7.25 -3.08 12.03
N LEU A 138 6.59 -3.84 11.16
CA LEU A 138 6.18 -5.19 11.50
C LEU A 138 7.39 -6.10 11.69
N ARG A 139 7.29 -7.03 12.64
CA ARG A 139 8.37 -7.96 12.92
C ARG A 139 8.58 -8.93 11.76
N HIS A 140 7.49 -9.53 11.28
CA HIS A 140 7.55 -10.46 10.18
C HIS A 140 6.55 -10.10 9.09
N PHE A 141 5.27 -10.37 9.35
CA PHE A 141 4.22 -10.07 8.40
C PHE A 141 2.84 -10.36 9.00
N PRO A 142 1.96 -9.36 8.98
CA PRO A 142 0.61 -9.48 9.51
C PRO A 142 -0.27 -10.39 8.66
N CYS A 143 -0.27 -10.15 7.35
CA CYS A 143 -1.06 -10.94 6.42
C CYS A 143 -0.48 -12.34 6.26
N GLY A 144 -1.24 -13.23 5.62
CA GLY A 144 -0.78 -14.58 5.42
C GLY A 144 -0.47 -14.87 3.96
N ASN A 145 -1.26 -14.30 3.06
CA ASN A 145 -1.06 -14.51 1.63
C ASN A 145 -0.14 -13.44 1.05
N VAL A 146 1.08 -13.84 0.72
CA VAL A 146 2.06 -12.92 0.15
C VAL A 146 2.39 -13.29 -1.29
N ASN A 147 2.81 -12.31 -2.07
CA ASN A 147 3.17 -12.52 -3.47
C ASN A 147 4.60 -12.08 -3.74
N TYR A 148 5.11 -12.46 -4.91
CA TYR A 148 6.47 -12.09 -5.30
C TYR A 148 6.47 -11.25 -6.57
N GLY A 149 7.15 -10.11 -6.51
CA GLY A 149 7.21 -9.23 -7.66
C GLY A 149 8.43 -9.49 -8.53
N TYR A 150 9.43 -8.62 -8.41
CA TYR A 150 10.66 -8.76 -9.19
C TYR A 150 11.37 -10.07 -8.85
N GLN A 151 11.70 -10.84 -9.88
CA GLN A 151 12.39 -12.11 -9.69
C GLN A 151 13.46 -12.32 -10.75
N GLN A 152 14.62 -12.80 -10.33
CA GLN A 152 15.74 -13.04 -11.25
C GLN A 152 15.81 -14.51 -11.64
N GLN A 153 14.97 -14.90 -12.60
CA GLN A 153 14.94 -16.28 -13.06
C GLN A 153 15.84 -16.47 -14.28
N GLY A 1 -26.80 -6.05 -10.29
CA GLY A 1 -25.95 -5.11 -9.60
C GLY A 1 -26.73 -4.12 -8.75
N SER A 2 -26.34 -3.99 -7.50
CA SER A 2 -27.02 -3.09 -6.57
C SER A 2 -26.21 -1.81 -6.38
N SER A 3 -26.89 -0.72 -6.05
CA SER A 3 -26.24 0.57 -5.83
C SER A 3 -27.09 1.47 -4.94
N GLY A 4 -26.43 2.41 -4.27
CA GLY A 4 -27.14 3.33 -3.38
C GLY A 4 -26.46 3.46 -2.04
N SER A 5 -25.97 4.66 -1.75
CA SER A 5 -25.29 4.92 -0.48
C SER A 5 -25.83 6.20 0.17
N SER A 6 -26.60 6.03 1.23
CA SER A 6 -27.17 7.17 1.95
C SER A 6 -26.12 7.84 2.82
N GLY A 7 -26.05 9.17 2.73
CA GLY A 7 -25.08 9.91 3.52
C GLY A 7 -24.39 11.00 2.72
N LEU A 8 -24.42 12.23 3.26
CA LEU A 8 -23.79 13.36 2.58
C LEU A 8 -22.30 13.44 2.93
N ASN A 9 -21.47 12.97 2.00
CA ASN A 9 -20.02 13.00 2.20
C ASN A 9 -19.41 14.28 1.64
N ARG A 10 -18.32 14.74 2.24
CA ARG A 10 -17.64 15.95 1.80
C ARG A 10 -16.29 15.62 1.18
N ASP A 11 -16.26 14.58 0.35
CA ASP A 11 -15.03 14.17 -0.32
C ASP A 11 -15.21 14.12 -1.83
N SER A 12 -14.20 14.59 -2.56
CA SER A 12 -14.24 14.61 -4.02
C SER A 12 -13.72 13.29 -4.59
N VAL A 13 -12.87 12.62 -3.82
CA VAL A 13 -12.30 11.35 -4.26
C VAL A 13 -13.38 10.29 -4.44
N PRO A 14 -13.28 9.50 -5.52
CA PRO A 14 -14.23 8.44 -5.83
C PRO A 14 -14.14 7.27 -4.84
N ASP A 15 -14.78 6.17 -5.19
CA ASP A 15 -14.77 4.99 -4.34
C ASP A 15 -13.98 3.86 -4.99
N ASN A 16 -13.69 4.01 -6.28
CA ASN A 16 -12.94 3.00 -7.03
C ASN A 16 -11.83 3.65 -7.84
N HIS A 17 -11.16 4.63 -7.24
CA HIS A 17 -10.07 5.33 -7.91
C HIS A 17 -9.08 4.34 -8.52
N PRO A 18 -8.58 4.67 -9.73
CA PRO A 18 -7.62 3.82 -10.45
C PRO A 18 -6.26 3.80 -9.78
N THR A 19 -5.77 4.98 -9.41
CA THR A 19 -4.46 5.10 -8.76
C THR A 19 -4.56 5.93 -7.48
N LYS A 20 -5.39 5.48 -6.55
CA LYS A 20 -5.57 6.17 -5.27
C LYS A 20 -6.44 5.35 -4.33
N PHE A 21 -6.01 5.24 -3.08
CA PHE A 21 -6.75 4.49 -2.07
C PHE A 21 -6.36 4.94 -0.66
N LYS A 22 -7.36 5.18 0.17
CA LYS A 22 -7.13 5.61 1.55
C LYS A 22 -6.70 4.43 2.42
N VAL A 23 -5.50 4.52 2.98
CA VAL A 23 -4.98 3.45 3.84
C VAL A 23 -4.66 3.99 5.24
N THR A 24 -4.80 3.13 6.24
CA THR A 24 -4.53 3.51 7.61
C THR A 24 -3.44 2.64 8.22
N ASN A 25 -2.28 3.25 8.48
CA ASN A 25 -1.15 2.54 9.05
C ASN A 25 -1.48 2.03 10.46
N VAL A 26 -1.32 0.73 10.67
CA VAL A 26 -1.60 0.12 11.97
C VAL A 26 -0.33 -0.46 12.58
N ASP A 27 -0.49 -1.09 13.75
CA ASP A 27 0.65 -1.69 14.44
C ASP A 27 0.51 -3.21 14.50
N ASP A 28 1.50 -3.86 15.09
CA ASP A 28 1.49 -5.31 15.21
C ASP A 28 0.11 -5.82 15.65
N GLU A 29 -0.65 -4.95 16.31
CA GLU A 29 -1.98 -5.30 16.78
C GLU A 29 -3.03 -4.97 15.74
N GLY A 30 -2.81 -3.88 15.00
CA GLY A 30 -3.75 -3.48 13.98
C GLY A 30 -4.56 -2.26 14.38
N VAL A 31 -4.01 -1.46 15.28
CA VAL A 31 -4.69 -0.25 15.76
C VAL A 31 -4.49 0.90 14.78
N GLU A 32 -5.59 1.58 14.45
CA GLU A 32 -5.55 2.70 13.52
C GLU A 32 -4.73 3.85 14.11
N LEU A 33 -3.50 4.02 13.64
CA LEU A 33 -2.63 5.08 14.11
C LEU A 33 -2.83 6.35 13.31
N GLY A 34 -2.53 6.29 12.02
CA GLY A 34 -2.69 7.45 11.15
C GLY A 34 -3.23 7.09 9.79
N SER A 35 -4.10 7.94 9.26
CA SER A 35 -4.69 7.70 7.94
C SER A 35 -3.97 8.49 6.87
N GLY A 36 -3.92 7.93 5.66
CA GLY A 36 -3.25 8.60 4.56
C GLY A 36 -3.68 8.07 3.20
N VAL A 37 -3.29 8.76 2.15
CA VAL A 37 -3.63 8.34 0.79
C VAL A 37 -2.48 7.59 0.13
N MET A 38 -2.76 6.40 -0.37
CA MET A 38 -1.74 5.59 -1.03
C MET A 38 -1.82 5.75 -2.55
N GLU A 39 -0.70 6.13 -3.15
CA GLU A 39 -0.64 6.33 -4.59
C GLU A 39 0.26 5.29 -5.25
N LEU A 40 -0.16 4.80 -6.41
CA LEU A 40 0.61 3.79 -7.14
C LEU A 40 0.91 4.25 -8.56
N THR A 41 2.11 4.76 -8.79
CA THR A 41 2.52 5.24 -10.10
C THR A 41 3.46 4.24 -10.79
N GLN A 42 3.26 4.04 -12.08
CA GLN A 42 4.08 3.12 -12.84
C GLN A 42 5.54 3.19 -12.38
N SER A 43 6.02 4.39 -12.12
CA SER A 43 7.39 4.59 -11.67
C SER A 43 7.66 3.85 -10.36
N GLU A 44 7.12 4.40 -9.27
CA GLU A 44 7.29 3.78 -7.95
C GLU A 44 6.07 4.04 -7.08
N LEU A 45 6.06 3.41 -5.90
CA LEU A 45 4.95 3.56 -4.97
C LEU A 45 5.09 4.84 -4.16
N VAL A 46 4.10 5.72 -4.27
CA VAL A 46 4.11 6.98 -3.55
C VAL A 46 3.01 7.03 -2.50
N LEU A 47 3.32 7.60 -1.34
CA LEU A 47 2.36 7.70 -0.24
C LEU A 47 2.22 9.14 0.23
N HIS A 48 1.03 9.71 0.04
CA HIS A 48 0.77 11.08 0.45
C HIS A 48 0.58 11.18 1.97
N LEU A 49 1.03 12.28 2.55
CA LEU A 49 0.92 12.49 3.99
C LEU A 49 0.83 13.98 4.32
N HIS A 50 -0.21 14.36 5.05
CA HIS A 50 -0.41 15.75 5.44
C HIS A 50 0.69 16.21 6.41
N ARG A 51 1.07 17.47 6.31
CA ARG A 51 2.10 18.03 7.17
C ARG A 51 3.30 17.08 7.27
N ARG A 52 3.62 16.44 6.15
CA ARG A 52 4.75 15.51 6.10
C ARG A 52 5.18 15.24 4.67
N GLU A 53 6.47 14.98 4.48
CA GLU A 53 7.01 14.71 3.16
C GLU A 53 6.36 13.46 2.55
N ALA A 54 6.60 13.25 1.26
CA ALA A 54 6.04 12.10 0.55
C ALA A 54 7.08 11.01 0.37
N VAL A 55 6.80 9.83 0.90
CA VAL A 55 7.73 8.69 0.79
C VAL A 55 7.54 7.95 -0.52
N ARG A 56 8.64 7.51 -1.12
CA ARG A 56 8.59 6.78 -2.38
C ARG A 56 9.30 5.43 -2.25
N TRP A 57 8.55 4.35 -2.47
CA TRP A 57 9.12 3.01 -2.39
C TRP A 57 9.20 2.38 -3.77
N PRO A 58 10.44 2.16 -4.24
CA PRO A 58 10.69 1.55 -5.55
C PRO A 58 10.31 0.07 -5.59
N TYR A 59 9.39 -0.27 -6.48
CA TYR A 59 8.93 -1.65 -6.62
C TYR A 59 10.11 -2.60 -6.81
N LEU A 60 11.01 -2.24 -7.72
CA LEU A 60 12.19 -3.06 -7.99
C LEU A 60 12.83 -3.54 -6.69
N CYS A 61 12.73 -2.72 -5.65
CA CYS A 61 13.29 -3.06 -4.35
C CYS A 61 12.34 -3.94 -3.55
N LEU A 62 11.05 -3.75 -3.77
CA LEU A 62 10.03 -4.53 -3.06
C LEU A 62 10.25 -6.03 -3.27
N ARG A 63 10.80 -6.68 -2.27
CA ARG A 63 11.07 -8.11 -2.33
C ARG A 63 9.77 -8.89 -2.49
N ARG A 64 8.76 -8.52 -1.72
CA ARG A 64 7.46 -9.18 -1.77
C ARG A 64 6.35 -8.25 -1.32
N TYR A 65 5.11 -8.73 -1.36
CA TYR A 65 3.96 -7.94 -0.96
C TYR A 65 2.70 -8.80 -0.88
N GLY A 66 1.90 -8.57 0.14
CA GLY A 66 0.67 -9.33 0.31
C GLY A 66 -0.51 -8.45 0.65
N TYR A 67 -1.69 -9.06 0.79
CA TYR A 67 -2.90 -8.33 1.10
C TYR A 67 -3.97 -9.27 1.66
N ASP A 68 -4.37 -9.03 2.91
CA ASP A 68 -5.39 -9.84 3.56
C ASP A 68 -6.70 -9.09 3.68
N SER A 69 -7.71 -9.74 4.27
CA SER A 69 -9.02 -9.11 4.44
C SER A 69 -8.88 -7.65 4.82
N ASN A 70 -9.46 -6.77 4.02
CA ASN A 70 -9.41 -5.34 4.28
C ASN A 70 -8.06 -4.94 4.87
N LEU A 71 -7.00 -5.53 4.34
CA LEU A 71 -5.64 -5.25 4.81
C LEU A 71 -4.64 -5.32 3.67
N PHE A 72 -3.63 -4.45 3.71
CA PHE A 72 -2.60 -4.42 2.68
C PHE A 72 -1.23 -4.16 3.29
N SER A 73 -0.33 -5.11 3.12
CA SER A 73 1.02 -5.00 3.66
C SER A 73 2.07 -5.30 2.59
N PHE A 74 3.29 -4.82 2.82
CA PHE A 74 4.37 -5.03 1.87
C PHE A 74 5.73 -4.83 2.54
N GLU A 75 6.76 -5.46 1.98
CA GLU A 75 8.11 -5.36 2.52
C GLU A 75 8.98 -4.45 1.66
N SER A 76 9.74 -3.58 2.30
CA SER A 76 10.62 -2.65 1.59
C SER A 76 12.09 -3.03 1.80
N GLY A 77 12.91 -2.72 0.80
CA GLY A 77 14.32 -3.04 0.88
C GLY A 77 14.97 -2.43 2.12
N ARG A 78 16.30 -2.40 2.13
CA ARG A 78 17.05 -1.85 3.26
C ARG A 78 17.60 -0.48 2.92
N ARG A 79 18.01 -0.30 1.67
CA ARG A 79 18.57 0.96 1.21
C ARG A 79 17.46 1.94 0.81
N CYS A 80 16.40 1.97 1.61
CA CYS A 80 15.26 2.85 1.33
C CYS A 80 15.17 3.95 2.37
N GLN A 81 14.46 5.03 2.03
CA GLN A 81 14.30 6.16 2.94
C GLN A 81 13.88 5.68 4.33
N THR A 82 12.64 5.22 4.44
CA THR A 82 12.11 4.74 5.71
C THR A 82 13.10 3.78 6.38
N GLY A 83 13.57 2.81 5.61
CA GLY A 83 14.51 1.84 6.15
C GLY A 83 13.91 0.46 6.26
N GLN A 84 14.75 -0.56 6.15
CA GLN A 84 14.29 -1.95 6.24
C GLN A 84 13.17 -2.08 7.27
N GLY A 85 12.11 -2.79 6.89
CA GLY A 85 10.99 -2.98 7.78
C GLY A 85 9.71 -3.31 7.05
N ILE A 86 8.71 -3.81 7.78
CA ILE A 86 7.43 -4.16 7.19
C ILE A 86 6.35 -3.16 7.57
N PHE A 87 5.71 -2.59 6.56
CA PHE A 87 4.65 -1.60 6.78
C PHE A 87 3.30 -2.14 6.29
N ALA A 88 2.33 -2.19 7.20
CA ALA A 88 0.99 -2.68 6.86
C ALA A 88 -0.06 -1.61 7.15
N PHE A 89 -1.13 -1.63 6.36
CA PHE A 89 -2.22 -0.66 6.52
C PHE A 89 -3.58 -1.36 6.46
N LYS A 90 -4.58 -0.72 7.05
CA LYS A 90 -5.93 -1.28 7.07
C LYS A 90 -6.83 -0.55 6.08
N CYS A 91 -7.06 -1.16 4.93
CA CYS A 91 -7.91 -0.57 3.90
C CYS A 91 -8.92 -1.59 3.37
N SER A 92 -10.05 -1.09 2.88
CA SER A 92 -11.10 -1.95 2.35
C SER A 92 -10.85 -2.27 0.87
N ARG A 93 -10.12 -1.38 0.20
CA ARG A 93 -9.81 -1.56 -1.21
C ARG A 93 -8.43 -2.20 -1.38
N ALA A 94 -8.04 -3.02 -0.42
CA ALA A 94 -6.75 -3.70 -0.47
C ALA A 94 -6.62 -4.55 -1.74
N GLU A 95 -7.70 -5.25 -2.09
CA GLU A 95 -7.70 -6.09 -3.27
C GLU A 95 -7.30 -5.29 -4.51
N GLU A 96 -7.72 -4.03 -4.57
CA GLU A 96 -7.40 -3.17 -5.69
C GLU A 96 -5.93 -2.79 -5.69
N ILE A 97 -5.46 -2.26 -4.57
CA ILE A 97 -4.07 -1.85 -4.44
C ILE A 97 -3.12 -3.00 -4.80
N PHE A 98 -3.37 -4.17 -4.23
CA PHE A 98 -2.55 -5.34 -4.50
C PHE A 98 -2.49 -5.63 -5.99
N ASN A 99 -3.66 -5.80 -6.61
CA ASN A 99 -3.74 -6.09 -8.03
C ASN A 99 -2.97 -5.04 -8.84
N LEU A 100 -3.30 -3.77 -8.62
CA LEU A 100 -2.64 -2.67 -9.32
C LEU A 100 -1.14 -2.72 -9.12
N LEU A 101 -0.72 -2.98 -7.88
CA LEU A 101 0.69 -3.05 -7.55
C LEU A 101 1.40 -4.11 -8.39
N GLN A 102 0.87 -5.33 -8.34
CA GLN A 102 1.44 -6.44 -9.10
C GLN A 102 1.31 -6.20 -10.60
N ASP A 103 0.31 -5.41 -10.99
CA ASP A 103 0.08 -5.10 -12.39
C ASP A 103 1.15 -4.15 -12.92
N LEU A 104 1.56 -3.21 -12.09
CA LEU A 104 2.57 -2.23 -12.47
C LEU A 104 3.94 -2.89 -12.59
N MET A 105 4.22 -3.86 -11.72
CA MET A 105 5.49 -4.57 -11.74
C MET A 105 5.59 -5.46 -12.97
N GLN A 106 4.63 -6.35 -13.14
CA GLN A 106 4.62 -7.25 -14.29
C GLN A 106 4.62 -6.49 -15.59
N CYS A 107 3.83 -5.41 -15.65
CA CYS A 107 3.74 -4.59 -16.85
C CYS A 107 3.72 -5.45 -18.11
N ASN A 108 2.91 -6.50 -18.09
CA ASN A 108 2.79 -7.41 -19.23
C ASN A 108 1.78 -6.89 -20.24
N SER A 109 1.72 -7.54 -21.40
CA SER A 109 0.79 -7.14 -22.46
C SER A 109 -0.66 -7.27 -21.98
N ILE A 110 -1.30 -6.14 -21.75
CA ILE A 110 -2.69 -6.13 -21.30
C ILE A 110 -3.48 -5.03 -22.00
N ASN A 111 -4.71 -5.36 -22.40
CA ASN A 111 -5.57 -4.40 -23.08
C ASN A 111 -6.26 -3.48 -22.07
N VAL A 112 -7.05 -4.06 -21.18
CA VAL A 112 -7.76 -3.30 -20.16
C VAL A 112 -8.44 -4.22 -19.15
N MET A 113 -8.11 -4.03 -17.88
CA MET A 113 -8.70 -4.84 -16.82
C MET A 113 -9.76 -4.05 -16.05
N GLU A 114 -10.95 -4.62 -15.96
CA GLU A 114 -12.05 -3.97 -15.26
C GLU A 114 -12.53 -4.82 -14.08
N GLU A 115 -12.69 -4.20 -12.92
CA GLU A 115 -13.14 -4.91 -11.73
C GLU A 115 -14.57 -4.52 -11.38
N PRO A 116 -15.30 -5.47 -10.78
CA PRO A 116 -16.70 -5.26 -10.38
C PRO A 116 -16.83 -4.27 -9.22
N VAL A 117 -18.05 -4.11 -8.71
CA VAL A 117 -18.31 -3.20 -7.60
C VAL A 117 -18.80 -3.96 -6.38
N ILE A 118 -18.28 -3.58 -5.22
CA ILE A 118 -18.68 -4.23 -3.96
C ILE A 118 -19.13 -3.20 -2.94
N ILE A 119 -20.13 -3.57 -2.14
CA ILE A 119 -20.66 -2.67 -1.11
C ILE A 119 -19.53 -2.09 -0.26
N THR A 120 -19.46 -0.76 -0.22
CA THR A 120 -18.43 -0.08 0.55
C THR A 120 -18.51 -0.46 2.03
N SER A 121 -17.43 -0.22 2.77
CA SER A 121 -17.38 -0.54 4.18
C SER A 121 -16.91 0.66 4.99
N GLY A 122 -17.77 1.12 5.91
CA GLY A 122 -17.43 2.26 6.74
C GLY A 122 -17.27 3.54 5.93
N SER A 123 -17.06 4.65 6.62
CA SER A 123 -16.89 5.94 5.97
C SER A 123 -15.51 6.52 6.24
N SER A 124 -15.00 7.30 5.30
CA SER A 124 -13.68 7.91 5.43
C SER A 124 -13.80 9.38 5.78
N GLY A 125 -12.71 9.97 6.26
CA GLY A 125 -12.71 11.37 6.62
C GLY A 125 -12.79 11.58 8.12
N SER A 126 -11.62 11.62 8.77
CA SER A 126 -11.56 11.82 10.22
C SER A 126 -10.39 12.72 10.60
N SER A 127 -10.70 13.79 11.34
CA SER A 127 -9.67 14.73 11.77
C SER A 127 -8.76 14.10 12.81
N GLY A 128 -7.46 14.37 12.68
CA GLY A 128 -6.50 13.83 13.63
C GLY A 128 -5.08 14.29 13.34
N SER A 129 -4.11 13.44 13.65
CA SER A 129 -2.71 13.77 13.43
C SER A 129 -2.02 12.67 12.63
N SER A 130 -1.90 12.90 11.32
CA SER A 130 -1.27 11.93 10.43
C SER A 130 0.21 11.76 10.78
N GLY A 131 0.77 10.61 10.41
CA GLY A 131 2.17 10.34 10.69
C GLY A 131 2.48 10.39 12.18
N SER A 132 2.39 9.23 12.83
CA SER A 132 2.66 9.15 14.26
C SER A 132 4.16 9.03 14.53
N SER A 133 4.84 10.17 14.52
CA SER A 133 6.28 10.20 14.76
C SER A 133 6.99 9.11 13.94
N GLY A 134 6.59 8.97 12.68
CA GLY A 134 7.18 7.97 11.81
C GLY A 134 6.32 6.74 11.67
N LEU A 135 6.44 6.06 10.54
CA LEU A 135 5.67 4.85 10.29
C LEU A 135 6.08 3.73 11.23
N PHE A 136 5.11 2.92 11.65
CA PHE A 136 5.37 1.81 12.56
C PHE A 136 5.98 0.62 11.82
N ARG A 137 7.09 0.12 12.33
CA ARG A 137 7.77 -1.01 11.72
C ARG A 137 7.34 -2.33 12.37
N LEU A 138 6.64 -3.16 11.60
CA LEU A 138 6.17 -4.44 12.09
C LEU A 138 7.31 -5.45 12.20
N ARG A 139 7.19 -6.38 13.13
CA ARG A 139 8.22 -7.40 13.33
C ARG A 139 7.95 -8.62 12.46
N HIS A 140 6.67 -8.88 12.19
CA HIS A 140 6.28 -10.02 11.37
C HIS A 140 5.27 -9.60 10.30
N PHE A 141 5.20 -10.37 9.22
CA PHE A 141 4.29 -10.08 8.13
C PHE A 141 2.86 -10.43 8.52
N PRO A 142 2.00 -9.40 8.62
CA PRO A 142 0.58 -9.57 8.98
C PRO A 142 -0.22 -10.26 7.88
N CYS A 143 0.11 -9.94 6.64
CA CYS A 143 -0.59 -10.53 5.50
C CYS A 143 -0.17 -11.98 5.30
N GLY A 144 -1.01 -12.75 4.61
CA GLY A 144 -0.71 -14.14 4.36
C GLY A 144 -0.33 -14.42 2.92
N ASN A 145 -1.21 -14.02 2.00
CA ASN A 145 -0.96 -14.22 0.58
C ASN A 145 0.16 -13.32 0.09
N VAL A 146 1.40 -13.79 0.24
CA VAL A 146 2.56 -13.01 -0.18
C VAL A 146 2.84 -13.23 -1.66
N ASN A 147 3.23 -12.15 -2.35
CA ASN A 147 3.53 -12.22 -3.77
C ASN A 147 4.95 -11.71 -4.06
N TYR A 148 5.57 -12.26 -5.09
CA TYR A 148 6.92 -11.87 -5.46
C TYR A 148 6.92 -11.07 -6.76
N GLY A 149 7.74 -10.02 -6.81
CA GLY A 149 7.81 -9.19 -8.00
C GLY A 149 9.14 -9.34 -8.73
N TYR A 150 10.09 -8.48 -8.39
CA TYR A 150 11.41 -8.51 -9.02
C TYR A 150 12.23 -9.68 -8.49
N GLN A 151 13.07 -10.24 -9.36
CA GLN A 151 13.91 -11.37 -8.98
C GLN A 151 15.32 -10.90 -8.62
N GLN A 152 15.70 -11.11 -7.37
CA GLN A 152 17.02 -10.70 -6.90
C GLN A 152 17.84 -11.92 -6.47
N GLN A 153 18.70 -12.38 -7.37
CA GLN A 153 19.54 -13.55 -7.09
C GLN A 153 20.52 -13.24 -5.96
N GLY A 1 -9.00 2.98 -19.78
CA GLY A 1 -8.38 4.11 -20.43
C GLY A 1 -7.99 5.20 -19.45
N SER A 2 -6.72 5.23 -19.06
CA SER A 2 -6.23 6.22 -18.11
C SER A 2 -5.50 7.35 -18.84
N SER A 3 -6.23 8.06 -19.71
CA SER A 3 -5.66 9.15 -20.46
C SER A 3 -5.25 10.30 -19.54
N GLY A 4 -5.97 10.44 -18.44
CA GLY A 4 -5.67 11.50 -17.48
C GLY A 4 -6.81 11.77 -16.54
N SER A 5 -6.81 12.96 -15.93
CA SER A 5 -7.85 13.34 -14.99
C SER A 5 -7.92 14.86 -14.83
N SER A 6 -9.08 15.42 -15.10
CA SER A 6 -9.29 16.87 -15.00
C SER A 6 -9.83 17.24 -13.63
N GLY A 7 -10.82 16.48 -13.16
CA GLY A 7 -11.42 16.75 -11.87
C GLY A 7 -12.82 17.33 -11.97
N LEU A 8 -13.81 16.52 -11.66
CA LEU A 8 -15.21 16.96 -11.73
C LEU A 8 -15.89 16.81 -10.38
N ASN A 9 -15.11 16.54 -9.35
CA ASN A 9 -15.64 16.37 -8.00
C ASN A 9 -15.43 17.64 -7.18
N ARG A 10 -16.45 18.00 -6.40
CA ARG A 10 -16.38 19.19 -5.56
C ARG A 10 -15.27 19.06 -4.53
N ASP A 11 -15.21 17.91 -3.86
CA ASP A 11 -14.19 17.66 -2.85
C ASP A 11 -12.81 17.51 -3.49
N SER A 12 -11.77 17.80 -2.71
CA SER A 12 -10.40 17.70 -3.20
C SER A 12 -10.09 16.28 -3.66
N VAL A 13 -10.81 15.31 -3.10
CA VAL A 13 -10.62 13.91 -3.45
C VAL A 13 -11.94 13.24 -3.77
N PRO A 14 -11.98 12.55 -4.92
CA PRO A 14 -13.19 11.84 -5.37
C PRO A 14 -13.50 10.62 -4.51
N ASP A 15 -14.74 10.15 -4.58
CA ASP A 15 -15.16 8.99 -3.80
C ASP A 15 -14.91 7.70 -4.58
N ASN A 16 -14.65 7.85 -5.88
CA ASN A 16 -14.40 6.69 -6.74
C ASN A 16 -12.97 6.72 -7.29
N HIS A 17 -12.09 7.38 -6.55
CA HIS A 17 -10.69 7.47 -6.97
C HIS A 17 -10.11 6.10 -7.25
N PRO A 18 -9.88 5.80 -8.54
CA PRO A 18 -9.32 4.52 -8.98
C PRO A 18 -7.86 4.36 -8.58
N THR A 19 -7.05 5.36 -8.92
CA THR A 19 -5.62 5.33 -8.59
C THR A 19 -5.40 5.48 -7.10
N LYS A 20 -5.89 6.58 -6.55
CA LYS A 20 -5.74 6.86 -5.12
C LYS A 20 -6.46 5.80 -4.28
N PHE A 21 -6.03 5.64 -3.03
CA PHE A 21 -6.63 4.67 -2.14
C PHE A 21 -6.44 5.08 -0.68
N LYS A 22 -7.55 5.36 0.00
CA LYS A 22 -7.50 5.77 1.39
C LYS A 22 -7.11 4.60 2.29
N VAL A 23 -5.96 4.72 2.95
CA VAL A 23 -5.47 3.69 3.84
C VAL A 23 -5.28 4.21 5.26
N THR A 24 -5.02 3.30 6.19
CA THR A 24 -4.82 3.67 7.59
C THR A 24 -3.70 2.85 8.22
N ASN A 25 -2.55 3.49 8.44
CA ASN A 25 -1.40 2.81 9.04
C ASN A 25 -1.78 2.20 10.39
N VAL A 26 -1.07 1.14 10.77
CA VAL A 26 -1.33 0.47 12.04
C VAL A 26 -0.06 -0.21 12.56
N ASP A 27 -0.06 -0.54 13.85
CA ASP A 27 1.07 -1.20 14.47
C ASP A 27 0.96 -2.72 14.34
N ASP A 28 1.97 -3.42 14.84
CA ASP A 28 1.99 -4.88 14.78
C ASP A 28 0.66 -5.45 15.28
N GLU A 29 0.01 -4.73 16.18
CA GLU A 29 -1.27 -5.17 16.73
C GLU A 29 -2.39 -4.99 15.72
N GLY A 30 -2.46 -3.80 15.13
CA GLY A 30 -3.50 -3.51 14.15
C GLY A 30 -4.30 -2.28 14.51
N VAL A 31 -3.80 -1.48 15.45
CA VAL A 31 -4.48 -0.27 15.87
C VAL A 31 -4.38 0.82 14.82
N GLU A 32 -5.45 1.59 14.66
CA GLU A 32 -5.48 2.68 13.69
C GLU A 32 -4.59 3.83 14.13
N LEU A 33 -3.36 3.84 13.63
CA LEU A 33 -2.40 4.89 13.97
C LEU A 33 -2.77 6.21 13.29
N GLY A 34 -2.65 6.23 11.96
CA GLY A 34 -2.97 7.42 11.21
C GLY A 34 -3.43 7.12 9.80
N SER A 35 -4.20 8.04 9.21
CA SER A 35 -4.71 7.85 7.86
C SER A 35 -3.82 8.56 6.84
N GLY A 36 -3.83 8.07 5.61
CA GLY A 36 -3.02 8.65 4.57
C GLY A 36 -3.50 8.28 3.17
N VAL A 37 -2.92 8.92 2.16
CA VAL A 37 -3.29 8.64 0.77
C VAL A 37 -2.27 7.72 0.11
N MET A 38 -2.77 6.64 -0.49
CA MET A 38 -1.90 5.68 -1.18
C MET A 38 -2.01 5.83 -2.69
N GLU A 39 -0.87 6.00 -3.36
CA GLU A 39 -0.84 6.15 -4.80
C GLU A 39 0.15 5.18 -5.43
N LEU A 40 -0.15 4.73 -6.64
CA LEU A 40 0.72 3.80 -7.35
C LEU A 40 1.07 4.33 -8.74
N THR A 41 2.36 4.52 -9.00
CA THR A 41 2.81 5.03 -10.28
C THR A 41 3.84 4.09 -10.91
N GLN A 42 3.78 3.95 -12.23
CA GLN A 42 4.70 3.08 -12.95
C GLN A 42 6.11 3.19 -12.38
N SER A 43 6.50 4.39 -12.00
CA SER A 43 7.83 4.64 -11.45
C SER A 43 8.01 3.90 -10.13
N GLU A 44 7.36 4.39 -9.09
CA GLU A 44 7.44 3.77 -7.77
C GLU A 44 6.16 3.99 -6.98
N LEU A 45 6.07 3.37 -5.80
CA LEU A 45 4.90 3.50 -4.95
C LEU A 45 4.98 4.77 -4.11
N VAL A 46 4.00 5.65 -4.29
CA VAL A 46 3.95 6.91 -3.55
C VAL A 46 2.94 6.84 -2.42
N LEU A 47 3.35 7.29 -1.24
CA LEU A 47 2.47 7.28 -0.07
C LEU A 47 2.53 8.62 0.67
N HIS A 48 1.41 9.34 0.66
CA HIS A 48 1.34 10.64 1.33
C HIS A 48 0.91 10.47 2.79
N LEU A 49 1.51 11.25 3.68
CA LEU A 49 1.19 11.19 5.10
C LEU A 49 1.06 12.59 5.69
N HIS A 50 0.53 12.68 6.90
CA HIS A 50 0.36 13.95 7.59
C HIS A 50 1.51 14.21 8.55
N ARG A 51 1.72 13.27 9.47
CA ARG A 51 2.78 13.38 10.46
C ARG A 51 4.14 13.54 9.79
N ARG A 52 4.41 12.69 8.81
CA ARG A 52 5.68 12.73 8.09
C ARG A 52 5.46 13.19 6.65
N GLU A 53 6.57 13.36 5.92
CA GLU A 53 6.49 13.80 4.53
C GLU A 53 6.13 12.63 3.61
N ALA A 54 6.10 12.90 2.31
CA ALA A 54 5.77 11.89 1.32
C ALA A 54 6.90 10.87 1.17
N VAL A 55 6.55 9.59 1.21
CA VAL A 55 7.54 8.52 1.08
C VAL A 55 7.29 7.70 -0.18
N ARG A 56 8.36 7.45 -0.93
CA ARG A 56 8.25 6.67 -2.16
C ARG A 56 9.05 5.37 -2.05
N TRP A 57 8.43 4.27 -2.46
CA TRP A 57 9.08 2.96 -2.41
C TRP A 57 9.14 2.33 -3.79
N PRO A 58 10.36 2.16 -4.32
CA PRO A 58 10.57 1.56 -5.64
C PRO A 58 10.26 0.07 -5.66
N TYR A 59 9.32 -0.32 -6.51
CA TYR A 59 8.92 -1.72 -6.63
C TYR A 59 10.14 -2.63 -6.76
N LEU A 60 11.04 -2.27 -7.67
CA LEU A 60 12.25 -3.05 -7.89
C LEU A 60 12.89 -3.45 -6.57
N CYS A 61 12.62 -2.67 -5.53
CA CYS A 61 13.17 -2.95 -4.20
C CYS A 61 12.17 -3.74 -3.35
N LEU A 62 10.89 -3.59 -3.66
CA LEU A 62 9.84 -4.29 -2.94
C LEU A 62 10.04 -5.79 -3.01
N ARG A 63 10.84 -6.34 -2.10
CA ARG A 63 11.11 -7.77 -2.06
C ARG A 63 9.82 -8.57 -2.26
N ARG A 64 8.77 -8.18 -1.52
CA ARG A 64 7.48 -8.86 -1.61
C ARG A 64 6.35 -7.92 -1.22
N TYR A 65 5.12 -8.43 -1.27
CA TYR A 65 3.95 -7.64 -0.92
C TYR A 65 2.70 -8.52 -0.86
N GLY A 66 2.03 -8.48 0.29
CA GLY A 66 0.82 -9.28 0.47
C GLY A 66 -0.41 -8.42 0.67
N TYR A 67 -1.53 -9.07 0.99
CA TYR A 67 -2.78 -8.35 1.20
C TYR A 67 -3.82 -9.27 1.83
N ASP A 68 -4.33 -8.88 2.99
CA ASP A 68 -5.34 -9.66 3.69
C ASP A 68 -6.65 -8.90 3.80
N SER A 69 -7.64 -9.51 4.43
CA SER A 69 -8.95 -8.89 4.60
C SER A 69 -8.81 -7.44 5.06
N ASN A 70 -9.21 -6.51 4.20
CA ASN A 70 -9.13 -5.09 4.52
C ASN A 70 -7.76 -4.73 5.08
N LEU A 71 -6.72 -5.35 4.52
CA LEU A 71 -5.35 -5.10 4.96
C LEU A 71 -4.38 -5.15 3.78
N PHE A 72 -3.38 -4.27 3.80
CA PHE A 72 -2.39 -4.20 2.74
C PHE A 72 -1.02 -3.82 3.30
N SER A 73 -0.08 -4.76 3.22
CA SER A 73 1.28 -4.53 3.72
C SER A 73 2.31 -5.04 2.73
N PHE A 74 3.52 -4.50 2.82
CA PHE A 74 4.61 -4.91 1.93
C PHE A 74 5.96 -4.72 2.61
N GLU A 75 7.02 -5.13 1.92
CA GLU A 75 8.38 -5.01 2.46
C GLU A 75 9.26 -4.16 1.54
N SER A 76 10.08 -3.30 2.14
CA SER A 76 10.96 -2.43 1.37
C SER A 76 12.42 -2.90 1.49
N GLY A 77 13.20 -2.63 0.46
CA GLY A 77 14.60 -3.03 0.47
C GLY A 77 15.36 -2.42 1.62
N ARG A 78 16.67 -2.27 1.45
CA ARG A 78 17.53 -1.70 2.49
C ARG A 78 18.24 -0.46 1.98
N ARG A 79 17.79 0.06 0.84
CA ARG A 79 18.39 1.24 0.25
C ARG A 79 17.33 2.29 -0.06
N CYS A 80 16.48 2.58 0.92
CA CYS A 80 15.42 3.56 0.74
C CYS A 80 15.31 4.46 1.98
N GLN A 81 14.60 5.57 1.83
CA GLN A 81 14.42 6.52 2.93
C GLN A 81 14.13 5.79 4.23
N THR A 82 13.05 5.01 4.24
CA THR A 82 12.65 4.26 5.43
C THR A 82 13.65 3.14 5.72
N GLY A 83 14.09 2.47 4.67
CA GLY A 83 15.05 1.38 4.85
C GLY A 83 14.37 0.06 5.15
N GLN A 84 15.17 -0.97 5.40
CA GLN A 84 14.63 -2.30 5.70
C GLN A 84 13.52 -2.21 6.74
N GLY A 85 12.41 -2.87 6.47
CA GLY A 85 11.29 -2.84 7.40
C GLY A 85 9.98 -3.25 6.74
N ILE A 86 8.92 -3.30 7.53
CA ILE A 86 7.60 -3.68 7.02
C ILE A 86 6.51 -2.75 7.54
N PHE A 87 5.64 -2.31 6.65
CA PHE A 87 4.54 -1.42 7.03
C PHE A 87 3.22 -1.91 6.48
N ALA A 88 2.22 -2.04 7.35
CA ALA A 88 0.91 -2.50 6.95
C ALA A 88 -0.13 -1.40 7.10
N PHE A 89 -1.11 -1.38 6.20
CA PHE A 89 -2.16 -0.37 6.22
C PHE A 89 -3.52 -1.01 5.95
N LYS A 90 -4.49 -0.72 6.83
CA LYS A 90 -5.83 -1.27 6.69
C LYS A 90 -6.61 -0.51 5.61
N CYS A 91 -6.93 -1.20 4.53
CA CYS A 91 -7.69 -0.59 3.43
C CYS A 91 -8.74 -1.55 2.89
N SER A 92 -9.99 -1.09 2.85
CA SER A 92 -11.09 -1.91 2.37
C SER A 92 -10.86 -2.31 0.92
N ARG A 93 -10.31 -1.39 0.14
CA ARG A 93 -10.04 -1.64 -1.28
C ARG A 93 -8.62 -2.18 -1.48
N ALA A 94 -8.12 -2.86 -0.46
CA ALA A 94 -6.77 -3.43 -0.53
C ALA A 94 -6.61 -4.34 -1.74
N GLU A 95 -7.65 -5.13 -2.02
CA GLU A 95 -7.62 -6.06 -3.14
C GLU A 95 -7.15 -5.35 -4.41
N GLU A 96 -7.80 -4.23 -4.73
CA GLU A 96 -7.44 -3.46 -5.91
C GLU A 96 -5.96 -3.11 -5.92
N ILE A 97 -5.52 -2.43 -4.87
CA ILE A 97 -4.12 -2.03 -4.74
C ILE A 97 -3.19 -3.20 -5.06
N PHE A 98 -3.49 -4.35 -4.49
CA PHE A 98 -2.68 -5.54 -4.71
C PHE A 98 -2.62 -5.90 -6.19
N ASN A 99 -3.78 -5.82 -6.86
CA ASN A 99 -3.86 -6.13 -8.28
C ASN A 99 -3.09 -5.11 -9.11
N LEU A 100 -3.31 -3.83 -8.83
CA LEU A 100 -2.64 -2.76 -9.54
C LEU A 100 -1.12 -2.87 -9.38
N LEU A 101 -0.68 -3.11 -8.16
CA LEU A 101 0.75 -3.23 -7.87
C LEU A 101 1.38 -4.34 -8.72
N GLN A 102 0.83 -5.55 -8.61
CA GLN A 102 1.34 -6.68 -9.36
C GLN A 102 1.21 -6.44 -10.86
N ASP A 103 0.19 -5.69 -11.25
CA ASP A 103 -0.05 -5.38 -12.66
C ASP A 103 1.06 -4.50 -13.21
N LEU A 104 1.59 -3.62 -12.36
CA LEU A 104 2.66 -2.72 -12.76
C LEU A 104 4.00 -3.44 -12.86
N MET A 105 4.23 -4.35 -11.92
CA MET A 105 5.47 -5.13 -11.91
C MET A 105 5.52 -6.09 -13.09
N GLN A 106 4.44 -6.82 -13.30
CA GLN A 106 4.38 -7.78 -14.40
C GLN A 106 4.22 -7.06 -15.73
N CYS A 107 3.32 -6.09 -15.78
CA CYS A 107 3.08 -5.32 -17.00
C CYS A 107 2.59 -6.23 -18.12
N ASN A 108 1.53 -6.99 -17.85
CA ASN A 108 0.96 -7.90 -18.84
C ASN A 108 -0.34 -8.51 -18.33
N SER A 109 -1.10 -9.10 -19.24
CA SER A 109 -2.37 -9.72 -18.89
C SER A 109 -3.35 -8.68 -18.36
N ILE A 110 -3.47 -7.56 -19.07
CA ILE A 110 -4.37 -6.49 -18.67
C ILE A 110 -5.56 -6.39 -19.62
N ASN A 111 -6.76 -6.64 -19.10
CA ASN A 111 -7.98 -6.57 -19.90
C ASN A 111 -9.09 -5.85 -19.14
N VAL A 112 -9.57 -4.75 -19.72
CA VAL A 112 -10.63 -3.97 -19.10
C VAL A 112 -11.75 -4.87 -18.60
N MET A 113 -11.87 -5.00 -17.28
CA MET A 113 -12.91 -5.83 -16.68
C MET A 113 -13.85 -4.98 -15.83
N GLU A 114 -15.09 -5.46 -15.67
CA GLU A 114 -16.09 -4.74 -14.89
C GLU A 114 -16.29 -5.40 -13.53
N GLU A 115 -16.32 -4.59 -12.48
CA GLU A 115 -16.51 -5.09 -11.12
C GLU A 115 -17.18 -4.05 -10.24
N PRO A 116 -17.87 -4.52 -9.19
CA PRO A 116 -18.58 -3.65 -8.25
C PRO A 116 -17.63 -2.84 -7.38
N VAL A 117 -18.10 -1.69 -6.92
CA VAL A 117 -17.28 -0.81 -6.07
C VAL A 117 -17.93 -0.63 -4.70
N ILE A 118 -17.09 -0.35 -3.70
CA ILE A 118 -17.58 -0.14 -2.34
C ILE A 118 -16.97 1.11 -1.72
N ILE A 119 -17.74 2.19 -1.69
CA ILE A 119 -17.28 3.45 -1.13
C ILE A 119 -17.05 3.32 0.37
N THR A 120 -16.01 4.00 0.86
CA THR A 120 -15.68 3.96 2.28
C THR A 120 -14.78 5.14 2.67
N SER A 121 -14.96 5.62 3.89
CA SER A 121 -14.17 6.75 4.39
C SER A 121 -13.54 6.42 5.73
N GLY A 122 -12.62 7.27 6.18
CA GLY A 122 -11.95 7.06 7.44
C GLY A 122 -12.32 8.10 8.48
N SER A 123 -11.33 8.54 9.26
CA SER A 123 -11.57 9.54 10.30
C SER A 123 -10.26 10.24 10.67
N SER A 124 -10.37 11.22 11.56
CA SER A 124 -9.19 11.97 12.00
C SER A 124 -8.77 11.56 13.40
N GLY A 125 -7.70 12.16 13.90
CA GLY A 125 -7.20 11.83 15.22
C GLY A 125 -6.17 12.82 15.72
N SER A 126 -4.94 12.71 15.20
CA SER A 126 -3.86 13.59 15.59
C SER A 126 -3.57 13.47 17.09
N SER A 127 -3.49 12.24 17.56
CA SER A 127 -3.22 11.98 18.98
C SER A 127 -2.24 10.81 19.14
N GLY A 128 -1.14 11.08 19.84
CA GLY A 128 -0.15 10.05 20.05
C GLY A 128 1.06 10.20 19.15
N SER A 129 2.24 10.32 19.75
CA SER A 129 3.47 10.48 18.99
C SER A 129 4.60 9.67 19.61
N SER A 130 5.72 9.55 18.88
CA SER A 130 6.87 8.80 19.36
C SER A 130 8.15 9.31 18.71
N GLY A 131 9.28 9.05 19.36
CA GLY A 131 10.56 9.48 18.83
C GLY A 131 11.14 8.49 17.83
N SER A 132 10.27 7.90 17.03
CA SER A 132 10.70 6.92 16.03
C SER A 132 11.07 7.61 14.72
N SER A 133 11.48 6.82 13.74
CA SER A 133 11.87 7.36 12.43
C SER A 133 10.65 7.51 11.52
N GLY A 134 9.48 7.73 12.13
CA GLY A 134 8.27 7.89 11.36
C GLY A 134 7.37 6.67 11.46
N LEU A 135 7.12 6.04 10.31
CA LEU A 135 6.27 4.85 10.27
C LEU A 135 6.76 3.78 11.24
N PHE A 136 5.84 2.92 11.67
CA PHE A 136 6.19 1.85 12.60
C PHE A 136 6.63 0.60 11.85
N ARG A 137 7.88 0.21 12.04
CA ARG A 137 8.42 -0.98 11.36
C ARG A 137 7.93 -2.25 12.06
N LEU A 138 7.52 -3.22 11.25
CA LEU A 138 7.03 -4.49 11.77
C LEU A 138 8.12 -5.56 11.71
N ARG A 139 8.44 -6.14 12.86
CA ARG A 139 9.46 -7.18 12.94
C ARG A 139 9.09 -8.37 12.05
N HIS A 140 7.79 -8.66 11.97
CA HIS A 140 7.32 -9.77 11.15
C HIS A 140 6.15 -9.33 10.28
N PHE A 141 5.80 -10.16 9.30
CA PHE A 141 4.70 -9.87 8.39
C PHE A 141 3.35 -10.16 9.05
N PRO A 142 2.49 -9.14 9.12
CA PRO A 142 1.16 -9.26 9.71
C PRO A 142 0.22 -10.13 8.88
N CYS A 143 0.13 -9.82 7.59
CA CYS A 143 -0.73 -10.57 6.69
C CYS A 143 -0.24 -12.00 6.53
N GLY A 144 -0.90 -12.75 5.65
CA GLY A 144 -0.51 -14.14 5.43
C GLY A 144 -0.23 -14.44 3.97
N ASN A 145 -0.98 -13.79 3.08
CA ASN A 145 -0.82 -14.00 1.65
C ASN A 145 0.15 -12.97 1.07
N VAL A 146 1.40 -13.39 0.86
CA VAL A 146 2.42 -12.51 0.30
C VAL A 146 2.77 -12.90 -1.13
N ASN A 147 2.79 -11.92 -2.02
CA ASN A 147 3.10 -12.15 -3.42
C ASN A 147 4.52 -11.72 -3.74
N TYR A 148 4.98 -12.04 -4.94
CA TYR A 148 6.33 -11.70 -5.37
C TYR A 148 6.31 -11.03 -6.74
N GLY A 149 7.19 -10.05 -6.93
CA GLY A 149 7.26 -9.35 -8.20
C GLY A 149 8.64 -9.43 -8.82
N TYR A 150 9.34 -8.30 -8.87
CA TYR A 150 10.67 -8.24 -9.46
C TYR A 150 11.47 -9.50 -9.12
N GLN A 151 12.27 -9.96 -10.08
CA GLN A 151 13.08 -11.15 -9.89
C GLN A 151 14.55 -10.80 -9.72
N GLN A 152 15.01 -10.80 -8.47
CA GLN A 152 16.40 -10.48 -8.18
C GLN A 152 17.15 -11.69 -7.64
N GLN A 153 17.86 -12.37 -8.54
CA GLN A 153 18.61 -13.56 -8.16
C GLN A 153 20.04 -13.20 -7.78
#